data_6NX4
#
_entry.id   6NX4
#
_entity_poly.entity_id   1
_entity_poly.type   'polypeptide(L)'
_entity_poly.pdbx_seq_one_letter_code
;SHMGELEAIVGLGLMYSQLPHHILADVSLKETEENKTKGFDYLLKAAEAGDRQSMILVARAFDSGQNLSPDRCQDWLEAL
HWYNTALEMTDCDEGGEYDGMQDEPRYMMLAREAEMLFTGGYGLEKDPQRSGDLYTQAAEAAMEAMKGRLANQYYQKAEE
AWAQMEE
;
_entity_poly.pdbx_strand_id   A
#
# COMPACT_ATOMS: atom_id res chain seq x y z
N SER A 1 76.82 -37.58 -16.99
CA SER A 1 76.45 -36.26 -17.54
C SER A 1 76.15 -35.29 -16.41
N HIS A 2 76.20 -33.99 -16.71
CA HIS A 2 75.94 -32.96 -15.70
C HIS A 2 75.26 -31.75 -16.32
N MET A 3 74.35 -31.98 -17.25
CA MET A 3 73.66 -30.90 -17.94
C MET A 3 72.23 -31.31 -18.26
N GLY A 4 71.33 -30.34 -18.27
CA GLY A 4 69.94 -30.61 -18.55
C GLY A 4 69.09 -30.58 -17.30
N GLU A 5 69.73 -30.79 -16.16
CA GLU A 5 69.05 -30.74 -14.87
C GLU A 5 68.89 -29.29 -14.42
N LEU A 6 67.71 -28.95 -13.92
CA LEU A 6 67.40 -27.59 -13.50
C LEU A 6 67.58 -26.62 -14.68
N GLU A 7 66.59 -26.61 -15.55
CA GLU A 7 66.63 -25.75 -16.73
C GLU A 7 66.29 -24.33 -16.36
N ALA A 8 67.20 -23.41 -16.64
CA ALA A 8 66.96 -22.00 -16.36
C ALA A 8 65.80 -21.49 -17.21
N ILE A 9 64.80 -20.93 -16.54
CA ILE A 9 63.60 -20.45 -17.24
C ILE A 9 63.89 -19.12 -17.91
N VAL A 10 64.38 -19.20 -19.15
CA VAL A 10 64.68 -18.00 -19.92
C VAL A 10 63.88 -17.99 -21.21
N GLY A 11 63.82 -16.84 -21.87
CA GLY A 11 63.02 -16.71 -23.07
C GLY A 11 61.54 -16.63 -22.75
N LEU A 12 61.26 -16.21 -21.53
CA LEU A 12 59.88 -16.08 -21.07
C LEU A 12 59.61 -14.62 -20.73
N GLY A 13 58.35 -14.28 -20.51
CA GLY A 13 58.00 -12.89 -20.27
C GLY A 13 57.46 -12.25 -21.52
N LEU A 14 56.53 -12.93 -22.17
CA LEU A 14 55.90 -12.42 -23.38
C LEU A 14 54.39 -12.39 -23.19
N MET A 15 53.69 -11.94 -24.23
CA MET A 15 52.23 -11.95 -24.26
C MET A 15 51.65 -11.10 -23.13
N TYR A 16 52.21 -9.90 -22.94
CA TYR A 16 51.70 -8.97 -21.94
C TYR A 16 50.69 -8.02 -22.55
N SER A 17 50.59 -8.05 -23.87
CA SER A 17 49.69 -7.18 -24.60
C SER A 17 48.25 -7.72 -24.62
N GLN A 18 48.01 -8.75 -23.81
CA GLN A 18 46.68 -9.33 -23.70
C GLN A 18 46.00 -8.83 -22.43
N LEU A 19 46.63 -9.09 -21.28
CA LEU A 19 46.12 -8.65 -19.97
C LEU A 19 44.80 -9.33 -19.63
N PRO A 20 44.81 -10.33 -18.73
CA PRO A 20 43.59 -11.03 -18.32
C PRO A 20 42.55 -10.07 -17.76
N HIS A 21 41.30 -10.26 -18.18
CA HIS A 21 40.21 -9.37 -17.77
C HIS A 21 39.84 -9.60 -16.30
N HIS A 22 40.36 -10.68 -15.72
CA HIS A 22 40.13 -10.99 -14.32
C HIS A 22 40.86 -9.99 -13.41
N ILE A 23 41.80 -9.26 -13.99
CA ILE A 23 42.56 -8.25 -13.25
C ILE A 23 42.64 -6.95 -14.04
N LEU A 24 42.65 -5.84 -13.33
CA LEU A 24 42.84 -4.51 -13.94
C LEU A 24 41.79 -4.27 -15.04
N ALA A 25 40.53 -4.28 -14.65
CA ALA A 25 39.43 -4.03 -15.58
C ALA A 25 38.29 -3.29 -14.90
N ASP A 26 38.37 -1.97 -14.90
CA ASP A 26 37.32 -1.14 -14.33
C ASP A 26 36.14 -1.07 -15.28
N VAL A 27 35.08 -1.78 -14.95
CA VAL A 27 33.88 -1.82 -15.76
C VAL A 27 32.69 -1.29 -14.95
N SER A 28 33.00 -0.52 -13.93
CA SER A 28 31.99 0.06 -13.05
C SER A 28 31.41 1.34 -13.67
N LEU A 29 30.10 1.38 -13.79
CA LEU A 29 29.43 2.55 -14.37
C LEU A 29 29.00 3.51 -13.27
N LYS A 30 29.39 4.77 -13.42
CA LYS A 30 29.03 5.79 -12.44
C LYS A 30 27.63 6.33 -12.73
N GLU A 31 26.64 5.49 -12.54
CA GLU A 31 25.26 5.86 -12.83
C GLU A 31 24.33 5.09 -11.91
N THR A 32 23.93 5.71 -10.81
CA THR A 32 23.04 5.08 -9.85
C THR A 32 21.59 5.24 -10.27
N GLU A 33 21.25 4.65 -11.43
CA GLU A 33 19.92 4.74 -11.98
C GLU A 33 18.92 4.02 -11.09
N GLU A 34 19.33 2.85 -10.61
CA GLU A 34 18.48 2.03 -9.75
C GLU A 34 18.15 2.76 -8.43
N ASN A 35 19.01 3.68 -8.03
CA ASN A 35 18.84 4.36 -6.75
C ASN A 35 17.63 5.29 -6.79
N LYS A 36 17.52 6.09 -7.84
CA LYS A 36 16.43 7.05 -7.94
C LYS A 36 15.12 6.36 -8.31
N THR A 37 15.20 5.16 -8.88
CA THR A 37 13.99 4.39 -9.18
C THR A 37 13.44 3.77 -7.91
N LYS A 38 14.27 3.71 -6.88
CA LYS A 38 13.85 3.25 -5.56
C LYS A 38 13.57 4.43 -4.64
N GLY A 39 13.04 5.49 -5.23
CA GLY A 39 12.75 6.70 -4.49
C GLY A 39 11.27 7.02 -4.49
N PHE A 40 10.79 7.56 -3.37
CA PHE A 40 9.39 7.94 -3.20
C PHE A 40 8.78 8.63 -4.44
N ASP A 41 9.52 9.56 -5.06
CA ASP A 41 8.99 10.33 -6.18
C ASP A 41 8.63 9.42 -7.35
N TYR A 42 9.36 8.33 -7.51
CA TYR A 42 9.16 7.43 -8.62
C TYR A 42 7.88 6.62 -8.42
N LEU A 43 7.74 6.04 -7.22
CA LEU A 43 6.55 5.27 -6.86
C LEU A 43 5.28 6.09 -7.07
N LEU A 44 5.28 7.34 -6.60
CA LEU A 44 4.11 8.19 -6.72
C LEU A 44 3.93 8.71 -8.14
N LYS A 45 5.02 8.87 -8.87
CA LYS A 45 4.91 9.29 -10.28
C LYS A 45 4.31 8.16 -11.09
N ALA A 46 4.60 6.92 -10.68
CA ALA A 46 4.05 5.76 -11.35
C ALA A 46 2.62 5.52 -10.87
N ALA A 47 2.34 5.96 -9.65
CA ALA A 47 0.98 5.96 -9.14
C ALA A 47 0.12 6.91 -9.95
N GLU A 48 0.66 8.07 -10.29
CA GLU A 48 -0.02 9.00 -11.18
C GLU A 48 0.01 8.50 -12.64
N ALA A 49 0.99 7.67 -12.97
CA ALA A 49 1.08 7.11 -14.32
C ALA A 49 -0.03 6.09 -14.57
N GLY A 50 -0.42 5.35 -13.53
CA GLY A 50 -1.51 4.40 -13.68
C GLY A 50 -1.13 2.99 -13.24
N ASP A 51 0.02 2.87 -12.59
CA ASP A 51 0.48 1.57 -12.10
C ASP A 51 -0.19 1.22 -10.78
N ARG A 52 -1.15 0.30 -10.86
CA ARG A 52 -1.93 -0.14 -9.70
C ARG A 52 -1.04 -0.58 -8.54
N GLN A 53 -0.07 -1.44 -8.83
CA GLN A 53 0.86 -1.95 -7.82
C GLN A 53 1.59 -0.81 -7.10
N SER A 54 1.95 0.22 -7.85
CA SER A 54 2.67 1.35 -7.29
C SER A 54 1.74 2.16 -6.40
N MET A 55 0.46 2.20 -6.77
CA MET A 55 -0.54 2.89 -5.98
C MET A 55 -0.72 2.18 -4.64
N ILE A 56 -0.75 0.84 -4.68
CA ILE A 56 -0.87 0.04 -3.47
C ILE A 56 0.35 0.28 -2.58
N LEU A 57 1.52 0.39 -3.21
CA LEU A 57 2.76 0.66 -2.49
C LEU A 57 2.69 2.00 -1.75
N VAL A 58 2.34 3.08 -2.46
CA VAL A 58 2.28 4.40 -1.81
C VAL A 58 1.20 4.41 -0.73
N ALA A 59 0.07 3.75 -1.00
CA ALA A 59 -0.98 3.59 0.00
C ALA A 59 -0.44 3.02 1.30
N ARG A 60 0.09 1.81 1.24
CA ARG A 60 0.67 1.15 2.39
C ARG A 60 1.85 1.94 2.96
N ALA A 61 2.52 2.72 2.12
CA ALA A 61 3.61 3.57 2.57
C ALA A 61 3.09 4.66 3.51
N PHE A 62 1.96 5.26 3.12
CA PHE A 62 1.31 6.27 3.95
C PHE A 62 0.74 5.65 5.23
N ASP A 63 0.22 4.44 5.09
CA ASP A 63 -0.41 3.73 6.21
C ASP A 63 0.62 3.24 7.22
N SER A 64 1.56 2.42 6.77
CA SER A 64 2.57 1.84 7.66
C SER A 64 3.55 2.90 8.16
N GLY A 65 3.73 3.97 7.38
CA GLY A 65 4.59 5.06 7.80
C GLY A 65 6.07 4.81 7.49
N GLN A 66 6.41 3.59 7.09
CA GLN A 66 7.81 3.21 6.92
C GLN A 66 8.43 3.93 5.73
N ASN A 67 7.93 3.64 4.52
CA ASN A 67 8.50 4.23 3.31
C ASN A 67 8.10 5.69 3.16
N LEU A 68 7.08 6.11 3.90
CA LEU A 68 6.67 7.50 3.91
C LEU A 68 7.71 8.36 4.65
N SER A 69 8.50 7.69 5.50
CA SER A 69 9.47 8.34 6.38
C SER A 69 8.76 9.01 7.56
N PRO A 70 9.31 8.90 8.78
CA PRO A 70 8.63 9.36 9.99
C PRO A 70 8.69 10.87 10.17
N ASP A 71 9.45 11.56 9.32
CA ASP A 71 9.58 13.01 9.41
C ASP A 71 8.46 13.70 8.62
N ARG A 72 7.48 12.91 8.18
CA ARG A 72 6.38 13.44 7.38
C ARG A 72 5.06 13.14 8.07
N CYS A 73 4.10 14.04 7.91
CA CYS A 73 2.82 13.94 8.59
C CYS A 73 2.03 12.72 8.13
N GLN A 74 1.60 11.92 9.09
CA GLN A 74 0.86 10.70 8.80
C GLN A 74 -0.59 11.02 8.44
N ASP A 75 -0.89 11.00 7.15
CA ASP A 75 -2.25 11.23 6.69
C ASP A 75 -2.83 9.94 6.14
N TRP A 76 -4.05 9.64 6.54
CA TRP A 76 -4.69 8.39 6.14
C TRP A 76 -5.78 8.64 5.12
N LEU A 77 -6.03 9.92 4.83
CA LEU A 77 -7.04 10.29 3.83
C LEU A 77 -6.47 10.04 2.44
N GLU A 78 -5.20 10.37 2.24
CA GLU A 78 -4.53 10.09 0.98
C GLU A 78 -4.45 8.58 0.78
N ALA A 79 -4.01 7.89 1.82
CA ALA A 79 -3.98 6.43 1.84
C ALA A 79 -5.33 5.85 1.44
N LEU A 80 -6.38 6.23 2.17
CA LEU A 80 -7.74 5.81 1.86
C LEU A 80 -8.07 6.06 0.39
N HIS A 81 -7.83 7.30 -0.06
CA HIS A 81 -8.00 7.67 -1.47
C HIS A 81 -7.33 6.68 -2.42
N TRP A 82 -6.11 6.24 -2.09
CA TRP A 82 -5.37 5.34 -2.96
C TRP A 82 -5.93 3.92 -2.91
N TYR A 83 -6.36 3.49 -1.71
CA TYR A 83 -7.01 2.19 -1.58
C TYR A 83 -8.28 2.16 -2.40
N ASN A 84 -9.05 3.25 -2.34
CA ASN A 84 -10.27 3.37 -3.13
C ASN A 84 -9.95 3.15 -4.59
N THR A 85 -9.02 3.96 -5.10
CA THR A 85 -8.57 3.85 -6.48
C THR A 85 -8.23 2.42 -6.87
N ALA A 86 -7.41 1.73 -6.07
CA ALA A 86 -7.00 0.37 -6.40
C ALA A 86 -8.22 -0.55 -6.56
N LEU A 87 -9.11 -0.50 -5.58
CA LEU A 87 -10.33 -1.31 -5.62
C LEU A 87 -11.20 -0.93 -6.81
N GLU A 88 -11.39 0.36 -7.04
CA GLU A 88 -12.28 0.82 -8.10
C GLU A 88 -11.71 0.58 -9.49
N MET A 89 -10.39 0.49 -9.62
CA MET A 89 -9.78 0.31 -10.94
C MET A 89 -9.38 -1.15 -11.21
N THR A 90 -9.69 -2.07 -10.29
CA THR A 90 -9.32 -3.46 -10.50
C THR A 90 -10.40 -4.16 -11.32
N ASP A 91 -9.98 -5.06 -12.21
CA ASP A 91 -10.91 -5.77 -13.08
C ASP A 91 -11.15 -7.18 -12.56
N CYS A 92 -10.68 -7.45 -11.35
CA CYS A 92 -10.80 -8.77 -10.76
C CYS A 92 -11.94 -8.83 -9.75
N ASP A 93 -12.80 -7.83 -9.74
CA ASP A 93 -13.87 -7.76 -8.75
C ASP A 93 -15.21 -8.22 -9.35
N GLU A 94 -15.45 -7.87 -10.59
CA GLU A 94 -16.72 -8.20 -11.25
C GLU A 94 -16.63 -9.54 -11.96
N GLY A 95 -16.15 -10.56 -11.25
CA GLY A 95 -16.06 -11.90 -11.82
C GLY A 95 -14.88 -12.03 -12.75
N GLY A 96 -13.78 -11.39 -12.41
CA GLY A 96 -12.59 -11.45 -13.23
C GLY A 96 -11.35 -11.72 -12.42
N GLU A 97 -11.49 -12.59 -11.42
CA GLU A 97 -10.39 -12.90 -10.52
C GLU A 97 -9.89 -14.31 -10.82
N TYR A 98 -9.09 -14.42 -11.88
CA TYR A 98 -8.61 -15.70 -12.34
C TYR A 98 -7.13 -15.62 -12.66
N ASP A 99 -6.33 -15.36 -11.64
CA ASP A 99 -4.89 -15.26 -11.79
C ASP A 99 -4.21 -16.48 -11.17
N GLY A 100 -4.73 -16.91 -10.04
CA GLY A 100 -4.16 -18.04 -9.32
C GLY A 100 -3.41 -17.60 -8.08
N MET A 101 -2.59 -16.57 -8.23
CA MET A 101 -1.87 -16.00 -7.10
C MET A 101 -2.49 -14.67 -6.73
N GLN A 102 -3.15 -14.61 -5.59
CA GLN A 102 -3.85 -13.39 -5.19
C GLN A 102 -2.87 -12.40 -4.58
N ASP A 103 -2.17 -11.68 -5.45
CA ASP A 103 -1.22 -10.67 -5.03
C ASP A 103 -1.98 -9.41 -4.64
N GLU A 104 -3.20 -9.33 -5.13
CA GLU A 104 -4.11 -8.25 -4.76
C GLU A 104 -5.35 -8.87 -4.08
N PRO A 105 -5.26 -9.15 -2.78
CA PRO A 105 -6.36 -9.72 -2.02
C PRO A 105 -7.48 -8.71 -1.78
N ARG A 106 -8.48 -8.76 -2.66
CA ARG A 106 -9.63 -7.85 -2.60
C ARG A 106 -10.22 -7.79 -1.21
N TYR A 107 -10.51 -8.95 -0.62
CA TYR A 107 -11.20 -9.01 0.66
C TYR A 107 -10.40 -8.36 1.79
N MET A 108 -9.08 -8.48 1.75
CA MET A 108 -8.25 -7.98 2.83
C MET A 108 -8.10 -6.47 2.68
N MET A 109 -8.03 -6.03 1.43
CA MET A 109 -7.96 -4.62 1.11
C MET A 109 -9.25 -3.93 1.57
N LEU A 110 -10.37 -4.54 1.21
CA LEU A 110 -11.70 -4.06 1.63
C LEU A 110 -11.80 -4.00 3.15
N ALA A 111 -11.34 -5.06 3.79
CA ALA A 111 -11.37 -5.17 5.26
C ALA A 111 -10.57 -4.04 5.91
N ARG A 112 -9.33 -3.84 5.45
CA ARG A 112 -8.49 -2.76 5.96
C ARG A 112 -9.16 -1.41 5.76
N GLU A 113 -9.63 -1.15 4.53
CA GLU A 113 -10.32 0.09 4.22
C GLU A 113 -11.52 0.30 5.15
N ALA A 114 -12.32 -0.76 5.31
CA ALA A 114 -13.45 -0.74 6.22
C ALA A 114 -13.06 -0.29 7.62
N GLU A 115 -12.07 -0.97 8.21
CA GLU A 115 -11.57 -0.60 9.53
C GLU A 115 -11.13 0.87 9.56
N MET A 116 -10.35 1.27 8.56
CA MET A 116 -9.89 2.65 8.45
C MET A 116 -11.06 3.62 8.50
N LEU A 117 -12.04 3.41 7.62
CA LEU A 117 -13.21 4.29 7.55
C LEU A 117 -14.05 4.26 8.82
N PHE A 118 -14.09 3.14 9.54
CA PHE A 118 -14.92 3.04 10.73
C PHE A 118 -14.21 3.61 11.96
N THR A 119 -12.88 3.68 11.92
CA THR A 119 -12.14 4.24 13.05
C THR A 119 -11.91 5.75 12.90
N GLY A 120 -11.31 6.17 11.79
CA GLY A 120 -11.05 7.58 11.57
C GLY A 120 -9.57 7.88 11.65
N GLY A 121 -9.22 9.02 12.26
CA GLY A 121 -7.82 9.33 12.47
C GLY A 121 -7.53 10.82 12.42
N TYR A 122 -8.56 11.65 12.61
CA TYR A 122 -8.43 13.11 12.54
C TYR A 122 -7.90 13.54 11.16
N GLY A 123 -8.83 13.76 10.26
CA GLY A 123 -8.48 14.01 8.87
C GLY A 123 -9.20 13.03 7.96
N LEU A 124 -9.69 11.97 8.57
CA LEU A 124 -10.49 10.98 7.88
C LEU A 124 -11.83 10.84 8.56
N GLU A 125 -12.90 10.94 7.78
CA GLU A 125 -14.24 10.93 8.33
C GLU A 125 -14.73 9.49 8.60
N LYS A 126 -15.38 9.30 9.75
CA LYS A 126 -15.92 8.00 10.12
C LYS A 126 -17.32 7.83 9.55
N ASP A 127 -17.44 7.01 8.52
CA ASP A 127 -18.75 6.70 7.95
C ASP A 127 -19.11 5.25 8.20
N PRO A 128 -19.82 4.99 9.30
CA PRO A 128 -20.18 3.63 9.74
C PRO A 128 -20.87 2.79 8.66
N GLN A 129 -21.78 3.40 7.90
CA GLN A 129 -22.54 2.65 6.90
C GLN A 129 -21.64 2.18 5.76
N ARG A 130 -20.64 3.00 5.42
CA ARG A 130 -19.73 2.64 4.34
C ARG A 130 -18.86 1.48 4.78
N SER A 131 -18.48 1.48 6.05
CA SER A 131 -17.68 0.42 6.61
C SER A 131 -18.46 -0.88 6.68
N GLY A 132 -19.69 -0.81 7.23
CA GLY A 132 -20.55 -1.97 7.25
C GLY A 132 -20.70 -2.62 5.88
N ASP A 133 -21.13 -1.81 4.91
CA ASP A 133 -21.23 -2.25 3.54
C ASP A 133 -19.90 -2.83 3.04
N LEU A 134 -18.80 -2.12 3.33
CA LEU A 134 -17.47 -2.60 2.96
C LEU A 134 -17.15 -3.96 3.58
N TYR A 135 -17.55 -4.21 4.83
CA TYR A 135 -17.30 -5.51 5.43
C TYR A 135 -18.07 -6.57 4.69
N THR A 136 -19.27 -6.21 4.25
CA THR A 136 -20.12 -7.14 3.53
C THR A 136 -19.47 -7.47 2.18
N GLN A 137 -18.99 -6.44 1.46
CA GLN A 137 -18.30 -6.67 0.20
C GLN A 137 -17.06 -7.52 0.41
N ALA A 138 -16.32 -7.22 1.48
CA ALA A 138 -15.13 -7.97 1.83
C ALA A 138 -15.45 -9.44 2.07
N ALA A 139 -16.41 -9.68 2.94
CA ALA A 139 -16.83 -11.03 3.27
C ALA A 139 -17.39 -11.77 2.07
N GLU A 140 -18.12 -11.07 1.20
CA GLU A 140 -18.65 -11.69 0.00
C GLU A 140 -17.51 -12.04 -0.96
N ALA A 141 -16.54 -11.14 -1.07
CA ALA A 141 -15.36 -11.40 -1.88
C ALA A 141 -14.60 -12.61 -1.35
N ALA A 142 -14.58 -12.75 -0.03
CA ALA A 142 -13.92 -13.88 0.61
C ALA A 142 -14.70 -15.16 0.34
N MET A 143 -16.02 -15.07 0.43
CA MET A 143 -16.90 -16.19 0.07
C MET A 143 -16.60 -16.65 -1.36
N GLU A 144 -16.48 -15.68 -2.27
CA GLU A 144 -16.20 -15.97 -3.67
C GLU A 144 -14.81 -16.57 -3.82
N ALA A 145 -13.90 -16.18 -2.94
CA ALA A 145 -12.54 -16.72 -2.92
C ALA A 145 -12.44 -18.03 -2.12
N MET A 146 -13.60 -18.59 -1.76
CA MET A 146 -13.66 -19.84 -0.99
C MET A 146 -12.98 -19.69 0.38
N LYS A 147 -12.96 -18.46 0.88
CA LYS A 147 -12.37 -18.17 2.19
C LYS A 147 -13.49 -18.07 3.23
N GLY A 148 -14.05 -19.23 3.59
CA GLY A 148 -15.21 -19.26 4.48
C GLY A 148 -14.96 -18.61 5.83
N ARG A 149 -13.82 -18.93 6.43
CA ARG A 149 -13.48 -18.43 7.75
C ARG A 149 -13.35 -16.90 7.76
N LEU A 150 -12.62 -16.36 6.79
CA LEU A 150 -12.46 -14.90 6.71
C LEU A 150 -13.79 -14.23 6.44
N ALA A 151 -14.62 -14.85 5.60
CA ALA A 151 -15.94 -14.31 5.29
C ALA A 151 -16.80 -14.22 6.55
N ASN A 152 -16.84 -15.29 7.33
CA ASN A 152 -17.67 -15.29 8.55
C ASN A 152 -17.05 -14.41 9.62
N GLN A 153 -15.73 -14.20 9.54
CA GLN A 153 -15.05 -13.36 10.51
C GLN A 153 -15.45 -11.90 10.28
N TYR A 154 -15.27 -11.43 9.06
CA TYR A 154 -15.65 -10.05 8.74
C TYR A 154 -17.17 -9.89 8.73
N TYR A 155 -17.92 -10.97 8.52
CA TYR A 155 -19.37 -10.90 8.64
C TYR A 155 -19.76 -10.68 10.10
N GLN A 156 -19.08 -11.38 11.01
CA GLN A 156 -19.29 -11.16 12.44
C GLN A 156 -18.85 -9.74 12.83
N LYS A 157 -17.77 -9.25 12.20
CA LYS A 157 -17.32 -7.86 12.37
C LYS A 157 -18.41 -6.91 11.88
N ALA A 158 -18.99 -7.23 10.73
CA ALA A 158 -20.05 -6.43 10.12
C ALA A 158 -21.28 -6.38 11.02
N GLU A 159 -21.65 -7.52 11.62
CA GLU A 159 -22.83 -7.59 12.46
C GLU A 159 -22.64 -6.69 13.67
N GLU A 160 -21.41 -6.69 14.21
CA GLU A 160 -21.11 -5.86 15.36
C GLU A 160 -21.11 -4.39 14.98
N ALA A 161 -20.70 -4.08 13.75
CA ALA A 161 -20.74 -2.71 13.27
C ALA A 161 -22.16 -2.16 13.27
N TRP A 162 -23.10 -2.90 12.69
CA TRP A 162 -24.49 -2.40 12.66
C TRP A 162 -25.12 -2.47 14.06
N ALA A 163 -24.60 -3.36 14.92
CA ALA A 163 -25.07 -3.43 16.30
C ALA A 163 -24.65 -2.18 17.09
N GLN A 164 -23.45 -1.67 16.79
CA GLN A 164 -22.96 -0.46 17.44
C GLN A 164 -23.42 0.77 16.66
N MET A 165 -23.88 0.53 15.44
CA MET A 165 -24.42 1.58 14.59
C MET A 165 -25.74 2.05 15.15
N GLU A 166 -26.45 1.14 15.82
CA GLU A 166 -27.68 1.47 16.51
C GLU A 166 -27.34 2.25 17.77
N GLU A 167 -27.39 3.56 17.67
CA GLU A 167 -27.01 4.43 18.77
C GLU A 167 -28.11 5.44 19.02
N SER A 1 63.38 11.39 -34.36
CA SER A 1 61.92 11.51 -34.59
C SER A 1 61.40 10.26 -35.29
N HIS A 2 60.13 9.92 -35.04
CA HIS A 2 59.51 8.76 -35.66
C HIS A 2 58.24 9.19 -36.40
N MET A 3 58.32 9.22 -37.73
CA MET A 3 57.23 9.71 -38.57
C MET A 3 56.88 11.14 -38.19
N GLY A 4 57.90 11.90 -37.84
CA GLY A 4 57.69 13.26 -37.40
C GLY A 4 58.97 14.05 -37.44
N GLU A 5 59.69 13.91 -38.55
CA GLU A 5 60.98 14.53 -38.70
C GLU A 5 60.83 16.03 -38.95
N LEU A 6 59.66 16.42 -39.43
CA LEU A 6 59.39 17.82 -39.71
C LEU A 6 58.07 18.24 -39.08
N GLU A 7 56.99 17.59 -39.48
CA GLU A 7 55.66 17.97 -39.04
C GLU A 7 55.20 17.14 -37.85
N ALA A 8 55.81 17.38 -36.69
CA ALA A 8 55.42 16.71 -35.46
C ALA A 8 55.54 17.65 -34.29
N ILE A 9 54.69 17.44 -33.29
CA ILE A 9 54.62 18.31 -32.11
C ILE A 9 54.45 19.77 -32.55
N VAL A 10 53.36 20.03 -33.24
CA VAL A 10 53.10 21.38 -33.76
C VAL A 10 51.69 21.83 -33.39
N GLY A 11 51.41 23.11 -33.53
CA GLY A 11 50.11 23.64 -33.19
C GLY A 11 50.19 24.62 -32.04
N LEU A 12 51.07 24.34 -31.09
CA LEU A 12 51.28 25.18 -29.91
C LEU A 12 49.96 25.33 -29.13
N GLY A 13 49.57 24.27 -28.45
CA GLY A 13 48.33 24.28 -27.70
C GLY A 13 48.47 24.91 -26.33
N LEU A 14 48.76 26.21 -26.30
CA LEU A 14 48.85 26.94 -25.04
C LEU A 14 47.47 27.38 -24.58
N MET A 15 46.83 28.23 -25.37
CA MET A 15 45.47 28.69 -25.07
C MET A 15 44.49 27.55 -25.29
N TYR A 16 44.76 26.74 -26.30
CA TYR A 16 43.91 25.60 -26.61
C TYR A 16 44.70 24.29 -26.57
N SER A 17 44.86 23.76 -25.37
CA SER A 17 45.51 22.47 -25.21
C SER A 17 44.59 21.38 -25.73
N GLN A 18 43.28 21.60 -25.56
CA GLN A 18 42.27 20.70 -26.07
C GLN A 18 41.36 21.46 -27.03
N LEU A 19 40.73 20.74 -27.95
CA LEU A 19 39.76 21.35 -28.85
C LEU A 19 38.41 20.67 -28.70
N PRO A 20 37.69 20.97 -27.61
CA PRO A 20 36.42 20.30 -27.28
C PRO A 20 35.26 20.81 -28.13
N HIS A 21 34.92 20.04 -29.16
CA HIS A 21 33.78 20.36 -30.00
C HIS A 21 32.53 19.66 -29.50
N HIS A 22 32.66 18.38 -29.12
CA HIS A 22 31.51 17.62 -28.64
C HIS A 22 31.43 17.68 -27.11
N ILE A 23 32.33 18.45 -26.51
CA ILE A 23 32.30 18.65 -25.06
C ILE A 23 31.95 20.10 -24.75
N LEU A 24 30.83 20.31 -24.07
CA LEU A 24 30.45 21.64 -23.63
C LEU A 24 31.08 21.92 -22.28
N ALA A 25 30.91 20.99 -21.35
CA ALA A 25 31.48 21.08 -20.01
C ALA A 25 31.31 19.77 -19.28
N ASP A 26 32.32 19.35 -18.54
CA ASP A 26 32.21 18.13 -17.75
C ASP A 26 31.49 18.42 -16.45
N VAL A 27 30.17 18.57 -16.56
CA VAL A 27 29.32 18.85 -15.42
C VAL A 27 28.48 17.63 -15.07
N SER A 28 29.03 16.45 -15.34
CA SER A 28 28.34 15.21 -15.05
C SER A 28 28.48 14.83 -13.56
N LEU A 29 27.78 15.56 -12.70
CA LEU A 29 27.83 15.29 -11.28
C LEU A 29 26.72 14.32 -10.89
N LYS A 30 27.08 13.32 -10.10
CA LYS A 30 26.15 12.28 -9.71
C LYS A 30 26.56 11.69 -8.37
N GLU A 31 25.61 11.21 -7.58
CA GLU A 31 25.91 10.60 -6.29
C GLU A 31 24.70 9.81 -5.78
N THR A 32 23.53 10.43 -5.85
CA THR A 32 22.29 9.77 -5.45
C THR A 32 21.78 8.88 -6.56
N GLU A 33 22.25 7.64 -6.57
CA GLU A 33 21.92 6.69 -7.62
C GLU A 33 20.65 5.91 -7.27
N GLU A 34 20.55 5.50 -6.02
CA GLU A 34 19.46 4.65 -5.56
C GLU A 34 18.18 5.46 -5.30
N ASN A 35 18.22 6.75 -5.56
CA ASN A 35 17.04 7.59 -5.32
C ASN A 35 15.97 7.33 -6.37
N LYS A 36 16.40 6.99 -7.58
CA LYS A 36 15.46 6.69 -8.67
C LYS A 36 14.71 5.38 -8.43
N THR A 37 15.28 4.48 -7.64
CA THR A 37 14.65 3.19 -7.40
C THR A 37 13.97 3.16 -6.02
N LYS A 38 14.65 3.71 -5.01
CA LYS A 38 14.09 3.75 -3.66
C LYS A 38 13.57 5.14 -3.34
N GLY A 39 12.98 5.79 -4.33
CA GLY A 39 12.51 7.14 -4.14
C GLY A 39 11.01 7.25 -4.22
N PHE A 40 10.41 7.67 -3.11
CA PHE A 40 8.97 7.94 -3.03
C PHE A 40 8.43 8.65 -4.28
N ASP A 41 9.19 9.59 -4.85
CA ASP A 41 8.73 10.35 -6.01
C ASP A 41 8.42 9.43 -7.19
N TYR A 42 9.16 8.34 -7.30
CA TYR A 42 9.01 7.43 -8.44
C TYR A 42 7.71 6.65 -8.29
N LEU A 43 7.54 6.02 -7.13
CA LEU A 43 6.34 5.25 -6.83
C LEU A 43 5.07 6.08 -7.00
N LEU A 44 5.08 7.32 -6.52
CA LEU A 44 3.90 8.18 -6.64
C LEU A 44 3.73 8.69 -8.07
N LYS A 45 4.83 8.83 -8.81
CA LYS A 45 4.72 9.23 -10.21
C LYS A 45 4.09 8.10 -11.01
N ALA A 46 4.35 6.86 -10.58
CA ALA A 46 3.75 5.71 -11.23
C ALA A 46 2.33 5.53 -10.73
N ALA A 47 2.09 5.99 -9.50
CA ALA A 47 0.74 6.03 -8.96
C ALA A 47 -0.12 6.97 -9.79
N GLU A 48 0.45 8.11 -10.16
CA GLU A 48 -0.23 9.04 -11.05
C GLU A 48 -0.29 8.49 -12.47
N ALA A 49 0.66 7.61 -12.81
CA ALA A 49 0.69 7.01 -14.13
C ALA A 49 -0.48 6.05 -14.33
N GLY A 50 -0.90 5.37 -13.26
CA GLY A 50 -2.06 4.51 -13.35
C GLY A 50 -1.77 3.06 -13.03
N ASP A 51 -0.56 2.78 -12.55
CA ASP A 51 -0.19 1.44 -12.13
C ASP A 51 -0.75 1.19 -10.73
N ARG A 52 -1.77 0.35 -10.66
CA ARG A 52 -2.51 0.18 -9.41
C ARG A 52 -1.65 -0.41 -8.28
N GLN A 53 -0.73 -1.32 -8.57
CA GLN A 53 0.11 -1.89 -7.51
C GLN A 53 1.05 -0.82 -6.95
N SER A 54 1.43 0.14 -7.78
CA SER A 54 2.31 1.21 -7.35
C SER A 54 1.59 2.13 -6.37
N MET A 55 0.32 2.41 -6.65
CA MET A 55 -0.48 3.27 -5.79
C MET A 55 -0.89 2.51 -4.52
N ILE A 56 -0.99 1.18 -4.62
CA ILE A 56 -1.24 0.37 -3.43
C ILE A 56 -0.02 0.43 -2.50
N LEU A 57 1.17 0.43 -3.08
CA LEU A 57 2.40 0.55 -2.28
C LEU A 57 2.46 1.89 -1.55
N VAL A 58 2.26 3.00 -2.28
CA VAL A 58 2.28 4.31 -1.62
C VAL A 58 1.15 4.41 -0.58
N ALA A 59 0.02 3.78 -0.88
CA ALA A 59 -1.08 3.66 0.08
C ALA A 59 -0.60 3.05 1.39
N ARG A 60 -0.09 1.83 1.30
CA ARG A 60 0.44 1.11 2.45
C ARG A 60 1.57 1.90 3.11
N ALA A 61 2.29 2.68 2.31
CA ALA A 61 3.36 3.53 2.84
C ALA A 61 2.78 4.60 3.75
N PHE A 62 1.68 5.21 3.32
CA PHE A 62 0.98 6.22 4.12
C PHE A 62 0.33 5.59 5.35
N ASP A 63 -0.20 4.39 5.17
CA ASP A 63 -0.90 3.68 6.24
C ASP A 63 0.06 3.22 7.34
N SER A 64 1.12 2.52 6.95
CA SER A 64 2.08 2.01 7.91
C SER A 64 2.91 3.14 8.54
N GLY A 65 3.18 4.17 7.76
CA GLY A 65 3.98 5.28 8.22
C GLY A 65 5.47 5.04 8.05
N GLN A 66 5.83 3.81 7.67
CA GLN A 66 7.24 3.41 7.61
C GLN A 66 7.89 3.86 6.32
N ASN A 67 7.41 3.35 5.19
CA ASN A 67 8.03 3.64 3.88
C ASN A 67 7.82 5.11 3.51
N LEU A 68 6.85 5.74 4.17
CA LEU A 68 6.56 7.15 3.95
C LEU A 68 7.71 8.03 4.44
N SER A 69 8.46 7.52 5.43
CA SER A 69 9.50 8.28 6.12
C SER A 69 8.84 9.35 7.02
N PRO A 70 9.33 9.50 8.28
CA PRO A 70 8.76 10.46 9.25
C PRO A 70 8.98 11.92 8.83
N ASP A 71 9.55 12.12 7.64
CA ASP A 71 9.80 13.46 7.11
C ASP A 71 8.50 14.08 6.59
N ARG A 72 7.47 13.26 6.49
CA ARG A 72 6.18 13.70 5.95
C ARG A 72 5.04 13.12 6.79
N CYS A 73 3.95 13.87 6.89
CA CYS A 73 2.80 13.46 7.69
C CYS A 73 1.97 12.42 6.94
N GLN A 74 1.41 11.46 7.67
CA GLN A 74 0.60 10.41 7.05
C GLN A 74 -0.86 10.84 6.95
N ASP A 75 -1.42 10.72 5.75
CA ASP A 75 -2.81 11.06 5.53
C ASP A 75 -3.59 9.82 5.15
N TRP A 76 -4.69 9.57 5.84
CA TRP A 76 -5.44 8.33 5.67
C TRP A 76 -6.47 8.47 4.55
N LEU A 77 -6.87 9.71 4.26
CA LEU A 77 -7.79 9.97 3.16
C LEU A 77 -7.08 9.69 1.84
N GLU A 78 -5.80 10.06 1.78
CA GLU A 78 -4.98 9.78 0.61
C GLU A 78 -4.83 8.28 0.44
N ALA A 79 -4.46 7.61 1.52
CA ALA A 79 -4.38 6.16 1.55
C ALA A 79 -5.67 5.54 1.02
N LEU A 80 -6.79 5.90 1.63
CA LEU A 80 -8.11 5.46 1.17
C LEU A 80 -8.27 5.70 -0.33
N HIS A 81 -8.05 6.95 -0.74
CA HIS A 81 -8.12 7.34 -2.16
C HIS A 81 -7.34 6.39 -3.08
N TRP A 82 -6.15 6.00 -2.67
CA TRP A 82 -5.29 5.17 -3.52
C TRP A 82 -5.74 3.71 -3.53
N TYR A 83 -6.25 3.23 -2.41
CA TYR A 83 -6.87 1.90 -2.39
C TYR A 83 -8.16 1.93 -3.19
N ASN A 84 -8.87 3.05 -3.07
CA ASN A 84 -10.13 3.24 -3.78
C ASN A 84 -9.92 3.12 -5.29
N THR A 85 -8.99 3.92 -5.83
CA THR A 85 -8.65 3.84 -7.23
C THR A 85 -8.28 2.41 -7.65
N ALA A 86 -7.46 1.73 -6.86
CA ALA A 86 -7.10 0.35 -7.15
C ALA A 86 -8.33 -0.55 -7.23
N LEU A 87 -9.17 -0.51 -6.20
CA LEU A 87 -10.40 -1.32 -6.18
C LEU A 87 -11.38 -0.91 -7.28
N GLU A 88 -11.25 0.32 -7.78
CA GLU A 88 -12.16 0.84 -8.79
C GLU A 88 -11.70 0.48 -10.21
N MET A 89 -10.39 0.41 -10.43
CA MET A 89 -9.87 0.07 -11.76
C MET A 89 -9.04 -1.20 -11.75
N THR A 90 -9.40 -2.16 -10.91
CA THR A 90 -8.73 -3.45 -10.91
C THR A 90 -9.40 -4.37 -11.91
N ASP A 91 -8.61 -5.10 -12.68
CA ASP A 91 -9.15 -5.99 -13.71
C ASP A 91 -9.58 -7.31 -13.11
N CYS A 92 -9.24 -7.51 -11.85
CA CYS A 92 -9.56 -8.74 -11.15
C CYS A 92 -11.01 -8.74 -10.69
N ASP A 93 -11.75 -7.69 -11.04
CA ASP A 93 -13.16 -7.60 -10.73
C ASP A 93 -13.96 -8.39 -11.75
N GLU A 94 -13.35 -8.60 -12.92
CA GLU A 94 -13.97 -9.38 -13.98
C GLU A 94 -13.28 -10.74 -14.05
N GLY A 95 -12.61 -11.09 -12.96
CA GLY A 95 -11.90 -12.35 -12.90
C GLY A 95 -12.76 -13.45 -12.30
N GLY A 96 -13.85 -13.78 -12.99
CA GLY A 96 -14.73 -14.84 -12.52
C GLY A 96 -14.11 -16.21 -12.66
N GLU A 97 -12.96 -16.28 -13.34
CA GLU A 97 -12.24 -17.53 -13.50
C GLU A 97 -11.34 -17.73 -12.29
N TYR A 98 -11.95 -17.83 -11.13
CA TYR A 98 -11.22 -17.86 -9.89
C TYR A 98 -11.04 -19.27 -9.39
N ASP A 99 -10.14 -19.99 -10.02
CA ASP A 99 -9.68 -21.27 -9.50
C ASP A 99 -9.06 -21.05 -8.12
N GLY A 100 -8.28 -19.98 -8.00
CA GLY A 100 -7.68 -19.63 -6.72
C GLY A 100 -6.44 -18.78 -6.91
N MET A 101 -6.57 -17.70 -7.67
CA MET A 101 -5.42 -16.86 -8.00
C MET A 101 -5.76 -15.38 -7.92
N GLN A 102 -5.17 -14.70 -6.94
CA GLN A 102 -5.23 -13.25 -6.85
C GLN A 102 -3.95 -12.74 -6.20
N ASP A 103 -3.18 -11.94 -6.95
CA ASP A 103 -1.91 -11.41 -6.44
C ASP A 103 -2.17 -10.31 -5.43
N GLU A 104 -3.21 -9.54 -5.67
CA GLU A 104 -3.65 -8.51 -4.75
C GLU A 104 -4.76 -9.04 -3.85
N PRO A 105 -4.52 -9.12 -2.53
CA PRO A 105 -5.52 -9.60 -1.58
C PRO A 105 -6.65 -8.59 -1.40
N ARG A 106 -7.58 -8.61 -2.34
CA ARG A 106 -8.70 -7.67 -2.37
C ARG A 106 -9.47 -7.66 -1.04
N TYR A 107 -9.78 -8.84 -0.51
CA TYR A 107 -10.59 -8.93 0.70
C TYR A 107 -9.87 -8.34 1.92
N MET A 108 -8.55 -8.43 1.95
CA MET A 108 -7.78 -7.98 3.11
C MET A 108 -7.70 -6.45 3.13
N MET A 109 -7.63 -5.85 1.95
CA MET A 109 -7.53 -4.40 1.87
C MET A 109 -8.90 -3.79 2.12
N LEU A 110 -9.95 -4.49 1.70
CA LEU A 110 -11.33 -4.09 2.02
C LEU A 110 -11.51 -4.05 3.53
N ALA A 111 -11.06 -5.12 4.19
CA ALA A 111 -11.16 -5.22 5.65
C ALA A 111 -10.32 -4.15 6.34
N ARG A 112 -9.05 -4.05 5.94
CA ARG A 112 -8.13 -3.05 6.49
C ARG A 112 -8.68 -1.64 6.37
N GLU A 113 -9.03 -1.26 5.15
CA GLU A 113 -9.55 0.07 4.88
C GLU A 113 -10.88 0.31 5.61
N ALA A 114 -11.71 -0.73 5.72
CA ALA A 114 -12.90 -0.67 6.55
C ALA A 114 -12.56 -0.23 7.96
N GLU A 115 -11.58 -0.91 8.58
CA GLU A 115 -11.09 -0.53 9.90
C GLU A 115 -10.67 0.94 9.92
N MET A 116 -9.85 1.33 8.95
CA MET A 116 -9.37 2.72 8.86
C MET A 116 -10.56 3.70 8.82
N LEU A 117 -11.49 3.46 7.90
CA LEU A 117 -12.67 4.32 7.76
C LEU A 117 -13.53 4.34 9.02
N PHE A 118 -13.65 3.20 9.71
CA PHE A 118 -14.53 3.13 10.87
C PHE A 118 -13.87 3.76 12.10
N THR A 119 -12.54 3.84 12.13
CA THR A 119 -11.84 4.40 13.28
C THR A 119 -11.14 5.72 12.91
N GLY A 120 -11.73 6.47 11.99
CA GLY A 120 -11.12 7.69 11.53
C GLY A 120 -11.63 8.92 12.27
N GLY A 121 -10.90 10.01 12.16
CA GLY A 121 -11.33 11.27 12.73
C GLY A 121 -10.30 12.35 12.54
N TYR A 122 -10.75 13.57 12.29
CA TYR A 122 -9.87 14.73 12.09
C TYR A 122 -8.88 14.47 10.96
N GLY A 123 -9.39 14.51 9.74
CA GLY A 123 -8.60 14.19 8.57
C GLY A 123 -9.31 13.18 7.70
N LEU A 124 -10.27 12.52 8.32
CA LEU A 124 -11.13 11.54 7.64
C LEU A 124 -12.39 11.38 8.45
N GLU A 125 -13.50 11.08 7.78
CA GLU A 125 -14.77 10.96 8.45
C GLU A 125 -14.95 9.55 9.02
N LYS A 126 -15.36 9.48 10.28
CA LYS A 126 -15.70 8.20 10.90
C LYS A 126 -17.06 7.77 10.40
N ASP A 127 -17.10 7.13 9.25
CA ASP A 127 -18.35 6.76 8.63
C ASP A 127 -18.59 5.26 8.78
N PRO A 128 -19.47 4.88 9.71
CA PRO A 128 -19.78 3.47 9.99
C PRO A 128 -20.48 2.77 8.81
N GLN A 129 -21.17 3.55 7.98
CA GLN A 129 -21.95 2.98 6.89
C GLN A 129 -21.03 2.47 5.78
N ARG A 130 -20.00 3.24 5.44
CA ARG A 130 -19.10 2.88 4.36
C ARG A 130 -18.22 1.70 4.81
N SER A 131 -17.84 1.72 6.08
CA SER A 131 -16.98 0.69 6.64
C SER A 131 -17.73 -0.63 6.78
N GLY A 132 -18.93 -0.59 7.37
CA GLY A 132 -19.75 -1.79 7.44
C GLY A 132 -19.94 -2.43 6.08
N ASP A 133 -20.37 -1.62 5.13
CA ASP A 133 -20.50 -2.07 3.74
C ASP A 133 -19.17 -2.63 3.22
N LEU A 134 -18.06 -1.95 3.52
CA LEU A 134 -16.74 -2.46 3.12
C LEU A 134 -16.46 -3.85 3.72
N TYR A 135 -16.87 -4.10 4.97
CA TYR A 135 -16.68 -5.43 5.55
C TYR A 135 -17.53 -6.44 4.81
N THR A 136 -18.70 -6.00 4.36
CA THR A 136 -19.60 -6.86 3.62
C THR A 136 -18.99 -7.19 2.26
N GLN A 137 -18.43 -6.18 1.58
CA GLN A 137 -17.71 -6.41 0.32
C GLN A 137 -16.58 -7.39 0.53
N ALA A 138 -15.82 -7.19 1.61
CA ALA A 138 -14.70 -8.06 1.95
C ALA A 138 -15.16 -9.50 2.12
N ALA A 139 -16.20 -9.68 2.93
CA ALA A 139 -16.76 -10.99 3.18
C ALA A 139 -17.30 -11.65 1.90
N GLU A 140 -17.93 -10.87 1.02
CA GLU A 140 -18.43 -11.44 -0.24
C GLU A 140 -17.25 -11.88 -1.09
N ALA A 141 -16.22 -11.03 -1.13
CA ALA A 141 -15.00 -11.32 -1.88
C ALA A 141 -14.30 -12.55 -1.31
N ALA A 142 -14.40 -12.74 0.01
CA ALA A 142 -13.79 -13.87 0.69
C ALA A 142 -14.54 -15.15 0.36
N MET A 143 -15.87 -15.07 0.35
CA MET A 143 -16.71 -16.19 -0.10
C MET A 143 -16.33 -16.59 -1.53
N GLU A 144 -16.16 -15.58 -2.37
CA GLU A 144 -15.76 -15.79 -3.77
C GLU A 144 -14.36 -16.38 -3.83
N ALA A 145 -13.52 -15.97 -2.87
CA ALA A 145 -12.16 -16.48 -2.76
C ALA A 145 -12.11 -17.85 -2.10
N MET A 146 -13.29 -18.45 -1.90
CA MET A 146 -13.41 -19.79 -1.30
C MET A 146 -12.89 -19.80 0.14
N LYS A 147 -12.90 -18.65 0.80
CA LYS A 147 -12.48 -18.56 2.20
C LYS A 147 -13.68 -18.31 3.10
N GLY A 148 -14.40 -19.39 3.42
CA GLY A 148 -15.59 -19.31 4.25
C GLY A 148 -15.33 -18.67 5.60
N ARG A 149 -14.25 -19.08 6.26
CA ARG A 149 -13.92 -18.60 7.60
C ARG A 149 -13.84 -17.07 7.64
N LEU A 150 -13.02 -16.49 6.78
CA LEU A 150 -12.82 -15.05 6.77
C LEU A 150 -14.14 -14.33 6.44
N ALA A 151 -14.92 -14.92 5.55
CA ALA A 151 -16.21 -14.36 5.18
C ALA A 151 -17.15 -14.29 6.37
N ASN A 152 -17.28 -15.39 7.11
CA ASN A 152 -18.20 -15.41 8.25
C ASN A 152 -17.66 -14.56 9.38
N GLN A 153 -16.35 -14.38 9.40
CA GLN A 153 -15.72 -13.59 10.45
C GLN A 153 -16.09 -12.12 10.26
N TYR A 154 -15.81 -11.60 9.07
CA TYR A 154 -16.15 -10.21 8.79
C TYR A 154 -17.66 -10.01 8.65
N TYR A 155 -18.41 -11.07 8.34
CA TYR A 155 -19.86 -10.97 8.31
C TYR A 155 -20.39 -10.80 9.74
N GLN A 156 -19.82 -11.56 10.67
CA GLN A 156 -20.17 -11.40 12.08
C GLN A 156 -19.71 -10.02 12.57
N LYS A 157 -18.55 -9.57 12.07
CA LYS A 157 -18.05 -8.24 12.38
C LYS A 157 -19.00 -7.17 11.84
N ALA A 158 -19.53 -7.40 10.64
CA ALA A 158 -20.48 -6.48 10.01
C ALA A 158 -21.75 -6.34 10.84
N GLU A 159 -22.24 -7.44 11.39
CA GLU A 159 -23.44 -7.41 12.23
C GLU A 159 -23.14 -6.60 13.49
N GLU A 160 -21.91 -6.75 13.98
CA GLU A 160 -21.46 -6.03 15.17
C GLU A 160 -21.38 -4.54 14.88
N ALA A 161 -20.94 -4.17 13.67
CA ALA A 161 -20.82 -2.78 13.27
C ALA A 161 -22.18 -2.10 13.25
N TRP A 162 -23.17 -2.72 12.62
CA TRP A 162 -24.50 -2.11 12.55
C TRP A 162 -25.18 -2.14 13.91
N ALA A 163 -24.74 -3.06 14.79
CA ALA A 163 -25.23 -3.09 16.16
C ALA A 163 -24.76 -1.87 16.94
N GLN A 164 -23.52 -1.45 16.69
CA GLN A 164 -22.94 -0.30 17.39
C GLN A 164 -23.15 0.98 16.58
N MET A 165 -23.70 0.82 15.38
CA MET A 165 -23.95 1.94 14.47
C MET A 165 -24.97 2.92 15.05
N GLU A 166 -25.85 2.41 15.89
CA GLU A 166 -26.89 3.25 16.47
C GLU A 166 -27.29 2.74 17.85
N GLU A 167 -27.47 3.69 18.78
CA GLU A 167 -27.91 3.37 20.13
C GLU A 167 -29.40 3.64 20.24
N SER A 1 39.21 10.27 -17.31
CA SER A 1 38.86 10.43 -15.90
C SER A 1 37.75 11.48 -15.74
N HIS A 2 36.55 11.01 -15.40
CA HIS A 2 35.42 11.90 -15.15
C HIS A 2 35.30 12.15 -13.66
N MET A 3 35.65 13.36 -13.23
CA MET A 3 35.68 13.72 -11.81
C MET A 3 36.71 12.86 -11.08
N GLY A 4 37.96 13.22 -11.28
CA GLY A 4 39.07 12.45 -10.75
C GLY A 4 40.37 13.06 -11.19
N GLU A 5 40.60 14.29 -10.76
CA GLU A 5 41.72 15.09 -11.22
C GLU A 5 43.03 14.50 -10.72
N LEU A 6 43.80 13.94 -11.64
CA LEU A 6 45.09 13.35 -11.30
C LEU A 6 46.20 14.37 -11.42
N GLU A 7 46.08 15.23 -12.43
CA GLU A 7 47.06 16.28 -12.66
C GLU A 7 46.34 17.55 -13.11
N ALA A 8 47.07 18.65 -13.20
CA ALA A 8 46.48 19.93 -13.57
C ALA A 8 47.00 20.42 -14.91
N ILE A 9 46.28 20.05 -15.97
CA ILE A 9 46.62 20.50 -17.31
C ILE A 9 45.93 21.83 -17.60
N VAL A 10 46.69 22.90 -17.54
CA VAL A 10 46.14 24.23 -17.76
C VAL A 10 46.26 24.60 -19.22
N GLY A 11 45.18 24.38 -19.96
CA GLY A 11 45.16 24.66 -21.37
C GLY A 11 44.22 23.74 -22.11
N LEU A 12 43.27 24.31 -22.83
CA LEU A 12 42.31 23.52 -23.57
C LEU A 12 42.86 23.15 -24.94
N GLY A 13 42.38 22.05 -25.49
CA GLY A 13 42.84 21.60 -26.79
C GLY A 13 43.29 20.16 -26.75
N LEU A 14 42.75 19.35 -27.64
CA LEU A 14 43.07 17.92 -27.68
C LEU A 14 43.57 17.56 -29.08
N MET A 15 44.84 17.21 -29.17
CA MET A 15 45.44 16.86 -30.45
C MET A 15 45.31 15.36 -30.72
N TYR A 16 44.94 15.01 -31.94
CA TYR A 16 44.74 13.61 -32.30
C TYR A 16 46.06 12.98 -32.75
N SER A 17 47.02 13.81 -33.12
CA SER A 17 48.34 13.35 -33.53
C SER A 17 49.03 12.59 -32.41
N GLN A 18 48.78 13.00 -31.17
CA GLN A 18 49.36 12.33 -30.02
C GLN A 18 48.25 11.98 -29.02
N LEU A 19 47.61 10.84 -29.23
CA LEU A 19 46.58 10.36 -28.33
C LEU A 19 47.20 9.78 -27.08
N PRO A 20 46.71 10.14 -25.88
CA PRO A 20 47.24 9.61 -24.64
C PRO A 20 47.06 8.09 -24.56
N HIS A 21 48.17 7.37 -24.52
CA HIS A 21 48.13 5.92 -24.49
C HIS A 21 47.97 5.41 -23.06
N HIS A 22 48.13 6.32 -22.10
CA HIS A 22 47.98 5.99 -20.69
C HIS A 22 46.53 5.57 -20.42
N ILE A 23 45.59 6.27 -21.04
CA ILE A 23 44.18 5.91 -20.95
C ILE A 23 43.54 5.86 -22.33
N LEU A 24 43.02 4.70 -22.70
CA LEU A 24 42.37 4.54 -24.00
C LEU A 24 40.93 4.10 -23.80
N ALA A 25 40.53 3.99 -22.54
CA ALA A 25 39.18 3.61 -22.18
C ALA A 25 38.63 4.58 -21.13
N ASP A 26 37.40 4.36 -20.70
CA ASP A 26 36.74 5.24 -19.74
C ASP A 26 36.21 4.44 -18.57
N VAL A 27 36.55 4.87 -17.36
CA VAL A 27 36.23 4.10 -16.15
C VAL A 27 35.12 4.76 -15.33
N SER A 28 34.13 5.31 -16.02
CA SER A 28 32.98 5.92 -15.34
C SER A 28 32.04 4.83 -14.80
N LEU A 29 32.24 4.43 -13.55
CA LEU A 29 31.45 3.35 -12.97
C LEU A 29 30.49 3.89 -11.90
N LYS A 30 30.03 5.12 -12.10
CA LYS A 30 29.09 5.75 -11.19
C LYS A 30 27.67 5.30 -11.52
N GLU A 31 27.43 4.01 -11.34
CA GLU A 31 26.16 3.41 -11.72
C GLU A 31 25.14 3.57 -10.59
N THR A 32 24.69 4.79 -10.40
CA THR A 32 23.72 5.11 -9.36
C THR A 32 22.29 4.76 -9.80
N GLU A 33 22.11 3.50 -10.20
CA GLU A 33 20.80 3.05 -10.67
C GLU A 33 19.92 2.64 -9.50
N GLU A 34 20.49 1.91 -8.54
CA GLU A 34 19.73 1.39 -7.41
C GLU A 34 19.35 2.52 -6.44
N ASN A 35 19.86 3.71 -6.72
CA ASN A 35 19.52 4.88 -5.91
C ASN A 35 18.13 5.41 -6.29
N LYS A 36 17.95 5.75 -7.56
CA LYS A 36 16.69 6.34 -8.02
C LYS A 36 15.56 5.32 -8.15
N THR A 37 15.89 4.03 -8.06
CA THR A 37 14.87 2.98 -8.13
C THR A 37 14.06 2.93 -6.84
N LYS A 38 14.72 3.18 -5.72
CA LYS A 38 14.07 3.10 -4.42
C LYS A 38 13.75 4.50 -3.90
N GLY A 39 13.16 5.33 -4.76
CA GLY A 39 12.74 6.64 -4.35
C GLY A 39 11.26 6.68 -4.10
N PHE A 40 10.70 7.86 -3.88
CA PHE A 40 9.28 7.98 -3.64
C PHE A 40 8.58 8.58 -4.86
N ASP A 41 9.28 9.49 -5.54
CA ASP A 41 8.72 10.18 -6.69
C ASP A 41 8.33 9.22 -7.80
N TYR A 42 9.08 8.12 -7.95
CA TYR A 42 8.84 7.19 -9.03
C TYR A 42 7.58 6.39 -8.75
N LEU A 43 7.50 5.83 -7.53
CA LEU A 43 6.32 5.07 -7.11
C LEU A 43 5.04 5.89 -7.26
N LEU A 44 5.05 7.14 -6.81
CA LEU A 44 3.86 7.98 -6.88
C LEU A 44 3.59 8.45 -8.31
N LYS A 45 4.63 8.59 -9.12
CA LYS A 45 4.44 8.99 -10.51
C LYS A 45 3.78 7.84 -11.26
N ALA A 46 4.09 6.61 -10.84
CA ALA A 46 3.47 5.45 -11.43
C ALA A 46 2.10 5.22 -10.82
N ALA A 47 1.93 5.70 -9.60
CA ALA A 47 0.62 5.72 -8.96
C ALA A 47 -0.33 6.60 -9.76
N GLU A 48 0.13 7.78 -10.15
CA GLU A 48 -0.65 8.67 -11.01
C GLU A 48 -0.81 8.06 -12.39
N ALA A 49 0.14 7.21 -12.78
CA ALA A 49 0.08 6.55 -14.09
C ALA A 49 -1.00 5.48 -14.12
N GLY A 50 -1.31 4.91 -12.96
CA GLY A 50 -2.38 3.91 -12.89
C GLY A 50 -1.87 2.53 -12.55
N ASP A 51 -0.61 2.43 -12.15
CA ASP A 51 -0.05 1.12 -11.79
C ASP A 51 -0.50 0.71 -10.40
N ARG A 52 -1.24 -0.41 -10.39
CA ARG A 52 -1.80 -0.98 -9.17
C ARG A 52 -0.78 -1.17 -8.06
N GLN A 53 0.26 -1.96 -8.32
CA GLN A 53 1.21 -2.32 -7.26
C GLN A 53 1.95 -1.08 -6.72
N SER A 54 2.18 -0.09 -7.58
CA SER A 54 2.90 1.11 -7.15
C SER A 54 2.04 1.97 -6.24
N MET A 55 0.75 2.08 -6.57
CA MET A 55 -0.15 2.90 -5.77
C MET A 55 -0.50 2.19 -4.46
N ILE A 56 -0.50 0.86 -4.49
CA ILE A 56 -0.71 0.07 -3.27
C ILE A 56 0.45 0.28 -2.31
N LEU A 57 1.67 0.36 -2.87
CA LEU A 57 2.86 0.57 -2.04
C LEU A 57 2.86 1.95 -1.38
N VAL A 58 2.56 3.01 -2.13
CA VAL A 58 2.53 4.35 -1.52
C VAL A 58 1.41 4.42 -0.48
N ALA A 59 0.27 3.77 -0.78
CA ALA A 59 -0.82 3.64 0.18
C ALA A 59 -0.33 3.06 1.50
N ARG A 60 0.23 1.86 1.44
CA ARG A 60 0.78 1.18 2.60
C ARG A 60 1.88 2.02 3.25
N ALA A 61 2.57 2.81 2.45
CA ALA A 61 3.62 3.69 2.95
C ALA A 61 3.02 4.79 3.82
N PHE A 62 1.88 5.33 3.40
CA PHE A 62 1.14 6.30 4.20
C PHE A 62 0.53 5.66 5.44
N ASP A 63 0.12 4.41 5.31
CA ASP A 63 -0.50 3.67 6.42
C ASP A 63 0.51 3.35 7.52
N SER A 64 1.51 2.56 7.19
CA SER A 64 2.45 2.05 8.19
C SER A 64 3.66 2.97 8.35
N GLY A 65 3.73 4.00 7.53
CA GLY A 65 4.86 4.92 7.57
C GLY A 65 6.10 4.33 6.91
N GLN A 66 5.92 3.24 6.17
CA GLN A 66 7.04 2.47 5.60
C GLN A 66 7.95 3.34 4.72
N ASN A 67 7.49 3.67 3.52
CA ASN A 67 8.31 4.39 2.56
C ASN A 67 8.01 5.89 2.60
N LEU A 68 7.36 6.32 3.66
CA LEU A 68 6.97 7.71 3.80
C LEU A 68 8.07 8.52 4.45
N SER A 69 8.79 7.87 5.37
CA SER A 69 9.79 8.54 6.23
C SER A 69 9.08 9.41 7.28
N PRO A 70 9.49 9.32 8.57
CA PRO A 70 8.83 10.03 9.67
C PRO A 70 8.93 11.56 9.57
N ASP A 71 9.56 12.05 8.52
CA ASP A 71 9.66 13.48 8.27
C ASP A 71 8.46 13.98 7.45
N ARG A 72 7.49 13.10 7.25
CA ARG A 72 6.27 13.43 6.51
C ARG A 72 5.05 12.95 7.28
N CYS A 73 3.96 13.70 7.18
CA CYS A 73 2.74 13.37 7.92
C CYS A 73 1.96 12.24 7.25
N GLN A 74 1.32 11.41 8.06
CA GLN A 74 0.54 10.29 7.55
C GLN A 74 -0.93 10.64 7.46
N ASP A 75 -1.37 11.00 6.25
CA ASP A 75 -2.76 11.34 6.01
C ASP A 75 -3.52 10.12 5.49
N TRP A 76 -4.36 9.55 6.34
CA TRP A 76 -5.13 8.36 5.99
C TRP A 76 -6.13 8.65 4.86
N LEU A 77 -6.43 9.92 4.63
CA LEU A 77 -7.37 10.29 3.56
C LEU A 77 -6.73 10.01 2.20
N GLU A 78 -5.41 10.24 2.13
CA GLU A 78 -4.66 9.95 0.92
C GLU A 78 -4.54 8.45 0.73
N ALA A 79 -4.18 7.76 1.81
CA ALA A 79 -4.12 6.30 1.82
C ALA A 79 -5.42 5.70 1.29
N LEU A 80 -6.55 6.10 1.90
CA LEU A 80 -7.87 5.70 1.43
C LEU A 80 -8.00 5.92 -0.07
N HIS A 81 -7.78 7.16 -0.51
CA HIS A 81 -7.84 7.51 -1.93
C HIS A 81 -7.06 6.52 -2.82
N TRP A 82 -5.87 6.13 -2.38
CA TRP A 82 -5.01 5.28 -3.21
C TRP A 82 -5.46 3.81 -3.17
N TYR A 83 -5.87 3.33 -2.02
CA TYR A 83 -6.40 1.97 -1.94
C TYR A 83 -7.73 1.91 -2.67
N ASN A 84 -8.51 2.98 -2.54
CA ASN A 84 -9.79 3.10 -3.21
C ASN A 84 -9.60 2.96 -4.71
N THR A 85 -8.71 3.78 -5.26
CA THR A 85 -8.36 3.68 -6.68
C THR A 85 -8.01 2.23 -7.07
N ALA A 86 -7.16 1.57 -6.28
CA ALA A 86 -6.75 0.20 -6.60
C ALA A 86 -7.95 -0.75 -6.60
N LEU A 87 -8.71 -0.75 -5.50
CA LEU A 87 -9.85 -1.66 -5.38
C LEU A 87 -11.04 -1.20 -6.24
N GLU A 88 -10.96 0.00 -6.79
CA GLU A 88 -12.00 0.49 -7.69
C GLU A 88 -11.85 -0.13 -9.06
N MET A 89 -10.62 -0.12 -9.57
CA MET A 89 -10.36 -0.59 -10.93
C MET A 89 -10.01 -2.08 -10.97
N THR A 90 -10.26 -2.78 -9.89
CA THR A 90 -10.08 -4.23 -9.87
C THR A 90 -11.43 -4.92 -10.04
N ASP A 91 -11.67 -5.47 -11.23
CA ASP A 91 -12.93 -6.15 -11.51
C ASP A 91 -12.71 -7.65 -11.55
N CYS A 92 -11.68 -8.10 -10.84
CA CYS A 92 -11.29 -9.50 -10.84
C CYS A 92 -12.13 -10.31 -9.86
N ASP A 93 -13.11 -9.67 -9.23
CA ASP A 93 -13.98 -10.36 -8.27
C ASP A 93 -14.89 -11.33 -9.00
N GLU A 94 -15.15 -11.05 -10.27
CA GLU A 94 -16.01 -11.89 -11.08
C GLU A 94 -15.17 -12.78 -11.99
N GLY A 95 -14.03 -13.21 -11.47
CA GLY A 95 -13.14 -14.09 -12.21
C GLY A 95 -12.31 -14.95 -11.28
N GLY A 96 -11.49 -15.81 -11.87
CA GLY A 96 -10.64 -16.68 -11.09
C GLY A 96 -9.26 -16.79 -11.67
N GLU A 97 -8.67 -15.64 -11.99
CA GLU A 97 -7.35 -15.60 -12.59
C GLU A 97 -6.42 -14.73 -11.76
N TYR A 98 -5.17 -15.14 -11.66
CA TYR A 98 -4.19 -14.42 -10.87
C TYR A 98 -2.88 -14.28 -11.62
N ASP A 99 -2.83 -13.31 -12.53
CA ASP A 99 -1.60 -12.99 -13.25
C ASP A 99 -0.85 -11.87 -12.52
N GLY A 100 -0.88 -11.95 -11.20
CA GLY A 100 -0.25 -10.96 -10.36
C GLY A 100 -0.50 -11.26 -8.90
N MET A 101 0.23 -10.61 -8.01
CA MET A 101 0.06 -10.88 -6.58
C MET A 101 0.10 -9.59 -5.78
N GLN A 102 -0.82 -9.48 -4.83
CA GLN A 102 -0.88 -8.34 -3.94
C GLN A 102 -0.66 -8.83 -2.51
N ASP A 103 0.30 -8.23 -1.82
CA ASP A 103 0.65 -8.63 -0.46
C ASP A 103 -0.58 -8.54 0.45
N GLU A 104 -1.44 -7.59 0.16
CA GLU A 104 -2.72 -7.47 0.81
C GLU A 104 -3.82 -7.62 -0.22
N PRO A 105 -4.45 -8.81 -0.27
CA PRO A 105 -5.44 -9.17 -1.29
C PRO A 105 -6.69 -8.29 -1.27
N ARG A 106 -7.53 -8.47 -2.30
CA ARG A 106 -8.76 -7.69 -2.47
C ARG A 106 -9.55 -7.58 -1.16
N TYR A 107 -9.94 -8.72 -0.61
CA TYR A 107 -10.75 -8.76 0.60
C TYR A 107 -10.04 -8.13 1.80
N MET A 108 -8.71 -8.21 1.83
CA MET A 108 -7.94 -7.72 2.97
C MET A 108 -7.80 -6.20 2.88
N MET A 109 -7.75 -5.70 1.65
CA MET A 109 -7.72 -4.27 1.40
C MET A 109 -9.05 -3.67 1.84
N LEU A 110 -10.13 -4.31 1.43
CA LEU A 110 -11.49 -3.90 1.80
C LEU A 110 -11.64 -3.85 3.32
N ALA A 111 -11.14 -4.90 3.96
CA ALA A 111 -11.18 -5.00 5.42
C ALA A 111 -10.39 -3.86 6.08
N ARG A 112 -9.17 -3.63 5.59
CA ARG A 112 -8.31 -2.56 6.11
C ARG A 112 -8.99 -1.20 5.97
N GLU A 113 -9.45 -0.89 4.76
CA GLU A 113 -10.16 0.36 4.49
C GLU A 113 -11.38 0.49 5.37
N ALA A 114 -12.11 -0.61 5.54
CA ALA A 114 -13.26 -0.63 6.44
C ALA A 114 -12.88 -0.15 7.84
N GLU A 115 -11.80 -0.74 8.39
CA GLU A 115 -11.24 -0.26 9.67
C GLU A 115 -11.02 1.25 9.66
N MET A 116 -10.26 1.70 8.67
CA MET A 116 -9.90 3.10 8.56
C MET A 116 -11.14 4.00 8.47
N LEU A 117 -12.07 3.66 7.58
CA LEU A 117 -13.32 4.42 7.42
C LEU A 117 -14.17 4.42 8.70
N PHE A 118 -14.15 3.32 9.46
CA PHE A 118 -15.00 3.20 10.64
C PHE A 118 -14.40 3.94 11.84
N THR A 119 -13.09 4.13 11.85
CA THR A 119 -12.43 4.82 12.96
C THR A 119 -12.38 6.33 12.74
N GLY A 120 -11.64 6.76 11.71
CA GLY A 120 -11.57 8.18 11.40
C GLY A 120 -10.28 8.81 11.88
N GLY A 121 -10.31 10.13 12.07
CA GLY A 121 -9.16 10.83 12.60
C GLY A 121 -8.37 11.60 11.55
N TYR A 122 -7.93 12.78 11.95
CA TYR A 122 -7.02 13.63 11.14
C TYR A 122 -7.53 13.86 9.73
N GLY A 123 -8.74 14.39 9.61
CA GLY A 123 -9.26 14.78 8.32
C GLY A 123 -10.19 13.77 7.71
N LEU A 124 -10.16 12.55 8.19
CA LEU A 124 -11.01 11.50 7.66
C LEU A 124 -12.29 11.40 8.48
N GLU A 125 -13.41 11.24 7.79
CA GLU A 125 -14.70 11.16 8.45
C GLU A 125 -14.95 9.76 9.01
N LYS A 126 -15.64 9.69 10.14
CA LYS A 126 -16.02 8.41 10.73
C LYS A 126 -17.37 7.99 10.20
N ASP A 127 -17.37 7.27 9.09
CA ASP A 127 -18.60 6.90 8.42
C ASP A 127 -18.87 5.39 8.56
N PRO A 128 -19.70 5.01 9.55
CA PRO A 128 -19.96 3.61 9.87
C PRO A 128 -20.67 2.84 8.75
N GLN A 129 -21.54 3.52 8.01
CA GLN A 129 -22.37 2.87 7.00
C GLN A 129 -21.52 2.33 5.84
N ARG A 130 -20.50 3.09 5.45
CA ARG A 130 -19.65 2.68 4.33
C ARG A 130 -18.74 1.55 4.78
N SER A 131 -18.39 1.56 6.06
CA SER A 131 -17.52 0.56 6.64
C SER A 131 -18.24 -0.78 6.75
N GLY A 132 -19.43 -0.79 7.38
CA GLY A 132 -20.22 -1.99 7.46
C GLY A 132 -20.43 -2.62 6.09
N ASP A 133 -20.88 -1.80 5.16
CA ASP A 133 -21.02 -2.22 3.77
C ASP A 133 -19.71 -2.80 3.24
N LEU A 134 -18.61 -2.08 3.46
CA LEU A 134 -17.30 -2.50 2.99
C LEU A 134 -16.85 -3.82 3.63
N TYR A 135 -17.21 -4.09 4.90
CA TYR A 135 -16.89 -5.38 5.49
C TYR A 135 -17.69 -6.48 4.82
N THR A 136 -18.90 -6.14 4.42
CA THR A 136 -19.77 -7.09 3.75
C THR A 136 -19.22 -7.38 2.36
N GLN A 137 -18.76 -6.35 1.64
CA GLN A 137 -18.12 -6.54 0.35
C GLN A 137 -16.85 -7.38 0.49
N ALA A 138 -16.07 -7.10 1.54
CA ALA A 138 -14.88 -7.87 1.84
C ALA A 138 -15.22 -9.33 2.04
N ALA A 139 -16.19 -9.57 2.90
CA ALA A 139 -16.66 -10.92 3.20
C ALA A 139 -17.21 -11.61 1.96
N GLU A 140 -17.94 -10.88 1.10
CA GLU A 140 -18.48 -11.50 -0.11
C GLU A 140 -17.35 -11.83 -1.08
N ALA A 141 -16.35 -10.94 -1.15
CA ALA A 141 -15.16 -11.20 -1.94
C ALA A 141 -14.43 -12.43 -1.44
N ALA A 142 -14.43 -12.62 -0.13
CA ALA A 142 -13.81 -13.78 0.49
C ALA A 142 -14.60 -15.04 0.17
N MET A 143 -15.93 -14.92 0.23
CA MET A 143 -16.82 -16.00 -0.21
C MET A 143 -16.50 -16.41 -1.63
N GLU A 144 -16.33 -15.42 -2.51
CA GLU A 144 -16.01 -15.67 -3.91
C GLU A 144 -14.62 -16.29 -4.03
N ALA A 145 -13.74 -15.91 -3.10
CA ALA A 145 -12.39 -16.46 -3.05
C ALA A 145 -12.36 -17.84 -2.40
N MET A 146 -13.56 -18.40 -2.15
CA MET A 146 -13.71 -19.72 -1.53
C MET A 146 -13.10 -19.75 -0.12
N LYS A 147 -13.05 -18.58 0.52
CA LYS A 147 -12.53 -18.47 1.87
C LYS A 147 -13.65 -18.23 2.87
N GLY A 148 -14.33 -19.31 3.24
CA GLY A 148 -15.45 -19.24 4.16
C GLY A 148 -15.11 -18.61 5.50
N ARG A 149 -13.97 -19.00 6.06
CA ARG A 149 -13.55 -18.54 7.38
C ARG A 149 -13.45 -17.01 7.44
N LEU A 150 -12.70 -16.44 6.49
CA LEU A 150 -12.50 -14.99 6.46
C LEU A 150 -13.82 -14.27 6.25
N ALA A 151 -14.66 -14.84 5.38
CA ALA A 151 -15.96 -14.27 5.09
C ALA A 151 -16.85 -14.24 6.32
N ASN A 152 -16.89 -15.34 7.07
CA ASN A 152 -17.76 -15.40 8.24
C ASN A 152 -17.17 -14.59 9.40
N GLN A 153 -15.87 -14.35 9.34
CA GLN A 153 -15.21 -13.53 10.36
C GLN A 153 -15.67 -12.09 10.21
N TYR A 154 -15.46 -11.53 9.03
CA TYR A 154 -15.86 -10.14 8.78
C TYR A 154 -17.38 -10.01 8.72
N TYR A 155 -18.09 -11.10 8.44
CA TYR A 155 -19.55 -11.06 8.49
C TYR A 155 -20.01 -10.91 9.94
N GLN A 156 -19.38 -11.67 10.84
CA GLN A 156 -19.68 -11.53 12.28
C GLN A 156 -19.30 -10.13 12.76
N LYS A 157 -18.19 -9.60 12.25
CA LYS A 157 -17.79 -8.23 12.56
C LYS A 157 -18.80 -7.22 11.99
N ALA A 158 -19.35 -7.53 10.81
CA ALA A 158 -20.36 -6.68 10.17
C ALA A 158 -21.61 -6.56 11.03
N GLU A 159 -22.04 -7.68 11.62
CA GLU A 159 -23.20 -7.66 12.51
C GLU A 159 -22.88 -6.82 13.74
N GLU A 160 -21.63 -6.91 14.18
CA GLU A 160 -21.17 -6.15 15.33
C GLU A 160 -21.20 -4.66 15.02
N ALA A 161 -20.80 -4.29 13.80
CA ALA A 161 -20.79 -2.90 13.38
C ALA A 161 -22.18 -2.29 13.42
N TRP A 162 -23.16 -2.98 12.81
CA TRP A 162 -24.51 -2.42 12.78
C TRP A 162 -25.15 -2.50 14.18
N ALA A 163 -24.67 -3.41 15.02
CA ALA A 163 -25.14 -3.49 16.40
C ALA A 163 -24.68 -2.28 17.21
N GLN A 164 -23.47 -1.80 16.93
CA GLN A 164 -22.93 -0.63 17.64
C GLN A 164 -23.27 0.64 16.86
N MET A 165 -23.83 0.44 15.68
CA MET A 165 -24.26 1.56 14.84
C MET A 165 -25.64 2.05 15.26
N GLU A 166 -26.61 1.15 15.20
CA GLU A 166 -28.00 1.51 15.46
C GLU A 166 -28.30 1.49 16.95
N GLU A 167 -27.86 2.54 17.63
CA GLU A 167 -28.16 2.73 19.04
C GLU A 167 -29.60 3.20 19.19
N SER A 1 -5.61 39.13 -12.12
CA SER A 1 -4.82 39.70 -13.22
C SER A 1 -5.61 39.66 -14.53
N HIS A 2 -6.55 40.57 -14.66
CA HIS A 2 -7.35 40.68 -15.88
C HIS A 2 -7.37 42.13 -16.35
N MET A 3 -6.89 42.35 -17.56
CA MET A 3 -6.73 43.69 -18.12
C MET A 3 -5.78 44.49 -17.23
N GLY A 4 -4.70 43.85 -16.84
CA GLY A 4 -3.72 44.47 -15.97
C GLY A 4 -2.95 43.44 -15.17
N GLU A 5 -1.67 43.27 -15.49
CA GLU A 5 -0.84 42.28 -14.83
C GLU A 5 0.33 42.93 -14.10
N LEU A 6 0.06 44.04 -13.42
CA LEU A 6 1.07 44.71 -12.63
C LEU A 6 1.10 44.11 -11.22
N GLU A 7 1.36 42.81 -11.17
CA GLU A 7 1.34 42.08 -9.92
C GLU A 7 2.58 42.39 -9.09
N ALA A 8 2.47 42.30 -7.77
CA ALA A 8 3.57 42.64 -6.88
C ALA A 8 3.75 41.60 -5.80
N ILE A 9 4.51 40.57 -6.13
CA ILE A 9 4.84 39.53 -5.16
C ILE A 9 6.25 39.76 -4.63
N VAL A 10 6.36 40.61 -3.64
CA VAL A 10 7.65 40.99 -3.08
C VAL A 10 7.75 40.56 -1.62
N GLY A 11 7.96 39.28 -1.39
CA GLY A 11 8.09 38.78 -0.04
C GLY A 11 9.04 37.60 0.03
N LEU A 12 10.21 37.77 -0.59
CA LEU A 12 11.24 36.73 -0.67
C LEU A 12 10.84 35.60 -1.63
N GLY A 13 9.60 35.16 -1.53
CA GLY A 13 9.09 34.15 -2.41
C GLY A 13 7.89 33.45 -1.84
N LEU A 14 7.37 32.48 -2.58
CA LEU A 14 6.25 31.68 -2.12
C LEU A 14 6.74 30.30 -1.75
N MET A 15 7.12 30.14 -0.49
CA MET A 15 7.72 28.91 0.02
C MET A 15 9.04 28.62 -0.68
N TYR A 16 9.98 29.55 -0.50
CA TYR A 16 11.36 29.40 -0.99
C TYR A 16 11.41 29.37 -2.53
N SER A 17 10.69 30.30 -3.16
CA SER A 17 10.76 30.44 -4.60
C SER A 17 12.14 30.97 -5.01
N GLN A 18 12.75 31.74 -4.12
CA GLN A 18 14.09 32.25 -4.32
C GLN A 18 14.95 31.93 -3.12
N LEU A 19 16.25 32.19 -3.23
CA LEU A 19 17.17 31.96 -2.13
C LEU A 19 17.75 33.31 -1.69
N PRO A 20 17.12 33.95 -0.69
CA PRO A 20 17.59 35.24 -0.16
C PRO A 20 19.02 35.15 0.38
N HIS A 21 19.93 35.80 -0.32
CA HIS A 21 21.36 35.70 -0.01
C HIS A 21 21.78 36.64 1.11
N HIS A 22 20.82 37.11 1.89
CA HIS A 22 21.13 37.96 3.05
C HIS A 22 21.69 37.11 4.18
N ILE A 23 21.50 35.80 4.08
CA ILE A 23 21.99 34.87 5.10
C ILE A 23 23.45 34.55 4.88
N LEU A 24 24.26 34.68 5.92
CA LEU A 24 25.69 34.37 5.83
C LEU A 24 25.98 33.05 6.54
N ALA A 25 24.95 32.22 6.66
CA ALA A 25 25.07 30.92 7.29
C ALA A 25 24.09 29.95 6.63
N ASP A 26 24.29 28.65 6.88
CA ASP A 26 23.42 27.63 6.32
C ASP A 26 22.85 26.77 7.42
N VAL A 27 21.52 26.61 7.44
CA VAL A 27 20.87 25.76 8.43
C VAL A 27 20.56 24.40 7.85
N SER A 28 21.11 24.15 6.67
CA SER A 28 20.94 22.89 5.99
C SER A 28 22.26 22.12 5.95
N LEU A 29 22.25 20.89 6.43
CA LEU A 29 23.46 20.08 6.50
C LEU A 29 23.61 19.27 5.23
N LYS A 30 22.54 18.63 4.81
CA LYS A 30 22.57 17.75 3.65
C LYS A 30 21.18 17.69 3.03
N GLU A 31 21.13 17.64 1.70
CA GLU A 31 19.86 17.63 1.00
C GLU A 31 19.40 16.20 0.77
N THR A 32 18.20 15.88 1.23
CA THR A 32 17.65 14.55 1.09
C THR A 32 16.98 14.37 -0.29
N GLU A 33 17.32 15.27 -1.21
CA GLU A 33 16.71 15.28 -2.55
C GLU A 33 17.05 14.01 -3.32
N GLU A 34 18.31 13.61 -3.28
CA GLU A 34 18.76 12.43 -4.04
C GLU A 34 18.03 11.17 -3.58
N ASN A 35 17.77 11.09 -2.28
CA ASN A 35 17.06 9.93 -1.71
C ASN A 35 15.58 9.99 -2.05
N LYS A 36 14.99 11.16 -1.81
CA LYS A 36 13.57 11.39 -2.07
C LYS A 36 13.20 11.17 -3.55
N THR A 37 14.02 11.69 -4.46
CA THR A 37 13.72 11.63 -5.89
C THR A 37 13.82 10.20 -6.44
N LYS A 38 14.63 9.35 -5.81
CA LYS A 38 14.77 7.96 -6.25
C LYS A 38 13.59 7.12 -5.78
N GLY A 39 12.94 7.58 -4.73
CA GLY A 39 11.81 6.84 -4.19
C GLY A 39 10.51 7.61 -4.30
N PHE A 40 10.24 8.43 -3.30
CA PHE A 40 9.00 9.21 -3.22
C PHE A 40 8.54 9.77 -4.55
N ASP A 41 9.33 10.65 -5.17
CA ASP A 41 8.91 11.31 -6.40
C ASP A 41 8.64 10.32 -7.51
N TYR A 42 9.44 9.26 -7.57
CA TYR A 42 9.34 8.31 -8.66
C TYR A 42 8.07 7.47 -8.50
N LEU A 43 7.90 6.91 -7.30
CA LEU A 43 6.72 6.11 -6.97
C LEU A 43 5.43 6.88 -7.28
N LEU A 44 5.34 8.13 -6.83
CA LEU A 44 4.12 8.91 -7.02
C LEU A 44 4.00 9.42 -8.45
N LYS A 45 5.13 9.61 -9.13
CA LYS A 45 5.09 10.01 -10.54
C LYS A 45 4.56 8.84 -11.37
N ALA A 46 4.87 7.63 -10.94
CA ALA A 46 4.40 6.44 -11.64
C ALA A 46 2.98 6.12 -11.21
N ALA A 47 2.64 6.51 -9.98
CA ALA A 47 1.29 6.39 -9.48
C ALA A 47 0.33 7.21 -10.34
N GLU A 48 0.74 8.41 -10.70
CA GLU A 48 -0.07 9.22 -11.61
C GLU A 48 0.16 8.82 -13.07
N ALA A 49 1.25 8.09 -13.35
CA ALA A 49 1.51 7.60 -14.68
C ALA A 49 0.57 6.45 -15.04
N GLY A 50 0.20 5.64 -14.05
CA GLY A 50 -0.74 4.56 -14.28
C GLY A 50 -0.26 3.20 -13.79
N ASP A 51 0.91 3.18 -13.16
CA ASP A 51 1.46 1.92 -12.64
C ASP A 51 0.84 1.59 -11.29
N ARG A 52 -0.03 0.58 -11.31
CA ARG A 52 -0.76 0.16 -10.12
C ARG A 52 0.15 -0.17 -8.93
N GLN A 53 1.23 -0.91 -9.16
CA GLN A 53 2.10 -1.34 -8.07
C GLN A 53 2.71 -0.13 -7.35
N SER A 54 2.99 0.95 -8.09
CA SER A 54 3.56 2.14 -7.48
C SER A 54 2.51 2.85 -6.62
N MET A 55 1.26 2.75 -7.05
CA MET A 55 0.15 3.34 -6.29
C MET A 55 -0.03 2.58 -4.99
N ILE A 56 0.07 1.26 -5.06
CA ILE A 56 -0.05 0.42 -3.88
C ILE A 56 1.08 0.71 -2.91
N LEU A 57 2.28 0.95 -3.45
CA LEU A 57 3.44 1.31 -2.64
C LEU A 57 3.21 2.61 -1.88
N VAL A 58 2.80 3.69 -2.57
CA VAL A 58 2.58 4.96 -1.89
C VAL A 58 1.46 4.83 -0.86
N ALA A 59 0.43 4.07 -1.20
CA ALA A 59 -0.64 3.75 -0.26
C ALA A 59 -0.09 3.18 1.04
N ARG A 60 0.56 2.02 0.93
CA ARG A 60 1.17 1.35 2.07
C ARG A 60 2.18 2.24 2.78
N ALA A 61 2.88 3.07 2.01
CA ALA A 61 3.86 3.99 2.57
C ALA A 61 3.19 4.97 3.52
N PHE A 62 2.04 5.49 3.11
CA PHE A 62 1.29 6.44 3.92
C PHE A 62 0.56 5.76 5.07
N ASP A 63 0.03 4.56 4.86
CA ASP A 63 -0.75 3.88 5.88
C ASP A 63 0.12 3.19 6.92
N SER A 64 1.18 2.55 6.47
CA SER A 64 2.07 1.83 7.37
C SER A 64 3.09 2.78 8.02
N GLY A 65 3.38 3.88 7.33
CA GLY A 65 4.29 4.87 7.86
C GLY A 65 5.76 4.49 7.66
N GLN A 66 6.00 3.24 7.29
CA GLN A 66 7.35 2.69 7.23
C GLN A 66 8.21 3.41 6.19
N ASN A 67 7.79 3.36 4.94
CA ASN A 67 8.56 3.93 3.83
C ASN A 67 8.43 5.45 3.80
N LEU A 68 7.52 5.97 4.60
CA LEU A 68 7.25 7.40 4.64
C LEU A 68 8.28 8.13 5.50
N SER A 69 8.92 7.36 6.40
CA SER A 69 9.90 7.89 7.36
C SER A 69 9.19 8.69 8.48
N PRO A 70 9.70 8.60 9.73
CA PRO A 70 9.04 9.23 10.90
C PRO A 70 9.16 10.76 10.94
N ASP A 71 9.71 11.35 9.88
CA ASP A 71 9.87 12.81 9.84
C ASP A 71 8.71 13.48 9.10
N ARG A 72 7.74 12.68 8.67
CA ARG A 72 6.58 13.21 7.94
C ARG A 72 5.30 12.59 8.49
N CYS A 73 4.24 13.38 8.55
CA CYS A 73 2.97 12.92 9.07
C CYS A 73 2.24 12.07 8.03
N GLN A 74 1.59 11.00 8.49
CA GLN A 74 0.88 10.11 7.58
C GLN A 74 -0.57 10.51 7.44
N ASP A 75 -1.08 10.41 6.21
CA ASP A 75 -2.46 10.75 5.90
C ASP A 75 -3.19 9.49 5.44
N TRP A 76 -4.37 9.24 5.98
CA TRP A 76 -5.08 8.02 5.66
C TRP A 76 -6.13 8.25 4.58
N LEU A 77 -6.43 9.49 4.28
CA LEU A 77 -7.40 9.81 3.23
C LEU A 77 -6.74 9.58 1.87
N GLU A 78 -5.48 9.99 1.74
CA GLU A 78 -4.73 9.76 0.53
C GLU A 78 -4.51 8.26 0.34
N ALA A 79 -4.10 7.61 1.42
CA ALA A 79 -3.96 6.16 1.45
C ALA A 79 -5.24 5.47 0.98
N LEU A 80 -6.36 5.78 1.63
CA LEU A 80 -7.66 5.26 1.20
C LEU A 80 -7.89 5.52 -0.29
N HIS A 81 -7.75 6.78 -0.69
CA HIS A 81 -7.89 7.18 -2.09
C HIS A 81 -7.12 6.25 -3.04
N TRP A 82 -5.90 5.89 -2.67
CA TRP A 82 -5.07 5.06 -3.53
C TRP A 82 -5.47 3.59 -3.46
N TYR A 83 -5.91 3.13 -2.28
CA TYR A 83 -6.43 1.78 -2.15
C TYR A 83 -7.73 1.63 -2.93
N ASN A 84 -8.58 2.65 -2.84
CA ASN A 84 -9.83 2.68 -3.57
C ASN A 84 -9.55 2.52 -5.05
N THR A 85 -8.67 3.36 -5.57
CA THR A 85 -8.25 3.27 -6.96
C THR A 85 -7.83 1.86 -7.34
N ALA A 86 -6.96 1.23 -6.52
CA ALA A 86 -6.48 -0.12 -6.81
C ALA A 86 -7.64 -1.10 -6.94
N LEU A 87 -8.56 -1.05 -5.97
CA LEU A 87 -9.73 -1.93 -5.98
C LEU A 87 -10.76 -1.54 -7.04
N GLU A 88 -10.67 -0.31 -7.54
CA GLU A 88 -11.63 0.18 -8.54
C GLU A 88 -11.21 -0.21 -9.96
N MET A 89 -9.91 -0.26 -10.21
CA MET A 89 -9.39 -0.62 -11.52
C MET A 89 -9.04 -2.12 -11.58
N THR A 90 -9.78 -2.92 -10.84
CA THR A 90 -9.60 -4.37 -10.85
C THR A 90 -10.34 -5.00 -12.03
N ASP A 91 -9.60 -5.32 -13.08
CA ASP A 91 -10.20 -5.95 -14.26
C ASP A 91 -9.71 -7.39 -14.36
N CYS A 92 -9.25 -7.91 -13.24
CA CYS A 92 -8.63 -9.22 -13.19
C CYS A 92 -9.66 -10.31 -12.92
N ASP A 93 -10.88 -10.11 -13.41
CA ASP A 93 -11.95 -11.11 -13.26
C ASP A 93 -11.69 -12.29 -14.19
N GLU A 94 -10.96 -12.04 -15.28
CA GLU A 94 -10.60 -13.11 -16.21
C GLU A 94 -9.19 -13.59 -15.89
N GLY A 95 -8.75 -13.29 -14.68
CA GLY A 95 -7.45 -13.71 -14.22
C GLY A 95 -7.44 -13.89 -12.72
N GLY A 96 -8.59 -14.29 -12.19
CA GLY A 96 -8.75 -14.46 -10.76
C GLY A 96 -8.66 -15.90 -10.35
N GLU A 97 -7.69 -16.58 -10.94
CA GLU A 97 -7.50 -18.01 -10.69
C GLU A 97 -6.69 -18.21 -9.42
N TYR A 98 -6.92 -19.32 -8.75
CA TYR A 98 -6.19 -19.65 -7.52
C TYR A 98 -4.82 -20.22 -7.88
N ASP A 99 -4.12 -19.48 -8.71
CA ASP A 99 -2.79 -19.86 -9.19
C ASP A 99 -1.81 -20.05 -8.03
N GLY A 100 -1.94 -19.22 -7.01
CA GLY A 100 -1.06 -19.29 -5.87
C GLY A 100 -0.37 -17.98 -5.60
N MET A 101 -0.42 -17.09 -6.59
CA MET A 101 0.18 -15.77 -6.46
C MET A 101 -0.90 -14.70 -6.30
N GLN A 102 -1.65 -14.80 -5.22
CA GLN A 102 -2.62 -13.77 -4.88
C GLN A 102 -1.91 -12.56 -4.29
N ASP A 103 -1.40 -11.73 -5.17
CA ASP A 103 -0.61 -10.57 -4.76
C ASP A 103 -1.53 -9.44 -4.33
N GLU A 104 -2.78 -9.50 -4.79
CA GLU A 104 -3.77 -8.51 -4.42
C GLU A 104 -4.93 -9.17 -3.67
N PRO A 105 -4.82 -9.31 -2.34
CA PRO A 105 -5.89 -9.86 -1.52
C PRO A 105 -7.06 -8.88 -1.38
N ARG A 106 -7.97 -8.96 -2.36
CA ARG A 106 -9.14 -8.08 -2.44
C ARG A 106 -9.87 -7.96 -1.11
N TYR A 107 -10.22 -9.11 -0.54
CA TYR A 107 -10.98 -9.15 0.71
C TYR A 107 -10.25 -8.51 1.88
N MET A 108 -8.92 -8.62 1.91
CA MET A 108 -8.16 -8.10 3.04
C MET A 108 -8.07 -6.59 2.96
N MET A 109 -7.94 -6.10 1.73
CA MET A 109 -7.88 -4.66 1.49
C MET A 109 -9.20 -4.01 1.90
N LEU A 110 -10.30 -4.66 1.51
CA LEU A 110 -11.64 -4.20 1.89
C LEU A 110 -11.77 -4.14 3.41
N ALA A 111 -11.29 -5.19 4.07
CA ALA A 111 -11.33 -5.27 5.52
C ALA A 111 -10.53 -4.15 6.17
N ARG A 112 -9.30 -3.94 5.68
CA ARG A 112 -8.43 -2.88 6.19
C ARG A 112 -9.07 -1.51 6.02
N GLU A 113 -9.57 -1.22 4.82
CA GLU A 113 -10.27 0.04 4.56
C GLU A 113 -11.41 0.21 5.56
N ALA A 114 -12.22 -0.83 5.71
CA ALA A 114 -13.34 -0.82 6.63
C ALA A 114 -12.92 -0.37 8.03
N GLU A 115 -11.94 -1.07 8.60
CA GLU A 115 -11.43 -0.73 9.92
C GLU A 115 -10.91 0.71 10.00
N MET A 116 -10.13 1.12 9.00
CA MET A 116 -9.56 2.46 8.99
C MET A 116 -10.66 3.50 8.91
N LEU A 117 -11.59 3.31 7.97
CA LEU A 117 -12.72 4.20 7.77
C LEU A 117 -13.68 4.21 8.98
N PHE A 118 -13.75 3.11 9.73
CA PHE A 118 -14.64 3.03 10.88
C PHE A 118 -14.04 3.73 12.10
N THR A 119 -12.72 3.83 12.17
CA THR A 119 -12.09 4.46 13.32
C THR A 119 -11.95 5.99 13.15
N GLY A 120 -11.29 6.41 12.09
CA GLY A 120 -11.10 7.83 11.85
C GLY A 120 -9.78 8.11 11.18
N GLY A 121 -9.28 9.33 11.29
CA GLY A 121 -8.00 9.66 10.71
C GLY A 121 -7.73 11.14 10.61
N TYR A 122 -8.37 11.92 11.48
CA TYR A 122 -8.15 13.38 11.54
C TYR A 122 -8.28 14.02 10.16
N GLY A 123 -9.45 13.91 9.59
CA GLY A 123 -9.68 14.41 8.24
C GLY A 123 -10.43 13.41 7.41
N LEU A 124 -10.39 12.15 7.85
CA LEU A 124 -11.14 11.08 7.21
C LEU A 124 -12.51 10.99 7.86
N GLU A 125 -13.50 10.56 7.08
CA GLU A 125 -14.88 10.51 7.56
C GLU A 125 -15.09 9.37 8.57
N LYS A 126 -15.60 9.71 9.74
CA LYS A 126 -16.03 8.71 10.71
C LYS A 126 -17.41 8.20 10.29
N ASP A 127 -17.43 7.38 9.25
CA ASP A 127 -18.68 6.94 8.66
C ASP A 127 -18.87 5.43 8.86
N PRO A 128 -19.69 5.06 9.85
CA PRO A 128 -19.92 3.66 10.22
C PRO A 128 -20.67 2.87 9.14
N GLN A 129 -21.58 3.55 8.44
CA GLN A 129 -22.46 2.87 7.48
C GLN A 129 -21.70 2.34 6.27
N ARG A 130 -20.66 3.06 5.85
CA ARG A 130 -19.90 2.62 4.69
C ARG A 130 -18.94 1.52 5.11
N SER A 131 -18.54 1.55 6.38
CA SER A 131 -17.63 0.56 6.92
C SER A 131 -18.32 -0.79 7.05
N GLY A 132 -19.51 -0.80 7.67
CA GLY A 132 -20.28 -2.02 7.76
C GLY A 132 -20.50 -2.66 6.42
N ASP A 133 -20.96 -1.85 5.47
CA ASP A 133 -21.10 -2.27 4.08
C ASP A 133 -19.80 -2.88 3.56
N LEU A 134 -18.67 -2.19 3.81
CA LEU A 134 -17.36 -2.69 3.39
C LEU A 134 -17.02 -4.04 4.01
N TYR A 135 -17.38 -4.28 5.27
CA TYR A 135 -17.12 -5.59 5.88
C TYR A 135 -17.92 -6.65 5.16
N THR A 136 -19.13 -6.28 4.73
CA THR A 136 -19.98 -7.22 4.02
C THR A 136 -19.38 -7.53 2.66
N GLN A 137 -18.92 -6.51 1.95
CA GLN A 137 -18.29 -6.69 0.65
C GLN A 137 -17.03 -7.54 0.78
N ALA A 138 -16.23 -7.28 1.82
CA ALA A 138 -15.06 -8.08 2.10
C ALA A 138 -15.43 -9.55 2.30
N ALA A 139 -16.44 -9.76 3.12
CA ALA A 139 -16.94 -11.10 3.39
C ALA A 139 -17.52 -11.75 2.13
N GLU A 140 -18.16 -10.98 1.26
CA GLU A 140 -18.70 -11.54 0.02
C GLU A 140 -17.54 -11.94 -0.90
N ALA A 141 -16.51 -11.10 -0.92
CA ALA A 141 -15.30 -11.39 -1.69
C ALA A 141 -14.62 -12.64 -1.14
N ALA A 142 -14.68 -12.83 0.17
CA ALA A 142 -14.08 -13.99 0.81
C ALA A 142 -14.88 -15.24 0.49
N MET A 143 -16.20 -15.11 0.54
CA MET A 143 -17.10 -16.20 0.11
C MET A 143 -16.80 -16.60 -1.33
N GLU A 144 -16.61 -15.60 -2.18
CA GLU A 144 -16.30 -15.86 -3.59
C GLU A 144 -14.91 -16.48 -3.70
N ALA A 145 -14.03 -16.13 -2.77
CA ALA A 145 -12.69 -16.69 -2.73
C ALA A 145 -12.64 -18.05 -2.04
N MET A 146 -13.81 -18.63 -1.79
CA MET A 146 -13.92 -19.95 -1.14
C MET A 146 -13.31 -19.92 0.27
N LYS A 147 -13.36 -18.74 0.89
CA LYS A 147 -12.87 -18.59 2.25
C LYS A 147 -14.04 -18.42 3.22
N GLY A 148 -14.71 -19.54 3.51
CA GLY A 148 -15.92 -19.50 4.33
C GLY A 148 -15.69 -18.93 5.72
N ARG A 149 -14.64 -19.40 6.39
CA ARG A 149 -14.37 -19.01 7.77
C ARG A 149 -14.14 -17.49 7.89
N LEU A 150 -13.31 -16.93 7.02
CA LEU A 150 -12.99 -15.51 7.07
C LEU A 150 -14.22 -14.68 6.73
N ALA A 151 -15.01 -15.18 5.78
CA ALA A 151 -16.25 -14.52 5.39
C ALA A 151 -17.22 -14.43 6.56
N ASN A 152 -17.37 -15.53 7.29
CA ASN A 152 -18.31 -15.55 8.41
C ASN A 152 -17.77 -14.74 9.57
N GLN A 153 -16.45 -14.52 9.59
CA GLN A 153 -15.83 -13.74 10.64
C GLN A 153 -16.14 -12.26 10.45
N TYR A 154 -15.83 -11.74 9.25
CA TYR A 154 -16.16 -10.35 8.96
C TYR A 154 -17.67 -10.15 8.85
N TYR A 155 -18.42 -11.19 8.54
CA TYR A 155 -19.88 -11.09 8.53
C TYR A 155 -20.37 -10.89 9.96
N GLN A 156 -19.77 -11.62 10.90
CA GLN A 156 -20.08 -11.46 12.31
C GLN A 156 -19.69 -10.04 12.75
N LYS A 157 -18.57 -9.53 12.24
CA LYS A 157 -18.16 -8.15 12.50
C LYS A 157 -19.15 -7.14 11.88
N ALA A 158 -19.73 -7.51 10.73
CA ALA A 158 -20.71 -6.65 10.08
C ALA A 158 -21.96 -6.49 10.94
N GLU A 159 -22.43 -7.58 11.53
CA GLU A 159 -23.59 -7.53 12.40
C GLU A 159 -23.25 -6.75 13.68
N GLU A 160 -21.99 -6.88 14.09
CA GLU A 160 -21.46 -6.14 15.23
C GLU A 160 -21.52 -4.64 14.95
N ALA A 161 -21.12 -4.25 13.73
CA ALA A 161 -21.10 -2.86 13.33
C ALA A 161 -22.48 -2.23 13.43
N TRP A 162 -23.48 -2.87 12.84
CA TRP A 162 -24.82 -2.29 12.84
C TRP A 162 -25.42 -2.34 14.26
N ALA A 163 -24.91 -3.23 15.10
CA ALA A 163 -25.33 -3.31 16.49
C ALA A 163 -24.83 -2.10 17.29
N GLN A 164 -23.64 -1.62 16.95
CA GLN A 164 -23.07 -0.44 17.61
C GLN A 164 -23.45 0.83 16.84
N MET A 165 -24.08 0.64 15.69
CA MET A 165 -24.61 1.75 14.92
C MET A 165 -25.99 2.14 15.44
N GLU A 166 -26.92 1.20 15.37
CA GLU A 166 -28.26 1.42 15.87
C GLU A 166 -28.39 0.80 17.25
N GLU A 167 -28.00 1.55 18.25
CA GLU A 167 -28.02 1.06 19.62
C GLU A 167 -29.38 1.33 20.26
N SER A 1 40.69 -13.44 -12.60
CA SER A 1 41.53 -13.31 -11.38
C SER A 1 40.76 -12.58 -10.29
N HIS A 2 39.94 -11.62 -10.67
CA HIS A 2 39.16 -10.85 -9.71
C HIS A 2 37.73 -11.37 -9.63
N MET A 3 37.51 -12.30 -8.72
CA MET A 3 36.19 -12.87 -8.51
C MET A 3 35.96 -13.08 -7.03
N GLY A 4 35.77 -12.00 -6.31
CA GLY A 4 35.58 -12.07 -4.87
C GLY A 4 34.56 -11.07 -4.38
N GLU A 5 33.72 -11.50 -3.46
CA GLU A 5 32.67 -10.66 -2.93
C GLU A 5 33.12 -10.01 -1.62
N LEU A 6 32.58 -8.83 -1.35
CA LEU A 6 32.85 -8.15 -0.10
C LEU A 6 31.55 -7.87 0.64
N GLU A 7 30.89 -8.94 1.05
CA GLU A 7 29.66 -8.83 1.81
C GLU A 7 29.96 -8.82 3.29
N ALA A 8 31.08 -9.43 3.66
CA ALA A 8 31.51 -9.46 5.05
C ALA A 8 32.44 -8.29 5.33
N ILE A 9 31.83 -7.13 5.50
CA ILE A 9 32.55 -5.90 5.70
C ILE A 9 32.31 -5.37 7.11
N VAL A 10 33.27 -4.62 7.63
CA VAL A 10 33.18 -4.10 8.98
C VAL A 10 33.33 -2.58 8.98
N GLY A 11 33.12 -1.97 10.13
CA GLY A 11 33.19 -0.52 10.23
C GLY A 11 31.83 0.12 10.14
N LEU A 12 31.78 1.40 9.85
CA LEU A 12 30.51 2.12 9.76
C LEU A 12 30.44 2.94 8.48
N GLY A 13 31.37 2.66 7.56
CA GLY A 13 31.40 3.36 6.29
C GLY A 13 31.65 4.84 6.45
N LEU A 14 30.63 5.65 6.19
CA LEU A 14 30.75 7.09 6.26
C LEU A 14 29.96 7.66 7.43
N MET A 15 29.28 6.79 8.15
CA MET A 15 28.37 7.22 9.21
C MET A 15 29.04 7.09 10.58
N TYR A 16 29.87 8.06 10.92
CA TYR A 16 30.46 8.13 12.25
C TYR A 16 29.47 8.80 13.19
N SER A 17 28.94 9.93 12.73
CA SER A 17 27.93 10.67 13.48
C SER A 17 27.07 11.46 12.50
N GLN A 18 27.71 12.36 11.76
CA GLN A 18 27.02 13.17 10.76
C GLN A 18 28.05 13.69 9.76
N LEU A 19 27.62 14.01 8.55
CA LEU A 19 28.51 14.55 7.54
C LEU A 19 28.15 16.01 7.25
N PRO A 20 28.75 16.96 8.00
CA PRO A 20 28.56 18.39 7.75
C PRO A 20 29.06 18.80 6.37
N HIS A 21 28.15 19.20 5.51
CA HIS A 21 28.49 19.51 4.13
C HIS A 21 29.07 20.91 4.00
N HIS A 22 29.02 21.67 5.09
CA HIS A 22 29.60 23.00 5.13
C HIS A 22 31.12 22.92 5.00
N ILE A 23 31.70 21.86 5.56
CA ILE A 23 33.14 21.69 5.55
C ILE A 23 33.57 20.68 4.50
N LEU A 24 34.75 20.89 3.93
CA LEU A 24 35.28 19.99 2.92
C LEU A 24 36.11 18.90 3.56
N ALA A 25 35.49 18.17 4.49
CA ALA A 25 36.17 17.11 5.20
C ALA A 25 35.20 15.97 5.51
N ASP A 26 34.42 15.60 4.50
CA ASP A 26 33.46 14.52 4.65
C ASP A 26 34.03 13.23 4.10
N VAL A 27 33.96 12.17 4.89
CA VAL A 27 34.49 10.88 4.50
C VAL A 27 33.40 10.04 3.82
N SER A 28 32.76 10.63 2.81
CA SER A 28 31.68 9.96 2.11
C SER A 28 32.23 9.08 0.99
N LEU A 29 32.21 7.77 1.21
CA LEU A 29 32.64 6.83 0.18
C LEU A 29 31.42 6.14 -0.41
N LYS A 30 31.38 6.07 -1.73
CA LYS A 30 30.24 5.51 -2.45
C LYS A 30 28.97 6.26 -2.07
N GLU A 31 28.96 7.56 -2.33
CA GLU A 31 27.82 8.41 -2.04
C GLU A 31 26.74 8.17 -3.09
N THR A 32 26.04 7.08 -2.93
CA THR A 32 25.03 6.66 -3.89
C THR A 32 23.78 7.53 -3.81
N GLU A 33 23.80 8.64 -4.54
CA GLU A 33 22.68 9.57 -4.56
C GLU A 33 21.71 9.21 -5.68
N GLU A 34 22.17 8.38 -6.60
CA GLU A 34 21.35 7.93 -7.71
C GLU A 34 20.23 7.00 -7.20
N ASN A 35 20.27 6.68 -5.92
CA ASN A 35 19.23 5.87 -5.30
C ASN A 35 18.02 6.73 -4.99
N LYS A 36 18.27 7.95 -4.51
CA LYS A 36 17.21 8.86 -4.11
C LYS A 36 16.43 9.41 -5.31
N THR A 37 17.02 9.35 -6.50
CA THR A 37 16.35 9.84 -7.70
C THR A 37 15.16 8.94 -8.03
N LYS A 38 15.26 7.68 -7.63
CA LYS A 38 14.17 6.73 -7.80
C LYS A 38 13.49 6.45 -6.46
N GLY A 39 13.39 7.48 -5.63
CA GLY A 39 12.76 7.34 -4.34
C GLY A 39 11.25 7.55 -4.40
N PHE A 40 10.68 7.95 -3.27
CA PHE A 40 9.24 8.17 -3.12
C PHE A 40 8.62 8.93 -4.31
N ASP A 41 9.29 9.96 -4.81
CA ASP A 41 8.70 10.82 -5.84
C ASP A 41 8.50 10.07 -7.16
N TYR A 42 9.31 9.05 -7.39
CA TYR A 42 9.19 8.27 -8.63
C TYR A 42 7.98 7.36 -8.52
N LEU A 43 7.84 6.69 -7.37
CA LEU A 43 6.68 5.83 -7.11
C LEU A 43 5.38 6.62 -7.23
N LEU A 44 5.39 7.85 -6.72
CA LEU A 44 4.21 8.70 -6.76
C LEU A 44 3.94 9.24 -8.17
N LYS A 45 5.00 9.44 -8.95
CA LYS A 45 4.82 9.89 -10.33
C LYS A 45 4.23 8.75 -11.15
N ALA A 46 4.54 7.52 -10.76
CA ALA A 46 3.98 6.35 -11.40
C ALA A 46 2.59 6.08 -10.85
N ALA A 47 2.37 6.50 -9.61
CA ALA A 47 1.05 6.44 -9.02
C ALA A 47 0.10 7.36 -9.77
N GLU A 48 0.54 8.57 -10.08
CA GLU A 48 -0.24 9.49 -10.90
C GLU A 48 -0.26 9.03 -12.36
N ALA A 49 0.70 8.19 -12.74
CA ALA A 49 0.70 7.61 -14.08
C ALA A 49 -0.39 6.55 -14.22
N GLY A 50 -0.68 5.83 -13.14
CA GLY A 50 -1.74 4.84 -13.16
C GLY A 50 -1.26 3.45 -12.83
N ASP A 51 -0.01 3.33 -12.40
CA ASP A 51 0.54 2.02 -12.04
C ASP A 51 0.02 1.58 -10.69
N ARG A 52 -0.77 0.51 -10.73
CA ARG A 52 -1.41 -0.04 -9.55
C ARG A 52 -0.42 -0.35 -8.42
N GLN A 53 0.61 -1.15 -8.69
CA GLN A 53 1.53 -1.58 -7.64
C GLN A 53 2.25 -0.38 -6.99
N SER A 54 2.62 0.61 -7.81
CA SER A 54 3.31 1.78 -7.29
C SER A 54 2.35 2.62 -6.46
N MET A 55 1.09 2.62 -6.90
CA MET A 55 0.03 3.34 -6.24
C MET A 55 -0.27 2.73 -4.87
N ILE A 56 -0.26 1.41 -4.82
CA ILE A 56 -0.52 0.70 -3.57
C ILE A 56 0.64 0.89 -2.60
N LEU A 57 1.86 0.97 -3.13
CA LEU A 57 3.04 1.19 -2.29
C LEU A 57 3.00 2.57 -1.64
N VAL A 58 2.71 3.63 -2.40
CA VAL A 58 2.66 4.97 -1.80
C VAL A 58 1.52 5.04 -0.78
N ALA A 59 0.42 4.35 -1.07
CA ALA A 59 -0.67 4.21 -0.11
C ALA A 59 -0.15 3.68 1.22
N ARG A 60 0.40 2.48 1.19
CA ARG A 60 0.95 1.83 2.38
C ARG A 60 2.07 2.65 3.00
N ALA A 61 2.77 3.40 2.18
CA ALA A 61 3.84 4.27 2.66
C ALA A 61 3.25 5.34 3.57
N PHE A 62 2.10 5.87 3.18
CA PHE A 62 1.41 6.90 3.98
C PHE A 62 0.81 6.35 5.27
N ASP A 63 0.28 5.12 5.24
CA ASP A 63 -0.39 4.59 6.43
C ASP A 63 0.56 3.84 7.35
N SER A 64 1.45 3.06 6.76
CA SER A 64 2.37 2.23 7.54
C SER A 64 3.67 2.97 7.85
N GLY A 65 3.85 4.13 7.23
CA GLY A 65 5.00 4.98 7.50
C GLY A 65 6.33 4.33 7.15
N GLN A 66 6.34 3.47 6.13
CA GLN A 66 7.52 2.71 5.77
C GLN A 66 8.56 3.58 5.06
N ASN A 67 8.29 3.89 3.79
CA ASN A 67 9.25 4.62 2.97
C ASN A 67 8.74 6.02 2.65
N LEU A 68 8.05 6.59 3.62
CA LEU A 68 7.44 7.91 3.46
C LEU A 68 8.48 9.02 3.64
N SER A 69 9.58 8.68 4.32
CA SER A 69 10.60 9.64 4.73
C SER A 69 10.06 10.50 5.87
N PRO A 70 10.85 10.68 6.96
CA PRO A 70 10.39 11.42 8.16
C PRO A 70 10.17 12.92 7.90
N ASP A 71 10.31 13.33 6.64
CA ASP A 71 10.11 14.73 6.26
C ASP A 71 8.65 14.98 5.86
N ARG A 72 7.82 13.94 5.92
CA ARG A 72 6.41 14.05 5.51
C ARG A 72 5.51 13.44 6.57
N CYS A 73 4.31 14.00 6.72
CA CYS A 73 3.35 13.55 7.73
C CYS A 73 2.42 12.48 7.15
N GLN A 74 1.96 11.58 8.01
CA GLN A 74 1.10 10.48 7.57
C GLN A 74 -0.35 10.92 7.44
N ASP A 75 -0.84 10.97 6.22
CA ASP A 75 -2.22 11.35 5.95
C ASP A 75 -3.00 10.16 5.42
N TRP A 76 -3.88 9.62 6.24
CA TRP A 76 -4.66 8.45 5.86
C TRP A 76 -5.77 8.79 4.86
N LEU A 77 -5.98 10.07 4.59
CA LEU A 77 -6.99 10.46 3.60
C LEU A 77 -6.45 10.19 2.20
N GLU A 78 -5.20 10.58 1.96
CA GLU A 78 -4.55 10.30 0.69
C GLU A 78 -4.38 8.79 0.51
N ALA A 79 -3.96 8.13 1.59
CA ALA A 79 -3.87 6.68 1.61
C ALA A 79 -5.17 6.03 1.16
N LEU A 80 -6.28 6.42 1.81
CA LEU A 80 -7.60 5.94 1.39
C LEU A 80 -7.82 6.20 -0.09
N HIS A 81 -7.61 7.45 -0.52
CA HIS A 81 -7.71 7.84 -1.93
C HIS A 81 -6.96 6.88 -2.85
N TRP A 82 -5.74 6.50 -2.47
CA TRP A 82 -4.90 5.67 -3.32
C TRP A 82 -5.35 4.20 -3.31
N TYR A 83 -5.85 3.75 -2.16
CA TYR A 83 -6.47 2.42 -2.10
C TYR A 83 -7.78 2.43 -2.87
N ASN A 84 -8.49 3.55 -2.79
CA ASN A 84 -9.75 3.73 -3.47
C ASN A 84 -9.58 3.55 -4.97
N THR A 85 -8.66 4.31 -5.57
CA THR A 85 -8.35 4.17 -6.99
C THR A 85 -8.03 2.71 -7.36
N ALA A 86 -7.16 2.05 -6.60
CA ALA A 86 -6.84 0.65 -6.85
C ALA A 86 -8.08 -0.23 -6.79
N LEU A 87 -8.88 -0.02 -5.75
CA LEU A 87 -10.13 -0.77 -5.55
C LEU A 87 -11.16 -0.49 -6.66
N GLU A 88 -11.11 0.69 -7.25
CA GLU A 88 -12.11 1.07 -8.26
C GLU A 88 -11.69 0.64 -9.66
N MET A 89 -10.39 0.62 -9.94
CA MET A 89 -9.91 0.26 -11.28
C MET A 89 -9.41 -1.18 -11.30
N THR A 90 -9.99 -2.03 -10.46
CA THR A 90 -9.63 -3.43 -10.43
C THR A 90 -10.10 -4.14 -11.70
N ASP A 91 -9.18 -4.38 -12.60
CA ASP A 91 -9.51 -4.96 -13.91
C ASP A 91 -9.07 -6.42 -13.98
N CYS A 92 -8.85 -7.00 -12.83
CA CYS A 92 -8.41 -8.39 -12.74
C CYS A 92 -9.58 -9.35 -12.96
N ASP A 93 -10.77 -8.80 -13.16
CA ASP A 93 -11.96 -9.60 -13.44
C ASP A 93 -12.01 -9.93 -14.92
N GLU A 94 -11.36 -9.08 -15.72
CA GLU A 94 -11.33 -9.27 -17.16
C GLU A 94 -10.11 -10.11 -17.54
N GLY A 95 -9.68 -10.95 -16.60
CA GLY A 95 -8.51 -11.76 -16.82
C GLY A 95 -8.70 -12.77 -17.93
N GLY A 96 -9.69 -13.63 -17.77
CA GLY A 96 -9.94 -14.66 -18.75
C GLY A 96 -9.39 -15.99 -18.27
N GLU A 97 -8.25 -15.91 -17.61
CA GLU A 97 -7.62 -17.07 -17.01
C GLU A 97 -7.37 -16.79 -15.53
N TYR A 98 -7.78 -17.72 -14.67
CA TYR A 98 -7.62 -17.53 -13.24
C TYR A 98 -6.32 -18.17 -12.77
N ASP A 99 -5.28 -17.36 -12.64
CA ASP A 99 -3.99 -17.85 -12.15
C ASP A 99 -3.92 -17.78 -10.63
N GLY A 100 -4.82 -16.99 -10.05
CA GLY A 100 -4.85 -16.82 -8.61
C GLY A 100 -3.79 -15.84 -8.13
N MET A 101 -3.35 -14.98 -9.04
CA MET A 101 -2.28 -14.05 -8.75
C MET A 101 -2.83 -12.71 -8.29
N GLN A 102 -3.03 -12.56 -6.98
CA GLN A 102 -3.47 -11.30 -6.42
C GLN A 102 -2.30 -10.56 -5.80
N ASP A 103 -2.05 -9.35 -6.28
CA ASP A 103 -1.04 -8.48 -5.66
C ASP A 103 -1.60 -7.95 -4.35
N GLU A 104 -2.91 -8.09 -4.19
CA GLU A 104 -3.60 -7.73 -2.98
C GLU A 104 -4.86 -8.58 -2.85
N PRO A 105 -4.89 -9.52 -1.89
CA PRO A 105 -6.05 -10.37 -1.63
C PRO A 105 -7.33 -9.56 -1.42
N ARG A 106 -8.24 -9.65 -2.39
CA ARG A 106 -9.40 -8.77 -2.46
C ARG A 106 -10.13 -8.62 -1.13
N TYR A 107 -10.51 -9.74 -0.53
CA TYR A 107 -11.29 -9.71 0.69
C TYR A 107 -10.53 -9.07 1.86
N MET A 108 -9.20 -9.16 1.84
CA MET A 108 -8.41 -8.65 2.94
C MET A 108 -8.29 -7.13 2.87
N MET A 109 -8.21 -6.60 1.66
CA MET A 109 -8.07 -5.16 1.47
C MET A 109 -9.39 -4.48 1.80
N LEU A 110 -10.49 -5.12 1.42
CA LEU A 110 -11.82 -4.64 1.79
C LEU A 110 -11.97 -4.55 3.30
N ALA A 111 -11.57 -5.62 3.98
CA ALA A 111 -11.65 -5.70 5.43
C ALA A 111 -10.73 -4.67 6.10
N ARG A 112 -9.51 -4.57 5.60
CA ARG A 112 -8.51 -3.63 6.12
C ARG A 112 -8.97 -2.18 5.94
N GLU A 113 -9.34 -1.81 4.73
CA GLU A 113 -9.81 -0.46 4.44
C GLU A 113 -11.07 -0.14 5.23
N ALA A 114 -11.97 -1.12 5.40
CA ALA A 114 -13.12 -0.97 6.27
C ALA A 114 -12.69 -0.55 7.67
N GLU A 115 -11.73 -1.28 8.24
CA GLU A 115 -11.12 -0.92 9.52
C GLU A 115 -10.68 0.54 9.55
N MET A 116 -9.82 0.90 8.61
CA MET A 116 -9.25 2.24 8.55
C MET A 116 -10.35 3.31 8.46
N LEU A 117 -11.26 3.14 7.52
CA LEU A 117 -12.34 4.09 7.28
C LEU A 117 -13.34 4.14 8.45
N PHE A 118 -13.47 3.04 9.18
CA PHE A 118 -14.42 2.99 10.30
C PHE A 118 -13.81 3.56 11.57
N THR A 119 -12.48 3.62 11.64
CA THR A 119 -11.82 4.19 12.81
C THR A 119 -12.02 5.71 12.82
N GLY A 120 -11.53 6.41 11.80
CA GLY A 120 -11.73 7.83 11.71
C GLY A 120 -10.66 8.61 12.45
N GLY A 121 -10.62 9.92 12.21
CA GLY A 121 -9.65 10.76 12.86
C GLY A 121 -8.49 11.12 11.94
N TYR A 122 -7.92 12.31 12.16
CA TYR A 122 -6.76 12.78 11.40
C TYR A 122 -7.09 12.99 9.94
N GLY A 123 -8.02 13.88 9.66
CA GLY A 123 -8.32 14.26 8.29
C GLY A 123 -9.15 13.23 7.56
N LEU A 124 -9.72 12.31 8.31
CA LEU A 124 -10.55 11.27 7.73
C LEU A 124 -11.84 11.11 8.52
N GLU A 125 -12.94 11.02 7.79
CA GLU A 125 -14.27 10.92 8.41
C GLU A 125 -14.54 9.51 8.92
N LYS A 126 -15.41 9.41 9.91
CA LYS A 126 -15.79 8.12 10.47
C LYS A 126 -17.15 7.71 9.90
N ASP A 127 -17.13 6.90 8.86
CA ASP A 127 -18.35 6.53 8.17
C ASP A 127 -18.73 5.09 8.46
N PRO A 128 -19.70 4.88 9.36
CA PRO A 128 -20.17 3.54 9.74
C PRO A 128 -20.78 2.75 8.57
N GLN A 129 -21.62 3.39 7.77
CA GLN A 129 -22.38 2.67 6.75
C GLN A 129 -21.49 2.19 5.59
N ARG A 130 -20.48 2.98 5.24
CA ARG A 130 -19.59 2.60 4.14
C ARG A 130 -18.69 1.47 4.60
N SER A 131 -18.30 1.51 5.86
CA SER A 131 -17.43 0.50 6.43
C SER A 131 -18.17 -0.83 6.58
N GLY A 132 -19.37 -0.77 7.15
CA GLY A 132 -20.20 -1.96 7.25
C GLY A 132 -20.37 -2.64 5.91
N ASP A 133 -20.79 -1.87 4.93
CA ASP A 133 -20.90 -2.35 3.56
C ASP A 133 -19.58 -2.96 3.08
N LEU A 134 -18.46 -2.28 3.36
CA LEU A 134 -17.14 -2.82 2.99
C LEU A 134 -16.88 -4.19 3.61
N TYR A 135 -17.25 -4.40 4.89
CA TYR A 135 -17.04 -5.70 5.50
C TYR A 135 -17.91 -6.75 4.81
N THR A 136 -19.09 -6.32 4.40
CA THR A 136 -20.03 -7.20 3.74
C THR A 136 -19.50 -7.61 2.36
N GLN A 137 -18.96 -6.64 1.60
CA GLN A 137 -18.33 -6.95 0.33
C GLN A 137 -17.17 -7.92 0.53
N ALA A 138 -16.39 -7.67 1.58
CA ALA A 138 -15.25 -8.51 1.92
C ALA A 138 -15.70 -9.94 2.16
N ALA A 139 -16.71 -10.09 3.01
CA ALA A 139 -17.25 -11.41 3.33
C ALA A 139 -17.87 -12.08 2.10
N GLU A 140 -18.49 -11.30 1.21
CA GLU A 140 -19.05 -11.87 -0.02
C GLU A 140 -17.91 -12.39 -0.90
N ALA A 141 -16.85 -11.58 -1.01
CA ALA A 141 -15.68 -11.95 -1.79
C ALA A 141 -15.00 -13.18 -1.20
N ALA A 142 -15.04 -13.31 0.13
CA ALA A 142 -14.45 -14.44 0.81
C ALA A 142 -15.27 -15.69 0.55
N MET A 143 -16.60 -15.56 0.63
CA MET A 143 -17.50 -16.66 0.29
C MET A 143 -17.24 -17.13 -1.14
N GLU A 144 -17.04 -16.18 -2.05
CA GLU A 144 -16.77 -16.49 -3.45
C GLU A 144 -15.39 -17.15 -3.58
N ALA A 145 -14.48 -16.75 -2.69
CA ALA A 145 -13.13 -17.32 -2.66
C ALA A 145 -13.08 -18.59 -1.80
N MET A 146 -14.26 -19.18 -1.55
CA MET A 146 -14.42 -20.39 -0.72
C MET A 146 -13.68 -20.26 0.61
N LYS A 147 -13.66 -19.05 1.14
CA LYS A 147 -13.08 -18.77 2.44
C LYS A 147 -14.20 -18.66 3.49
N GLY A 148 -14.65 -19.80 3.98
CA GLY A 148 -15.77 -19.84 4.91
C GLY A 148 -15.48 -19.10 6.22
N ARG A 149 -14.33 -19.39 6.81
CA ARG A 149 -13.96 -18.79 8.09
C ARG A 149 -13.92 -17.27 8.02
N LEU A 150 -13.20 -16.73 7.05
CA LEU A 150 -13.05 -15.29 6.92
C LEU A 150 -14.39 -14.64 6.62
N ALA A 151 -15.20 -15.29 5.80
CA ALA A 151 -16.52 -14.76 5.47
C ALA A 151 -17.38 -14.64 6.73
N ASN A 152 -17.42 -15.67 7.56
CA ASN A 152 -18.26 -15.63 8.75
C ASN A 152 -17.64 -14.73 9.81
N GLN A 153 -16.33 -14.53 9.73
CA GLN A 153 -15.64 -13.68 10.70
C GLN A 153 -15.92 -12.22 10.40
N TYR A 154 -15.66 -11.80 9.17
CA TYR A 154 -15.92 -10.43 8.76
C TYR A 154 -17.42 -10.13 8.78
N TYR A 155 -18.26 -11.16 8.59
CA TYR A 155 -19.69 -10.96 8.72
C TYR A 155 -20.05 -10.67 10.17
N GLN A 156 -19.39 -11.38 11.09
CA GLN A 156 -19.55 -11.11 12.51
C GLN A 156 -19.13 -9.66 12.82
N LYS A 157 -18.08 -9.19 12.13
CA LYS A 157 -17.66 -7.80 12.23
C LYS A 157 -18.76 -6.86 11.72
N ALA A 158 -19.38 -7.24 10.60
CA ALA A 158 -20.44 -6.43 10.00
C ALA A 158 -21.63 -6.28 10.93
N GLU A 159 -22.03 -7.37 11.59
CA GLU A 159 -23.16 -7.33 12.50
C GLU A 159 -22.83 -6.41 13.67
N GLU A 160 -21.58 -6.49 14.12
CA GLU A 160 -21.13 -5.68 15.24
C GLU A 160 -21.18 -4.21 14.86
N ALA A 161 -20.80 -3.90 13.61
CA ALA A 161 -20.81 -2.53 13.12
C ALA A 161 -22.21 -1.94 13.17
N TRP A 162 -23.20 -2.66 12.63
CA TRP A 162 -24.57 -2.12 12.61
C TRP A 162 -25.20 -2.18 14.00
N ALA A 163 -24.62 -2.99 14.88
CA ALA A 163 -25.09 -3.07 16.27
C ALA A 163 -24.70 -1.81 17.03
N GLN A 164 -23.48 -1.32 16.80
CA GLN A 164 -23.02 -0.09 17.47
C GLN A 164 -23.32 1.13 16.61
N MET A 165 -23.82 0.87 15.39
CA MET A 165 -24.22 1.93 14.48
C MET A 165 -25.45 2.66 15.03
N GLU A 166 -25.21 3.67 15.84
CA GLU A 166 -26.27 4.45 16.44
C GLU A 166 -26.79 5.48 15.44
N GLU A 167 -27.79 5.08 14.67
CA GLU A 167 -28.36 5.96 13.67
C GLU A 167 -29.86 6.11 13.92
N SER A 1 9.18 29.99 -52.58
CA SER A 1 8.96 29.39 -53.90
C SER A 1 10.17 29.60 -54.81
N HIS A 2 10.68 30.83 -54.85
CA HIS A 2 11.82 31.16 -55.70
C HIS A 2 13.06 30.38 -55.26
N MET A 3 13.23 30.24 -53.96
CA MET A 3 14.26 29.39 -53.41
C MET A 3 13.62 28.13 -52.83
N GLY A 4 14.44 27.14 -52.52
CA GLY A 4 13.92 25.91 -51.96
C GLY A 4 14.07 24.73 -52.90
N GLU A 5 13.62 24.89 -54.13
CA GLU A 5 13.66 23.81 -55.10
C GLU A 5 14.94 23.85 -55.92
N LEU A 6 15.20 25.00 -56.54
CA LEU A 6 16.38 25.17 -57.37
C LEU A 6 17.60 25.45 -56.51
N GLU A 7 17.40 26.19 -55.43
CA GLU A 7 18.47 26.52 -54.50
C GLU A 7 18.06 26.17 -53.08
N ALA A 8 18.78 25.25 -52.46
CA ALA A 8 18.49 24.86 -51.09
C ALA A 8 19.02 25.89 -50.12
N ILE A 9 18.18 26.88 -49.82
CA ILE A 9 18.55 27.94 -48.90
C ILE A 9 17.89 27.72 -47.55
N VAL A 10 18.59 27.02 -46.67
CA VAL A 10 18.07 26.76 -45.34
C VAL A 10 18.55 27.84 -44.38
N GLY A 11 17.89 28.99 -44.41
CA GLY A 11 18.27 30.10 -43.55
C GLY A 11 17.70 29.96 -42.15
N LEU A 12 16.78 29.02 -41.98
CA LEU A 12 16.20 28.75 -40.67
C LEU A 12 17.17 27.95 -39.81
N GLY A 13 18.23 28.61 -39.37
CA GLY A 13 19.22 27.97 -38.52
C GLY A 13 18.84 28.06 -37.07
N LEU A 14 17.84 27.29 -36.67
CA LEU A 14 17.33 27.33 -35.31
C LEU A 14 18.29 26.63 -34.34
N MET A 15 19.10 25.72 -34.88
CA MET A 15 20.07 25.00 -34.07
C MET A 15 21.24 25.91 -33.73
N TYR A 16 21.74 25.80 -32.51
CA TYR A 16 22.89 26.59 -32.10
C TYR A 16 24.17 25.82 -32.33
N SER A 17 24.86 26.19 -33.40
CA SER A 17 26.13 25.56 -33.74
C SER A 17 27.26 26.23 -32.96
N GLN A 18 27.01 27.46 -32.52
CA GLN A 18 27.97 28.20 -31.73
C GLN A 18 27.73 27.93 -30.24
N LEU A 19 28.40 26.92 -29.70
CA LEU A 19 28.24 26.56 -28.31
C LEU A 19 29.54 26.83 -27.54
N PRO A 20 29.71 28.05 -27.02
CA PRO A 20 30.92 28.44 -26.28
C PRO A 20 31.14 27.56 -25.05
N HIS A 21 32.29 26.89 -24.99
CA HIS A 21 32.59 25.99 -23.88
C HIS A 21 33.14 26.76 -22.69
N HIS A 22 33.35 28.06 -22.87
CA HIS A 22 33.79 28.92 -21.77
C HIS A 22 32.68 29.07 -20.74
N ILE A 23 31.46 29.30 -21.21
CA ILE A 23 30.34 29.51 -20.31
C ILE A 23 29.80 28.18 -19.78
N LEU A 24 29.91 27.98 -18.47
CA LEU A 24 29.39 26.79 -17.82
C LEU A 24 29.22 27.04 -16.33
N ALA A 25 28.29 26.33 -15.71
CA ALA A 25 27.99 26.54 -14.29
C ALA A 25 28.24 25.28 -13.50
N ASP A 26 27.69 24.17 -13.97
CA ASP A 26 27.83 22.89 -13.28
C ASP A 26 28.54 21.89 -14.16
N VAL A 27 29.69 21.43 -13.69
CA VAL A 27 30.43 20.38 -14.39
C VAL A 27 30.11 19.02 -13.80
N SER A 28 29.03 18.99 -13.04
CA SER A 28 28.56 17.76 -12.42
C SER A 28 27.18 17.38 -12.97
N LEU A 29 27.03 16.13 -13.38
CA LEU A 29 25.77 15.65 -13.93
C LEU A 29 24.70 15.65 -12.85
N LYS A 30 23.60 16.35 -13.12
CA LYS A 30 22.48 16.39 -12.19
C LYS A 30 21.43 15.37 -12.60
N GLU A 31 21.71 14.11 -12.31
CA GLU A 31 20.80 13.03 -12.65
C GLU A 31 20.82 11.98 -11.54
N THR A 32 19.90 12.12 -10.60
CA THR A 32 19.83 11.20 -9.48
C THR A 32 19.26 9.86 -9.93
N GLU A 33 20.15 9.02 -10.44
CA GLU A 33 19.77 7.74 -11.02
C GLU A 33 19.16 6.82 -9.97
N GLU A 34 19.64 6.91 -8.73
CA GLU A 34 19.14 6.06 -7.66
C GLU A 34 17.86 6.64 -7.05
N ASN A 35 17.49 7.85 -7.46
CA ASN A 35 16.29 8.50 -6.91
C ASN A 35 15.06 8.11 -7.72
N LYS A 36 15.25 7.90 -9.02
CA LYS A 36 14.15 7.46 -9.88
C LYS A 36 13.95 5.95 -9.79
N THR A 37 14.89 5.28 -9.16
CA THR A 37 14.79 3.85 -8.93
C THR A 37 14.29 3.56 -7.52
N LYS A 38 15.00 4.08 -6.53
CA LYS A 38 14.67 3.86 -5.13
C LYS A 38 14.22 5.17 -4.48
N GLY A 39 13.29 5.87 -5.11
CA GLY A 39 12.85 7.14 -4.59
C GLY A 39 11.35 7.31 -4.67
N PHE A 40 10.76 7.77 -3.56
CA PHE A 40 9.32 8.04 -3.49
C PHE A 40 8.77 8.77 -4.72
N ASP A 41 9.56 9.68 -5.30
CA ASP A 41 9.11 10.46 -6.47
C ASP A 41 8.68 9.56 -7.62
N TYR A 42 9.36 8.43 -7.79
CA TYR A 42 9.06 7.54 -8.90
C TYR A 42 7.76 6.80 -8.64
N LEU A 43 7.65 6.19 -7.46
CA LEU A 43 6.45 5.43 -7.09
C LEU A 43 5.19 6.29 -7.21
N LEU A 44 5.25 7.53 -6.74
CA LEU A 44 4.07 8.40 -6.78
C LEU A 44 3.84 8.96 -8.18
N LYS A 45 4.90 9.13 -8.97
CA LYS A 45 4.73 9.59 -10.35
C LYS A 45 4.09 8.46 -11.15
N ALA A 46 4.41 7.22 -10.78
CA ALA A 46 3.84 6.07 -11.45
C ALA A 46 2.45 5.80 -10.90
N ALA A 47 2.22 6.21 -9.67
CA ALA A 47 0.89 6.18 -9.07
C ALA A 47 -0.04 7.11 -9.85
N GLU A 48 0.43 8.31 -10.15
CA GLU A 48 -0.35 9.24 -10.96
C GLU A 48 -0.36 8.81 -12.43
N ALA A 49 0.59 7.94 -12.80
CA ALA A 49 0.60 7.38 -14.15
C ALA A 49 -0.49 6.30 -14.29
N GLY A 50 -0.81 5.63 -13.18
CA GLY A 50 -1.87 4.62 -13.22
C GLY A 50 -1.37 3.24 -12.88
N ASP A 51 -0.10 3.14 -12.48
CA ASP A 51 0.52 1.86 -12.18
C ASP A 51 -0.02 1.28 -10.88
N ARG A 52 -0.75 0.18 -11.02
CA ARG A 52 -1.39 -0.53 -9.91
C ARG A 52 -0.45 -0.77 -8.74
N GLN A 53 0.60 -1.55 -8.97
CA GLN A 53 1.51 -1.96 -7.90
C GLN A 53 2.16 -0.76 -7.22
N SER A 54 2.50 0.27 -7.99
CA SER A 54 3.14 1.45 -7.44
C SER A 54 2.13 2.26 -6.61
N MET A 55 0.90 2.28 -7.08
CA MET A 55 -0.19 2.99 -6.42
C MET A 55 -0.52 2.32 -5.09
N ILE A 56 -0.50 0.99 -5.09
CA ILE A 56 -0.77 0.24 -3.86
C ILE A 56 0.37 0.43 -2.88
N LEU A 57 1.59 0.53 -3.40
CA LEU A 57 2.77 0.76 -2.55
C LEU A 57 2.71 2.11 -1.85
N VAL A 58 2.40 3.19 -2.58
CA VAL A 58 2.32 4.50 -1.92
C VAL A 58 1.21 4.49 -0.87
N ALA A 59 0.10 3.82 -1.19
CA ALA A 59 -0.98 3.62 -0.22
C ALA A 59 -0.45 3.01 1.07
N ARG A 60 0.13 1.82 0.96
CA ARG A 60 0.72 1.12 2.09
C ARG A 60 1.79 1.97 2.78
N ALA A 61 2.51 2.78 2.00
CA ALA A 61 3.55 3.64 2.53
C ALA A 61 2.95 4.69 3.46
N PHE A 62 1.83 5.28 3.05
CA PHE A 62 1.13 6.25 3.86
C PHE A 62 0.53 5.61 5.11
N ASP A 63 0.08 4.37 4.98
CA ASP A 63 -0.51 3.63 6.09
C ASP A 63 0.55 3.18 7.09
N SER A 64 1.71 2.78 6.58
CA SER A 64 2.79 2.31 7.42
C SER A 64 3.47 3.48 8.13
N GLY A 65 3.60 4.59 7.42
CA GLY A 65 4.25 5.77 7.98
C GLY A 65 5.76 5.70 7.88
N GLN A 66 6.31 4.49 7.95
CA GLN A 66 7.76 4.29 7.96
C GLN A 66 8.37 4.59 6.59
N ASN A 67 7.86 3.94 5.55
CA ASN A 67 8.42 4.08 4.20
C ASN A 67 8.12 5.45 3.61
N LEU A 68 7.25 6.19 4.29
CA LEU A 68 6.91 7.55 3.89
C LEU A 68 8.00 8.52 4.35
N SER A 69 8.87 8.03 5.24
CA SER A 69 9.93 8.82 5.88
C SER A 69 9.33 9.78 6.91
N PRO A 70 9.88 9.82 8.14
CA PRO A 70 9.30 10.59 9.26
C PRO A 70 9.36 12.12 9.09
N ASP A 71 9.93 12.59 7.98
CA ASP A 71 10.02 14.03 7.74
C ASP A 71 8.77 14.56 7.04
N ARG A 72 7.76 13.70 6.93
CA ARG A 72 6.49 14.08 6.32
C ARG A 72 5.33 13.62 7.21
N CYS A 73 4.24 14.36 7.20
CA CYS A 73 3.09 14.08 8.05
C CYS A 73 2.27 12.91 7.51
N GLN A 74 1.87 12.02 8.41
CA GLN A 74 1.11 10.82 8.04
C GLN A 74 -0.39 11.01 8.29
N ASP A 75 -1.16 10.95 7.22
CA ASP A 75 -2.62 10.95 7.34
C ASP A 75 -3.18 9.73 6.62
N TRP A 76 -4.44 9.45 6.83
CA TRP A 76 -5.04 8.24 6.29
C TRP A 76 -6.06 8.57 5.20
N LEU A 77 -6.17 9.86 4.86
CA LEU A 77 -7.06 10.27 3.78
C LEU A 77 -6.43 9.95 2.44
N GLU A 78 -5.11 10.18 2.34
CA GLU A 78 -4.37 9.85 1.14
C GLU A 78 -4.37 8.36 0.91
N ALA A 79 -4.08 7.62 1.98
CA ALA A 79 -4.11 6.16 1.97
C ALA A 79 -5.46 5.65 1.48
N LEU A 80 -6.53 6.09 2.14
CA LEU A 80 -7.90 5.75 1.71
C LEU A 80 -8.06 6.04 0.21
N HIS A 81 -7.73 7.28 -0.18
CA HIS A 81 -7.81 7.70 -1.59
C HIS A 81 -7.12 6.73 -2.54
N TRP A 82 -5.89 6.33 -2.22
CA TRP A 82 -5.10 5.50 -3.13
C TRP A 82 -5.57 4.05 -3.13
N TYR A 83 -6.04 3.55 -2.00
CA TYR A 83 -6.67 2.24 -1.97
C TYR A 83 -7.99 2.28 -2.71
N ASN A 84 -8.69 3.41 -2.57
CA ASN A 84 -9.97 3.61 -3.21
C ASN A 84 -9.82 3.50 -4.71
N THR A 85 -8.93 4.30 -5.29
CA THR A 85 -8.65 4.24 -6.72
C THR A 85 -8.27 2.83 -7.15
N ALA A 86 -7.39 2.16 -6.40
CA ALA A 86 -6.99 0.81 -6.74
C ALA A 86 -8.20 -0.13 -6.80
N LEU A 87 -9.03 -0.11 -5.77
CA LEU A 87 -10.21 -0.98 -5.72
C LEU A 87 -11.26 -0.60 -6.76
N GLU A 88 -11.30 0.67 -7.16
CA GLU A 88 -12.32 1.13 -8.09
C GLU A 88 -11.92 1.02 -9.56
N MET A 89 -10.62 1.10 -9.86
CA MET A 89 -10.18 1.10 -11.26
C MET A 89 -9.83 -0.31 -11.76
N THR A 90 -10.06 -1.32 -10.93
CA THR A 90 -9.70 -2.67 -11.31
C THR A 90 -10.75 -3.31 -12.21
N ASP A 91 -10.73 -2.94 -13.47
CA ASP A 91 -11.63 -3.52 -14.46
C ASP A 91 -11.06 -4.84 -14.95
N CYS A 92 -9.78 -5.06 -14.66
CA CYS A 92 -9.09 -6.27 -15.10
C CYS A 92 -9.26 -7.40 -14.10
N ASP A 93 -9.94 -7.13 -12.99
CA ASP A 93 -10.18 -8.16 -11.97
C ASP A 93 -11.18 -9.19 -12.49
N GLU A 94 -12.01 -8.75 -13.43
CA GLU A 94 -12.96 -9.63 -14.09
C GLU A 94 -12.61 -9.78 -15.56
N GLY A 95 -11.31 -9.80 -15.84
CA GLY A 95 -10.83 -9.95 -17.19
C GLY A 95 -9.81 -8.91 -17.57
N GLY A 96 -8.57 -9.35 -17.81
CA GLY A 96 -7.53 -8.42 -18.21
C GLY A 96 -6.20 -8.74 -17.56
N GLU A 97 -6.19 -8.80 -16.24
CA GLU A 97 -4.96 -9.03 -15.49
C GLU A 97 -5.23 -9.99 -14.34
N TYR A 98 -4.48 -11.08 -14.27
CA TYR A 98 -4.65 -12.06 -13.20
C TYR A 98 -3.32 -12.53 -12.64
N ASP A 99 -2.26 -11.80 -12.93
CA ASP A 99 -0.93 -12.19 -12.50
C ASP A 99 -0.48 -11.45 -11.25
N GLY A 100 -0.53 -10.13 -11.28
CA GLY A 100 0.01 -9.35 -10.18
C GLY A 100 -1.04 -8.58 -9.39
N MET A 101 -2.14 -8.25 -10.03
CA MET A 101 -3.20 -7.47 -9.39
C MET A 101 -3.81 -8.20 -8.20
N GLN A 102 -3.55 -9.50 -8.09
CA GLN A 102 -4.16 -10.32 -7.05
C GLN A 102 -3.12 -10.87 -6.08
N ASP A 103 -1.95 -10.25 -6.05
CA ASP A 103 -0.91 -10.67 -5.10
C ASP A 103 -1.27 -10.22 -3.69
N GLU A 104 -2.17 -9.25 -3.62
CA GLU A 104 -2.74 -8.82 -2.36
C GLU A 104 -4.26 -8.93 -2.45
N PRO A 105 -4.80 -10.07 -1.99
CA PRO A 105 -6.22 -10.41 -2.13
C PRO A 105 -7.18 -9.27 -1.76
N ARG A 106 -8.18 -9.12 -2.61
CA ARG A 106 -9.19 -8.06 -2.50
C ARG A 106 -9.80 -7.97 -1.10
N TYR A 107 -10.08 -9.11 -0.48
CA TYR A 107 -10.80 -9.11 0.80
C TYR A 107 -10.00 -8.42 1.92
N MET A 108 -8.67 -8.51 1.90
CA MET A 108 -7.87 -7.96 2.99
C MET A 108 -7.81 -6.44 2.87
N MET A 109 -7.86 -5.96 1.63
CA MET A 109 -7.88 -4.52 1.37
C MET A 109 -9.21 -3.95 1.83
N LEU A 110 -10.28 -4.62 1.44
CA LEU A 110 -11.63 -4.21 1.80
C LEU A 110 -11.78 -4.14 3.32
N ALA A 111 -11.32 -5.19 3.99
CA ALA A 111 -11.41 -5.27 5.44
C ALA A 111 -10.60 -4.16 6.13
N ARG A 112 -9.36 -3.96 5.66
CA ARG A 112 -8.50 -2.91 6.18
C ARG A 112 -9.16 -1.53 6.02
N GLU A 113 -9.63 -1.23 4.81
CA GLU A 113 -10.29 0.04 4.53
C GLU A 113 -11.51 0.24 5.41
N ALA A 114 -12.32 -0.81 5.55
CA ALA A 114 -13.47 -0.78 6.43
C ALA A 114 -13.06 -0.36 7.84
N GLU A 115 -12.08 -1.08 8.40
CA GLU A 115 -11.49 -0.72 9.69
C GLU A 115 -11.08 0.75 9.75
N MET A 116 -10.26 1.17 8.79
CA MET A 116 -9.76 2.55 8.75
C MET A 116 -10.92 3.55 8.70
N LEU A 117 -11.86 3.33 7.79
CA LEU A 117 -13.03 4.20 7.65
C LEU A 117 -13.90 4.25 8.90
N PHE A 118 -14.01 3.14 9.62
CA PHE A 118 -14.89 3.08 10.78
C PHE A 118 -14.21 3.66 12.03
N THR A 119 -12.87 3.73 12.03
CA THR A 119 -12.16 4.30 13.16
C THR A 119 -11.92 5.81 13.00
N GLY A 120 -11.17 6.19 11.97
CA GLY A 120 -10.83 7.59 11.75
C GLY A 120 -9.52 7.72 11.01
N GLY A 121 -8.86 8.87 11.13
CA GLY A 121 -7.57 9.02 10.48
C GLY A 121 -7.18 10.46 10.19
N TYR A 122 -7.52 11.37 11.12
CA TYR A 122 -7.09 12.77 11.05
C TYR A 122 -7.30 13.39 9.66
N GLY A 123 -8.54 13.75 9.38
CA GLY A 123 -8.90 14.22 8.06
C GLY A 123 -9.87 13.27 7.41
N LEU A 124 -9.84 12.03 7.88
CA LEU A 124 -10.76 11.01 7.43
C LEU A 124 -11.91 10.89 8.43
N GLU A 125 -13.13 10.90 7.94
CA GLU A 125 -14.29 10.88 8.80
C GLU A 125 -14.71 9.44 9.13
N LYS A 126 -15.34 9.26 10.28
CA LYS A 126 -15.82 7.95 10.71
C LYS A 126 -17.16 7.66 10.04
N ASP A 127 -17.14 6.83 9.02
CA ASP A 127 -18.35 6.50 8.28
C ASP A 127 -18.78 5.06 8.54
N PRO A 128 -19.79 4.87 9.42
CA PRO A 128 -20.26 3.54 9.81
C PRO A 128 -20.89 2.77 8.64
N GLN A 129 -21.71 3.44 7.84
CA GLN A 129 -22.48 2.76 6.79
C GLN A 129 -21.58 2.28 5.66
N ARG A 130 -20.56 3.05 5.31
CA ARG A 130 -19.66 2.67 4.22
C ARG A 130 -18.77 1.53 4.69
N SER A 131 -18.43 1.55 5.97
CA SER A 131 -17.60 0.52 6.55
C SER A 131 -18.37 -0.80 6.62
N GLY A 132 -19.61 -0.75 7.11
CA GLY A 132 -20.46 -1.93 7.12
C GLY A 132 -20.54 -2.59 5.76
N ASP A 133 -20.94 -1.82 4.76
CA ASP A 133 -20.97 -2.30 3.38
C ASP A 133 -19.62 -2.88 2.98
N LEU A 134 -18.53 -2.17 3.29
CA LEU A 134 -17.19 -2.65 2.97
C LEU A 134 -16.88 -4.02 3.59
N TYR A 135 -17.30 -4.25 4.85
CA TYR A 135 -17.06 -5.56 5.45
C TYR A 135 -17.87 -6.62 4.73
N THR A 136 -19.06 -6.23 4.27
CA THR A 136 -19.92 -7.13 3.54
C THR A 136 -19.29 -7.50 2.20
N GLN A 137 -18.74 -6.50 1.50
CA GLN A 137 -18.02 -6.77 0.26
C GLN A 137 -16.81 -7.66 0.51
N ALA A 138 -16.07 -7.37 1.58
CA ALA A 138 -14.92 -8.17 1.96
C ALA A 138 -15.31 -9.62 2.17
N ALA A 139 -16.34 -9.82 2.98
CA ALA A 139 -16.84 -11.16 3.27
C ALA A 139 -17.35 -11.86 2.02
N GLU A 140 -18.00 -11.12 1.12
CA GLU A 140 -18.48 -11.72 -0.12
C GLU A 140 -17.29 -12.14 -0.98
N ALA A 141 -16.27 -11.28 -1.01
CA ALA A 141 -15.03 -11.58 -1.72
C ALA A 141 -14.38 -12.83 -1.17
N ALA A 142 -14.42 -12.99 0.14
CA ALA A 142 -13.85 -14.15 0.81
C ALA A 142 -14.67 -15.39 0.50
N MET A 143 -15.99 -15.26 0.48
CA MET A 143 -16.87 -16.33 0.05
C MET A 143 -16.53 -16.76 -1.38
N GLU A 144 -16.29 -15.78 -2.26
CA GLU A 144 -15.89 -16.07 -3.64
C GLU A 144 -14.54 -16.79 -3.65
N ALA A 145 -13.69 -16.42 -2.71
CA ALA A 145 -12.37 -17.03 -2.59
C ALA A 145 -12.43 -18.38 -1.87
N MET A 146 -13.66 -18.87 -1.63
CA MET A 146 -13.89 -20.14 -0.94
C MET A 146 -13.26 -20.15 0.45
N LYS A 147 -13.14 -18.96 1.03
CA LYS A 147 -12.56 -18.82 2.35
C LYS A 147 -13.67 -18.56 3.38
N GLY A 148 -14.37 -19.64 3.73
CA GLY A 148 -15.54 -19.56 4.60
C GLY A 148 -15.29 -18.87 5.93
N ARG A 149 -14.23 -19.27 6.62
CA ARG A 149 -13.92 -18.75 7.95
C ARG A 149 -13.82 -17.22 7.93
N LEU A 150 -13.03 -16.68 7.01
CA LEU A 150 -12.81 -15.26 6.96
C LEU A 150 -14.10 -14.51 6.61
N ALA A 151 -14.88 -15.09 5.70
CA ALA A 151 -16.16 -14.51 5.31
C ALA A 151 -17.10 -14.43 6.50
N ASN A 152 -17.17 -15.49 7.29
CA ASN A 152 -18.07 -15.50 8.44
C ASN A 152 -17.53 -14.59 9.54
N GLN A 153 -16.22 -14.38 9.53
CA GLN A 153 -15.58 -13.54 10.54
C GLN A 153 -15.92 -12.08 10.28
N TYR A 154 -15.66 -11.60 9.07
CA TYR A 154 -15.99 -10.22 8.74
C TYR A 154 -17.50 -9.99 8.68
N TYR A 155 -18.29 -11.05 8.45
CA TYR A 155 -19.74 -10.92 8.52
C TYR A 155 -20.14 -10.66 9.98
N GLN A 156 -19.49 -11.36 10.90
CA GLN A 156 -19.68 -11.09 12.33
C GLN A 156 -19.29 -9.65 12.63
N LYS A 157 -18.20 -9.17 12.01
CA LYS A 157 -17.76 -7.79 12.16
C LYS A 157 -18.80 -6.81 11.60
N ALA A 158 -19.42 -7.18 10.48
CA ALA A 158 -20.46 -6.35 9.88
C ALA A 158 -21.62 -6.18 10.83
N GLU A 159 -22.03 -7.25 11.50
CA GLU A 159 -23.14 -7.19 12.42
C GLU A 159 -22.76 -6.31 13.62
N GLU A 160 -21.50 -6.40 14.02
CA GLU A 160 -21.01 -5.57 15.11
C GLU A 160 -21.08 -4.10 14.73
N ALA A 161 -20.70 -3.78 13.49
CA ALA A 161 -20.72 -2.42 12.99
C ALA A 161 -22.11 -1.80 13.10
N TRP A 162 -23.13 -2.48 12.59
CA TRP A 162 -24.47 -1.91 12.62
C TRP A 162 -25.05 -1.95 14.04
N ALA A 163 -24.48 -2.81 14.90
CA ALA A 163 -24.86 -2.83 16.32
C ALA A 163 -24.30 -1.61 17.04
N GLN A 164 -23.06 -1.23 16.71
CA GLN A 164 -22.41 -0.07 17.35
C GLN A 164 -22.78 1.20 16.61
N MET A 165 -23.45 1.01 15.48
CA MET A 165 -23.95 2.12 14.68
C MET A 165 -25.16 2.76 15.37
N GLU A 166 -25.76 2.02 16.29
CA GLU A 166 -26.94 2.51 16.99
C GLU A 166 -26.52 3.16 18.31
N GLU A 167 -26.55 4.49 18.34
CA GLU A 167 -26.16 5.28 19.50
C GLU A 167 -24.69 5.02 19.85
N SER A 1 34.63 -49.57 0.76
CA SER A 1 33.44 -48.88 0.22
C SER A 1 33.84 -47.54 -0.37
N HIS A 2 32.93 -46.91 -1.09
CA HIS A 2 33.19 -45.61 -1.68
C HIS A 2 31.88 -44.85 -1.90
N MET A 3 31.77 -43.68 -1.30
CA MET A 3 30.57 -42.87 -1.44
C MET A 3 30.89 -41.55 -2.12
N GLY A 4 29.86 -40.82 -2.52
CA GLY A 4 30.07 -39.55 -3.15
C GLY A 4 28.76 -38.87 -3.52
N GLU A 5 28.87 -37.66 -4.04
CA GLU A 5 27.71 -36.91 -4.47
C GLU A 5 28.03 -36.13 -5.75
N LEU A 6 29.00 -36.66 -6.50
CA LEU A 6 29.48 -36.01 -7.71
C LEU A 6 28.39 -35.91 -8.77
N GLU A 7 27.50 -36.89 -8.77
CA GLU A 7 26.41 -36.92 -9.75
C GLU A 7 25.06 -36.92 -9.04
N ALA A 8 24.92 -36.03 -8.07
CA ALA A 8 23.66 -35.92 -7.33
C ALA A 8 22.68 -35.04 -8.10
N ILE A 9 22.17 -35.58 -9.19
CA ILE A 9 21.27 -34.84 -10.06
C ILE A 9 19.91 -34.66 -9.40
N VAL A 10 19.61 -33.41 -9.04
CA VAL A 10 18.38 -33.07 -8.33
C VAL A 10 18.39 -33.76 -6.95
N GLY A 11 19.59 -33.91 -6.41
CA GLY A 11 19.75 -34.48 -5.08
C GLY A 11 19.87 -33.39 -4.04
N LEU A 12 19.79 -32.15 -4.49
CA LEU A 12 19.86 -30.99 -3.60
C LEU A 12 18.46 -30.43 -3.37
N GLY A 13 17.47 -31.29 -3.48
CA GLY A 13 16.09 -30.86 -3.38
C GLY A 13 15.46 -30.72 -4.75
N LEU A 14 14.20 -30.32 -4.79
CA LEU A 14 13.50 -30.17 -6.05
C LEU A 14 13.83 -28.83 -6.68
N MET A 15 14.99 -28.75 -7.30
CA MET A 15 15.43 -27.54 -7.97
C MET A 15 14.64 -27.32 -9.26
N TYR A 16 13.68 -26.41 -9.21
CA TYR A 16 12.87 -26.09 -10.37
C TYR A 16 13.58 -25.05 -11.23
N SER A 17 14.77 -25.39 -11.70
CA SER A 17 15.57 -24.48 -12.50
C SER A 17 15.10 -24.51 -13.95
N GLN A 18 14.78 -25.71 -14.45
CA GLN A 18 14.32 -25.87 -15.83
C GLN A 18 12.80 -25.93 -15.88
N LEU A 19 12.18 -25.79 -14.71
CA LEU A 19 10.74 -25.84 -14.61
C LEU A 19 10.20 -24.58 -13.95
N PRO A 20 9.99 -23.50 -14.73
CA PRO A 20 9.45 -22.24 -14.22
C PRO A 20 7.96 -22.34 -13.93
N HIS A 21 7.62 -23.09 -12.89
CA HIS A 21 6.23 -23.23 -12.48
C HIS A 21 5.84 -22.06 -11.58
N HIS A 22 6.51 -21.94 -10.45
CA HIS A 22 6.25 -20.84 -9.53
C HIS A 22 7.45 -19.90 -9.44
N ILE A 23 8.63 -20.45 -9.65
CA ILE A 23 9.86 -19.66 -9.55
C ILE A 23 9.97 -18.66 -10.70
N LEU A 24 10.55 -17.52 -10.41
CA LEU A 24 10.74 -16.49 -11.43
C LEU A 24 12.24 -16.36 -11.74
N ALA A 25 12.56 -16.17 -13.01
CA ALA A 25 13.95 -16.09 -13.42
C ALA A 25 14.47 -14.66 -13.33
N ASP A 26 14.72 -14.21 -12.11
CA ASP A 26 15.31 -12.90 -11.90
C ASP A 26 16.82 -12.99 -12.04
N VAL A 27 17.36 -12.27 -13.01
CA VAL A 27 18.80 -12.20 -13.19
C VAL A 27 19.32 -10.89 -12.60
N SER A 28 18.52 -10.33 -11.70
CA SER A 28 18.79 -9.03 -11.13
C SER A 28 18.39 -9.00 -9.66
N LEU A 29 19.12 -8.24 -8.85
CA LEU A 29 18.84 -8.15 -7.43
C LEU A 29 18.55 -6.70 -7.02
N LYS A 30 19.51 -5.82 -7.24
CA LYS A 30 19.34 -4.42 -6.89
C LYS A 30 18.86 -3.62 -8.10
N GLU A 31 17.57 -3.70 -8.38
CA GLU A 31 16.97 -2.96 -9.48
C GLU A 31 16.41 -1.63 -8.99
N THR A 32 17.30 -0.81 -8.46
CA THR A 32 16.91 0.49 -7.95
C THR A 32 18.01 1.51 -8.25
N GLU A 33 18.35 1.59 -9.53
CA GLU A 33 19.38 2.52 -9.98
C GLU A 33 18.89 3.95 -9.82
N GLU A 34 17.69 4.20 -10.33
CA GLU A 34 17.10 5.53 -10.23
C GLU A 34 15.77 5.48 -9.47
N ASN A 35 15.51 4.37 -8.77
CA ASN A 35 14.29 4.23 -7.99
C ASN A 35 14.44 4.90 -6.64
N LYS A 36 15.41 4.43 -5.85
CA LYS A 36 15.64 4.98 -4.50
C LYS A 36 16.16 6.41 -4.55
N THR A 37 16.74 6.81 -5.69
CA THR A 37 17.24 8.17 -5.84
C THR A 37 16.09 9.16 -5.95
N LYS A 38 14.93 8.66 -6.36
CA LYS A 38 13.73 9.47 -6.43
C LYS A 38 12.93 9.34 -5.15
N GLY A 39 13.33 8.39 -4.31
CA GLY A 39 12.68 8.18 -3.03
C GLY A 39 11.24 7.74 -3.19
N PHE A 40 10.31 8.64 -2.91
CA PHE A 40 8.90 8.34 -3.01
C PHE A 40 8.32 8.94 -4.29
N ASP A 41 9.07 9.86 -4.90
CA ASP A 41 8.57 10.59 -6.06
C ASP A 41 8.33 9.65 -7.23
N TYR A 42 9.09 8.58 -7.32
CA TYR A 42 8.94 7.65 -8.43
C TYR A 42 7.65 6.85 -8.25
N LEU A 43 7.51 6.23 -7.08
CA LEU A 43 6.33 5.45 -6.76
C LEU A 43 5.04 6.26 -6.93
N LEU A 44 5.04 7.51 -6.48
CA LEU A 44 3.85 8.34 -6.58
C LEU A 44 3.66 8.88 -8.00
N LYS A 45 4.74 9.11 -8.73
CA LYS A 45 4.59 9.55 -10.13
C LYS A 45 4.07 8.39 -10.94
N ALA A 46 4.41 7.17 -10.54
CA ALA A 46 3.92 5.99 -11.22
C ALA A 46 2.50 5.70 -10.75
N ALA A 47 2.20 6.10 -9.51
CA ALA A 47 0.84 6.02 -8.98
C ALA A 47 -0.10 6.90 -9.79
N GLU A 48 0.38 8.07 -10.19
CA GLU A 48 -0.40 8.92 -11.08
C GLU A 48 -0.23 8.53 -12.56
N ALA A 49 0.83 7.79 -12.87
CA ALA A 49 1.03 7.30 -14.24
C ALA A 49 0.06 6.17 -14.58
N GLY A 50 -0.29 5.37 -13.57
CA GLY A 50 -1.25 4.29 -13.79
C GLY A 50 -0.74 2.93 -13.37
N ASP A 51 0.36 2.90 -12.63
CA ASP A 51 0.93 1.64 -12.16
C ASP A 51 0.27 1.21 -10.85
N ARG A 52 -0.59 0.20 -10.97
CA ARG A 52 -1.33 -0.37 -9.84
C ARG A 52 -0.44 -0.69 -8.65
N GLN A 53 0.62 -1.47 -8.89
CA GLN A 53 1.49 -1.94 -7.80
C GLN A 53 2.13 -0.76 -7.06
N SER A 54 2.43 0.32 -7.78
CA SER A 54 3.03 1.49 -7.15
C SER A 54 2.01 2.19 -6.27
N MET A 55 0.76 2.20 -6.73
CA MET A 55 -0.33 2.81 -5.95
C MET A 55 -0.52 2.04 -4.66
N ILE A 56 -0.54 0.71 -4.78
CA ILE A 56 -0.71 -0.15 -3.62
C ILE A 56 0.44 0.04 -2.63
N LEU A 57 1.66 0.18 -3.16
CA LEU A 57 2.83 0.43 -2.32
C LEU A 57 2.69 1.75 -1.57
N VAL A 58 2.34 2.82 -2.28
CA VAL A 58 2.14 4.13 -1.65
C VAL A 58 1.04 4.06 -0.60
N ALA A 59 -0.07 3.44 -0.97
CA ALA A 59 -1.18 3.22 -0.05
C ALA A 59 -0.71 2.58 1.25
N ARG A 60 -0.14 1.38 1.13
CA ARG A 60 0.39 0.64 2.28
C ARG A 60 1.45 1.45 3.02
N ALA A 61 2.20 2.25 2.29
CA ALA A 61 3.24 3.08 2.89
C ALA A 61 2.62 4.08 3.85
N PHE A 62 1.50 4.67 3.45
CA PHE A 62 0.78 5.63 4.29
C PHE A 62 -0.02 4.92 5.38
N ASP A 63 -0.54 3.75 5.06
CA ASP A 63 -1.34 2.97 6.00
C ASP A 63 -0.51 2.35 7.10
N SER A 64 0.39 1.47 6.72
CA SER A 64 1.15 0.69 7.70
C SER A 64 2.30 1.51 8.27
N GLY A 65 2.71 2.55 7.54
CA GLY A 65 3.75 3.44 8.04
C GLY A 65 5.16 2.89 7.86
N GLN A 66 5.25 1.58 7.64
CA GLN A 66 6.54 0.89 7.59
C GLN A 66 7.43 1.43 6.48
N ASN A 67 6.83 1.75 5.35
CA ASN A 67 7.58 2.16 4.17
C ASN A 67 7.33 3.61 3.83
N LEU A 68 7.03 4.41 4.85
CA LEU A 68 6.70 5.81 4.64
C LEU A 68 7.89 6.73 4.95
N SER A 69 8.87 6.22 5.69
CA SER A 69 10.01 7.00 6.17
C SER A 69 9.56 7.99 7.25
N PRO A 70 10.35 8.14 8.34
CA PRO A 70 10.01 9.02 9.46
C PRO A 70 9.98 10.50 9.08
N ASP A 71 10.20 10.81 7.80
CA ASP A 71 10.19 12.18 7.32
C ASP A 71 8.78 12.64 6.96
N ARG A 72 7.83 11.73 6.95
CA ARG A 72 6.47 12.06 6.52
C ARG A 72 5.44 11.52 7.50
N CYS A 73 4.36 12.27 7.68
CA CYS A 73 3.30 11.91 8.61
C CYS A 73 2.18 11.15 7.90
N GLN A 74 1.48 10.30 8.65
CA GLN A 74 0.46 9.43 8.08
C GLN A 74 -0.84 10.18 7.80
N ASP A 75 -1.42 9.89 6.64
CA ASP A 75 -2.73 10.39 6.28
C ASP A 75 -3.57 9.24 5.76
N TRP A 76 -4.76 9.04 6.32
CA TRP A 76 -5.57 7.89 5.96
C TRP A 76 -6.50 8.19 4.79
N LEU A 77 -6.68 9.48 4.47
CA LEU A 77 -7.56 9.85 3.37
C LEU A 77 -6.83 9.60 2.05
N GLU A 78 -5.53 9.91 2.03
CA GLU A 78 -4.70 9.62 0.87
C GLU A 78 -4.65 8.12 0.63
N ALA A 79 -4.33 7.40 1.70
CA ALA A 79 -4.33 5.95 1.68
C ALA A 79 -5.63 5.40 1.13
N LEU A 80 -6.75 5.81 1.72
CA LEU A 80 -8.07 5.43 1.24
C LEU A 80 -8.22 5.71 -0.25
N HIS A 81 -7.91 6.96 -0.64
CA HIS A 81 -7.95 7.36 -2.06
C HIS A 81 -7.24 6.34 -2.95
N TRP A 82 -6.04 5.94 -2.58
CA TRP A 82 -5.23 5.08 -3.43
C TRP A 82 -5.74 3.64 -3.42
N TYR A 83 -6.19 3.16 -2.26
CA TYR A 83 -6.80 1.84 -2.18
C TYR A 83 -8.09 1.80 -2.99
N ASN A 84 -8.87 2.86 -2.85
CA ASN A 84 -10.15 2.97 -3.53
C ASN A 84 -9.94 3.01 -5.03
N THR A 85 -8.88 3.68 -5.46
CA THR A 85 -8.56 3.75 -6.88
C THR A 85 -8.24 2.34 -7.40
N ALA A 86 -7.45 1.58 -6.63
CA ALA A 86 -7.08 0.23 -7.03
C ALA A 86 -8.31 -0.66 -7.18
N LEU A 87 -9.20 -0.61 -6.19
CA LEU A 87 -10.42 -1.42 -6.22
C LEU A 87 -11.42 -0.93 -7.27
N GLU A 88 -11.45 0.37 -7.53
CA GLU A 88 -12.49 0.93 -8.41
C GLU A 88 -12.10 0.90 -9.88
N MET A 89 -10.81 0.83 -10.18
CA MET A 89 -10.37 0.79 -11.58
C MET A 89 -10.17 -0.66 -12.03
N THR A 90 -10.95 -1.56 -11.43
CA THR A 90 -10.84 -2.97 -11.76
C THR A 90 -11.68 -3.30 -13.01
N ASP A 91 -11.09 -4.06 -13.90
CA ASP A 91 -11.79 -4.56 -15.08
C ASP A 91 -11.68 -6.08 -15.10
N CYS A 92 -11.57 -6.64 -13.91
CA CYS A 92 -11.40 -8.08 -13.74
C CYS A 92 -12.49 -8.62 -12.81
N ASP A 93 -13.66 -7.98 -12.83
CA ASP A 93 -14.74 -8.34 -11.91
C ASP A 93 -16.01 -8.73 -12.67
N GLU A 94 -15.89 -8.99 -13.95
CA GLU A 94 -17.04 -9.32 -14.77
C GLU A 94 -17.16 -10.83 -14.96
N GLY A 95 -17.30 -11.54 -13.84
CA GLY A 95 -17.47 -12.99 -13.90
C GLY A 95 -16.41 -13.71 -13.10
N GLY A 96 -15.50 -14.36 -13.79
CA GLY A 96 -14.42 -15.06 -13.14
C GLY A 96 -13.11 -14.91 -13.88
N GLU A 97 -12.71 -13.67 -14.08
CA GLU A 97 -11.49 -13.35 -14.80
C GLU A 97 -10.29 -13.38 -13.85
N TYR A 98 -9.15 -13.82 -14.36
CA TYR A 98 -7.93 -13.87 -13.59
C TYR A 98 -6.86 -13.01 -14.25
N ASP A 99 -6.73 -11.76 -13.77
CA ASP A 99 -5.74 -10.83 -14.30
C ASP A 99 -4.33 -11.43 -14.29
N GLY A 100 -4.00 -12.15 -13.23
CA GLY A 100 -2.70 -12.79 -13.14
C GLY A 100 -2.45 -13.35 -11.76
N MET A 101 -1.23 -13.20 -11.27
CA MET A 101 -0.87 -13.64 -9.94
C MET A 101 -1.55 -12.74 -8.90
N GLN A 102 -2.57 -13.28 -8.23
CA GLN A 102 -3.34 -12.51 -7.28
C GLN A 102 -2.64 -12.43 -5.93
N ASP A 103 -1.64 -11.56 -5.87
CA ASP A 103 -0.89 -11.34 -4.64
C ASP A 103 -1.52 -10.20 -3.85
N GLU A 104 -2.52 -9.57 -4.45
CA GLU A 104 -3.25 -8.50 -3.83
C GLU A 104 -4.67 -8.95 -3.46
N PRO A 105 -4.85 -9.46 -2.22
CA PRO A 105 -6.14 -9.96 -1.75
C PRO A 105 -7.17 -8.85 -1.56
N ARG A 106 -8.14 -8.81 -2.48
CA ARG A 106 -9.20 -7.81 -2.46
C ARG A 106 -9.90 -7.73 -1.10
N TYR A 107 -10.25 -8.88 -0.53
CA TYR A 107 -11.01 -8.90 0.71
C TYR A 107 -10.22 -8.29 1.88
N MET A 108 -8.90 -8.38 1.85
CA MET A 108 -8.08 -7.84 2.92
C MET A 108 -8.06 -6.33 2.83
N MET A 109 -8.01 -5.84 1.60
CA MET A 109 -8.01 -4.41 1.33
C MET A 109 -9.31 -3.82 1.84
N LEU A 110 -10.41 -4.45 1.42
CA LEU A 110 -11.76 -4.00 1.81
C LEU A 110 -11.90 -3.98 3.33
N ALA A 111 -11.45 -5.06 3.97
CA ALA A 111 -11.54 -5.19 5.42
C ALA A 111 -10.73 -4.10 6.13
N ARG A 112 -9.47 -3.96 5.73
CA ARG A 112 -8.59 -2.96 6.34
C ARG A 112 -9.13 -1.54 6.14
N GLU A 113 -9.60 -1.23 4.94
CA GLU A 113 -10.22 0.07 4.67
C GLU A 113 -11.47 0.28 5.53
N ALA A 114 -12.29 -0.77 5.67
CA ALA A 114 -13.43 -0.72 6.57
C ALA A 114 -12.99 -0.32 7.98
N GLU A 115 -11.98 -1.01 8.50
CA GLU A 115 -11.37 -0.62 9.78
C GLU A 115 -11.01 0.86 9.79
N MET A 116 -10.27 1.30 8.78
CA MET A 116 -9.90 2.70 8.64
C MET A 116 -11.10 3.62 8.76
N LEU A 117 -12.09 3.40 7.89
CA LEU A 117 -13.27 4.25 7.82
C LEU A 117 -14.12 4.21 9.08
N PHE A 118 -14.11 3.11 9.82
CA PHE A 118 -14.99 2.99 10.99
C PHE A 118 -14.29 3.45 12.28
N THR A 119 -12.97 3.35 12.36
CA THR A 119 -12.27 3.69 13.60
C THR A 119 -11.49 5.01 13.47
N GLY A 120 -11.22 5.42 12.23
CA GLY A 120 -10.47 6.63 12.00
C GLY A 120 -11.22 7.88 12.44
N GLY A 121 -10.50 8.99 12.48
CA GLY A 121 -11.07 10.24 12.90
C GLY A 121 -10.03 11.33 12.97
N TYR A 122 -10.44 12.58 12.74
CA TYR A 122 -9.52 13.71 12.75
C TYR A 122 -8.45 13.52 11.68
N GLY A 123 -8.88 13.56 10.44
CA GLY A 123 -8.02 13.27 9.31
C GLY A 123 -8.76 12.42 8.31
N LEU A 124 -9.75 11.70 8.81
CA LEU A 124 -10.65 10.90 8.01
C LEU A 124 -11.97 10.80 8.75
N GLU A 125 -13.07 10.97 8.03
CA GLU A 125 -14.37 10.97 8.67
C GLU A 125 -14.82 9.53 8.95
N LYS A 126 -15.36 9.31 10.14
CA LYS A 126 -15.89 8.02 10.52
C LYS A 126 -17.22 7.77 9.81
N ASP A 127 -17.22 6.82 8.89
CA ASP A 127 -18.42 6.51 8.14
C ASP A 127 -18.86 5.08 8.41
N PRO A 128 -19.67 4.89 9.46
CA PRO A 128 -20.14 3.57 9.89
C PRO A 128 -20.85 2.77 8.79
N GLN A 129 -21.72 3.43 8.01
CA GLN A 129 -22.49 2.73 6.99
C GLN A 129 -21.61 2.34 5.80
N ARG A 130 -20.62 3.17 5.46
CA ARG A 130 -19.74 2.87 4.35
C ARG A 130 -18.83 1.71 4.76
N SER A 131 -18.49 1.69 6.03
CA SER A 131 -17.67 0.61 6.58
C SER A 131 -18.46 -0.69 6.60
N GLY A 132 -19.69 -0.63 7.14
CA GLY A 132 -20.57 -1.80 7.11
C GLY A 132 -20.66 -2.41 5.73
N ASP A 133 -21.02 -1.58 4.76
CA ASP A 133 -21.03 -1.98 3.36
C ASP A 133 -19.69 -2.60 2.96
N LEU A 134 -18.59 -1.94 3.29
CA LEU A 134 -17.26 -2.47 2.97
C LEU A 134 -17.02 -3.86 3.60
N TYR A 135 -17.45 -4.10 4.84
CA TYR A 135 -17.25 -5.41 5.44
C TYR A 135 -18.02 -6.45 4.67
N THR A 136 -19.21 -6.09 4.22
CA THR A 136 -20.05 -7.01 3.49
C THR A 136 -19.41 -7.33 2.14
N GLN A 137 -18.90 -6.31 1.45
CA GLN A 137 -18.17 -6.53 0.20
C GLN A 137 -16.94 -7.40 0.44
N ALA A 138 -16.22 -7.12 1.53
CA ALA A 138 -15.05 -7.89 1.90
C ALA A 138 -15.41 -9.36 2.10
N ALA A 139 -16.40 -9.59 2.95
CA ALA A 139 -16.84 -10.94 3.24
C ALA A 139 -17.40 -11.64 2.00
N GLU A 140 -18.10 -10.92 1.13
CA GLU A 140 -18.61 -11.53 -0.10
C GLU A 140 -17.45 -11.87 -1.03
N ALA A 141 -16.46 -10.98 -1.11
CA ALA A 141 -15.26 -11.22 -1.89
C ALA A 141 -14.52 -12.44 -1.36
N ALA A 142 -14.51 -12.60 -0.04
CA ALA A 142 -13.87 -13.73 0.59
C ALA A 142 -14.64 -15.01 0.30
N MET A 143 -15.96 -14.93 0.36
CA MET A 143 -16.82 -16.05 -0.03
C MET A 143 -16.54 -16.47 -1.46
N GLU A 144 -16.38 -15.48 -2.35
CA GLU A 144 -16.07 -15.77 -3.76
C GLU A 144 -14.65 -16.29 -3.90
N ALA A 145 -13.76 -15.86 -3.01
CA ALA A 145 -12.38 -16.33 -3.00
C ALA A 145 -12.26 -17.67 -2.28
N MET A 146 -13.40 -18.24 -1.89
CA MET A 146 -13.44 -19.54 -1.20
C MET A 146 -12.69 -19.49 0.13
N LYS A 147 -12.71 -18.32 0.76
CA LYS A 147 -12.03 -18.14 2.04
C LYS A 147 -13.08 -18.02 3.15
N GLY A 148 -13.61 -19.16 3.57
CA GLY A 148 -14.76 -19.21 4.48
C GLY A 148 -14.56 -18.47 5.79
N ARG A 149 -13.45 -18.75 6.48
CA ARG A 149 -13.21 -18.21 7.81
C ARG A 149 -13.24 -16.68 7.82
N LEU A 150 -12.50 -16.07 6.88
CA LEU A 150 -12.42 -14.63 6.82
C LEU A 150 -13.77 -14.02 6.49
N ALA A 151 -14.53 -14.72 5.63
CA ALA A 151 -15.88 -14.29 5.29
C ALA A 151 -16.76 -14.22 6.54
N ASN A 152 -16.76 -15.28 7.34
CA ASN A 152 -17.61 -15.31 8.53
C ASN A 152 -17.09 -14.33 9.57
N GLN A 153 -15.78 -14.09 9.58
CA GLN A 153 -15.17 -13.23 10.58
C GLN A 153 -15.53 -11.78 10.30
N TYR A 154 -15.33 -11.34 9.06
CA TYR A 154 -15.68 -9.99 8.69
C TYR A 154 -17.19 -9.80 8.66
N TYR A 155 -17.95 -10.86 8.43
CA TYR A 155 -19.41 -10.77 8.52
C TYR A 155 -19.82 -10.51 9.97
N GLN A 156 -19.15 -11.19 10.89
CA GLN A 156 -19.36 -10.94 12.33
C GLN A 156 -18.94 -9.51 12.67
N LYS A 157 -17.83 -9.06 12.05
CA LYS A 157 -17.36 -7.69 12.23
C LYS A 157 -18.39 -6.69 11.69
N ALA A 158 -19.00 -7.04 10.56
CA ALA A 158 -20.04 -6.21 9.94
C ALA A 158 -21.23 -6.07 10.87
N GLU A 159 -21.65 -7.18 11.48
CA GLU A 159 -22.79 -7.16 12.38
C GLU A 159 -22.47 -6.31 13.60
N GLU A 160 -21.20 -6.40 14.03
CA GLU A 160 -20.71 -5.61 15.15
C GLU A 160 -20.78 -4.13 14.82
N ALA A 161 -20.43 -3.77 13.57
CA ALA A 161 -20.48 -2.39 13.12
C ALA A 161 -21.88 -1.82 13.22
N TRP A 162 -22.86 -2.54 12.68
CA TRP A 162 -24.24 -2.03 12.74
C TRP A 162 -24.80 -2.13 14.15
N ALA A 163 -24.16 -2.94 15.00
CA ALA A 163 -24.52 -3.00 16.41
C ALA A 163 -24.07 -1.73 17.14
N GLN A 164 -22.88 -1.25 16.82
CA GLN A 164 -22.35 -0.04 17.45
C GLN A 164 -22.81 1.20 16.71
N MET A 165 -23.49 0.97 15.58
CA MET A 165 -24.12 2.03 14.80
C MET A 165 -25.03 2.89 15.68
N GLU A 166 -25.86 2.24 16.48
CA GLU A 166 -26.81 2.93 17.34
C GLU A 166 -26.20 3.11 18.72
N GLU A 167 -25.53 4.24 18.90
CA GLU A 167 -24.86 4.53 20.17
C GLU A 167 -25.13 5.97 20.60
N SER A 1 -0.90 -30.13 1.86
CA SER A 1 0.24 -29.83 0.97
C SER A 1 0.40 -30.93 -0.08
N HIS A 2 0.03 -30.62 -1.33
CA HIS A 2 0.19 -31.56 -2.42
C HIS A 2 1.25 -31.05 -3.40
N MET A 3 1.79 -29.88 -3.09
CA MET A 3 2.86 -29.30 -3.89
C MET A 3 4.04 -28.98 -2.99
N GLY A 4 5.19 -29.58 -3.28
CA GLY A 4 6.35 -29.38 -2.45
C GLY A 4 7.61 -29.17 -3.27
N GLU A 5 7.59 -28.16 -4.11
CA GLU A 5 8.74 -27.85 -4.94
C GLU A 5 9.48 -26.63 -4.41
N LEU A 6 9.99 -26.73 -3.20
CA LEU A 6 10.70 -25.64 -2.57
C LEU A 6 12.15 -25.61 -3.05
N GLU A 7 12.31 -25.47 -4.36
CA GLU A 7 13.62 -25.44 -4.97
C GLU A 7 13.76 -24.16 -5.78
N ALA A 8 14.92 -23.54 -5.69
CA ALA A 8 15.21 -22.35 -6.50
C ALA A 8 15.51 -22.78 -7.93
N ILE A 9 14.47 -22.86 -8.73
CA ILE A 9 14.59 -23.29 -10.11
C ILE A 9 14.89 -22.11 -11.02
N VAL A 10 13.99 -21.15 -11.05
CA VAL A 10 14.17 -19.95 -11.85
C VAL A 10 14.41 -18.73 -10.96
N GLY A 11 14.96 -17.67 -11.52
CA GLY A 11 15.27 -16.49 -10.73
C GLY A 11 16.59 -16.62 -10.01
N LEU A 12 16.69 -17.63 -9.14
CA LEU A 12 17.90 -17.90 -8.37
C LEU A 12 18.22 -16.73 -7.44
N GLY A 13 17.18 -16.09 -6.94
CA GLY A 13 17.36 -14.99 -6.01
C GLY A 13 16.78 -15.31 -4.65
N LEU A 14 16.97 -16.55 -4.22
CA LEU A 14 16.43 -17.03 -2.96
C LEU A 14 17.11 -16.35 -1.77
N MET A 15 18.42 -16.18 -1.87
CA MET A 15 19.18 -15.59 -0.78
C MET A 15 20.10 -14.50 -1.31
N TYR A 16 20.72 -14.73 -2.46
CA TYR A 16 21.69 -13.80 -3.01
C TYR A 16 21.16 -13.13 -4.27
N SER A 17 19.99 -12.51 -4.17
CA SER A 17 19.41 -11.83 -5.32
C SER A 17 20.04 -10.44 -5.49
N GLN A 18 20.59 -9.92 -4.40
CA GLN A 18 21.24 -8.62 -4.41
C GLN A 18 22.76 -8.80 -4.51
N LEU A 19 23.20 -10.04 -4.51
CA LEU A 19 24.62 -10.36 -4.57
C LEU A 19 24.90 -11.30 -5.75
N PRO A 20 25.01 -10.74 -6.97
CA PRO A 20 25.27 -11.52 -8.18
C PRO A 20 26.70 -12.06 -8.22
N HIS A 21 26.83 -13.37 -8.09
CA HIS A 21 28.15 -14.01 -8.11
C HIS A 21 28.48 -14.52 -9.51
N HIS A 22 27.51 -14.46 -10.42
CA HIS A 22 27.72 -14.95 -11.78
C HIS A 22 28.48 -13.94 -12.62
N ILE A 23 28.55 -12.71 -12.15
CA ILE A 23 29.28 -11.66 -12.86
C ILE A 23 30.69 -11.52 -12.29
N LEU A 24 31.67 -11.36 -13.17
CA LEU A 24 33.05 -11.20 -12.75
C LEU A 24 33.62 -9.91 -13.32
N ALA A 25 33.18 -9.59 -14.52
CA ALA A 25 33.53 -8.34 -15.17
C ALA A 25 32.36 -7.91 -16.05
N ASP A 26 31.18 -7.97 -15.48
CA ASP A 26 29.95 -7.75 -16.22
C ASP A 26 29.08 -6.70 -15.55
N VAL A 27 28.84 -5.61 -16.24
CA VAL A 27 28.00 -4.54 -15.72
C VAL A 27 26.61 -4.59 -16.36
N SER A 28 26.24 -5.78 -16.81
CA SER A 28 24.95 -5.97 -17.46
C SER A 28 23.89 -6.38 -16.43
N LEU A 29 23.68 -5.51 -15.45
CA LEU A 29 22.71 -5.76 -14.40
C LEU A 29 21.31 -5.38 -14.89
N LYS A 30 20.70 -6.28 -15.65
CA LYS A 30 19.39 -6.04 -16.23
C LYS A 30 18.29 -6.34 -15.22
N GLU A 31 18.37 -5.67 -14.08
CA GLU A 31 17.38 -5.80 -13.03
C GLU A 31 17.42 -4.54 -12.17
N THR A 32 16.73 -3.52 -12.61
CA THR A 32 16.75 -2.23 -11.94
C THR A 32 15.56 -2.10 -11.00
N GLU A 33 15.71 -2.64 -9.81
CA GLU A 33 14.65 -2.62 -8.81
C GLU A 33 14.93 -1.59 -7.72
N GLU A 34 16.20 -1.43 -7.36
CA GLU A 34 16.59 -0.52 -6.28
C GLU A 34 16.69 0.92 -6.78
N ASN A 35 16.12 1.20 -7.94
CA ASN A 35 16.21 2.55 -8.50
C ASN A 35 14.94 3.34 -8.22
N LYS A 36 13.80 2.66 -8.21
CA LYS A 36 12.54 3.32 -7.94
C LYS A 36 12.48 3.73 -6.46
N THR A 37 13.22 3.00 -5.64
CA THR A 37 13.26 3.27 -4.21
C THR A 37 14.17 4.45 -3.88
N LYS A 38 14.72 5.09 -4.91
CA LYS A 38 15.62 6.22 -4.72
C LYS A 38 14.85 7.53 -4.59
N GLY A 39 13.54 7.48 -4.82
CA GLY A 39 12.74 8.67 -4.72
C GLY A 39 11.26 8.39 -4.76
N PHE A 40 10.58 8.61 -3.62
CA PHE A 40 9.11 8.58 -3.55
C PHE A 40 8.43 9.19 -4.77
N ASP A 41 9.06 10.21 -5.37
CA ASP A 41 8.48 10.90 -6.53
C ASP A 41 8.24 9.95 -7.69
N TYR A 42 9.05 8.90 -7.79
CA TYR A 42 8.92 7.96 -8.90
C TYR A 42 7.70 7.07 -8.69
N LEU A 43 7.61 6.47 -7.51
CA LEU A 43 6.43 5.67 -7.13
C LEU A 43 5.14 6.47 -7.28
N LEU A 44 5.16 7.71 -6.82
CA LEU A 44 3.99 8.57 -6.91
C LEU A 44 3.71 8.99 -8.34
N LYS A 45 4.76 9.10 -9.16
CA LYS A 45 4.56 9.44 -10.56
C LYS A 45 3.84 8.29 -11.25
N ALA A 46 4.14 7.08 -10.81
CA ALA A 46 3.50 5.91 -11.37
C ALA A 46 2.13 5.73 -10.74
N ALA A 47 1.98 6.24 -9.52
CA ALA A 47 0.69 6.29 -8.86
C ALA A 47 -0.25 7.19 -9.66
N GLU A 48 0.25 8.34 -10.10
CA GLU A 48 -0.52 9.24 -10.95
C GLU A 48 -0.73 8.62 -12.33
N ALA A 49 0.16 7.71 -12.72
CA ALA A 49 0.07 7.05 -14.01
C ALA A 49 -1.01 5.95 -14.00
N GLY A 50 -1.25 5.36 -12.84
CA GLY A 50 -2.26 4.32 -12.72
C GLY A 50 -1.66 2.95 -12.46
N ASP A 51 -0.40 2.94 -12.02
CA ASP A 51 0.28 1.69 -11.71
C ASP A 51 -0.16 1.18 -10.35
N ARG A 52 -0.86 0.05 -10.38
CA ARG A 52 -1.42 -0.61 -9.20
C ARG A 52 -0.39 -0.82 -8.10
N GLN A 53 0.61 -1.66 -8.36
CA GLN A 53 1.58 -2.04 -7.33
C GLN A 53 2.28 -0.80 -6.75
N SER A 54 2.53 0.20 -7.59
CA SER A 54 3.26 1.37 -7.17
C SER A 54 2.40 2.23 -6.22
N MET A 55 1.13 2.40 -6.55
CA MET A 55 0.24 3.20 -5.70
C MET A 55 -0.10 2.43 -4.42
N ILE A 56 -0.11 1.11 -4.50
CA ILE A 56 -0.32 0.29 -3.30
C ILE A 56 0.85 0.46 -2.33
N LEU A 57 2.05 0.56 -2.88
CA LEU A 57 3.24 0.78 -2.06
C LEU A 57 3.17 2.11 -1.32
N VAL A 58 2.89 3.21 -2.03
CA VAL A 58 2.81 4.51 -1.37
C VAL A 58 1.67 4.52 -0.35
N ALA A 59 0.55 3.87 -0.69
CA ALA A 59 -0.55 3.70 0.25
C ALA A 59 -0.09 3.08 1.57
N ARG A 60 0.42 1.86 1.49
CA ARG A 60 0.94 1.15 2.65
C ARG A 60 2.04 1.94 3.36
N ALA A 61 2.80 2.70 2.58
CA ALA A 61 3.90 3.50 3.12
C ALA A 61 3.36 4.62 4.01
N PHE A 62 2.26 5.24 3.58
CA PHE A 62 1.62 6.29 4.35
C PHE A 62 0.90 5.71 5.57
N ASP A 63 0.33 4.52 5.42
CA ASP A 63 -0.40 3.88 6.50
C ASP A 63 0.53 3.42 7.61
N SER A 64 1.46 2.54 7.28
CA SER A 64 2.35 1.96 8.28
C SER A 64 3.31 3.01 8.83
N GLY A 65 3.74 3.93 7.98
CA GLY A 65 4.61 5.00 8.43
C GLY A 65 6.08 4.60 8.46
N GLN A 66 6.38 3.36 8.10
CA GLN A 66 7.73 2.84 8.23
C GLN A 66 8.63 3.40 7.13
N ASN A 67 8.35 3.03 5.88
CA ASN A 67 9.17 3.44 4.75
C ASN A 67 9.03 4.94 4.49
N LEU A 68 7.98 5.53 5.04
CA LEU A 68 7.72 6.96 4.89
C LEU A 68 8.73 7.77 5.71
N SER A 69 9.32 7.10 6.72
CA SER A 69 10.24 7.73 7.67
C SER A 69 9.48 8.64 8.64
N PRO A 70 9.69 8.48 9.96
CA PRO A 70 8.93 9.21 10.99
C PRO A 70 9.18 10.72 11.00
N ASP A 71 10.00 11.22 10.07
CA ASP A 71 10.26 12.66 9.98
C ASP A 71 9.25 13.35 9.06
N ARG A 72 8.33 12.58 8.48
CA ARG A 72 7.31 13.14 7.59
C ARG A 72 5.92 12.80 8.13
N CYS A 73 4.99 13.74 7.97
CA CYS A 73 3.64 13.61 8.51
C CYS A 73 2.85 12.54 7.77
N GLN A 74 2.10 11.74 8.52
CA GLN A 74 1.24 10.72 7.94
C GLN A 74 -0.14 11.26 7.65
N ASP A 75 -0.68 10.92 6.49
CA ASP A 75 -2.05 11.22 6.15
C ASP A 75 -2.75 9.95 5.71
N TRP A 76 -3.90 9.68 6.30
CA TRP A 76 -4.60 8.44 6.03
C TRP A 76 -5.71 8.64 5.02
N LEU A 77 -6.02 9.90 4.71
CA LEU A 77 -7.02 10.20 3.70
C LEU A 77 -6.40 9.97 2.31
N GLU A 78 -5.13 10.35 2.16
CA GLU A 78 -4.39 10.05 0.94
C GLU A 78 -4.28 8.55 0.75
N ALA A 79 -3.83 7.87 1.80
CA ALA A 79 -3.76 6.41 1.82
C ALA A 79 -5.09 5.80 1.40
N LEU A 80 -6.17 6.22 2.04
CA LEU A 80 -7.52 5.81 1.64
C LEU A 80 -7.72 6.01 0.14
N HIS A 81 -7.57 7.25 -0.30
CA HIS A 81 -7.74 7.59 -1.72
C HIS A 81 -6.97 6.65 -2.65
N TRP A 82 -5.77 6.27 -2.26
CA TRP A 82 -4.95 5.39 -3.11
C TRP A 82 -5.46 3.95 -3.04
N TYR A 83 -5.91 3.52 -1.87
CA TYR A 83 -6.55 2.21 -1.74
C TYR A 83 -7.85 2.19 -2.53
N ASN A 84 -8.60 3.28 -2.45
CA ASN A 84 -9.85 3.41 -3.18
C ASN A 84 -9.60 3.18 -4.66
N THR A 85 -8.68 3.98 -5.22
CA THR A 85 -8.28 3.84 -6.60
C THR A 85 -7.89 2.40 -6.97
N ALA A 86 -7.02 1.77 -6.19
CA ALA A 86 -6.59 0.40 -6.49
C ALA A 86 -7.78 -0.55 -6.50
N LEU A 87 -8.63 -0.45 -5.49
CA LEU A 87 -9.82 -1.28 -5.40
C LEU A 87 -10.78 -0.99 -6.54
N GLU A 88 -10.97 0.29 -6.85
CA GLU A 88 -11.90 0.72 -7.90
C GLU A 88 -11.50 0.17 -9.26
N MET A 89 -10.21 0.02 -9.50
CA MET A 89 -9.75 -0.50 -10.79
C MET A 89 -9.20 -1.92 -10.67
N THR A 90 -9.80 -2.71 -9.78
CA THR A 90 -9.48 -4.14 -9.71
C THR A 90 -10.05 -4.84 -10.94
N ASP A 91 -9.29 -5.77 -11.50
CA ASP A 91 -9.73 -6.50 -12.70
C ASP A 91 -10.10 -7.93 -12.35
N CYS A 92 -10.18 -8.21 -11.05
CA CYS A 92 -10.48 -9.56 -10.57
C CYS A 92 -11.92 -9.96 -10.90
N ASP A 93 -12.71 -8.99 -11.31
CA ASP A 93 -14.09 -9.25 -11.72
C ASP A 93 -14.13 -9.81 -13.13
N GLU A 94 -12.98 -9.80 -13.81
CA GLU A 94 -12.88 -10.38 -15.14
C GLU A 94 -12.32 -11.79 -15.05
N GLY A 95 -12.43 -12.38 -13.88
CA GLY A 95 -11.92 -13.71 -13.64
C GLY A 95 -12.16 -14.15 -12.21
N GLY A 96 -11.13 -14.65 -11.55
CA GLY A 96 -11.27 -15.06 -10.17
C GLY A 96 -10.21 -16.05 -9.75
N GLU A 97 -10.22 -17.20 -10.39
CA GLU A 97 -9.27 -18.26 -10.05
C GLU A 97 -8.28 -18.49 -11.18
N TYR A 98 -7.01 -18.18 -10.91
CA TYR A 98 -5.94 -18.38 -11.87
C TYR A 98 -4.84 -19.21 -11.24
N ASP A 99 -5.21 -20.40 -10.77
CA ASP A 99 -4.30 -21.28 -10.03
C ASP A 99 -3.76 -20.53 -8.80
N GLY A 100 -4.62 -19.81 -8.11
CA GLY A 100 -4.20 -18.94 -7.05
C GLY A 100 -3.68 -17.63 -7.59
N MET A 101 -2.40 -17.36 -7.35
CA MET A 101 -1.71 -16.18 -7.87
C MET A 101 -2.51 -14.90 -7.61
N GLN A 102 -2.67 -14.57 -6.34
CA GLN A 102 -3.39 -13.36 -5.96
C GLN A 102 -2.58 -12.53 -4.97
N ASP A 103 -1.79 -11.61 -5.51
CA ASP A 103 -0.99 -10.70 -4.69
C ASP A 103 -1.85 -9.55 -4.22
N GLU A 104 -3.00 -9.40 -4.86
CA GLU A 104 -3.94 -8.34 -4.52
C GLU A 104 -5.29 -8.93 -4.12
N PRO A 105 -5.39 -9.49 -2.90
CA PRO A 105 -6.64 -10.06 -2.41
C PRO A 105 -7.68 -8.97 -2.17
N ARG A 106 -8.68 -8.93 -3.05
CA ARG A 106 -9.73 -7.91 -2.98
C ARG A 106 -10.37 -7.85 -1.59
N TYR A 107 -10.59 -9.01 -0.96
CA TYR A 107 -11.26 -9.06 0.34
C TYR A 107 -10.44 -8.37 1.43
N MET A 108 -9.10 -8.44 1.34
CA MET A 108 -8.25 -7.88 2.38
C MET A 108 -8.22 -6.37 2.25
N MET A 109 -8.27 -5.90 1.01
CA MET A 109 -8.29 -4.47 0.74
C MET A 109 -9.59 -3.87 1.26
N LEU A 110 -10.69 -4.57 0.98
CA LEU A 110 -12.01 -4.17 1.45
C LEU A 110 -12.03 -4.09 2.97
N ALA A 111 -11.51 -5.14 3.61
CA ALA A 111 -11.49 -5.21 5.06
C ALA A 111 -10.65 -4.09 5.68
N ARG A 112 -9.42 -3.92 5.18
CA ARG A 112 -8.53 -2.89 5.68
C ARG A 112 -9.12 -1.50 5.47
N GLU A 113 -9.63 -1.24 4.26
CA GLU A 113 -10.28 0.02 3.95
C GLU A 113 -11.45 0.27 4.90
N ALA A 114 -12.27 -0.76 5.12
CA ALA A 114 -13.37 -0.68 6.07
C ALA A 114 -12.87 -0.26 7.44
N GLU A 115 -11.89 -0.99 7.97
CA GLU A 115 -11.28 -0.65 9.27
C GLU A 115 -10.85 0.82 9.35
N MET A 116 -10.05 1.27 8.39
CA MET A 116 -9.52 2.63 8.43
C MET A 116 -10.64 3.66 8.31
N LEU A 117 -11.60 3.38 7.43
CA LEU A 117 -12.75 4.24 7.22
C LEU A 117 -13.72 4.23 8.42
N PHE A 118 -13.74 3.13 9.19
CA PHE A 118 -14.65 3.01 10.32
C PHE A 118 -14.03 3.56 11.62
N THR A 119 -12.71 3.64 11.68
CA THR A 119 -12.06 4.20 12.86
C THR A 119 -12.18 5.72 12.87
N GLY A 120 -11.65 6.38 11.85
CA GLY A 120 -11.82 7.81 11.69
C GLY A 120 -10.93 8.61 12.63
N GLY A 121 -9.76 8.98 12.16
CA GLY A 121 -8.86 9.79 12.95
C GLY A 121 -8.00 10.72 12.11
N TYR A 122 -8.07 12.01 12.42
CA TYR A 122 -7.18 13.02 11.83
C TYR A 122 -7.28 13.08 10.31
N GLY A 123 -8.45 13.44 9.80
CA GLY A 123 -8.59 13.65 8.38
C GLY A 123 -9.67 12.78 7.76
N LEU A 124 -9.56 11.48 7.98
CA LEU A 124 -10.52 10.54 7.42
C LEU A 124 -11.75 10.50 8.34
N GLU A 125 -12.91 10.79 7.77
CA GLU A 125 -14.16 10.82 8.54
C GLU A 125 -14.61 9.40 8.90
N LYS A 126 -15.37 9.28 9.98
CA LYS A 126 -15.87 7.99 10.41
C LYS A 126 -17.26 7.75 9.86
N ASP A 127 -17.36 6.86 8.88
CA ASP A 127 -18.64 6.52 8.28
C ASP A 127 -19.00 5.07 8.58
N PRO A 128 -19.96 4.84 9.51
CA PRO A 128 -20.37 3.49 9.91
C PRO A 128 -21.07 2.71 8.80
N GLN A 129 -21.94 3.38 8.04
CA GLN A 129 -22.79 2.69 7.06
C GLN A 129 -21.97 2.18 5.88
N ARG A 130 -20.98 2.95 5.45
CA ARG A 130 -20.17 2.58 4.31
C ARG A 130 -19.20 1.47 4.71
N SER A 131 -18.75 1.51 5.95
CA SER A 131 -17.83 0.50 6.48
C SER A 131 -18.54 -0.84 6.62
N GLY A 132 -19.76 -0.82 7.17
CA GLY A 132 -20.56 -2.02 7.24
C GLY A 132 -20.72 -2.67 5.87
N ASP A 133 -21.13 -1.87 4.90
CA ASP A 133 -21.20 -2.30 3.51
C ASP A 133 -19.88 -2.90 3.05
N LEU A 134 -18.78 -2.20 3.29
CA LEU A 134 -17.45 -2.69 2.90
C LEU A 134 -17.14 -4.06 3.50
N TYR A 135 -17.48 -4.30 4.76
CA TYR A 135 -17.21 -5.60 5.36
C TYR A 135 -18.08 -6.68 4.72
N THR A 136 -19.30 -6.30 4.34
CA THR A 136 -20.20 -7.23 3.69
C THR A 136 -19.64 -7.63 2.33
N GLN A 137 -19.15 -6.65 1.57
CA GLN A 137 -18.52 -6.93 0.28
C GLN A 137 -17.28 -7.79 0.46
N ALA A 138 -16.49 -7.47 1.48
CA ALA A 138 -15.29 -8.25 1.78
C ALA A 138 -15.65 -9.70 2.03
N ALA A 139 -16.64 -9.91 2.87
CA ALA A 139 -17.11 -11.25 3.19
C ALA A 139 -17.72 -11.94 1.97
N GLU A 140 -18.39 -11.19 1.09
CA GLU A 140 -18.92 -11.79 -0.15
C GLU A 140 -17.76 -12.26 -1.00
N ALA A 141 -16.73 -11.41 -1.10
CA ALA A 141 -15.54 -11.72 -1.87
C ALA A 141 -14.84 -12.95 -1.30
N ALA A 142 -14.82 -13.08 0.01
CA ALA A 142 -14.16 -14.18 0.68
C ALA A 142 -14.94 -15.47 0.48
N MET A 143 -16.27 -15.37 0.59
CA MET A 143 -17.16 -16.50 0.28
C MET A 143 -16.96 -16.96 -1.16
N GLU A 144 -16.84 -16.01 -2.07
CA GLU A 144 -16.62 -16.32 -3.47
C GLU A 144 -15.23 -16.91 -3.67
N ALA A 145 -14.29 -16.49 -2.82
CA ALA A 145 -12.94 -17.04 -2.83
C ALA A 145 -12.84 -18.30 -1.99
N MET A 146 -14.01 -18.90 -1.69
CA MET A 146 -14.14 -20.11 -0.87
C MET A 146 -13.26 -20.08 0.38
N LYS A 147 -13.15 -18.89 0.99
CA LYS A 147 -12.40 -18.71 2.21
C LYS A 147 -13.36 -18.48 3.38
N GLY A 148 -13.89 -19.59 3.91
CA GLY A 148 -14.94 -19.55 4.91
C GLY A 148 -14.63 -18.71 6.14
N ARG A 149 -13.45 -18.91 6.72
CA ARG A 149 -13.12 -18.27 7.99
C ARG A 149 -13.17 -16.74 7.91
N LEU A 150 -12.48 -16.16 6.93
CA LEU A 150 -12.45 -14.71 6.79
C LEU A 150 -13.85 -14.17 6.50
N ALA A 151 -14.62 -14.90 5.69
CA ALA A 151 -15.98 -14.51 5.38
C ALA A 151 -16.83 -14.42 6.64
N ASN A 152 -16.78 -15.45 7.49
CA ASN A 152 -17.60 -15.44 8.70
C ASN A 152 -17.05 -14.44 9.71
N GLN A 153 -15.76 -14.14 9.61
CA GLN A 153 -15.16 -13.20 10.54
C GLN A 153 -15.65 -11.79 10.24
N TYR A 154 -15.46 -11.37 9.00
CA TYR A 154 -15.86 -10.03 8.61
C TYR A 154 -17.38 -9.87 8.62
N TYR A 155 -18.12 -10.95 8.37
CA TYR A 155 -19.58 -10.88 8.45
C TYR A 155 -20.02 -10.64 9.88
N GLN A 156 -19.38 -11.34 10.82
CA GLN A 156 -19.67 -11.12 12.24
C GLN A 156 -19.22 -9.71 12.67
N LYS A 157 -18.11 -9.23 12.10
CA LYS A 157 -17.67 -7.86 12.31
C LYS A 157 -18.73 -6.87 11.78
N ALA A 158 -19.36 -7.23 10.67
CA ALA A 158 -20.42 -6.41 10.07
C ALA A 158 -21.60 -6.26 11.02
N GLU A 159 -21.98 -7.35 11.68
CA GLU A 159 -23.08 -7.32 12.61
C GLU A 159 -22.72 -6.43 13.80
N GLU A 160 -21.45 -6.49 14.20
CA GLU A 160 -20.95 -5.68 15.30
C GLU A 160 -21.01 -4.21 14.92
N ALA A 161 -20.67 -3.89 13.66
CA ALA A 161 -20.72 -2.53 13.17
C ALA A 161 -22.12 -1.95 13.28
N TRP A 162 -23.12 -2.67 12.77
CA TRP A 162 -24.48 -2.15 12.80
C TRP A 162 -25.05 -2.19 14.24
N ALA A 163 -24.43 -2.99 15.11
CA ALA A 163 -24.81 -3.00 16.52
C ALA A 163 -24.34 -1.73 17.22
N GLN A 164 -23.14 -1.26 16.87
CA GLN A 164 -22.60 -0.03 17.44
C GLN A 164 -23.19 1.19 16.73
N MET A 165 -23.73 0.92 15.54
CA MET A 165 -24.36 1.94 14.74
C MET A 165 -25.77 2.20 15.27
N GLU A 166 -26.62 1.19 15.18
CA GLU A 166 -27.97 1.28 15.69
C GLU A 166 -28.02 0.71 17.10
N GLU A 167 -27.47 1.46 18.04
CA GLU A 167 -27.45 1.05 19.43
C GLU A 167 -28.53 1.79 20.21
N SER A 1 14.71 19.08 -22.07
CA SER A 1 15.37 19.37 -23.36
C SER A 1 16.32 18.23 -23.74
N HIS A 2 17.38 18.06 -22.97
CA HIS A 2 18.37 17.00 -23.22
C HIS A 2 18.98 17.17 -24.61
N MET A 3 19.44 18.37 -24.90
CA MET A 3 20.05 18.67 -26.19
C MET A 3 21.51 19.04 -26.00
N GLY A 4 22.39 18.36 -26.73
CA GLY A 4 23.80 18.64 -26.67
C GLY A 4 24.56 17.64 -25.81
N GLU A 5 23.83 16.70 -25.25
CA GLU A 5 24.41 15.70 -24.37
C GLU A 5 24.50 14.35 -25.09
N LEU A 6 25.45 13.52 -24.68
CA LEU A 6 25.65 12.22 -25.29
C LEU A 6 25.83 11.15 -24.23
N GLU A 7 25.25 11.38 -23.06
CA GLU A 7 25.41 10.47 -21.93
C GLU A 7 24.35 9.38 -21.96
N ALA A 8 24.11 8.84 -23.14
CA ALA A 8 23.14 7.77 -23.31
C ALA A 8 23.81 6.42 -23.13
N ILE A 9 23.76 5.91 -21.91
CA ILE A 9 24.41 4.64 -21.59
C ILE A 9 23.49 3.48 -21.95
N VAL A 10 23.64 2.98 -23.16
CA VAL A 10 22.81 1.87 -23.64
C VAL A 10 23.30 0.55 -23.07
N GLY A 11 24.46 0.58 -22.43
CA GLY A 11 24.99 -0.62 -21.80
C GLY A 11 24.34 -0.89 -20.45
N LEU A 12 23.60 0.08 -19.95
CA LEU A 12 22.89 -0.06 -18.68
C LEU A 12 21.40 0.07 -18.90
N GLY A 13 20.62 -0.28 -17.88
CA GLY A 13 19.18 -0.19 -17.99
C GLY A 13 18.48 -1.18 -17.09
N LEU A 14 17.20 -0.93 -16.84
CA LEU A 14 16.41 -1.78 -15.97
C LEU A 14 15.86 -2.96 -16.76
N MET A 15 16.50 -4.11 -16.61
CA MET A 15 16.13 -5.30 -17.37
C MET A 15 15.32 -6.26 -16.51
N TYR A 16 14.03 -6.00 -16.40
CA TYR A 16 13.15 -6.86 -15.61
C TYR A 16 12.55 -7.97 -16.48
N SER A 17 13.16 -8.18 -17.64
CA SER A 17 12.77 -9.28 -18.52
C SER A 17 13.28 -10.59 -17.93
N GLN A 18 14.25 -10.50 -17.03
CA GLN A 18 14.76 -11.65 -16.31
C GLN A 18 13.97 -11.83 -15.02
N LEU A 19 13.94 -13.04 -14.49
CA LEU A 19 13.19 -13.31 -13.27
C LEU A 19 14.03 -14.16 -12.32
N PRO A 20 14.85 -13.49 -11.47
CA PRO A 20 15.70 -14.19 -10.50
C PRO A 20 14.90 -15.05 -9.53
N HIS A 21 15.38 -16.27 -9.29
CA HIS A 21 14.66 -17.22 -8.46
C HIS A 21 15.08 -17.15 -7.01
N HIS A 22 16.37 -16.94 -6.74
CA HIS A 22 16.84 -16.88 -5.35
C HIS A 22 16.81 -15.45 -4.82
N ILE A 23 15.68 -14.78 -5.06
CA ILE A 23 15.48 -13.43 -4.55
C ILE A 23 15.26 -13.45 -3.05
N LEU A 24 15.57 -12.34 -2.41
CA LEU A 24 15.38 -12.21 -0.97
C LEU A 24 13.89 -12.15 -0.65
N ALA A 25 13.41 -13.03 0.23
CA ALA A 25 11.99 -13.06 0.57
C ALA A 25 11.64 -11.97 1.56
N ASP A 26 11.80 -10.72 1.14
CA ASP A 26 11.50 -9.56 1.97
C ASP A 26 11.21 -8.36 1.09
N VAL A 27 10.15 -7.64 1.41
CA VAL A 27 9.72 -6.50 0.61
C VAL A 27 10.11 -5.17 1.26
N SER A 28 11.09 -5.20 2.14
CA SER A 28 11.52 -3.99 2.81
C SER A 28 12.92 -3.59 2.35
N LEU A 29 12.99 -2.65 1.41
CA LEU A 29 14.28 -2.18 0.91
C LEU A 29 14.74 -0.98 1.72
N LYS A 30 15.23 -1.26 2.91
CA LYS A 30 15.68 -0.22 3.83
C LYS A 30 17.16 0.06 3.63
N GLU A 31 17.60 1.24 4.09
CA GLU A 31 19.00 1.66 3.97
C GLU A 31 19.52 1.51 2.54
N THR A 32 19.14 2.46 1.69
CA THR A 32 19.63 2.50 0.33
C THR A 32 19.58 3.91 -0.21
N GLU A 33 20.68 4.35 -0.79
CA GLU A 33 20.81 5.70 -1.30
C GLU A 33 20.51 5.74 -2.79
N GLU A 34 21.02 4.75 -3.51
CA GLU A 34 20.89 4.68 -4.97
C GLU A 34 19.43 4.42 -5.37
N ASN A 35 18.64 3.88 -4.45
CA ASN A 35 17.26 3.51 -4.76
C ASN A 35 16.36 4.74 -4.88
N LYS A 36 16.88 5.91 -4.53
CA LYS A 36 16.09 7.16 -4.60
C LYS A 36 15.46 7.37 -5.98
N THR A 37 16.09 6.85 -7.03
CA THR A 37 15.56 6.98 -8.38
C THR A 37 14.26 6.19 -8.56
N LYS A 38 13.98 5.31 -7.59
CA LYS A 38 12.73 4.56 -7.57
C LYS A 38 11.96 4.89 -6.30
N GLY A 39 12.35 5.99 -5.66
CA GLY A 39 11.79 6.34 -4.38
C GLY A 39 10.45 7.04 -4.46
N PHE A 40 10.13 7.80 -3.41
CA PHE A 40 8.84 8.47 -3.26
C PHE A 40 8.31 9.12 -4.53
N ASP A 41 9.06 10.06 -5.11
CA ASP A 41 8.54 10.83 -6.24
C ASP A 41 8.33 9.94 -7.45
N TYR A 42 9.11 8.88 -7.57
CA TYR A 42 8.99 7.97 -8.70
C TYR A 42 7.75 7.12 -8.53
N LEU A 43 7.60 6.51 -7.34
CA LEU A 43 6.44 5.71 -7.02
C LEU A 43 5.14 6.51 -7.19
N LEU A 44 5.15 7.77 -6.76
CA LEU A 44 3.96 8.61 -6.88
C LEU A 44 3.76 9.08 -8.33
N LYS A 45 4.85 9.19 -9.08
CA LYS A 45 4.72 9.56 -10.49
C LYS A 45 4.12 8.39 -11.26
N ALA A 46 4.40 7.17 -10.80
CA ALA A 46 3.83 5.99 -11.40
C ALA A 46 2.42 5.76 -10.86
N ALA A 47 2.19 6.23 -9.64
CA ALA A 47 0.86 6.23 -9.06
C ALA A 47 -0.05 7.12 -9.88
N GLU A 48 0.48 8.27 -10.30
CA GLU A 48 -0.23 9.17 -11.21
C GLU A 48 -0.31 8.56 -12.61
N ALA A 49 0.64 7.68 -12.94
CA ALA A 49 0.66 7.02 -14.24
C ALA A 49 -0.40 5.93 -14.33
N GLY A 50 -0.74 5.32 -13.21
CA GLY A 50 -1.75 4.27 -13.21
C GLY A 50 -1.17 2.91 -12.90
N ASP A 51 0.02 2.88 -12.33
CA ASP A 51 0.66 1.62 -11.95
C ASP A 51 0.16 1.17 -10.59
N ARG A 52 -0.59 0.08 -10.61
CA ARG A 52 -1.21 -0.50 -9.42
C ARG A 52 -0.21 -0.71 -8.28
N GLN A 53 0.89 -1.41 -8.54
CA GLN A 53 1.86 -1.77 -7.51
C GLN A 53 2.39 -0.54 -6.77
N SER A 54 2.77 0.49 -7.51
CA SER A 54 3.39 1.67 -6.89
C SER A 54 2.32 2.47 -6.15
N MET A 55 1.11 2.43 -6.69
CA MET A 55 -0.03 3.08 -6.09
C MET A 55 -0.35 2.47 -4.74
N ILE A 56 -0.33 1.14 -4.70
CA ILE A 56 -0.59 0.40 -3.46
C ILE A 56 0.56 0.62 -2.48
N LEU A 57 1.78 0.70 -3.01
CA LEU A 57 2.96 0.93 -2.18
C LEU A 57 2.89 2.29 -1.48
N VAL A 58 2.60 3.37 -2.22
CA VAL A 58 2.52 4.68 -1.57
C VAL A 58 1.37 4.69 -0.56
N ALA A 59 0.26 4.04 -0.91
CA ALA A 59 -0.85 3.87 0.02
C ALA A 59 -0.39 3.28 1.34
N ARG A 60 0.14 2.06 1.30
CA ARG A 60 0.64 1.37 2.49
C ARG A 60 1.76 2.16 3.17
N ALA A 61 2.49 2.95 2.38
CA ALA A 61 3.56 3.79 2.91
C ALA A 61 2.97 4.86 3.84
N PHE A 62 1.86 5.44 3.43
CA PHE A 62 1.15 6.43 4.23
C PHE A 62 0.42 5.76 5.39
N ASP A 63 -0.14 4.59 5.13
CA ASP A 63 -0.92 3.86 6.13
C ASP A 63 -0.06 3.40 7.31
N SER A 64 0.91 2.54 7.04
CA SER A 64 1.72 1.98 8.11
C SER A 64 2.75 3.00 8.59
N GLY A 65 3.16 3.88 7.70
CA GLY A 65 4.04 4.97 8.07
C GLY A 65 5.48 4.55 8.30
N GLN A 66 5.79 3.30 7.97
CA GLN A 66 7.15 2.78 8.19
C GLN A 66 8.09 3.31 7.12
N ASN A 67 7.61 3.31 5.87
CA ASN A 67 8.41 3.84 4.76
C ASN A 67 8.27 5.35 4.68
N LEU A 68 7.14 5.86 5.15
CA LEU A 68 6.82 7.28 5.05
C LEU A 68 7.79 8.14 5.85
N SER A 69 8.30 7.56 6.95
CA SER A 69 9.16 8.27 7.90
C SER A 69 8.34 9.29 8.71
N PRO A 70 8.55 9.35 10.05
CA PRO A 70 7.75 10.23 10.93
C PRO A 70 7.99 11.73 10.69
N ASP A 71 8.76 12.06 9.66
CA ASP A 71 8.99 13.46 9.28
C ASP A 71 7.87 13.98 8.40
N ARG A 72 6.93 13.10 8.05
CA ARG A 72 5.81 13.47 7.18
C ARG A 72 4.50 13.08 7.86
N CYS A 73 3.46 13.86 7.61
CA CYS A 73 2.17 13.63 8.25
C CYS A 73 1.44 12.45 7.60
N GLN A 74 0.93 11.56 8.44
CA GLN A 74 0.17 10.41 7.96
C GLN A 74 -1.27 10.78 7.70
N ASP A 75 -1.55 11.18 6.47
CA ASP A 75 -2.91 11.44 6.03
C ASP A 75 -3.50 10.15 5.49
N TRP A 76 -4.70 9.81 5.95
CA TRP A 76 -5.29 8.55 5.56
C TRP A 76 -6.33 8.75 4.48
N LEU A 77 -6.63 10.01 4.18
CA LEU A 77 -7.59 10.32 3.12
C LEU A 77 -6.95 10.04 1.76
N GLU A 78 -5.68 10.42 1.62
CA GLU A 78 -4.96 10.16 0.39
C GLU A 78 -4.72 8.66 0.23
N ALA A 79 -4.27 8.02 1.32
CA ALA A 79 -4.13 6.57 1.37
C ALA A 79 -5.41 5.88 0.91
N LEU A 80 -6.54 6.23 1.55
CA LEU A 80 -7.84 5.74 1.15
C LEU A 80 -8.07 5.94 -0.34
N HIS A 81 -7.92 7.19 -0.79
CA HIS A 81 -8.01 7.54 -2.21
C HIS A 81 -7.22 6.56 -3.09
N TRP A 82 -5.99 6.25 -2.69
CA TRP A 82 -5.12 5.43 -3.51
C TRP A 82 -5.58 3.98 -3.50
N TYR A 83 -6.00 3.49 -2.35
CA TYR A 83 -6.54 2.14 -2.26
C TYR A 83 -7.81 2.00 -3.11
N ASN A 84 -8.67 3.00 -3.02
CA ASN A 84 -9.94 2.99 -3.75
C ASN A 84 -9.68 3.10 -5.24
N THR A 85 -8.66 3.86 -5.60
CA THR A 85 -8.31 4.02 -7.01
C THR A 85 -7.79 2.71 -7.58
N ALA A 86 -6.90 2.03 -6.84
CA ALA A 86 -6.34 0.77 -7.31
C ALA A 86 -7.44 -0.28 -7.48
N LEU A 87 -8.29 -0.40 -6.46
CA LEU A 87 -9.37 -1.39 -6.48
C LEU A 87 -10.42 -1.06 -7.55
N GLU A 88 -10.78 0.21 -7.70
CA GLU A 88 -11.87 0.57 -8.61
C GLU A 88 -11.41 0.85 -10.04
N MET A 89 -10.12 1.04 -10.27
CA MET A 89 -9.65 1.26 -11.65
C MET A 89 -9.57 -0.05 -12.42
N THR A 90 -9.39 -1.17 -11.73
CA THR A 90 -9.37 -2.46 -12.38
C THR A 90 -10.76 -2.83 -12.91
N ASP A 91 -10.84 -3.06 -14.22
CA ASP A 91 -12.12 -3.29 -14.87
C ASP A 91 -12.37 -4.78 -15.05
N CYS A 92 -11.54 -5.59 -14.43
CA CYS A 92 -11.67 -7.02 -14.49
C CYS A 92 -12.79 -7.50 -13.57
N ASP A 93 -13.84 -8.06 -14.16
CA ASP A 93 -14.97 -8.59 -13.39
C ASP A 93 -15.06 -10.09 -13.56
N GLU A 94 -14.46 -10.60 -14.63
CA GLU A 94 -14.48 -12.03 -14.92
C GLU A 94 -13.18 -12.69 -14.51
N GLY A 95 -12.46 -12.04 -13.62
CA GLY A 95 -11.20 -12.56 -13.14
C GLY A 95 -11.41 -13.80 -12.29
N GLY A 96 -11.05 -14.96 -12.82
CA GLY A 96 -11.29 -16.19 -12.12
C GLY A 96 -10.07 -17.09 -12.10
N GLU A 97 -9.00 -16.59 -11.52
CA GLU A 97 -7.78 -17.36 -11.40
C GLU A 97 -7.34 -17.42 -9.95
N TYR A 98 -7.99 -18.27 -9.19
CA TYR A 98 -7.68 -18.40 -7.77
C TYR A 98 -6.62 -19.46 -7.56
N ASP A 99 -5.40 -19.12 -7.95
CA ASP A 99 -4.25 -20.00 -7.71
C ASP A 99 -3.95 -20.10 -6.23
N GLY A 100 -3.68 -18.96 -5.62
CA GLY A 100 -3.33 -18.92 -4.22
C GLY A 100 -2.20 -17.97 -3.96
N MET A 101 -1.31 -17.85 -4.94
CA MET A 101 -0.20 -16.92 -4.85
C MET A 101 -0.69 -15.49 -5.02
N GLN A 102 -1.07 -14.88 -3.91
CA GLN A 102 -1.50 -13.49 -3.92
C GLN A 102 -1.35 -12.90 -2.52
N ASP A 103 -0.40 -11.98 -2.38
CA ASP A 103 -0.15 -11.32 -1.11
C ASP A 103 -1.07 -10.11 -0.97
N GLU A 104 -1.78 -9.81 -2.04
CA GLU A 104 -2.73 -8.70 -2.07
C GLU A 104 -4.14 -9.22 -2.27
N PRO A 105 -4.79 -9.68 -1.21
CA PRO A 105 -6.14 -10.22 -1.27
C PRO A 105 -7.17 -9.10 -1.28
N ARG A 106 -8.03 -9.13 -2.30
CA ARG A 106 -9.10 -8.14 -2.45
C ARG A 106 -9.93 -8.05 -1.16
N TYR A 107 -10.30 -9.19 -0.60
CA TYR A 107 -11.11 -9.23 0.61
C TYR A 107 -10.39 -8.62 1.82
N MET A 108 -9.07 -8.79 1.87
CA MET A 108 -8.30 -8.32 3.03
C MET A 108 -8.12 -6.81 2.94
N MET A 109 -8.03 -6.33 1.72
CA MET A 109 -7.89 -4.90 1.48
C MET A 109 -9.19 -4.18 1.85
N LEU A 110 -10.30 -4.78 1.44
CA LEU A 110 -11.64 -4.27 1.78
C LEU A 110 -11.81 -4.20 3.30
N ALA A 111 -11.42 -5.28 3.96
CA ALA A 111 -11.51 -5.38 5.41
C ALA A 111 -10.64 -4.32 6.09
N ARG A 112 -9.41 -4.20 5.63
CA ARG A 112 -8.46 -3.24 6.17
C ARG A 112 -8.95 -1.80 5.97
N GLU A 113 -9.44 -1.49 4.77
CA GLU A 113 -10.05 -0.20 4.48
C GLU A 113 -11.21 0.07 5.43
N ALA A 114 -12.05 -0.93 5.65
CA ALA A 114 -13.14 -0.85 6.61
C ALA A 114 -12.63 -0.40 7.97
N GLU A 115 -11.61 -1.08 8.48
CA GLU A 115 -10.94 -0.68 9.73
C GLU A 115 -10.55 0.80 9.71
N MET A 116 -9.86 1.21 8.64
CA MET A 116 -9.46 2.61 8.46
C MET A 116 -10.65 3.54 8.64
N LEU A 117 -11.66 3.35 7.80
CA LEU A 117 -12.81 4.23 7.76
C LEU A 117 -13.65 4.20 9.03
N PHE A 118 -13.69 3.08 9.74
CA PHE A 118 -14.54 2.98 10.90
C PHE A 118 -13.85 3.58 12.14
N THR A 119 -12.52 3.63 12.16
CA THR A 119 -11.81 4.20 13.29
C THR A 119 -11.76 5.72 13.18
N GLY A 120 -11.15 6.24 12.12
CA GLY A 120 -11.17 7.68 11.89
C GLY A 120 -9.87 8.34 12.33
N GLY A 121 -9.74 9.61 11.99
CA GLY A 121 -8.55 10.36 12.34
C GLY A 121 -7.60 10.53 11.18
N TYR A 122 -6.65 11.44 11.34
CA TYR A 122 -5.57 11.65 10.36
C TYR A 122 -6.12 12.02 8.98
N GLY A 123 -7.00 13.02 8.95
CA GLY A 123 -7.51 13.53 7.69
C GLY A 123 -8.68 12.72 7.16
N LEU A 124 -9.18 11.81 7.96
CA LEU A 124 -10.29 10.95 7.54
C LEU A 124 -11.39 10.93 8.60
N GLU A 125 -12.63 10.92 8.13
CA GLU A 125 -13.78 10.92 9.05
C GLU A 125 -14.19 9.49 9.41
N LYS A 126 -15.00 9.38 10.45
CA LYS A 126 -15.47 8.08 10.94
C LYS A 126 -16.80 7.73 10.29
N ASP A 127 -16.75 6.88 9.28
CA ASP A 127 -17.95 6.51 8.54
C ASP A 127 -18.35 5.06 8.82
N PRO A 128 -19.37 4.85 9.66
CA PRO A 128 -19.86 3.50 9.99
C PRO A 128 -20.52 2.77 8.81
N GLN A 129 -21.32 3.48 8.02
CA GLN A 129 -22.13 2.84 6.97
C GLN A 129 -21.27 2.33 5.82
N ARG A 130 -20.25 3.11 5.44
CA ARG A 130 -19.37 2.73 4.35
C ARG A 130 -18.50 1.55 4.79
N SER A 131 -18.13 1.55 6.06
CA SER A 131 -17.31 0.49 6.62
C SER A 131 -18.10 -0.81 6.74
N GLY A 132 -19.31 -0.73 7.29
CA GLY A 132 -20.19 -1.88 7.35
C GLY A 132 -20.37 -2.53 5.98
N ASP A 133 -20.77 -1.70 5.01
CA ASP A 133 -20.89 -2.16 3.64
C ASP A 133 -19.59 -2.78 3.15
N LEU A 134 -18.47 -2.12 3.44
CA LEU A 134 -17.15 -2.64 3.10
C LEU A 134 -16.90 -4.02 3.68
N TYR A 135 -17.30 -4.27 4.94
CA TYR A 135 -17.11 -5.60 5.52
C TYR A 135 -17.95 -6.62 4.77
N THR A 136 -19.12 -6.17 4.33
CA THR A 136 -20.01 -7.05 3.60
C THR A 136 -19.42 -7.39 2.23
N GLN A 137 -18.88 -6.37 1.53
CA GLN A 137 -18.17 -6.61 0.27
C GLN A 137 -17.02 -7.58 0.48
N ALA A 138 -16.24 -7.33 1.54
CA ALA A 138 -15.09 -8.15 1.87
C ALA A 138 -15.50 -9.60 2.10
N ALA A 139 -16.51 -9.78 2.94
CA ALA A 139 -17.02 -11.11 3.25
C ALA A 139 -17.57 -11.81 2.01
N GLU A 140 -18.25 -11.07 1.12
CA GLU A 140 -18.77 -11.68 -0.10
C GLU A 140 -17.60 -12.11 -0.99
N ALA A 141 -16.59 -11.25 -1.06
CA ALA A 141 -15.39 -11.55 -1.83
C ALA A 141 -14.67 -12.76 -1.26
N ALA A 142 -14.69 -12.91 0.06
CA ALA A 142 -14.08 -14.03 0.73
C ALA A 142 -14.83 -15.32 0.45
N MET A 143 -16.17 -15.23 0.48
CA MET A 143 -17.03 -16.36 0.08
C MET A 143 -16.70 -16.79 -1.35
N GLU A 144 -16.53 -15.81 -2.23
CA GLU A 144 -16.17 -16.08 -3.62
C GLU A 144 -14.78 -16.70 -3.68
N ALA A 145 -13.92 -16.33 -2.75
CA ALA A 145 -12.56 -16.87 -2.65
C ALA A 145 -12.56 -18.20 -1.89
N MET A 146 -13.76 -18.74 -1.63
CA MET A 146 -13.91 -20.02 -0.92
C MET A 146 -13.28 -19.98 0.47
N LYS A 147 -13.18 -18.79 1.05
CA LYS A 147 -12.61 -18.64 2.37
C LYS A 147 -13.72 -18.43 3.41
N GLY A 148 -14.30 -19.54 3.84
CA GLY A 148 -15.42 -19.51 4.77
C GLY A 148 -15.14 -18.73 6.04
N ARG A 149 -14.01 -19.01 6.68
CA ARG A 149 -13.68 -18.40 7.96
C ARG A 149 -13.70 -16.87 7.90
N LEU A 150 -12.93 -16.29 6.98
CA LEU A 150 -12.85 -14.83 6.89
C LEU A 150 -14.20 -14.22 6.55
N ALA A 151 -14.94 -14.89 5.67
CA ALA A 151 -16.26 -14.43 5.28
C ALA A 151 -17.20 -14.38 6.47
N ASN A 152 -17.26 -15.45 7.24
CA ASN A 152 -18.19 -15.50 8.37
C ASN A 152 -17.69 -14.63 9.51
N GLN A 153 -16.37 -14.38 9.54
CA GLN A 153 -15.79 -13.55 10.57
C GLN A 153 -16.14 -12.09 10.33
N TYR A 154 -15.89 -11.61 9.12
CA TYR A 154 -16.23 -10.23 8.80
C TYR A 154 -17.74 -10.04 8.68
N TYR A 155 -18.50 -11.10 8.39
CA TYR A 155 -19.95 -11.00 8.41
C TYR A 155 -20.43 -10.80 9.84
N GLN A 156 -19.85 -11.55 10.77
CA GLN A 156 -20.15 -11.38 12.19
C GLN A 156 -19.69 -9.99 12.65
N LYS A 157 -18.53 -9.55 12.13
CA LYS A 157 -18.01 -8.22 12.42
C LYS A 157 -18.98 -7.15 11.88
N ALA A 158 -19.51 -7.38 10.67
CA ALA A 158 -20.46 -6.46 10.05
C ALA A 158 -21.72 -6.32 10.89
N GLU A 159 -22.20 -7.43 11.45
CA GLU A 159 -23.38 -7.41 12.29
C GLU A 159 -23.09 -6.61 13.56
N GLU A 160 -21.86 -6.76 14.05
CA GLU A 160 -21.43 -6.05 15.25
C GLU A 160 -21.33 -4.55 14.96
N ALA A 161 -20.88 -4.20 13.75
CA ALA A 161 -20.82 -2.80 13.33
C ALA A 161 -22.20 -2.17 13.33
N TRP A 162 -23.17 -2.84 12.71
CA TRP A 162 -24.52 -2.27 12.66
C TRP A 162 -25.18 -2.32 14.04
N ALA A 163 -24.69 -3.19 14.91
CA ALA A 163 -25.17 -3.25 16.30
C ALA A 163 -24.72 -2.02 17.07
N GLN A 164 -23.50 -1.57 16.84
CA GLN A 164 -22.96 -0.39 17.51
C GLN A 164 -23.27 0.87 16.70
N MET A 165 -23.76 0.66 15.49
CA MET A 165 -24.19 1.75 14.63
C MET A 165 -25.59 2.22 15.05
N GLU A 166 -25.69 2.71 16.27
CA GLU A 166 -26.96 3.15 16.81
C GLU A 166 -26.74 4.29 17.79
N GLU A 167 -26.40 5.44 17.24
CA GLU A 167 -26.11 6.63 18.03
C GLU A 167 -26.54 7.89 17.28
N SER A 1 45.54 41.79 -5.05
CA SER A 1 46.36 41.35 -6.19
C SER A 1 45.47 40.88 -7.32
N HIS A 2 45.99 40.94 -8.55
CA HIS A 2 45.27 40.45 -9.71
C HIS A 2 45.89 39.12 -10.16
N MET A 3 46.78 38.60 -9.35
CA MET A 3 47.44 37.34 -9.65
C MET A 3 46.76 36.19 -8.92
N GLY A 4 46.44 35.14 -9.67
CA GLY A 4 45.74 34.01 -9.09
C GLY A 4 44.54 33.63 -9.93
N GLU A 5 44.75 32.76 -10.90
CA GLU A 5 43.67 32.35 -11.81
C GLU A 5 42.85 31.22 -11.21
N LEU A 6 43.53 30.27 -10.60
CA LEU A 6 42.86 29.13 -9.99
C LEU A 6 42.35 29.52 -8.60
N GLU A 7 42.89 30.62 -8.08
CA GLU A 7 42.43 31.17 -6.82
C GLU A 7 41.25 32.10 -7.04
N ALA A 8 40.21 31.95 -6.24
CA ALA A 8 39.03 32.79 -6.37
C ALA A 8 39.23 34.11 -5.64
N ILE A 9 39.75 35.09 -6.37
CA ILE A 9 39.98 36.41 -5.82
C ILE A 9 38.67 37.18 -5.75
N VAL A 10 37.95 37.17 -6.86
CA VAL A 10 36.64 37.80 -6.95
C VAL A 10 35.62 36.76 -7.43
N GLY A 11 35.47 35.69 -6.65
CA GLY A 11 34.54 34.63 -7.01
C GLY A 11 33.12 35.00 -6.68
N LEU A 12 32.93 35.58 -5.50
CA LEU A 12 31.62 36.03 -5.07
C LEU A 12 31.65 37.51 -4.74
N GLY A 13 32.38 38.26 -5.57
CA GLY A 13 32.54 39.69 -5.35
C GLY A 13 33.48 39.99 -4.21
N LEU A 14 32.94 39.94 -2.99
CA LEU A 14 33.72 40.24 -1.80
C LEU A 14 33.85 38.99 -0.92
N MET A 15 34.42 37.94 -1.52
CA MET A 15 34.66 36.65 -0.85
C MET A 15 33.35 35.91 -0.58
N TYR A 16 32.57 36.42 0.36
CA TYR A 16 31.33 35.77 0.75
C TYR A 16 30.34 36.79 1.28
N SER A 17 29.36 37.13 0.47
CA SER A 17 28.32 38.07 0.88
C SER A 17 26.97 37.61 0.34
N GLN A 18 26.94 36.36 -0.09
CA GLN A 18 25.74 35.77 -0.68
C GLN A 18 25.24 34.65 0.20
N LEU A 19 24.04 34.15 -0.10
CA LEU A 19 23.48 33.01 0.60
C LEU A 19 23.33 31.83 -0.37
N PRO A 20 24.39 31.05 -0.57
CA PRO A 20 24.38 29.90 -1.48
C PRO A 20 23.37 28.84 -1.04
N HIS A 21 22.18 28.90 -1.63
CA HIS A 21 21.13 27.96 -1.29
C HIS A 21 21.16 26.75 -2.23
N HIS A 22 22.16 26.71 -3.12
CA HIS A 22 22.43 25.53 -3.91
C HIS A 22 22.85 24.38 -3.00
N ILE A 23 23.58 24.74 -1.96
CA ILE A 23 24.05 23.78 -0.97
C ILE A 23 23.18 23.84 0.28
N LEU A 24 22.39 22.81 0.51
CA LEU A 24 21.57 22.73 1.73
C LEU A 24 22.37 22.04 2.82
N ALA A 25 23.13 21.03 2.41
CA ALA A 25 24.00 20.30 3.31
C ALA A 25 25.17 19.71 2.54
N ASP A 26 24.86 18.80 1.62
CA ASP A 26 25.88 18.16 0.79
C ASP A 26 25.46 18.19 -0.68
N VAL A 27 26.31 18.77 -1.52
CA VAL A 27 26.05 18.82 -2.95
C VAL A 27 26.81 17.69 -3.65
N SER A 28 27.28 16.75 -2.85
CA SER A 28 28.03 15.62 -3.37
C SER A 28 27.30 14.32 -3.06
N LEU A 29 27.08 13.49 -4.07
CA LEU A 29 26.37 12.23 -3.89
C LEU A 29 27.35 11.11 -3.56
N LYS A 30 26.89 10.11 -2.84
CA LYS A 30 27.72 8.98 -2.46
C LYS A 30 26.94 7.67 -2.56
N GLU A 31 27.14 6.94 -3.67
CA GLU A 31 26.42 5.68 -3.92
C GLU A 31 24.91 5.83 -3.71
N THR A 32 24.28 6.63 -4.55
CA THR A 32 22.83 6.83 -4.48
C THR A 32 22.17 6.22 -5.71
N GLU A 33 22.88 5.27 -6.32
CA GLU A 33 22.41 4.62 -7.54
C GLU A 33 21.10 3.90 -7.27
N GLU A 34 21.04 3.19 -6.16
CA GLU A 34 19.83 2.44 -5.78
C GLU A 34 18.91 3.31 -4.92
N ASN A 35 19.36 4.50 -4.55
CA ASN A 35 18.61 5.34 -3.63
C ASN A 35 17.67 6.28 -4.38
N LYS A 36 18.22 7.06 -5.31
CA LYS A 36 17.41 8.03 -6.07
C LYS A 36 16.35 7.32 -6.92
N THR A 37 16.60 6.07 -7.30
CA THR A 37 15.66 5.32 -8.13
C THR A 37 14.51 4.76 -7.29
N LYS A 38 14.65 4.85 -5.98
CA LYS A 38 13.62 4.37 -5.06
C LYS A 38 13.10 5.51 -4.20
N GLY A 39 13.28 6.74 -4.69
CA GLY A 39 12.76 7.89 -4.00
C GLY A 39 11.24 7.94 -4.11
N PHE A 40 10.58 8.25 -2.99
CA PHE A 40 9.13 8.35 -2.97
C PHE A 40 8.54 9.07 -4.19
N ASP A 41 9.17 10.15 -4.65
CA ASP A 41 8.65 10.93 -5.76
C ASP A 41 8.61 10.10 -7.05
N TYR A 42 9.49 9.11 -7.14
CA TYR A 42 9.57 8.29 -8.34
C TYR A 42 8.37 7.32 -8.37
N LEU A 43 8.13 6.67 -7.23
CA LEU A 43 6.97 5.79 -7.08
C LEU A 43 5.66 6.55 -7.31
N LEU A 44 5.57 7.77 -6.79
CA LEU A 44 4.36 8.57 -6.93
C LEU A 44 4.24 9.13 -8.36
N LYS A 45 5.38 9.36 -9.02
CA LYS A 45 5.35 9.84 -10.39
C LYS A 45 4.89 8.69 -11.29
N ALA A 46 5.17 7.46 -10.86
CA ALA A 46 4.72 6.29 -11.58
C ALA A 46 3.28 5.98 -11.22
N ALA A 47 2.90 6.35 -10.00
CA ALA A 47 1.51 6.24 -9.55
C ALA A 47 0.63 7.16 -10.39
N GLU A 48 1.14 8.35 -10.69
CA GLU A 48 0.46 9.26 -11.60
C GLU A 48 0.60 8.80 -13.05
N ALA A 49 1.67 8.05 -13.35
CA ALA A 49 1.89 7.54 -14.69
C ALA A 49 0.90 6.44 -15.06
N GLY A 50 0.53 5.62 -14.09
CA GLY A 50 -0.42 4.55 -14.34
C GLY A 50 0.04 3.19 -13.86
N ASP A 51 1.18 3.15 -13.19
CA ASP A 51 1.70 1.88 -12.68
C ASP A 51 0.97 1.50 -11.38
N ARG A 52 0.04 0.56 -11.52
CA ARG A 52 -0.80 0.09 -10.42
C ARG A 52 0.00 -0.29 -9.17
N GLN A 53 1.07 -1.06 -9.37
CA GLN A 53 1.86 -1.58 -8.25
C GLN A 53 2.51 -0.43 -7.47
N SER A 54 2.84 0.66 -8.18
CA SER A 54 3.42 1.82 -7.52
C SER A 54 2.34 2.55 -6.71
N MET A 55 1.11 2.47 -7.19
CA MET A 55 -0.03 3.09 -6.49
C MET A 55 -0.27 2.39 -5.17
N ILE A 56 -0.20 1.06 -5.20
CA ILE A 56 -0.39 0.26 -4.00
C ILE A 56 0.75 0.54 -3.01
N LEU A 57 1.96 0.69 -3.55
CA LEU A 57 3.13 1.00 -2.74
C LEU A 57 2.98 2.35 -2.03
N VAL A 58 2.60 3.39 -2.76
CA VAL A 58 2.49 4.72 -2.14
C VAL A 58 1.38 4.72 -1.10
N ALA A 59 0.26 4.07 -1.41
CA ALA A 59 -0.84 3.90 -0.45
C ALA A 59 -0.33 3.34 0.88
N ARG A 60 0.21 2.13 0.84
CA ARG A 60 0.70 1.48 2.04
C ARG A 60 1.92 2.21 2.61
N ALA A 61 2.60 3.00 1.78
CA ALA A 61 3.68 3.85 2.25
C ALA A 61 3.14 4.90 3.19
N PHE A 62 1.97 5.43 2.87
CA PHE A 62 1.26 6.37 3.74
C PHE A 62 0.83 5.67 5.03
N ASP A 63 0.57 4.36 4.94
CA ASP A 63 0.19 3.55 6.10
C ASP A 63 1.35 3.39 7.08
N SER A 64 2.38 2.68 6.64
CA SER A 64 3.51 2.36 7.51
C SER A 64 4.46 3.53 7.69
N GLY A 65 4.31 4.56 6.86
CA GLY A 65 5.10 5.77 7.01
C GLY A 65 6.58 5.56 6.72
N GLN A 66 6.92 4.47 6.04
CA GLN A 66 8.32 4.16 5.78
C GLN A 66 8.80 4.79 4.49
N ASN A 67 8.29 4.32 3.36
CA ASN A 67 8.73 4.82 2.05
C ASN A 67 8.25 6.26 1.82
N LEU A 68 7.34 6.70 2.68
CA LEU A 68 6.84 8.07 2.63
C LEU A 68 7.95 9.05 3.01
N SER A 69 8.88 8.55 3.83
CA SER A 69 9.97 9.35 4.40
C SER A 69 9.40 10.32 5.45
N PRO A 70 10.05 10.41 6.64
CA PRO A 70 9.56 11.25 7.74
C PRO A 70 9.55 12.75 7.42
N ASP A 71 9.90 13.09 6.20
CA ASP A 71 9.90 14.49 5.75
C ASP A 71 8.50 14.94 5.39
N ARG A 72 7.57 14.00 5.31
CA ARG A 72 6.22 14.30 4.86
C ARG A 72 5.20 13.67 5.80
N CYS A 73 4.06 14.33 5.96
CA CYS A 73 3.02 13.85 6.86
C CYS A 73 2.13 12.84 6.15
N GLN A 74 1.57 11.91 6.91
CA GLN A 74 0.73 10.87 6.35
C GLN A 74 -0.74 11.20 6.54
N ASP A 75 -1.52 11.07 5.47
CA ASP A 75 -2.95 11.31 5.53
C ASP A 75 -3.69 10.03 5.18
N TRP A 76 -4.50 9.55 6.12
CA TRP A 76 -5.29 8.35 5.89
C TRP A 76 -6.37 8.58 4.84
N LEU A 77 -6.65 9.85 4.54
CA LEU A 77 -7.58 10.16 3.46
C LEU A 77 -6.89 9.91 2.12
N GLU A 78 -5.61 10.22 2.07
CA GLU A 78 -4.81 9.99 0.87
C GLU A 78 -4.69 8.49 0.63
N ALA A 79 -4.32 7.78 1.70
CA ALA A 79 -4.26 6.32 1.66
C ALA A 79 -5.59 5.74 1.19
N LEU A 80 -6.69 6.09 1.87
CA LEU A 80 -8.02 5.65 1.45
C LEU A 80 -8.26 5.97 -0.02
N HIS A 81 -8.02 7.22 -0.40
CA HIS A 81 -8.14 7.66 -1.79
C HIS A 81 -7.39 6.73 -2.76
N TRP A 82 -6.17 6.32 -2.41
CA TRP A 82 -5.37 5.47 -3.28
C TRP A 82 -5.93 4.05 -3.33
N TYR A 83 -6.40 3.55 -2.19
CA TYR A 83 -7.02 2.23 -2.14
C TYR A 83 -8.36 2.23 -2.86
N ASN A 84 -9.07 3.36 -2.74
CA ASN A 84 -10.34 3.54 -3.43
C ASN A 84 -10.12 3.58 -4.93
N THR A 85 -9.04 4.24 -5.33
CA THR A 85 -8.68 4.33 -6.74
C THR A 85 -8.37 2.93 -7.28
N ALA A 86 -7.68 2.12 -6.46
CA ALA A 86 -7.35 0.76 -6.86
C ALA A 86 -8.62 -0.07 -7.05
N LEU A 87 -9.51 -0.05 -6.07
CA LEU A 87 -10.78 -0.77 -6.17
C LEU A 87 -11.61 -0.29 -7.35
N GLU A 88 -11.74 1.03 -7.50
CA GLU A 88 -12.58 1.60 -8.55
C GLU A 88 -11.99 1.37 -9.95
N MET A 89 -10.67 1.40 -10.08
CA MET A 89 -10.03 1.23 -11.38
C MET A 89 -10.16 -0.21 -11.86
N THR A 90 -10.31 -1.16 -10.95
CA THR A 90 -10.51 -2.54 -11.33
C THR A 90 -11.99 -2.79 -11.65
N ASP A 91 -12.36 -2.50 -12.89
CA ASP A 91 -13.73 -2.67 -13.34
C ASP A 91 -13.95 -4.08 -13.86
N CYS A 92 -12.92 -4.90 -13.69
CA CYS A 92 -12.93 -6.28 -14.14
C CYS A 92 -13.72 -7.17 -13.17
N ASP A 93 -14.50 -6.54 -12.30
CA ASP A 93 -15.30 -7.27 -11.33
C ASP A 93 -16.74 -7.38 -11.81
N GLU A 94 -17.05 -6.68 -12.90
CA GLU A 94 -18.42 -6.64 -13.43
C GLU A 94 -18.70 -7.84 -14.33
N GLY A 95 -18.02 -8.95 -14.08
CA GLY A 95 -18.24 -10.15 -14.84
C GLY A 95 -18.74 -11.28 -13.97
N GLY A 96 -18.14 -11.42 -12.81
CA GLY A 96 -18.53 -12.45 -11.87
C GLY A 96 -17.36 -12.89 -11.02
N GLU A 97 -16.37 -13.48 -11.68
CA GLU A 97 -15.16 -13.92 -11.00
C GLU A 97 -13.94 -13.42 -11.76
N TYR A 98 -12.90 -13.05 -11.02
CA TYR A 98 -11.70 -12.51 -11.63
C TYR A 98 -10.45 -13.15 -11.02
N ASP A 99 -9.92 -14.16 -11.69
CA ASP A 99 -8.69 -14.80 -11.27
C ASP A 99 -7.53 -14.24 -12.09
N GLY A 100 -7.52 -12.92 -12.27
CA GLY A 100 -6.53 -12.28 -13.11
C GLY A 100 -5.25 -11.95 -12.39
N MET A 101 -4.79 -12.88 -11.56
CA MET A 101 -3.50 -12.77 -10.86
C MET A 101 -3.41 -11.50 -10.01
N GLN A 102 -3.76 -11.61 -8.74
CA GLN A 102 -3.66 -10.49 -7.83
C GLN A 102 -3.03 -10.94 -6.51
N ASP A 103 -1.82 -10.45 -6.25
CA ASP A 103 -1.10 -10.79 -5.03
C ASP A 103 -1.72 -10.09 -3.83
N GLU A 104 -2.44 -9.00 -4.09
CA GLU A 104 -3.18 -8.31 -3.04
C GLU A 104 -4.58 -8.88 -2.94
N PRO A 105 -4.87 -9.60 -1.84
CA PRO A 105 -6.19 -10.17 -1.60
C PRO A 105 -7.25 -9.09 -1.47
N ARG A 106 -8.15 -9.05 -2.46
CA ARG A 106 -9.19 -8.04 -2.52
C ARG A 106 -10.02 -7.98 -1.23
N TYR A 107 -10.32 -9.14 -0.65
CA TYR A 107 -11.13 -9.18 0.58
C TYR A 107 -10.38 -8.57 1.77
N MET A 108 -9.05 -8.72 1.79
CA MET A 108 -8.25 -8.25 2.91
C MET A 108 -8.13 -6.73 2.86
N MET A 109 -8.05 -6.20 1.65
CA MET A 109 -7.96 -4.76 1.46
C MET A 109 -9.29 -4.12 1.81
N LEU A 110 -10.38 -4.76 1.40
CA LEU A 110 -11.73 -4.30 1.76
C LEU A 110 -11.89 -4.23 3.28
N ALA A 111 -11.46 -5.30 3.95
CA ALA A 111 -11.55 -5.39 5.39
C ALA A 111 -10.71 -4.32 6.08
N ARG A 112 -9.47 -4.17 5.61
CA ARG A 112 -8.57 -3.14 6.11
C ARG A 112 -9.16 -1.74 5.93
N GLU A 113 -9.66 -1.44 4.73
CA GLU A 113 -10.28 -0.14 4.48
C GLU A 113 -11.45 0.08 5.44
N ALA A 114 -12.31 -0.93 5.57
CA ALA A 114 -13.39 -0.90 6.54
C ALA A 114 -12.89 -0.49 7.92
N GLU A 115 -11.89 -1.22 8.42
CA GLU A 115 -11.22 -0.89 9.66
C GLU A 115 -10.83 0.59 9.76
N MET A 116 -10.02 1.06 8.82
CA MET A 116 -9.51 2.43 8.88
C MET A 116 -10.64 3.44 8.77
N LEU A 117 -11.56 3.21 7.85
CA LEU A 117 -12.68 4.11 7.62
C LEU A 117 -13.70 4.08 8.77
N PHE A 118 -13.72 3.00 9.56
CA PHE A 118 -14.65 2.89 10.68
C PHE A 118 -14.07 3.49 11.96
N THR A 119 -12.75 3.55 12.08
CA THR A 119 -12.13 4.09 13.27
C THR A 119 -12.22 5.63 13.26
N GLY A 120 -11.58 6.27 12.30
CA GLY A 120 -11.67 7.72 12.18
C GLY A 120 -10.69 8.42 13.09
N GLY A 121 -10.34 9.65 12.75
CA GLY A 121 -9.45 10.43 13.59
C GLY A 121 -8.35 11.15 12.82
N TYR A 122 -8.44 12.48 12.80
CA TYR A 122 -7.39 13.35 12.27
C TYR A 122 -7.10 13.10 10.79
N GLY A 123 -7.94 13.65 9.93
CA GLY A 123 -7.69 13.58 8.50
C GLY A 123 -8.61 12.61 7.79
N LEU A 124 -9.60 12.13 8.52
CA LEU A 124 -10.57 11.19 7.95
C LEU A 124 -11.80 11.09 8.85
N GLU A 125 -12.96 10.96 8.22
CA GLU A 125 -14.23 10.86 8.94
C GLU A 125 -14.50 9.43 9.38
N LYS A 126 -15.42 9.28 10.32
CA LYS A 126 -15.80 7.98 10.85
C LYS A 126 -17.17 7.59 10.31
N ASP A 127 -17.19 6.79 9.24
CA ASP A 127 -18.45 6.46 8.57
C ASP A 127 -18.84 5.01 8.84
N PRO A 128 -19.78 4.78 9.76
CA PRO A 128 -20.26 3.44 10.10
C PRO A 128 -20.94 2.73 8.94
N GLN A 129 -21.69 3.48 8.13
CA GLN A 129 -22.48 2.89 7.05
C GLN A 129 -21.59 2.35 5.93
N ARG A 130 -20.57 3.12 5.57
CA ARG A 130 -19.72 2.71 4.45
C ARG A 130 -18.84 1.55 4.90
N SER A 131 -18.47 1.54 6.18
CA SER A 131 -17.65 0.48 6.72
C SER A 131 -18.43 -0.83 6.77
N GLY A 132 -19.66 -0.78 7.30
CA GLY A 132 -20.51 -1.96 7.30
C GLY A 132 -20.64 -2.57 5.92
N ASP A 133 -20.91 -1.71 4.95
CA ASP A 133 -20.96 -2.11 3.55
C ASP A 133 -19.66 -2.80 3.15
N LEU A 134 -18.53 -2.15 3.43
CA LEU A 134 -17.21 -2.70 3.07
C LEU A 134 -16.95 -4.05 3.71
N TYR A 135 -17.38 -4.28 4.96
CA TYR A 135 -17.20 -5.58 5.58
C TYR A 135 -17.97 -6.64 4.82
N THR A 136 -19.16 -6.27 4.38
CA THR A 136 -20.02 -7.21 3.67
C THR A 136 -19.41 -7.55 2.32
N GLN A 137 -18.89 -6.55 1.61
CA GLN A 137 -18.18 -6.80 0.36
C GLN A 137 -16.98 -7.71 0.60
N ALA A 138 -16.23 -7.43 1.66
CA ALA A 138 -15.06 -8.22 2.02
C ALA A 138 -15.46 -9.67 2.26
N ALA A 139 -16.44 -9.87 3.12
CA ALA A 139 -16.92 -11.20 3.46
C ALA A 139 -17.50 -11.92 2.25
N GLU A 140 -18.20 -11.21 1.36
CA GLU A 140 -18.73 -11.85 0.17
C GLU A 140 -17.59 -12.23 -0.77
N ALA A 141 -16.60 -11.34 -0.88
CA ALA A 141 -15.41 -11.61 -1.68
C ALA A 141 -14.65 -12.81 -1.12
N ALA A 142 -14.71 -12.99 0.20
CA ALA A 142 -14.11 -14.13 0.86
C ALA A 142 -14.90 -15.40 0.57
N MET A 143 -16.23 -15.29 0.62
CA MET A 143 -17.11 -16.39 0.22
C MET A 143 -16.79 -16.85 -1.20
N GLU A 144 -16.60 -15.88 -2.10
CA GLU A 144 -16.28 -16.18 -3.49
C GLU A 144 -14.88 -16.78 -3.59
N ALA A 145 -14.00 -16.37 -2.68
CA ALA A 145 -12.64 -16.89 -2.61
C ALA A 145 -12.59 -18.20 -1.83
N MET A 146 -13.76 -18.85 -1.70
CA MET A 146 -13.93 -20.10 -0.93
C MET A 146 -13.27 -20.03 0.45
N LYS A 147 -13.33 -18.85 1.05
CA LYS A 147 -12.80 -18.64 2.39
C LYS A 147 -13.97 -18.45 3.37
N GLY A 148 -14.60 -19.57 3.73
CA GLY A 148 -15.78 -19.53 4.58
C GLY A 148 -15.54 -18.94 5.95
N ARG A 149 -14.44 -19.34 6.58
CA ARG A 149 -14.11 -18.91 7.94
C ARG A 149 -13.93 -17.39 8.01
N LEU A 150 -13.09 -16.85 7.13
CA LEU A 150 -12.79 -15.43 7.14
C LEU A 150 -14.05 -14.62 6.79
N ALA A 151 -14.86 -15.14 5.88
CA ALA A 151 -16.11 -14.51 5.50
C ALA A 151 -17.06 -14.40 6.69
N ASN A 152 -17.19 -15.47 7.46
CA ASN A 152 -18.09 -15.44 8.61
C ASN A 152 -17.50 -14.58 9.72
N GLN A 153 -16.19 -14.42 9.73
CA GLN A 153 -15.54 -13.61 10.75
C GLN A 153 -15.86 -12.14 10.53
N TYR A 154 -15.59 -11.64 9.32
CA TYR A 154 -15.92 -10.25 9.01
C TYR A 154 -17.43 -10.05 8.95
N TYR A 155 -18.19 -11.11 8.66
CA TYR A 155 -19.65 -11.00 8.68
C TYR A 155 -20.13 -10.75 10.11
N GLN A 156 -19.55 -11.46 11.06
CA GLN A 156 -19.89 -11.25 12.47
C GLN A 156 -19.46 -9.84 12.90
N LYS A 157 -18.32 -9.38 12.38
CA LYS A 157 -17.85 -8.01 12.63
C LYS A 157 -18.86 -7.00 12.07
N ALA A 158 -19.38 -7.30 10.89
CA ALA A 158 -20.36 -6.44 10.22
C ALA A 158 -21.65 -6.33 11.03
N GLU A 159 -22.12 -7.45 11.59
CA GLU A 159 -23.35 -7.42 12.37
C GLU A 159 -23.13 -6.59 13.63
N GLU A 160 -21.92 -6.66 14.17
CA GLU A 160 -21.58 -5.87 15.35
C GLU A 160 -21.58 -4.38 15.01
N ALA A 161 -21.11 -4.05 13.80
CA ALA A 161 -21.08 -2.67 13.34
C ALA A 161 -22.46 -2.04 13.33
N TRP A 162 -23.43 -2.74 12.75
CA TRP A 162 -24.79 -2.19 12.68
C TRP A 162 -25.48 -2.28 14.05
N ALA A 163 -24.96 -3.13 14.94
CA ALA A 163 -25.47 -3.20 16.31
C ALA A 163 -25.01 -1.99 17.12
N GLN A 164 -23.79 -1.53 16.85
CA GLN A 164 -23.26 -0.34 17.50
C GLN A 164 -23.59 0.91 16.69
N MET A 165 -24.16 0.69 15.52
CA MET A 165 -24.60 1.78 14.66
C MET A 165 -25.87 2.42 15.21
N GLU A 166 -25.69 3.33 16.17
CA GLU A 166 -26.80 4.04 16.77
C GLU A 166 -26.50 5.54 16.78
N GLU A 167 -27.32 6.31 16.09
CA GLU A 167 -27.15 7.75 16.07
C GLU A 167 -27.98 8.37 17.18
N SER A 1 25.32 -23.02 -25.14
CA SER A 1 26.09 -24.27 -24.97
C SER A 1 27.52 -23.95 -24.53
N HIS A 2 27.64 -23.31 -23.36
CA HIS A 2 28.94 -22.90 -22.85
C HIS A 2 29.03 -23.17 -21.35
N MET A 3 29.23 -24.44 -21.00
CA MET A 3 29.39 -24.83 -19.61
C MET A 3 30.50 -25.86 -19.49
N GLY A 4 31.27 -25.79 -18.41
CA GLY A 4 32.37 -26.70 -18.23
C GLY A 4 33.12 -26.45 -16.94
N GLU A 5 34.08 -27.30 -16.64
CA GLU A 5 34.86 -27.19 -15.42
C GLU A 5 35.98 -26.16 -15.58
N LEU A 6 35.61 -24.89 -15.45
CA LEU A 6 36.58 -23.81 -15.54
C LEU A 6 37.36 -23.71 -14.23
N GLU A 7 38.66 -23.48 -14.33
CA GLU A 7 39.48 -23.31 -13.13
C GLU A 7 39.35 -21.88 -12.62
N ALA A 8 38.22 -21.57 -11.98
CA ALA A 8 37.98 -20.24 -11.47
C ALA A 8 38.49 -20.11 -10.05
N ILE A 9 39.78 -19.83 -9.93
CA ILE A 9 40.41 -19.65 -8.63
C ILE A 9 40.30 -18.19 -8.20
N VAL A 10 40.19 -17.31 -9.19
CA VAL A 10 40.05 -15.89 -8.94
C VAL A 10 38.64 -15.43 -9.28
N GLY A 11 37.74 -15.54 -8.30
CA GLY A 11 36.37 -15.13 -8.50
C GLY A 11 36.18 -13.65 -8.30
N LEU A 12 36.84 -12.86 -9.13
CA LEU A 12 36.78 -11.41 -9.05
C LEU A 12 35.71 -10.88 -10.00
N GLY A 13 35.57 -11.54 -11.13
CA GLY A 13 34.63 -11.10 -12.13
C GLY A 13 35.31 -10.75 -13.44
N LEU A 14 36.24 -9.81 -13.37
CA LEU A 14 37.02 -9.42 -14.54
C LEU A 14 38.50 -9.60 -14.27
N MET A 15 39.16 -10.37 -15.13
CA MET A 15 40.60 -10.58 -15.03
C MET A 15 41.34 -9.44 -15.71
N TYR A 16 40.74 -8.90 -16.76
CA TYR A 16 41.35 -7.80 -17.50
C TYR A 16 40.81 -6.46 -17.00
N SER A 17 41.42 -5.96 -15.94
CA SER A 17 41.03 -4.69 -15.36
C SER A 17 41.71 -3.54 -16.11
N GLN A 18 40.97 -2.91 -17.01
CA GLN A 18 41.49 -1.78 -17.77
C GLN A 18 41.05 -0.47 -17.13
N LEU A 19 41.51 -0.23 -15.92
CA LEU A 19 41.19 0.99 -15.20
C LEU A 19 42.43 1.87 -15.07
N PRO A 20 42.68 2.75 -16.06
CA PRO A 20 43.85 3.64 -16.05
C PRO A 20 43.87 4.53 -14.82
N HIS A 21 44.80 4.26 -13.92
CA HIS A 21 44.88 4.96 -12.65
C HIS A 21 45.66 6.26 -12.77
N HIS A 22 46.18 6.53 -13.96
CA HIS A 22 46.87 7.78 -14.23
C HIS A 22 45.85 8.91 -14.38
N ILE A 23 44.61 8.53 -14.65
CA ILE A 23 43.52 9.49 -14.79
C ILE A 23 42.30 9.04 -14.01
N LEU A 24 41.63 9.98 -13.36
CA LEU A 24 40.44 9.66 -12.60
C LEU A 24 39.24 10.35 -13.24
N ALA A 25 39.10 10.15 -14.55
CA ALA A 25 38.03 10.78 -15.31
C ALA A 25 36.84 9.85 -15.43
N ASP A 26 35.66 10.38 -15.11
CA ASP A 26 34.43 9.61 -15.19
C ASP A 26 33.32 10.46 -15.77
N VAL A 27 32.40 9.81 -16.46
CA VAL A 27 31.27 10.50 -17.08
C VAL A 27 30.01 10.30 -16.26
N SER A 28 30.19 10.10 -14.97
CA SER A 28 29.08 9.85 -14.06
C SER A 28 28.58 11.16 -13.46
N LEU A 29 27.31 11.48 -13.71
CA LEU A 29 26.73 12.73 -13.23
C LEU A 29 25.30 12.49 -12.72
N LYS A 30 24.65 11.48 -13.26
CA LYS A 30 23.28 11.16 -12.87
C LYS A 30 23.22 9.76 -12.27
N GLU A 31 24.08 9.50 -11.30
CA GLU A 31 24.10 8.21 -10.62
C GLU A 31 23.05 8.18 -9.53
N THR A 32 21.81 8.44 -9.90
CA THR A 32 20.72 8.49 -8.96
C THR A 32 19.75 7.35 -9.17
N GLU A 33 20.18 6.33 -9.91
CA GLU A 33 19.35 5.17 -10.19
C GLU A 33 19.11 4.36 -8.91
N GLU A 34 20.11 4.40 -8.03
CA GLU A 34 20.01 3.72 -6.74
C GLU A 34 19.12 4.52 -5.79
N ASN A 35 18.94 5.79 -6.09
CA ASN A 35 18.12 6.66 -5.24
C ASN A 35 16.68 6.67 -5.72
N LYS A 36 16.49 6.76 -7.05
CA LYS A 36 15.13 6.78 -7.62
C LYS A 36 14.36 5.52 -7.28
N THR A 37 15.04 4.37 -7.29
CA THR A 37 14.41 3.10 -6.99
C THR A 37 14.02 3.01 -5.51
N LYS A 38 14.54 3.94 -4.72
CA LYS A 38 14.24 4.01 -3.31
C LYS A 38 13.75 5.41 -2.96
N GLY A 39 13.13 6.06 -3.94
CA GLY A 39 12.68 7.43 -3.77
C GLY A 39 11.19 7.57 -3.95
N PHE A 40 10.53 7.98 -2.87
CA PHE A 40 9.08 8.22 -2.87
C PHE A 40 8.56 8.88 -4.15
N ASP A 41 9.29 9.87 -4.69
CA ASP A 41 8.80 10.63 -5.84
C ASP A 41 8.66 9.74 -7.07
N TYR A 42 9.50 8.73 -7.18
CA TYR A 42 9.48 7.87 -8.37
C TYR A 42 8.24 6.97 -8.31
N LEU A 43 8.03 6.34 -7.16
CA LEU A 43 6.84 5.51 -6.93
C LEU A 43 5.55 6.30 -7.16
N LEU A 44 5.51 7.53 -6.65
CA LEU A 44 4.31 8.37 -6.79
C LEU A 44 4.18 8.86 -8.23
N LYS A 45 5.30 9.08 -8.91
CA LYS A 45 5.25 9.52 -10.31
C LYS A 45 4.68 8.39 -11.15
N ALA A 46 4.95 7.15 -10.73
CA ALA A 46 4.43 5.99 -11.42
C ALA A 46 2.99 5.74 -11.02
N ALA A 47 2.67 6.14 -9.79
CA ALA A 47 1.29 6.09 -9.31
C ALA A 47 0.43 7.04 -10.11
N GLU A 48 0.97 8.21 -10.45
CA GLU A 48 0.28 9.15 -11.32
C GLU A 48 0.37 8.71 -12.78
N ALA A 49 1.39 7.90 -13.12
CA ALA A 49 1.53 7.39 -14.47
C ALA A 49 0.48 6.32 -14.79
N GLY A 50 0.14 5.50 -13.80
CA GLY A 50 -0.85 4.46 -14.02
C GLY A 50 -0.36 3.07 -13.64
N ASP A 51 0.70 3.00 -12.85
CA ASP A 51 1.23 1.72 -12.41
C ASP A 51 0.53 1.22 -11.16
N ARG A 52 -0.31 0.20 -11.37
CA ARG A 52 -1.08 -0.47 -10.32
C ARG A 52 -0.26 -0.77 -9.06
N GLN A 53 0.84 -1.49 -9.24
CA GLN A 53 1.61 -1.99 -8.10
C GLN A 53 2.32 -0.84 -7.38
N SER A 54 2.63 0.22 -8.11
CA SER A 54 3.29 1.36 -7.52
C SER A 54 2.28 2.17 -6.70
N MET A 55 1.03 2.15 -7.13
CA MET A 55 -0.06 2.80 -6.39
C MET A 55 -0.26 2.10 -5.05
N ILE A 56 -0.26 0.78 -5.09
CA ILE A 56 -0.41 -0.01 -3.87
C ILE A 56 0.75 0.26 -2.92
N LEU A 57 1.93 0.43 -3.50
CA LEU A 57 3.12 0.74 -2.70
C LEU A 57 3.00 2.09 -2.00
N VAL A 58 2.60 3.14 -2.72
CA VAL A 58 2.48 4.45 -2.09
C VAL A 58 1.34 4.43 -1.05
N ALA A 59 0.25 3.75 -1.38
CA ALA A 59 -0.85 3.55 -0.42
C ALA A 59 -0.33 2.95 0.88
N ARG A 60 0.24 1.76 0.80
CA ARG A 60 0.79 1.07 1.95
C ARG A 60 1.90 1.90 2.61
N ALA A 61 2.57 2.73 1.81
CA ALA A 61 3.61 3.61 2.31
C ALA A 61 3.00 4.63 3.27
N PHE A 62 1.85 5.19 2.90
CA PHE A 62 1.12 6.12 3.75
C PHE A 62 0.47 5.40 4.92
N ASP A 63 0.08 4.15 4.70
CA ASP A 63 -0.55 3.33 5.72
C ASP A 63 0.38 3.02 6.89
N SER A 64 1.44 2.27 6.62
CA SER A 64 2.33 1.85 7.69
C SER A 64 3.37 2.94 8.02
N GLY A 65 3.64 3.81 7.06
CA GLY A 65 4.54 4.92 7.31
C GLY A 65 6.01 4.57 7.13
N GLN A 66 6.31 3.29 6.95
CA GLN A 66 7.69 2.84 6.86
C GLN A 66 8.32 3.29 5.54
N ASN A 67 7.65 3.03 4.44
CA ASN A 67 8.15 3.41 3.12
C ASN A 67 8.03 4.91 2.93
N LEU A 68 7.12 5.53 3.68
CA LEU A 68 6.92 6.97 3.62
C LEU A 68 8.06 7.70 4.33
N SER A 69 8.71 6.96 5.24
CA SER A 69 9.76 7.50 6.12
C SER A 69 9.13 8.37 7.21
N PRO A 70 9.57 8.23 8.48
CA PRO A 70 9.02 8.99 9.62
C PRO A 70 9.25 10.50 9.50
N ASP A 71 9.88 10.92 8.40
CA ASP A 71 10.11 12.33 8.14
C ASP A 71 8.88 12.98 7.53
N ARG A 72 7.84 12.18 7.35
CA ARG A 72 6.60 12.65 6.73
C ARG A 72 5.40 12.26 7.58
N CYS A 73 4.38 13.11 7.58
CA CYS A 73 3.15 12.83 8.30
C CYS A 73 2.24 11.94 7.46
N GLN A 74 1.55 11.02 8.13
CA GLN A 74 0.71 10.06 7.43
C GLN A 74 -0.74 10.53 7.37
N ASP A 75 -1.31 10.48 6.18
CA ASP A 75 -2.70 10.88 5.99
C ASP A 75 -3.52 9.71 5.45
N TRP A 76 -4.40 9.19 6.29
CA TRP A 76 -5.21 8.03 5.91
C TRP A 76 -6.24 8.36 4.82
N LEU A 77 -6.47 9.64 4.57
CA LEU A 77 -7.39 10.03 3.50
C LEU A 77 -6.72 9.79 2.14
N GLU A 78 -5.43 10.12 2.05
CA GLU A 78 -4.66 9.84 0.85
C GLU A 78 -4.58 8.34 0.62
N ALA A 79 -4.19 7.62 1.67
CA ALA A 79 -4.14 6.16 1.64
C ALA A 79 -5.46 5.58 1.18
N LEU A 80 -6.54 5.99 1.84
CA LEU A 80 -7.88 5.59 1.44
C LEU A 80 -8.10 5.85 -0.05
N HIS A 81 -7.90 7.09 -0.45
CA HIS A 81 -8.00 7.48 -1.87
C HIS A 81 -7.27 6.50 -2.80
N TRP A 82 -6.07 6.08 -2.42
CA TRP A 82 -5.27 5.22 -3.28
C TRP A 82 -5.80 3.79 -3.31
N TYR A 83 -6.24 3.28 -2.16
CA TYR A 83 -6.81 1.95 -2.11
C TYR A 83 -8.18 1.95 -2.78
N ASN A 84 -8.90 3.05 -2.60
CA ASN A 84 -10.19 3.24 -3.24
C ASN A 84 -10.04 3.14 -4.74
N THR A 85 -9.11 3.92 -5.30
CA THR A 85 -8.76 3.85 -6.71
C THR A 85 -8.53 2.40 -7.16
N ALA A 86 -7.71 1.66 -6.41
CA ALA A 86 -7.38 0.28 -6.77
C ALA A 86 -8.64 -0.59 -6.82
N LEU A 87 -9.48 -0.47 -5.79
CA LEU A 87 -10.71 -1.26 -5.71
C LEU A 87 -11.75 -0.79 -6.74
N GLU A 88 -11.67 0.46 -7.19
CA GLU A 88 -12.69 1.00 -8.10
C GLU A 88 -12.32 0.81 -9.57
N MET A 89 -11.03 0.79 -9.89
CA MET A 89 -10.60 0.58 -11.27
C MET A 89 -10.19 -0.88 -11.47
N THR A 90 -10.94 -1.76 -10.83
CA THR A 90 -10.63 -3.19 -10.86
C THR A 90 -10.89 -3.78 -12.24
N ASP A 91 -9.86 -4.39 -12.81
CA ASP A 91 -9.99 -5.12 -14.08
C ASP A 91 -9.72 -6.60 -13.85
N CYS A 92 -9.74 -7.00 -12.58
CA CYS A 92 -9.39 -8.36 -12.20
C CYS A 92 -10.63 -9.25 -12.16
N ASP A 93 -11.77 -8.70 -12.56
CA ASP A 93 -13.03 -9.44 -12.58
C ASP A 93 -13.57 -9.54 -14.00
N GLU A 94 -12.67 -9.59 -14.96
CA GLU A 94 -13.04 -9.83 -16.34
C GLU A 94 -12.80 -11.31 -16.64
N GLY A 95 -13.10 -12.13 -15.65
CA GLY A 95 -12.75 -13.53 -15.69
C GLY A 95 -11.88 -13.88 -14.49
N GLY A 96 -12.46 -13.73 -13.29
CA GLY A 96 -11.69 -13.85 -12.07
C GLY A 96 -11.52 -15.27 -11.59
N GLU A 97 -10.91 -16.10 -12.42
CA GLU A 97 -10.59 -17.47 -12.00
C GLU A 97 -9.33 -17.45 -11.16
N TYR A 98 -9.47 -17.73 -9.87
CA TYR A 98 -8.34 -17.66 -8.95
C TYR A 98 -7.46 -18.89 -9.05
N ASP A 99 -6.91 -19.09 -10.25
CA ASP A 99 -5.93 -20.15 -10.47
C ASP A 99 -4.68 -19.89 -9.65
N GLY A 100 -4.09 -18.71 -9.82
CA GLY A 100 -2.92 -18.35 -9.05
C GLY A 100 -2.78 -16.85 -8.87
N MET A 101 -3.59 -16.07 -9.60
CA MET A 101 -3.53 -14.62 -9.51
C MET A 101 -4.16 -14.11 -8.21
N GLN A 102 -3.39 -14.17 -7.13
CA GLN A 102 -3.83 -13.66 -5.84
C GLN A 102 -2.89 -12.55 -5.40
N ASP A 103 -2.50 -11.71 -6.35
CA ASP A 103 -1.53 -10.66 -6.12
C ASP A 103 -2.19 -9.45 -5.46
N GLU A 104 -3.45 -9.23 -5.79
CA GLU A 104 -4.22 -8.14 -5.19
C GLU A 104 -5.40 -8.70 -4.41
N PRO A 105 -5.22 -8.96 -3.11
CA PRO A 105 -6.28 -9.51 -2.27
C PRO A 105 -7.36 -8.49 -1.94
N ARG A 106 -8.40 -8.49 -2.76
CA ARG A 106 -9.54 -7.58 -2.59
C ARG A 106 -10.03 -7.54 -1.15
N TYR A 107 -10.26 -8.71 -0.57
CA TYR A 107 -10.91 -8.80 0.74
C TYR A 107 -10.08 -8.14 1.83
N MET A 108 -8.76 -8.19 1.74
CA MET A 108 -7.92 -7.64 2.80
C MET A 108 -7.89 -6.12 2.70
N MET A 109 -7.91 -5.62 1.47
CA MET A 109 -7.95 -4.19 1.23
C MET A 109 -9.29 -3.63 1.68
N LEU A 110 -10.36 -4.35 1.34
CA LEU A 110 -11.71 -3.98 1.78
C LEU A 110 -11.80 -3.95 3.30
N ALA A 111 -11.26 -4.99 3.93
CA ALA A 111 -11.28 -5.08 5.39
C ALA A 111 -10.51 -3.94 6.04
N ARG A 112 -9.29 -3.71 5.55
CA ARG A 112 -8.45 -2.61 6.03
C ARG A 112 -9.15 -1.26 5.81
N GLU A 113 -9.65 -1.05 4.60
CA GLU A 113 -10.40 0.17 4.27
C GLU A 113 -11.56 0.37 5.23
N ALA A 114 -12.36 -0.68 5.44
CA ALA A 114 -13.46 -0.65 6.40
C ALA A 114 -12.98 -0.18 7.77
N GLU A 115 -11.94 -0.84 8.29
CA GLU A 115 -11.30 -0.44 9.55
C GLU A 115 -10.95 1.05 9.54
N MET A 116 -10.20 1.47 8.51
CA MET A 116 -9.80 2.86 8.37
C MET A 116 -11.01 3.80 8.40
N LEU A 117 -11.98 3.55 7.54
CA LEU A 117 -13.19 4.36 7.48
C LEU A 117 -13.96 4.36 8.79
N PHE A 118 -13.94 3.25 9.54
CA PHE A 118 -14.74 3.14 10.75
C PHE A 118 -14.08 3.82 11.95
N THR A 119 -12.76 4.03 11.91
CA THR A 119 -12.09 4.72 13.01
C THR A 119 -12.41 6.21 13.02
N GLY A 120 -12.15 6.90 11.91
CA GLY A 120 -12.43 8.33 11.83
C GLY A 120 -11.62 9.11 12.84
N GLY A 121 -10.31 9.01 12.74
CA GLY A 121 -9.43 9.60 13.72
C GLY A 121 -9.03 11.02 13.41
N TYR A 122 -10.03 11.89 13.25
CA TYR A 122 -9.82 13.32 13.04
C TYR A 122 -8.88 13.57 11.87
N GLY A 123 -9.43 13.51 10.68
CA GLY A 123 -8.64 13.62 9.46
C GLY A 123 -9.32 12.86 8.35
N LEU A 124 -10.14 11.92 8.76
CA LEU A 124 -10.97 11.14 7.85
C LEU A 124 -12.38 11.07 8.43
N GLU A 125 -13.38 11.29 7.58
CA GLU A 125 -14.76 11.42 8.04
C GLU A 125 -15.25 10.12 8.69
N LYS A 126 -15.97 10.26 9.79
CA LYS A 126 -16.41 9.12 10.60
C LYS A 126 -17.78 8.63 10.11
N ASP A 127 -17.75 7.66 9.21
CA ASP A 127 -18.97 7.10 8.64
C ASP A 127 -19.02 5.59 8.84
N PRO A 128 -19.65 5.13 9.93
CA PRO A 128 -19.68 3.72 10.29
C PRO A 128 -20.50 2.88 9.31
N GLN A 129 -21.47 3.51 8.66
CA GLN A 129 -22.37 2.79 7.76
C GLN A 129 -21.63 2.33 6.51
N ARG A 130 -20.64 3.10 6.08
CA ARG A 130 -19.92 2.76 4.86
C ARG A 130 -19.01 1.58 5.16
N SER A 131 -18.54 1.53 6.40
CA SER A 131 -17.69 0.44 6.85
C SER A 131 -18.47 -0.86 6.93
N GLY A 132 -19.67 -0.81 7.51
CA GLY A 132 -20.55 -1.97 7.55
C GLY A 132 -20.69 -2.62 6.18
N ASP A 133 -21.15 -1.82 5.22
CA ASP A 133 -21.21 -2.26 3.83
C ASP A 133 -19.88 -2.84 3.36
N LEU A 134 -18.78 -2.14 3.65
CA LEU A 134 -17.45 -2.59 3.25
C LEU A 134 -17.09 -3.96 3.85
N TYR A 135 -17.46 -4.23 5.10
CA TYR A 135 -17.15 -5.53 5.70
C TYR A 135 -17.93 -6.62 4.97
N THR A 136 -19.13 -6.28 4.55
CA THR A 136 -19.98 -7.21 3.83
C THR A 136 -19.36 -7.54 2.47
N GLN A 137 -18.89 -6.50 1.77
CA GLN A 137 -18.23 -6.71 0.47
C GLN A 137 -16.95 -7.52 0.65
N ALA A 138 -16.22 -7.24 1.72
CA ALA A 138 -15.02 -7.99 2.06
C ALA A 138 -15.35 -9.46 2.25
N ALA A 139 -16.36 -9.73 3.07
CA ALA A 139 -16.81 -11.08 3.32
C ALA A 139 -17.32 -11.76 2.06
N GLU A 140 -17.99 -11.02 1.18
CA GLU A 140 -18.45 -11.61 -0.09
C GLU A 140 -17.26 -11.94 -0.97
N ALA A 141 -16.27 -11.05 -0.97
CA ALA A 141 -15.02 -11.28 -1.69
C ALA A 141 -14.29 -12.50 -1.15
N ALA A 142 -14.39 -12.71 0.17
CA ALA A 142 -13.78 -13.86 0.81
C ALA A 142 -14.53 -15.14 0.45
N MET A 143 -15.85 -15.05 0.43
CA MET A 143 -16.70 -16.14 -0.08
C MET A 143 -16.27 -16.53 -1.48
N GLU A 144 -16.05 -15.52 -2.32
CA GLU A 144 -15.64 -15.74 -3.71
C GLU A 144 -14.23 -16.33 -3.75
N ALA A 145 -13.42 -15.97 -2.76
CA ALA A 145 -12.08 -16.52 -2.62
C ALA A 145 -12.09 -17.92 -1.98
N MET A 146 -13.29 -18.50 -1.84
CA MET A 146 -13.47 -19.84 -1.25
C MET A 146 -13.02 -19.86 0.21
N LYS A 147 -12.97 -18.70 0.84
CA LYS A 147 -12.56 -18.60 2.23
C LYS A 147 -13.78 -18.37 3.12
N GLY A 148 -14.56 -19.43 3.34
CA GLY A 148 -15.78 -19.34 4.14
C GLY A 148 -15.53 -18.84 5.55
N ARG A 149 -14.47 -19.36 6.16
CA ARG A 149 -14.10 -18.99 7.53
C ARG A 149 -13.92 -17.48 7.68
N LEU A 150 -13.08 -16.90 6.82
CA LEU A 150 -12.79 -15.48 6.89
C LEU A 150 -14.04 -14.66 6.61
N ALA A 151 -14.84 -15.12 5.64
CA ALA A 151 -16.09 -14.46 5.30
C ALA A 151 -17.04 -14.43 6.48
N ASN A 152 -17.13 -15.54 7.21
CA ASN A 152 -18.03 -15.61 8.36
C ASN A 152 -17.50 -14.76 9.50
N GLN A 153 -16.19 -14.55 9.53
CA GLN A 153 -15.59 -13.76 10.60
C GLN A 153 -15.91 -12.28 10.42
N TYR A 154 -15.68 -11.77 9.20
CA TYR A 154 -16.05 -10.38 8.93
C TYR A 154 -17.56 -10.19 8.87
N TYR A 155 -18.32 -11.25 8.57
CA TYR A 155 -19.77 -11.14 8.61
C TYR A 155 -20.24 -10.96 10.06
N GLN A 156 -19.61 -11.71 10.97
CA GLN A 156 -19.89 -11.54 12.40
C GLN A 156 -19.45 -10.13 12.84
N LYS A 157 -18.35 -9.64 12.26
CA LYS A 157 -17.89 -8.28 12.52
C LYS A 157 -18.92 -7.25 12.02
N ALA A 158 -19.49 -7.52 10.85
CA ALA A 158 -20.50 -6.66 10.27
C ALA A 158 -21.72 -6.54 11.17
N GLU A 159 -22.14 -7.66 11.76
CA GLU A 159 -23.28 -7.66 12.66
C GLU A 159 -22.95 -6.80 13.88
N GLU A 160 -21.69 -6.89 14.33
CA GLU A 160 -21.23 -6.13 15.47
C GLU A 160 -21.33 -4.64 15.17
N ALA A 161 -20.93 -4.24 13.95
CA ALA A 161 -20.98 -2.85 13.53
C ALA A 161 -22.38 -2.28 13.63
N TRP A 162 -23.36 -2.96 13.03
CA TRP A 162 -24.73 -2.43 13.04
C TRP A 162 -25.36 -2.56 14.42
N ALA A 163 -24.79 -3.44 15.26
CA ALA A 163 -25.29 -3.62 16.62
C ALA A 163 -24.93 -2.42 17.50
N GLN A 164 -23.69 -1.94 17.37
CA GLN A 164 -23.24 -0.80 18.16
C GLN A 164 -23.44 0.49 17.37
N MET A 165 -23.91 0.35 16.14
CA MET A 165 -24.20 1.48 15.28
C MET A 165 -25.33 2.32 15.85
N GLU A 166 -24.98 3.34 16.61
CA GLU A 166 -25.98 4.26 17.14
C GLU A 166 -26.28 5.34 16.10
N GLU A 167 -27.33 5.11 15.34
CA GLU A 167 -27.77 6.06 14.34
C GLU A 167 -28.94 6.86 14.88
N SER A 1 42.06 -6.27 6.78
CA SER A 1 41.70 -5.19 5.84
C SER A 1 40.28 -4.70 6.13
N HIS A 2 40.18 -3.47 6.63
CA HIS A 2 38.89 -2.88 6.98
C HIS A 2 38.90 -1.39 6.68
N MET A 3 38.34 -1.04 5.52
CA MET A 3 38.29 0.35 5.04
C MET A 3 39.65 0.83 4.59
N GLY A 4 40.60 0.89 5.51
CA GLY A 4 41.92 1.35 5.18
C GLY A 4 42.86 1.31 6.37
N GLU A 5 44.01 0.70 6.19
CA GLU A 5 45.02 0.68 7.23
C GLU A 5 45.80 1.99 7.24
N LEU A 6 45.31 2.95 8.02
CA LEU A 6 45.91 4.27 8.10
C LEU A 6 47.17 4.24 8.96
N GLU A 7 48.20 3.58 8.45
CA GLU A 7 49.48 3.52 9.13
C GLU A 7 50.25 4.80 8.85
N ALA A 8 49.73 5.90 9.36
CA ALA A 8 50.36 7.20 9.20
C ALA A 8 50.12 8.05 10.42
N ILE A 9 50.95 7.84 11.44
CA ILE A 9 50.87 8.62 12.66
C ILE A 9 51.76 9.84 12.56
N VAL A 10 51.27 10.85 11.86
CA VAL A 10 52.03 12.09 11.67
C VAL A 10 51.54 13.12 12.70
N GLY A 11 51.74 12.80 13.96
CA GLY A 11 51.27 13.65 15.03
C GLY A 11 51.05 12.84 16.30
N LEU A 12 51.96 13.00 17.26
CA LEU A 12 51.90 12.24 18.49
C LEU A 12 50.86 12.85 19.42
N GLY A 13 49.64 12.38 19.31
CA GLY A 13 48.56 12.87 20.14
C GLY A 13 47.21 12.43 19.64
N LEU A 14 46.99 11.11 19.60
CA LEU A 14 45.71 10.56 19.16
C LEU A 14 44.98 9.87 20.31
N MET A 15 45.63 9.85 21.47
CA MET A 15 45.01 9.27 22.66
C MET A 15 44.55 10.39 23.59
N TYR A 16 43.30 10.35 23.99
CA TYR A 16 42.73 11.41 24.83
C TYR A 16 42.05 10.81 26.04
N SER A 17 41.43 11.65 26.87
CA SER A 17 40.69 11.17 28.03
C SER A 17 39.57 10.24 27.56
N GLN A 18 38.80 10.68 26.59
CA GLN A 18 37.75 9.87 26.00
C GLN A 18 37.43 10.37 24.60
N LEU A 19 36.83 9.51 23.79
CA LEU A 19 36.44 9.88 22.44
C LEU A 19 34.91 9.97 22.36
N PRO A 20 34.37 11.07 21.80
CA PRO A 20 32.93 11.24 21.66
C PRO A 20 32.34 10.27 20.64
N HIS A 21 31.75 9.19 21.12
CA HIS A 21 31.22 8.16 20.24
C HIS A 21 29.69 8.19 20.19
N HIS A 22 29.09 9.25 20.72
CA HIS A 22 27.65 9.46 20.55
C HIS A 22 27.39 9.79 19.09
N ILE A 23 28.23 10.65 18.53
CA ILE A 23 28.14 11.02 17.14
C ILE A 23 29.04 10.12 16.30
N LEU A 24 28.71 9.98 15.02
CA LEU A 24 29.48 9.13 14.14
C LEU A 24 29.30 9.56 12.68
N ALA A 25 30.36 9.40 11.90
CA ALA A 25 30.31 9.70 10.48
C ALA A 25 30.60 8.43 9.69
N ASP A 26 30.22 7.31 10.28
CA ASP A 26 30.45 6.00 9.67
C ASP A 26 29.18 5.47 9.03
N VAL A 27 29.09 5.62 7.72
CA VAL A 27 27.95 5.13 6.97
C VAL A 27 28.33 3.90 6.16
N SER A 28 29.50 3.34 6.47
CA SER A 28 30.02 2.15 5.80
C SER A 28 30.40 2.47 4.35
N LEU A 29 31.28 1.65 3.78
CA LEU A 29 31.69 1.82 2.38
C LEU A 29 30.80 1.00 1.47
N LYS A 30 29.97 1.67 0.69
CA LYS A 30 29.04 1.00 -0.20
C LYS A 30 28.66 1.94 -1.35
N GLU A 31 28.18 1.36 -2.44
CA GLU A 31 27.80 2.14 -3.60
C GLU A 31 26.28 2.19 -3.74
N THR A 32 25.62 2.73 -2.73
CA THR A 32 24.17 2.84 -2.73
C THR A 32 23.72 4.11 -3.44
N GLU A 33 24.25 4.33 -4.65
CA GLU A 33 23.89 5.52 -5.42
C GLU A 33 22.57 5.29 -6.12
N GLU A 34 22.27 4.03 -6.41
CA GLU A 34 21.02 3.66 -7.06
C GLU A 34 19.82 3.90 -6.14
N ASN A 35 20.11 4.20 -4.87
CA ASN A 35 19.05 4.50 -3.89
C ASN A 35 18.20 5.67 -4.35
N LYS A 36 18.83 6.67 -4.96
CA LYS A 36 18.13 7.88 -5.42
C LYS A 36 17.02 7.56 -6.42
N THR A 37 17.16 6.46 -7.17
CA THR A 37 16.16 6.10 -8.15
C THR A 37 15.02 5.33 -7.49
N LYS A 38 15.24 4.94 -6.25
CA LYS A 38 14.27 4.21 -5.47
C LYS A 38 13.72 5.09 -4.35
N GLY A 39 13.50 6.37 -4.66
CA GLY A 39 12.98 7.29 -3.68
C GLY A 39 11.47 7.21 -3.58
N PHE A 40 10.83 8.33 -3.26
CA PHE A 40 9.39 8.34 -3.11
C PHE A 40 8.74 8.93 -4.35
N ASP A 41 9.44 9.87 -4.99
CA ASP A 41 8.90 10.59 -6.14
C ASP A 41 8.64 9.64 -7.31
N TYR A 42 9.43 8.58 -7.41
CA TYR A 42 9.29 7.66 -8.54
C TYR A 42 8.02 6.82 -8.36
N LEU A 43 7.86 6.24 -7.17
CA LEU A 43 6.67 5.47 -6.84
C LEU A 43 5.40 6.29 -7.01
N LEU A 44 5.40 7.53 -6.53
CA LEU A 44 4.22 8.37 -6.64
C LEU A 44 4.01 8.89 -8.07
N LYS A 45 5.09 9.05 -8.82
CA LYS A 45 4.93 9.50 -10.21
C LYS A 45 4.40 8.35 -11.05
N ALA A 46 4.70 7.12 -10.64
CA ALA A 46 4.17 5.96 -11.30
C ALA A 46 2.75 5.69 -10.79
N ALA A 47 2.50 6.12 -9.56
CA ALA A 47 1.16 6.09 -9.01
C ALA A 47 0.24 7.00 -9.82
N GLU A 48 0.74 8.20 -10.15
CA GLU A 48 0.03 9.11 -11.02
C GLU A 48 0.01 8.60 -12.46
N ALA A 49 0.98 7.77 -12.82
CA ALA A 49 1.02 7.19 -14.15
C ALA A 49 -0.11 6.16 -14.33
N GLY A 50 -0.44 5.45 -13.26
CA GLY A 50 -1.53 4.49 -13.31
C GLY A 50 -1.12 3.09 -12.89
N ASP A 51 0.11 2.95 -12.42
CA ASP A 51 0.61 1.65 -11.95
C ASP A 51 -0.02 1.27 -10.63
N ARG A 52 -0.91 0.28 -10.71
CA ARG A 52 -1.63 -0.24 -9.55
C ARG A 52 -0.70 -0.59 -8.40
N GLN A 53 0.27 -1.46 -8.67
CA GLN A 53 1.21 -1.88 -7.63
C GLN A 53 1.96 -0.69 -7.05
N SER A 54 2.21 0.33 -7.87
CA SER A 54 2.95 1.50 -7.43
C SER A 54 2.09 2.32 -6.46
N MET A 55 0.81 2.46 -6.79
CA MET A 55 -0.09 3.26 -5.97
C MET A 55 -0.48 2.51 -4.71
N ILE A 56 -0.49 1.18 -4.79
CA ILE A 56 -0.76 0.36 -3.61
C ILE A 56 0.42 0.43 -2.65
N LEU A 57 1.64 0.46 -3.20
CA LEU A 57 2.85 0.58 -2.37
C LEU A 57 2.88 1.92 -1.63
N VAL A 58 2.63 3.03 -2.32
CA VAL A 58 2.61 4.33 -1.64
C VAL A 58 1.52 4.34 -0.57
N ALA A 59 0.38 3.72 -0.88
CA ALA A 59 -0.69 3.56 0.10
C ALA A 59 -0.19 2.87 1.37
N ARG A 60 0.33 1.67 1.20
CA ARG A 60 0.88 0.89 2.31
C ARG A 60 2.04 1.62 2.99
N ALA A 61 2.74 2.46 2.23
CA ALA A 61 3.80 3.32 2.78
C ALA A 61 3.21 4.30 3.77
N PHE A 62 2.04 4.84 3.43
CA PHE A 62 1.28 5.71 4.33
C PHE A 62 0.87 4.94 5.57
N ASP A 63 0.53 3.66 5.40
CA ASP A 63 0.14 2.80 6.51
C ASP A 63 1.32 2.57 7.46
N SER A 64 2.41 2.06 6.89
CA SER A 64 3.58 1.68 7.67
C SER A 64 4.25 2.90 8.30
N GLY A 65 4.44 3.95 7.52
CA GLY A 65 5.12 5.13 8.01
C GLY A 65 6.60 5.13 7.64
N GLN A 66 7.16 3.95 7.43
CA GLN A 66 8.60 3.81 7.17
C GLN A 66 9.01 4.47 5.86
N ASN A 67 8.41 4.06 4.76
CA ASN A 67 8.79 4.56 3.44
C ASN A 67 8.36 6.01 3.26
N LEU A 68 7.48 6.46 4.16
CA LEU A 68 6.99 7.82 4.16
C LEU A 68 7.95 8.74 4.92
N SER A 69 9.01 8.13 5.48
CA SER A 69 9.99 8.81 6.34
C SER A 69 9.40 9.02 7.74
N PRO A 70 10.10 8.54 8.80
CA PRO A 70 9.58 8.60 10.19
C PRO A 70 9.47 10.02 10.75
N ASP A 71 9.83 11.02 9.94
CA ASP A 71 9.76 12.40 10.38
C ASP A 71 8.50 13.10 9.85
N ARG A 72 7.53 12.32 9.42
CA ARG A 72 6.26 12.88 8.93
C ARG A 72 5.08 12.15 9.56
N CYS A 73 4.01 12.90 9.80
CA CYS A 73 2.76 12.33 10.27
C CYS A 73 1.90 11.92 9.09
N GLN A 74 1.36 10.72 9.13
CA GLN A 74 0.54 10.22 8.03
C GLN A 74 -0.94 10.40 8.33
N ASP A 75 -1.67 10.81 7.31
CA ASP A 75 -3.12 10.79 7.36
C ASP A 75 -3.60 9.64 6.50
N TRP A 76 -4.87 9.33 6.58
CA TRP A 76 -5.37 8.15 5.90
C TRP A 76 -6.32 8.54 4.76
N LEU A 77 -6.39 9.83 4.46
CA LEU A 77 -7.29 10.30 3.40
C LEU A 77 -6.63 10.04 2.03
N GLU A 78 -5.33 10.33 1.92
CA GLU A 78 -4.61 10.05 0.69
C GLU A 78 -4.53 8.53 0.47
N ALA A 79 -4.14 7.82 1.53
CA ALA A 79 -4.14 6.37 1.52
C ALA A 79 -5.48 5.82 1.04
N LEU A 80 -6.56 6.22 1.69
CA LEU A 80 -7.91 5.86 1.26
C LEU A 80 -8.09 6.11 -0.23
N HIS A 81 -7.86 7.35 -0.64
CA HIS A 81 -7.96 7.73 -2.06
C HIS A 81 -7.25 6.73 -2.97
N TRP A 82 -6.05 6.30 -2.59
CA TRP A 82 -5.28 5.40 -3.45
C TRP A 82 -5.87 4.00 -3.46
N TYR A 83 -6.33 3.52 -2.30
CA TYR A 83 -7.01 2.23 -2.25
C TYR A 83 -8.33 2.29 -3.01
N ASN A 84 -9.02 3.42 -2.86
CA ASN A 84 -10.29 3.64 -3.56
C ASN A 84 -10.08 3.58 -5.06
N THR A 85 -8.98 4.17 -5.49
CA THR A 85 -8.63 4.18 -6.90
C THR A 85 -8.34 2.76 -7.39
N ALA A 86 -7.52 2.02 -6.64
CA ALA A 86 -7.13 0.68 -7.03
C ALA A 86 -8.34 -0.24 -7.13
N LEU A 87 -9.26 -0.11 -6.17
CA LEU A 87 -10.48 -0.91 -6.18
C LEU A 87 -11.43 -0.47 -7.30
N GLU A 88 -11.67 0.83 -7.42
CA GLU A 88 -12.71 1.33 -8.32
C GLU A 88 -12.31 1.32 -9.79
N MET A 89 -11.02 1.45 -10.08
CA MET A 89 -10.60 1.46 -11.49
C MET A 89 -10.74 0.06 -12.10
N THR A 90 -10.77 -0.95 -11.26
CA THR A 90 -11.02 -2.31 -11.71
C THR A 90 -12.43 -2.73 -11.32
N ASP A 91 -13.40 -2.28 -12.11
CA ASP A 91 -14.81 -2.50 -11.81
C ASP A 91 -15.30 -3.80 -12.39
N CYS A 92 -14.49 -4.39 -13.25
CA CYS A 92 -14.83 -5.64 -13.90
C CYS A 92 -14.73 -6.79 -12.91
N ASP A 93 -15.80 -7.57 -12.83
CA ASP A 93 -15.81 -8.75 -11.96
C ASP A 93 -14.95 -9.84 -12.56
N GLU A 94 -14.63 -9.68 -13.84
CA GLU A 94 -13.73 -10.60 -14.54
C GLU A 94 -12.27 -10.22 -14.26
N GLY A 95 -12.08 -9.35 -13.28
CA GLY A 95 -10.74 -8.88 -12.97
C GLY A 95 -10.02 -9.79 -11.99
N GLY A 96 -10.28 -11.08 -12.09
CA GLY A 96 -9.65 -12.03 -11.22
C GLY A 96 -8.46 -12.67 -11.89
N GLU A 97 -7.69 -11.84 -12.54
CA GLU A 97 -6.50 -12.29 -13.26
C GLU A 97 -5.30 -11.49 -12.81
N TYR A 98 -4.14 -12.13 -12.79
CA TYR A 98 -2.93 -11.49 -12.29
C TYR A 98 -2.15 -10.84 -13.42
N ASP A 99 -2.80 -9.88 -14.08
CA ASP A 99 -2.13 -9.05 -15.08
C ASP A 99 -0.99 -8.28 -14.43
N GLY A 100 -1.19 -7.92 -13.16
CA GLY A 100 -0.14 -7.33 -12.36
C GLY A 100 0.05 -8.11 -11.08
N MET A 101 1.15 -7.88 -10.39
CA MET A 101 1.46 -8.61 -9.17
C MET A 101 0.58 -8.12 -8.02
N GLN A 102 -0.62 -8.68 -7.92
CA GLN A 102 -1.53 -8.35 -6.84
C GLN A 102 -1.11 -9.05 -5.56
N ASP A 103 -0.42 -8.32 -4.70
CA ASP A 103 0.01 -8.87 -3.42
C ASP A 103 -1.05 -8.58 -2.37
N GLU A 104 -1.89 -7.60 -2.66
CA GLU A 104 -3.04 -7.27 -1.82
C GLU A 104 -4.31 -7.80 -2.46
N PRO A 105 -4.91 -8.85 -1.88
CA PRO A 105 -6.14 -9.44 -2.39
C PRO A 105 -7.37 -8.58 -2.14
N ARG A 106 -8.38 -8.74 -2.99
CA ARG A 106 -9.62 -7.93 -2.92
C ARG A 106 -10.14 -7.80 -1.49
N TYR A 107 -10.43 -8.93 -0.85
CA TYR A 107 -11.06 -8.94 0.47
C TYR A 107 -10.22 -8.24 1.53
N MET A 108 -8.89 -8.32 1.45
CA MET A 108 -8.04 -7.76 2.47
C MET A 108 -7.98 -6.24 2.35
N MET A 109 -8.04 -5.78 1.11
CA MET A 109 -8.06 -4.36 0.84
C MET A 109 -9.36 -3.77 1.36
N LEU A 110 -10.46 -4.46 1.04
CA LEU A 110 -11.79 -4.05 1.52
C LEU A 110 -11.85 -4.00 3.04
N ALA A 111 -11.32 -5.05 3.67
CA ALA A 111 -11.30 -5.13 5.13
C ALA A 111 -10.49 -3.99 5.75
N ARG A 112 -9.28 -3.77 5.24
CA ARG A 112 -8.44 -2.66 5.67
C ARG A 112 -9.19 -1.33 5.53
N GLU A 113 -9.80 -1.13 4.37
CA GLU A 113 -10.61 0.07 4.11
C GLU A 113 -11.67 0.24 5.18
N ALA A 114 -12.47 -0.80 5.40
CA ALA A 114 -13.51 -0.79 6.42
C ALA A 114 -12.95 -0.38 7.78
N GLU A 115 -11.94 -1.12 8.24
CA GLU A 115 -11.22 -0.77 9.48
C GLU A 115 -10.86 0.70 9.54
N MET A 116 -10.13 1.17 8.54
CA MET A 116 -9.65 2.54 8.50
C MET A 116 -10.82 3.54 8.55
N LEU A 117 -11.84 3.30 7.72
CA LEU A 117 -13.01 4.16 7.67
C LEU A 117 -13.81 4.14 8.98
N PHE A 118 -13.86 3.01 9.67
CA PHE A 118 -14.72 2.90 10.85
C PHE A 118 -13.97 3.32 12.11
N THR A 119 -12.65 3.39 12.06
CA THR A 119 -11.89 3.93 13.18
C THR A 119 -11.85 5.46 13.16
N GLY A 120 -11.42 6.03 12.03
CA GLY A 120 -11.46 7.47 11.87
C GLY A 120 -10.17 8.15 12.26
N GLY A 121 -10.12 9.46 12.07
CA GLY A 121 -8.97 10.23 12.51
C GLY A 121 -8.12 10.75 11.37
N TYR A 122 -7.41 11.85 11.64
CA TYR A 122 -6.41 12.42 10.73
C TYR A 122 -6.94 12.62 9.30
N GLY A 123 -7.90 13.52 9.17
CA GLY A 123 -8.35 13.94 7.86
C GLY A 123 -9.38 13.01 7.26
N LEU A 124 -9.79 12.01 8.02
CA LEU A 124 -10.75 11.03 7.53
C LEU A 124 -11.94 10.93 8.48
N GLU A 125 -13.12 10.82 7.91
CA GLU A 125 -14.34 10.73 8.70
C GLU A 125 -14.66 9.28 9.04
N LYS A 126 -15.39 9.08 10.12
CA LYS A 126 -15.83 7.75 10.53
C LYS A 126 -17.24 7.51 10.00
N ASP A 127 -17.35 6.76 8.91
CA ASP A 127 -18.63 6.49 8.29
C ASP A 127 -19.07 5.06 8.57
N PRO A 128 -20.00 4.87 9.54
CA PRO A 128 -20.46 3.55 9.96
C PRO A 128 -21.10 2.72 8.85
N GLN A 129 -21.98 3.34 8.05
CA GLN A 129 -22.72 2.61 7.03
C GLN A 129 -21.78 2.18 5.88
N ARG A 130 -20.83 3.04 5.53
CA ARG A 130 -19.90 2.74 4.44
C ARG A 130 -19.02 1.57 4.86
N SER A 131 -18.59 1.59 6.11
CA SER A 131 -17.74 0.54 6.64
C SER A 131 -18.49 -0.78 6.72
N GLY A 132 -19.69 -0.74 7.29
CA GLY A 132 -20.53 -1.93 7.35
C GLY A 132 -20.68 -2.59 5.99
N ASP A 133 -21.17 -1.83 5.03
CA ASP A 133 -21.29 -2.33 3.66
C ASP A 133 -19.95 -2.87 3.15
N LEU A 134 -18.86 -2.16 3.43
CA LEU A 134 -17.53 -2.63 3.03
C LEU A 134 -17.18 -3.97 3.67
N TYR A 135 -17.57 -4.21 4.93
CA TYR A 135 -17.32 -5.51 5.55
C TYR A 135 -18.08 -6.58 4.80
N THR A 136 -19.29 -6.24 4.35
CA THR A 136 -20.12 -7.17 3.63
C THR A 136 -19.47 -7.52 2.29
N GLN A 137 -19.01 -6.49 1.57
CA GLN A 137 -18.31 -6.71 0.30
C GLN A 137 -17.06 -7.56 0.50
N ALA A 138 -16.31 -7.26 1.56
CA ALA A 138 -15.11 -8.02 1.89
C ALA A 138 -15.45 -9.48 2.15
N ALA A 139 -16.41 -9.71 3.04
CA ALA A 139 -16.83 -11.05 3.40
C ALA A 139 -17.41 -11.80 2.21
N GLU A 140 -18.18 -11.12 1.36
CA GLU A 140 -18.73 -11.79 0.18
C GLU A 140 -17.62 -12.10 -0.82
N ALA A 141 -16.64 -11.21 -0.91
CA ALA A 141 -15.45 -11.46 -1.73
C ALA A 141 -14.71 -12.68 -1.22
N ALA A 142 -14.66 -12.84 0.10
CA ALA A 142 -14.00 -13.98 0.73
C ALA A 142 -14.82 -15.25 0.48
N MET A 143 -16.15 -15.12 0.56
CA MET A 143 -17.06 -16.21 0.18
C MET A 143 -16.79 -16.64 -1.26
N GLU A 144 -16.60 -15.67 -2.16
CA GLU A 144 -16.29 -15.97 -3.56
C GLU A 144 -14.92 -16.62 -3.67
N ALA A 145 -14.03 -16.25 -2.75
CA ALA A 145 -12.69 -16.83 -2.69
C ALA A 145 -12.71 -18.18 -1.98
N MET A 146 -13.90 -18.63 -1.59
CA MET A 146 -14.10 -19.88 -0.87
C MET A 146 -13.33 -19.90 0.45
N LYS A 147 -13.20 -18.74 1.07
CA LYS A 147 -12.51 -18.63 2.35
C LYS A 147 -13.52 -18.37 3.47
N GLY A 148 -14.08 -19.47 3.98
CA GLY A 148 -15.11 -19.41 5.01
C GLY A 148 -14.71 -18.65 6.26
N ARG A 149 -13.47 -18.83 6.70
CA ARG A 149 -13.00 -18.21 7.93
C ARG A 149 -13.05 -16.69 7.84
N LEU A 150 -12.41 -16.13 6.83
CA LEU A 150 -12.36 -14.68 6.67
C LEU A 150 -13.76 -14.12 6.47
N ALA A 151 -14.57 -14.82 5.67
CA ALA A 151 -15.93 -14.37 5.40
C ALA A 151 -16.75 -14.31 6.67
N ASN A 152 -16.68 -15.35 7.51
CA ASN A 152 -17.50 -15.35 8.73
C ASN A 152 -16.92 -14.41 9.77
N GLN A 153 -15.63 -14.13 9.68
CA GLN A 153 -14.99 -13.23 10.63
C GLN A 153 -15.47 -11.80 10.37
N TYR A 154 -15.33 -11.35 9.13
CA TYR A 154 -15.78 -10.00 8.79
C TYR A 154 -17.32 -9.91 8.76
N TYR A 155 -17.99 -11.04 8.53
CA TYR A 155 -19.46 -11.06 8.61
C TYR A 155 -19.88 -10.78 10.05
N GLN A 156 -19.16 -11.40 10.99
CA GLN A 156 -19.37 -11.15 12.41
C GLN A 156 -19.09 -9.68 12.72
N LYS A 157 -17.98 -9.15 12.19
CA LYS A 157 -17.62 -7.74 12.38
C LYS A 157 -18.70 -6.82 11.78
N ALA A 158 -19.28 -7.23 10.66
CA ALA A 158 -20.34 -6.47 10.01
C ALA A 158 -21.56 -6.37 10.92
N GLU A 159 -21.92 -7.48 11.57
CA GLU A 159 -23.07 -7.48 12.48
C GLU A 159 -22.76 -6.60 13.67
N GLU A 160 -21.51 -6.62 14.11
CA GLU A 160 -21.06 -5.77 15.23
C GLU A 160 -21.20 -4.29 14.85
N ALA A 161 -20.84 -3.96 13.61
CA ALA A 161 -20.92 -2.60 13.12
C ALA A 161 -22.34 -2.06 13.21
N TRP A 162 -23.32 -2.81 12.69
CA TRP A 162 -24.70 -2.33 12.73
C TRP A 162 -25.28 -2.45 14.14
N ALA A 163 -24.61 -3.20 15.01
CA ALA A 163 -24.98 -3.27 16.41
C ALA A 163 -24.52 -2.01 17.17
N GLN A 164 -23.33 -1.52 16.84
CA GLN A 164 -22.78 -0.34 17.51
C GLN A 164 -23.10 0.93 16.71
N MET A 165 -23.74 0.73 15.57
CA MET A 165 -24.15 1.82 14.69
C MET A 165 -25.13 2.77 15.42
N GLU A 166 -24.58 3.76 16.11
CA GLU A 166 -25.39 4.72 16.85
C GLU A 166 -25.71 5.92 15.96
N GLU A 167 -26.87 5.89 15.35
CA GLU A 167 -27.31 6.99 14.51
C GLU A 167 -27.95 8.08 15.35
N SER A 1 37.00 -11.65 -14.19
CA SER A 1 35.87 -11.39 -15.09
C SER A 1 35.88 -12.36 -16.29
N HIS A 2 35.25 -13.51 -16.12
CA HIS A 2 35.14 -14.49 -17.20
C HIS A 2 33.68 -14.86 -17.45
N MET A 3 32.80 -14.40 -16.58
CA MET A 3 31.36 -14.65 -16.73
C MET A 3 30.60 -13.34 -16.69
N GLY A 4 29.75 -13.13 -17.67
CA GLY A 4 28.98 -11.90 -17.75
C GLY A 4 27.63 -12.13 -18.39
N GLU A 5 27.11 -11.09 -19.05
CA GLU A 5 25.81 -11.15 -19.69
C GLU A 5 24.72 -11.50 -18.68
N LEU A 6 24.30 -10.51 -17.92
CA LEU A 6 23.26 -10.68 -16.92
C LEU A 6 21.87 -10.49 -17.54
N GLU A 7 21.39 -11.54 -18.19
CA GLU A 7 20.08 -11.49 -18.84
C GLU A 7 18.99 -11.93 -17.86
N ALA A 8 17.74 -11.58 -18.15
CA ALA A 8 16.64 -11.93 -17.26
C ALA A 8 15.63 -12.81 -17.97
N ILE A 9 16.00 -14.07 -18.14
CA ILE A 9 15.12 -15.06 -18.76
C ILE A 9 14.27 -15.70 -17.68
N VAL A 10 14.90 -16.01 -16.55
CA VAL A 10 14.21 -16.50 -15.37
C VAL A 10 14.73 -15.76 -14.14
N GLY A 11 13.99 -15.79 -13.04
CA GLY A 11 14.42 -15.09 -11.86
C GLY A 11 13.47 -15.23 -10.69
N LEU A 12 13.88 -14.75 -9.54
CA LEU A 12 13.09 -14.82 -8.32
C LEU A 12 11.93 -13.83 -8.40
N GLY A 13 12.19 -12.66 -8.95
CA GLY A 13 11.16 -11.65 -9.06
C GLY A 13 11.44 -10.44 -8.18
N LEU A 14 10.60 -10.22 -7.19
CA LEU A 14 10.76 -9.07 -6.31
C LEU A 14 11.41 -9.49 -5.00
N MET A 15 12.57 -8.92 -4.70
CA MET A 15 13.25 -9.14 -3.43
C MET A 15 12.78 -8.08 -2.43
N TYR A 16 11.96 -7.16 -2.94
CA TYR A 16 11.43 -6.04 -2.17
C TYR A 16 12.54 -5.09 -1.77
N SER A 17 13.48 -4.92 -2.69
CA SER A 17 14.61 -3.98 -2.54
C SER A 17 15.58 -4.43 -1.46
N GLN A 18 15.18 -4.29 -0.19
CA GLN A 18 16.06 -4.53 0.96
C GLN A 18 17.25 -3.57 0.88
N LEU A 19 17.05 -2.37 1.39
CA LEU A 19 18.08 -1.33 1.34
C LEU A 19 18.09 -0.54 2.63
N PRO A 20 19.00 -0.86 3.57
CA PRO A 20 19.14 -0.12 4.84
C PRO A 20 19.51 1.34 4.60
N HIS A 21 18.52 2.22 4.69
CA HIS A 21 18.75 3.64 4.47
C HIS A 21 18.74 4.40 5.80
N HIS A 22 18.14 3.79 6.80
CA HIS A 22 17.99 4.43 8.11
C HIS A 22 19.11 4.01 9.05
N ILE A 23 20.25 3.66 8.47
CA ILE A 23 21.40 3.26 9.26
C ILE A 23 22.23 4.48 9.66
N LEU A 24 22.35 4.71 10.96
CA LEU A 24 23.11 5.85 11.47
C LEU A 24 24.29 5.37 12.28
N ALA A 25 25.04 4.42 11.74
CA ALA A 25 26.21 3.90 12.41
C ALA A 25 27.46 4.65 11.99
N ASP A 26 27.30 5.53 11.01
CA ASP A 26 28.40 6.34 10.51
C ASP A 26 28.03 7.81 10.50
N VAL A 27 29.03 8.67 10.56
CA VAL A 27 28.85 10.11 10.46
C VAL A 27 29.58 10.66 9.26
N SER A 28 29.59 9.88 8.18
CA SER A 28 30.33 10.22 6.98
C SER A 28 29.38 10.73 5.90
N LEU A 29 29.85 11.70 5.11
CA LEU A 29 29.04 12.23 4.01
C LEU A 29 29.00 11.23 2.87
N LYS A 30 27.88 10.55 2.75
CA LYS A 30 27.71 9.51 1.73
C LYS A 30 26.90 10.07 0.57
N GLU A 31 27.21 9.64 -0.65
CA GLU A 31 26.50 10.14 -1.82
C GLU A 31 25.60 9.04 -2.39
N THR A 32 24.59 8.71 -1.63
CA THR A 32 23.66 7.65 -2.02
C THR A 32 22.59 8.21 -2.96
N GLU A 33 23.04 8.76 -4.08
CA GLU A 33 22.16 9.40 -5.04
C GLU A 33 21.66 8.41 -6.08
N GLU A 34 22.10 7.16 -5.97
CA GLU A 34 21.70 6.12 -6.92
C GLU A 34 20.30 5.62 -6.59
N ASN A 35 19.79 5.97 -5.42
CA ASN A 35 18.49 5.47 -4.97
C ASN A 35 17.36 6.36 -5.49
N LYS A 36 17.60 7.67 -5.52
CA LYS A 36 16.56 8.65 -5.86
C LYS A 36 15.97 8.42 -7.26
N THR A 37 16.67 7.68 -8.10
CA THR A 37 16.20 7.41 -9.46
C THR A 37 14.96 6.52 -9.45
N LYS A 38 14.88 5.61 -8.48
CA LYS A 38 13.73 4.72 -8.37
C LYS A 38 13.14 4.75 -6.96
N GLY A 39 13.43 5.82 -6.23
CA GLY A 39 12.91 5.98 -4.89
C GLY A 39 11.48 6.49 -4.88
N PHE A 40 11.09 7.09 -3.75
CA PHE A 40 9.73 7.60 -3.57
C PHE A 40 9.16 8.33 -4.79
N ASP A 41 9.97 9.20 -5.40
CA ASP A 41 9.48 10.02 -6.53
C ASP A 41 9.04 9.14 -7.69
N TYR A 42 9.70 8.00 -7.86
CA TYR A 42 9.41 7.12 -8.98
C TYR A 42 8.08 6.40 -8.74
N LEU A 43 7.92 5.85 -7.54
CA LEU A 43 6.67 5.19 -7.16
C LEU A 43 5.46 6.09 -7.34
N LEU A 44 5.55 7.34 -6.86
CA LEU A 44 4.42 8.26 -6.95
C LEU A 44 4.24 8.80 -8.38
N LYS A 45 5.33 8.89 -9.13
CA LYS A 45 5.23 9.31 -10.54
C LYS A 45 4.50 8.24 -11.32
N ALA A 46 4.71 6.99 -10.92
CA ALA A 46 4.06 5.86 -11.56
C ALA A 46 2.66 5.69 -11.01
N ALA A 47 2.47 6.13 -9.76
CA ALA A 47 1.15 6.18 -9.17
C ALA A 47 0.25 7.14 -9.93
N GLU A 48 0.80 8.31 -10.26
CA GLU A 48 0.09 9.29 -11.09
C GLU A 48 -0.04 8.78 -12.53
N ALA A 49 0.87 7.90 -12.94
CA ALA A 49 0.84 7.31 -14.28
C ALA A 49 -0.30 6.30 -14.41
N GLY A 50 -0.62 5.60 -13.33
CA GLY A 50 -1.70 4.63 -13.37
C GLY A 50 -1.23 3.22 -13.08
N ASP A 51 0.00 3.10 -12.60
CA ASP A 51 0.57 1.80 -12.25
C ASP A 51 0.02 1.33 -10.91
N ARG A 52 -0.79 0.27 -10.99
CA ARG A 52 -1.46 -0.33 -9.84
C ARG A 52 -0.50 -0.61 -8.68
N GLN A 53 0.54 -1.38 -8.94
CA GLN A 53 1.47 -1.81 -7.89
C GLN A 53 2.11 -0.61 -7.18
N SER A 54 2.47 0.41 -7.95
CA SER A 54 3.18 1.56 -7.39
C SER A 54 2.27 2.38 -6.48
N MET A 55 1.01 2.51 -6.87
CA MET A 55 0.08 3.32 -6.08
C MET A 55 -0.35 2.59 -4.81
N ILE A 56 -0.32 1.26 -4.85
CA ILE A 56 -0.61 0.45 -3.67
C ILE A 56 0.54 0.58 -2.68
N LEU A 57 1.76 0.64 -3.19
CA LEU A 57 2.95 0.80 -2.34
C LEU A 57 2.93 2.16 -1.62
N VAL A 58 2.67 3.24 -2.35
CA VAL A 58 2.64 4.57 -1.72
C VAL A 58 1.52 4.63 -0.67
N ALA A 59 0.40 3.96 -0.95
CA ALA A 59 -0.68 3.81 0.02
C ALA A 59 -0.15 3.28 1.34
N ARG A 60 0.44 2.09 1.29
CA ARG A 60 1.04 1.47 2.46
C ARG A 60 2.12 2.34 3.09
N ALA A 61 2.78 3.15 2.25
CA ALA A 61 3.82 4.05 2.73
C ALA A 61 3.22 5.10 3.67
N PHE A 62 2.09 5.67 3.26
CA PHE A 62 1.37 6.64 4.08
C PHE A 62 0.85 6.03 5.37
N ASP A 63 0.49 4.75 5.32
CA ASP A 63 -0.02 4.06 6.50
C ASP A 63 1.09 3.65 7.47
N SER A 64 2.08 2.92 6.96
CA SER A 64 3.16 2.42 7.79
C SER A 64 4.10 3.55 8.24
N GLY A 65 4.21 4.58 7.42
CA GLY A 65 5.00 5.74 7.78
C GLY A 65 6.49 5.59 7.50
N GLN A 66 6.90 4.42 7.03
CA GLN A 66 8.33 4.12 6.85
C GLN A 66 8.88 4.76 5.59
N ASN A 67 8.32 4.41 4.44
CA ASN A 67 8.83 4.90 3.15
C ASN A 67 8.42 6.34 2.91
N LEU A 68 7.54 6.85 3.77
CA LEU A 68 7.04 8.21 3.64
C LEU A 68 8.08 9.24 4.08
N SER A 69 9.07 8.77 4.87
CA SER A 69 10.09 9.63 5.47
C SER A 69 9.49 10.38 6.68
N PRO A 70 10.29 10.62 7.75
CA PRO A 70 9.77 11.14 9.01
C PRO A 70 9.49 12.65 8.97
N ASP A 71 9.82 13.28 7.86
CA ASP A 71 9.59 14.73 7.70
C ASP A 71 8.21 14.99 7.10
N ARG A 72 7.36 13.98 7.09
CA ARG A 72 6.01 14.11 6.57
C ARG A 72 4.98 13.57 7.56
N CYS A 73 3.79 14.15 7.55
CA CYS A 73 2.69 13.69 8.38
C CYS A 73 1.84 12.68 7.62
N GLN A 74 1.31 11.69 8.33
CA GLN A 74 0.58 10.60 7.70
C GLN A 74 -0.90 10.92 7.58
N ASP A 75 -1.36 11.11 6.35
CA ASP A 75 -2.76 11.38 6.10
C ASP A 75 -3.45 10.11 5.60
N TRP A 76 -4.32 9.55 6.42
CA TRP A 76 -5.08 8.36 6.02
C TRP A 76 -6.04 8.66 4.88
N LEU A 77 -6.29 9.94 4.63
CA LEU A 77 -7.18 10.34 3.52
C LEU A 77 -6.47 10.08 2.20
N GLU A 78 -5.16 10.30 2.17
CA GLU A 78 -4.36 10.01 0.99
C GLU A 78 -4.33 8.51 0.75
N ALA A 79 -4.04 7.77 1.82
CA ALA A 79 -4.03 6.32 1.79
C ALA A 79 -5.37 5.78 1.27
N LEU A 80 -6.47 6.20 1.89
CA LEU A 80 -7.81 5.82 1.43
C LEU A 80 -7.98 6.14 -0.06
N HIS A 81 -7.68 7.39 -0.42
CA HIS A 81 -7.74 7.84 -1.83
C HIS A 81 -7.06 6.84 -2.77
N TRP A 82 -5.87 6.37 -2.40
CA TRP A 82 -5.11 5.49 -3.27
C TRP A 82 -5.68 4.06 -3.27
N TYR A 83 -6.16 3.60 -2.12
CA TYR A 83 -6.80 2.29 -2.06
C TYR A 83 -8.12 2.31 -2.81
N ASN A 84 -8.84 3.42 -2.69
CA ASN A 84 -10.10 3.61 -3.39
C ASN A 84 -9.87 3.45 -4.88
N THR A 85 -8.93 4.21 -5.42
CA THR A 85 -8.54 4.09 -6.81
C THR A 85 -8.30 2.63 -7.23
N ALA A 86 -7.50 1.90 -6.44
CA ALA A 86 -7.19 0.51 -6.76
C ALA A 86 -8.47 -0.35 -6.81
N LEU A 87 -9.31 -0.22 -5.79
CA LEU A 87 -10.55 -0.97 -5.71
C LEU A 87 -11.56 -0.52 -6.76
N GLU A 88 -11.50 0.75 -7.16
CA GLU A 88 -12.48 1.31 -8.08
C GLU A 88 -12.19 0.86 -9.51
N MET A 89 -10.92 0.69 -9.84
CA MET A 89 -10.54 0.23 -11.17
C MET A 89 -10.22 -1.26 -11.12
N THR A 90 -11.00 -1.98 -10.31
CA THR A 90 -10.83 -3.42 -10.16
C THR A 90 -10.89 -4.09 -11.53
N ASP A 91 -9.82 -4.80 -11.87
CA ASP A 91 -9.74 -5.51 -13.14
C ASP A 91 -9.07 -6.87 -12.93
N CYS A 92 -8.58 -7.08 -11.72
CA CYS A 92 -7.88 -8.30 -11.38
C CYS A 92 -8.87 -9.35 -10.85
N ASP A 93 -10.15 -8.99 -10.89
CA ASP A 93 -11.21 -9.88 -10.42
C ASP A 93 -11.57 -10.90 -11.50
N GLU A 94 -10.82 -10.89 -12.58
CA GLU A 94 -10.93 -11.93 -13.60
C GLU A 94 -9.83 -12.96 -13.40
N GLY A 95 -9.41 -13.07 -12.14
CA GLY A 95 -8.33 -13.97 -11.79
C GLY A 95 -7.80 -13.67 -10.41
N GLY A 96 -6.57 -13.18 -10.33
CA GLY A 96 -5.98 -12.85 -9.05
C GLY A 96 -4.62 -13.47 -8.87
N GLU A 97 -4.52 -14.75 -9.22
CA GLU A 97 -3.26 -15.46 -9.12
C GLU A 97 -2.69 -15.66 -10.52
N TYR A 98 -1.71 -14.84 -10.87
CA TYR A 98 -1.05 -14.94 -12.15
C TYR A 98 0.45 -14.89 -11.93
N ASP A 99 0.99 -15.98 -11.38
CA ASP A 99 2.40 -16.07 -11.03
C ASP A 99 2.77 -15.02 -9.98
N GLY A 100 2.00 -14.97 -8.90
CA GLY A 100 2.26 -14.02 -7.85
C GLY A 100 2.37 -14.68 -6.49
N MET A 101 2.59 -13.89 -5.46
CA MET A 101 2.73 -14.41 -4.12
C MET A 101 1.54 -13.97 -3.28
N GLN A 102 0.35 -14.11 -3.87
CA GLN A 102 -0.88 -13.61 -3.29
C GLN A 102 -0.71 -12.16 -2.88
N ASP A 103 -0.42 -11.33 -3.87
CA ASP A 103 -0.12 -9.93 -3.66
C ASP A 103 -1.39 -9.10 -3.76
N GLU A 104 -2.44 -9.70 -4.29
CA GLU A 104 -3.72 -9.02 -4.46
C GLU A 104 -4.79 -9.71 -3.63
N PRO A 105 -5.01 -9.22 -2.41
CA PRO A 105 -6.11 -9.66 -1.57
C PRO A 105 -7.26 -8.66 -1.59
N ARG A 106 -8.06 -8.72 -2.65
CA ARG A 106 -9.19 -7.80 -2.83
C ARG A 106 -10.08 -7.73 -1.58
N TYR A 107 -10.40 -8.90 -1.01
CA TYR A 107 -11.25 -8.99 0.18
C TYR A 107 -10.58 -8.33 1.40
N MET A 108 -9.27 -8.45 1.51
CA MET A 108 -8.57 -7.97 2.69
C MET A 108 -8.42 -6.46 2.62
N MET A 109 -8.36 -5.94 1.40
CA MET A 109 -8.31 -4.50 1.19
C MET A 109 -9.63 -3.88 1.60
N LEU A 110 -10.72 -4.52 1.21
CA LEU A 110 -12.07 -4.10 1.60
C LEU A 110 -12.18 -4.06 3.12
N ALA A 111 -11.77 -5.16 3.75
CA ALA A 111 -11.83 -5.28 5.21
C ALA A 111 -10.91 -4.27 5.89
N ARG A 112 -9.70 -4.13 5.34
CA ARG A 112 -8.72 -3.17 5.82
C ARG A 112 -9.27 -1.76 5.83
N GLU A 113 -9.73 -1.30 4.68
CA GLU A 113 -10.26 0.05 4.54
C GLU A 113 -11.49 0.23 5.42
N ALA A 114 -12.33 -0.79 5.52
CA ALA A 114 -13.45 -0.75 6.46
C ALA A 114 -12.97 -0.38 7.85
N GLU A 115 -12.01 -1.15 8.37
CA GLU A 115 -11.40 -0.86 9.67
C GLU A 115 -10.87 0.58 9.75
N MET A 116 -10.09 0.98 8.76
CA MET A 116 -9.44 2.28 8.77
C MET A 116 -10.48 3.41 8.73
N LEU A 117 -11.41 3.29 7.79
CA LEU A 117 -12.47 4.29 7.63
C LEU A 117 -13.45 4.30 8.82
N PHE A 118 -13.64 3.16 9.48
CA PHE A 118 -14.55 3.09 10.61
C PHE A 118 -13.90 3.67 11.87
N THR A 119 -12.57 3.71 11.91
CA THR A 119 -11.86 4.27 13.04
C THR A 119 -11.32 5.65 12.70
N GLY A 120 -12.10 6.39 11.90
CA GLY A 120 -11.70 7.71 11.47
C GLY A 120 -11.84 8.74 12.57
N GLY A 121 -10.75 9.45 12.85
CA GLY A 121 -10.77 10.45 13.89
C GLY A 121 -9.73 11.52 13.65
N TYR A 122 -10.18 12.73 13.39
CA TYR A 122 -9.32 13.87 13.08
C TYR A 122 -8.41 13.57 11.89
N GLY A 123 -8.91 13.84 10.70
CA GLY A 123 -8.14 13.61 9.49
C GLY A 123 -8.95 12.87 8.45
N LEU A 124 -9.93 12.12 8.92
CA LEU A 124 -10.79 11.34 8.06
C LEU A 124 -12.15 11.18 8.72
N GLU A 125 -13.20 11.24 7.92
CA GLU A 125 -14.56 11.22 8.43
C GLU A 125 -15.01 9.79 8.73
N LYS A 126 -15.84 9.63 9.74
CA LYS A 126 -16.30 8.32 10.19
C LYS A 126 -17.70 8.04 9.66
N ASP A 127 -17.80 7.15 8.70
CA ASP A 127 -19.10 6.70 8.22
C ASP A 127 -19.27 5.21 8.48
N PRO A 128 -19.95 4.87 9.57
CA PRO A 128 -20.21 3.48 9.98
C PRO A 128 -20.94 2.68 8.89
N GLN A 129 -21.82 3.34 8.14
CA GLN A 129 -22.61 2.66 7.13
C GLN A 129 -21.76 2.21 5.95
N ARG A 130 -20.78 3.03 5.59
CA ARG A 130 -19.90 2.72 4.46
C ARG A 130 -18.96 1.59 4.87
N SER A 131 -18.55 1.62 6.13
CA SER A 131 -17.64 0.64 6.66
C SER A 131 -18.32 -0.73 6.78
N GLY A 132 -19.51 -0.74 7.37
CA GLY A 132 -20.28 -1.97 7.46
C GLY A 132 -20.50 -2.61 6.10
N ASP A 133 -20.98 -1.80 5.16
CA ASP A 133 -21.15 -2.26 3.78
C ASP A 133 -19.84 -2.83 3.22
N LEU A 134 -18.73 -2.13 3.45
CA LEU A 134 -17.41 -2.62 3.02
C LEU A 134 -17.09 -4.00 3.60
N TYR A 135 -17.45 -4.24 4.87
CA TYR A 135 -17.19 -5.55 5.48
C TYR A 135 -18.02 -6.62 4.79
N THR A 136 -19.23 -6.25 4.39
CA THR A 136 -20.13 -7.17 3.74
C THR A 136 -19.57 -7.55 2.36
N GLN A 137 -19.09 -6.56 1.60
CA GLN A 137 -18.49 -6.82 0.30
C GLN A 137 -17.24 -7.69 0.46
N ALA A 138 -16.46 -7.41 1.50
CA ALA A 138 -15.26 -8.17 1.79
C ALA A 138 -15.59 -9.64 2.08
N ALA A 139 -16.53 -9.85 2.98
CA ALA A 139 -16.96 -11.18 3.34
C ALA A 139 -17.55 -11.95 2.15
N GLU A 140 -18.30 -11.27 1.30
CA GLU A 140 -18.84 -11.94 0.10
C GLU A 140 -17.69 -12.31 -0.82
N ALA A 141 -16.72 -11.40 -0.95
CA ALA A 141 -15.54 -11.63 -1.75
C ALA A 141 -14.71 -12.78 -1.18
N ALA A 142 -14.74 -12.93 0.14
CA ALA A 142 -14.02 -14.00 0.82
C ALA A 142 -14.69 -15.34 0.55
N MET A 143 -16.01 -15.36 0.58
CA MET A 143 -16.78 -16.56 0.20
C MET A 143 -16.43 -16.98 -1.22
N GLU A 144 -16.34 -16.00 -2.11
CA GLU A 144 -16.01 -16.28 -3.51
C GLU A 144 -14.54 -16.66 -3.64
N ALA A 145 -13.70 -16.14 -2.75
CA ALA A 145 -12.29 -16.50 -2.70
C ALA A 145 -12.07 -17.85 -2.02
N MET A 146 -13.17 -18.58 -1.77
CA MET A 146 -13.12 -19.92 -1.17
C MET A 146 -12.62 -19.88 0.27
N LYS A 147 -12.79 -18.74 0.93
CA LYS A 147 -12.40 -18.61 2.32
C LYS A 147 -13.63 -18.41 3.21
N GLY A 148 -14.33 -19.51 3.48
CA GLY A 148 -15.55 -19.48 4.27
C GLY A 148 -15.37 -18.91 5.66
N ARG A 149 -14.28 -19.31 6.32
CA ARG A 149 -14.02 -18.87 7.70
C ARG A 149 -13.87 -17.36 7.78
N LEU A 150 -13.04 -16.79 6.91
CA LEU A 150 -12.76 -15.38 6.93
C LEU A 150 -14.03 -14.57 6.62
N ALA A 151 -14.86 -15.11 5.73
CA ALA A 151 -16.13 -14.51 5.40
C ALA A 151 -17.03 -14.40 6.61
N ASN A 152 -17.14 -15.48 7.38
CA ASN A 152 -18.01 -15.46 8.55
C ASN A 152 -17.41 -14.61 9.66
N GLN A 153 -16.10 -14.42 9.61
CA GLN A 153 -15.44 -13.60 10.62
C GLN A 153 -15.79 -12.14 10.39
N TYR A 154 -15.56 -11.64 9.18
CA TYR A 154 -15.93 -10.26 8.87
C TYR A 154 -17.44 -10.07 8.84
N TYR A 155 -18.20 -11.13 8.57
CA TYR A 155 -19.66 -11.03 8.62
C TYR A 155 -20.10 -10.79 10.07
N GLN A 156 -19.49 -11.52 10.99
CA GLN A 156 -19.77 -11.32 12.42
C GLN A 156 -19.31 -9.93 12.86
N LYS A 157 -18.18 -9.47 12.31
CA LYS A 157 -17.70 -8.12 12.58
C LYS A 157 -18.66 -7.07 12.02
N ALA A 158 -19.17 -7.33 10.81
CA ALA A 158 -20.12 -6.44 10.15
C ALA A 158 -21.39 -6.29 10.97
N GLU A 159 -21.89 -7.40 11.51
CA GLU A 159 -23.10 -7.37 12.31
C GLU A 159 -22.83 -6.61 13.61
N GLU A 160 -21.60 -6.75 14.12
CA GLU A 160 -21.17 -6.03 15.31
C GLU A 160 -21.21 -4.53 15.06
N ALA A 161 -20.82 -4.14 13.85
CA ALA A 161 -20.81 -2.74 13.43
C ALA A 161 -22.20 -2.13 13.53
N TRP A 162 -23.20 -2.80 12.97
CA TRP A 162 -24.56 -2.25 13.00
C TRP A 162 -25.18 -2.38 14.40
N ALA A 163 -24.62 -3.26 15.23
CA ALA A 163 -25.09 -3.40 16.61
C ALA A 163 -24.66 -2.19 17.46
N GLN A 164 -23.44 -1.71 17.23
CA GLN A 164 -22.94 -0.53 17.93
C GLN A 164 -23.31 0.74 17.18
N MET A 165 -23.85 0.55 15.97
CA MET A 165 -24.33 1.66 15.16
C MET A 165 -25.67 2.16 15.71
N GLU A 166 -25.61 2.78 16.87
CA GLU A 166 -26.80 3.27 17.54
C GLU A 166 -26.63 4.74 17.86
N GLU A 167 -27.01 5.58 16.91
CA GLU A 167 -26.88 7.02 17.05
C GLU A 167 -28.03 7.56 17.89
N SER A 1 24.16 -37.26 -23.53
CA SER A 1 22.72 -37.18 -23.21
C SER A 1 22.44 -36.11 -22.16
N HIS A 2 23.20 -36.14 -21.08
CA HIS A 2 23.04 -35.16 -20.00
C HIS A 2 23.98 -33.97 -20.22
N MET A 3 23.48 -32.79 -19.90
CA MET A 3 24.25 -31.56 -20.07
C MET A 3 24.58 -30.94 -18.73
N GLY A 4 24.69 -31.78 -17.71
CA GLY A 4 25.00 -31.30 -16.37
C GLY A 4 24.68 -32.33 -15.31
N GLU A 5 23.70 -32.02 -14.48
CA GLU A 5 23.29 -32.93 -13.42
C GLU A 5 22.37 -34.01 -13.96
N LEU A 6 22.61 -35.25 -13.54
CA LEU A 6 21.82 -36.38 -14.00
C LEU A 6 20.55 -36.52 -13.17
N GLU A 7 19.47 -35.94 -13.69
CA GLU A 7 18.16 -36.02 -13.04
C GLU A 7 18.22 -35.57 -11.58
N ALA A 8 18.58 -34.31 -11.38
CA ALA A 8 18.67 -33.74 -10.05
C ALA A 8 17.29 -33.44 -9.49
N ILE A 9 16.79 -34.33 -8.65
CA ILE A 9 15.48 -34.16 -8.04
C ILE A 9 15.58 -33.16 -6.89
N VAL A 10 16.62 -33.30 -6.08
CA VAL A 10 16.86 -32.42 -4.96
C VAL A 10 18.27 -31.86 -5.01
N GLY A 11 18.39 -30.55 -5.03
CA GLY A 11 19.71 -29.92 -5.04
C GLY A 11 19.61 -28.45 -5.38
N LEU A 12 20.67 -27.70 -5.04
CA LEU A 12 20.72 -26.26 -5.29
C LEU A 12 19.49 -25.56 -4.71
N GLY A 13 19.32 -25.66 -3.40
CA GLY A 13 18.16 -25.08 -2.76
C GLY A 13 18.29 -23.60 -2.51
N LEU A 14 19.53 -23.14 -2.35
CA LEU A 14 19.78 -21.74 -2.07
C LEU A 14 20.64 -21.09 -3.16
N MET A 15 19.99 -20.76 -4.27
CA MET A 15 20.67 -20.03 -5.35
C MET A 15 20.23 -18.57 -5.33
N TYR A 16 19.28 -18.26 -4.46
CA TYR A 16 18.84 -16.89 -4.28
C TYR A 16 19.22 -16.40 -2.89
N SER A 17 18.97 -15.12 -2.62
CA SER A 17 19.25 -14.50 -1.32
C SER A 17 20.76 -14.31 -1.09
N GLN A 18 21.53 -15.39 -1.14
CA GLN A 18 22.97 -15.32 -0.89
C GLN A 18 23.72 -14.89 -2.15
N LEU A 19 23.42 -13.68 -2.60
CA LEU A 19 24.05 -13.12 -3.77
C LEU A 19 25.47 -12.64 -3.42
N PRO A 20 26.50 -13.13 -4.13
CA PRO A 20 27.89 -12.77 -3.82
C PRO A 20 28.20 -11.32 -4.15
N HIS A 21 28.11 -10.45 -3.16
CA HIS A 21 28.34 -9.02 -3.36
C HIS A 21 29.82 -8.74 -3.55
N HIS A 22 30.67 -9.68 -3.13
CA HIS A 22 32.12 -9.52 -3.26
C HIS A 22 32.55 -9.54 -4.73
N ILE A 23 31.65 -9.98 -5.60
CA ILE A 23 31.92 -9.98 -7.04
C ILE A 23 31.31 -8.74 -7.69
N LEU A 24 32.12 -7.70 -7.87
CA LEU A 24 31.63 -6.47 -8.48
C LEU A 24 31.92 -6.46 -9.96
N ALA A 25 30.93 -6.80 -10.77
CA ALA A 25 31.08 -6.82 -12.22
C ALA A 25 31.02 -5.41 -12.78
N ASP A 26 30.46 -4.49 -12.00
CA ASP A 26 30.38 -3.09 -12.39
C ASP A 26 31.50 -2.31 -11.73
N VAL A 27 32.00 -1.30 -12.42
CA VAL A 27 33.07 -0.47 -11.89
C VAL A 27 32.56 0.96 -11.63
N SER A 28 31.44 1.05 -10.93
CA SER A 28 30.83 2.33 -10.64
C SER A 28 31.52 2.99 -9.44
N LEU A 29 31.88 4.25 -9.59
CA LEU A 29 32.52 5.00 -8.51
C LEU A 29 31.47 5.53 -7.54
N LYS A 30 30.26 5.69 -8.05
CA LYS A 30 29.15 6.17 -7.24
C LYS A 30 28.30 4.99 -6.78
N GLU A 31 27.78 5.05 -5.56
CA GLU A 31 26.95 3.98 -5.04
C GLU A 31 25.83 4.57 -4.18
N THR A 32 24.86 5.18 -4.85
CA THR A 32 23.77 5.87 -4.17
C THR A 32 22.61 4.92 -3.89
N GLU A 33 22.91 3.82 -3.23
CA GLU A 33 21.91 2.77 -2.98
C GLU A 33 20.93 3.20 -1.91
N GLU A 34 21.43 3.83 -0.86
CA GLU A 34 20.58 4.29 0.24
C GLU A 34 19.76 5.49 -0.19
N ASN A 35 20.09 6.04 -1.34
CA ASN A 35 19.35 7.19 -1.87
C ASN A 35 18.16 6.73 -2.70
N LYS A 36 18.39 5.78 -3.62
CA LYS A 36 17.33 5.31 -4.52
C LYS A 36 16.23 4.57 -3.73
N THR A 37 16.57 4.09 -2.54
CA THR A 37 15.59 3.41 -1.70
C THR A 37 14.79 4.43 -0.88
N LYS A 38 15.15 5.69 -0.98
CA LYS A 38 14.41 6.77 -0.34
C LYS A 38 13.72 7.61 -1.41
N GLY A 39 13.46 6.98 -2.54
CA GLY A 39 12.81 7.66 -3.64
C GLY A 39 11.31 7.43 -3.61
N PHE A 40 10.56 8.48 -3.35
CA PHE A 40 9.12 8.38 -3.26
C PHE A 40 8.46 8.93 -4.52
N ASP A 41 9.18 9.81 -5.21
CA ASP A 41 8.64 10.51 -6.37
C ASP A 41 8.30 9.54 -7.49
N TYR A 42 9.04 8.44 -7.60
CA TYR A 42 8.80 7.47 -8.66
C TYR A 42 7.51 6.71 -8.38
N LEU A 43 7.42 6.17 -7.16
CA LEU A 43 6.24 5.41 -6.74
C LEU A 43 4.95 6.22 -6.92
N LEU A 44 4.96 7.50 -6.50
CA LEU A 44 3.76 8.32 -6.60
C LEU A 44 3.52 8.80 -8.04
N LYS A 45 4.59 8.94 -8.82
CA LYS A 45 4.44 9.34 -10.22
C LYS A 45 3.81 8.18 -10.98
N ALA A 46 4.14 6.96 -10.55
CA ALA A 46 3.58 5.78 -11.15
C ALA A 46 2.21 5.50 -10.57
N ALA A 47 1.99 5.97 -9.35
CA ALA A 47 0.66 5.95 -8.74
C ALA A 47 -0.29 6.80 -9.58
N GLU A 48 0.16 8.00 -9.95
CA GLU A 48 -0.61 8.86 -10.85
C GLU A 48 -0.74 8.22 -12.23
N ALA A 49 0.21 7.36 -12.59
CA ALA A 49 0.16 6.68 -13.88
C ALA A 49 -0.87 5.54 -13.87
N GLY A 50 -1.20 5.04 -12.69
CA GLY A 50 -2.16 3.96 -12.57
C GLY A 50 -1.48 2.61 -12.43
N ASP A 51 -0.26 2.63 -11.93
CA ASP A 51 0.52 1.41 -11.77
C ASP A 51 0.21 0.71 -10.45
N ARG A 52 -0.38 -0.48 -10.56
CA ARG A 52 -0.90 -1.23 -9.42
C ARG A 52 0.05 -1.24 -8.21
N GLN A 53 1.20 -1.89 -8.38
CA GLN A 53 2.09 -2.16 -7.24
C GLN A 53 2.60 -0.87 -6.60
N SER A 54 2.87 0.15 -7.39
CA SER A 54 3.45 1.39 -6.86
C SER A 54 2.39 2.15 -6.07
N MET A 55 1.17 2.12 -6.57
CA MET A 55 0.03 2.76 -5.90
C MET A 55 -0.26 2.04 -4.58
N ILE A 56 -0.22 0.72 -4.61
CA ILE A 56 -0.44 -0.08 -3.41
C ILE A 56 0.69 0.17 -2.40
N LEU A 57 1.91 0.31 -2.91
CA LEU A 57 3.06 0.60 -2.05
C LEU A 57 2.93 1.98 -1.42
N VAL A 58 2.52 2.99 -2.17
CA VAL A 58 2.29 4.33 -1.61
C VAL A 58 1.22 4.27 -0.54
N ALA A 59 0.11 3.62 -0.89
CA ALA A 59 -1.00 3.43 0.05
C ALA A 59 -0.49 2.85 1.37
N ARG A 60 0.10 1.66 1.31
CA ARG A 60 0.64 1.01 2.49
C ARG A 60 1.75 1.82 3.14
N ALA A 61 2.45 2.63 2.34
CA ALA A 61 3.49 3.50 2.86
C ALA A 61 2.88 4.53 3.80
N PHE A 62 1.72 5.04 3.41
CA PHE A 62 0.97 5.99 4.23
C PHE A 62 0.33 5.28 5.44
N ASP A 63 -0.10 4.04 5.24
CA ASP A 63 -0.76 3.27 6.28
C ASP A 63 0.21 2.81 7.36
N SER A 64 1.30 2.18 6.94
CA SER A 64 2.31 1.71 7.88
C SER A 64 3.06 2.88 8.50
N GLY A 65 3.23 3.95 7.72
CA GLY A 65 3.95 5.12 8.19
C GLY A 65 5.45 4.98 8.04
N GLN A 66 5.91 3.75 7.82
CA GLN A 66 7.33 3.45 7.79
C GLN A 66 7.99 3.98 6.52
N ASN A 67 7.56 3.44 5.38
CA ASN A 67 8.18 3.77 4.10
C ASN A 67 7.89 5.21 3.69
N LEU A 68 6.85 5.78 4.29
CA LEU A 68 6.45 7.16 4.02
C LEU A 68 7.53 8.12 4.48
N SER A 69 8.27 7.72 5.52
CA SER A 69 9.28 8.57 6.16
C SER A 69 8.59 9.71 6.94
N PRO A 70 9.12 10.07 8.13
CA PRO A 70 8.50 11.11 8.99
C PRO A 70 8.56 12.52 8.39
N ASP A 71 9.03 12.63 7.14
CA ASP A 71 9.13 13.91 6.47
C ASP A 71 7.76 14.42 6.03
N ARG A 72 6.80 13.52 5.97
CA ARG A 72 5.46 13.85 5.47
C ARG A 72 4.38 13.30 6.39
N CYS A 73 3.28 14.02 6.52
CA CYS A 73 2.21 13.67 7.44
C CYS A 73 1.47 12.41 6.98
N GLN A 74 1.10 11.57 7.93
CA GLN A 74 0.41 10.31 7.63
C GLN A 74 -1.09 10.54 7.47
N ASP A 75 -1.48 11.08 6.33
CA ASP A 75 -2.89 11.28 6.02
C ASP A 75 -3.53 9.96 5.57
N TRP A 76 -4.34 9.38 6.45
CA TRP A 76 -5.03 8.13 6.11
C TRP A 76 -6.09 8.35 5.03
N LEU A 77 -6.41 9.61 4.75
CA LEU A 77 -7.39 9.91 3.69
C LEU A 77 -6.77 9.62 2.34
N GLU A 78 -5.49 9.97 2.20
CA GLU A 78 -4.77 9.70 0.96
C GLU A 78 -4.59 8.20 0.79
N ALA A 79 -4.20 7.54 1.88
CA ALA A 79 -4.09 6.08 1.91
C ALA A 79 -5.38 5.43 1.43
N LEU A 80 -6.51 5.80 2.05
CA LEU A 80 -7.81 5.32 1.62
C LEU A 80 -8.00 5.55 0.12
N HIS A 81 -7.84 6.81 -0.29
CA HIS A 81 -7.95 7.19 -1.69
C HIS A 81 -7.14 6.28 -2.62
N TRP A 82 -5.90 5.97 -2.23
CA TRP A 82 -5.02 5.19 -3.10
C TRP A 82 -5.40 3.70 -3.10
N TYR A 83 -5.87 3.20 -1.97
CA TYR A 83 -6.39 1.83 -1.92
C TYR A 83 -7.67 1.74 -2.76
N ASN A 84 -8.50 2.76 -2.66
CA ASN A 84 -9.78 2.79 -3.34
C ASN A 84 -9.58 2.91 -4.85
N THR A 85 -8.59 3.71 -5.25
CA THR A 85 -8.27 3.87 -6.65
C THR A 85 -7.71 2.56 -7.22
N ALA A 86 -6.88 1.87 -6.43
CA ALA A 86 -6.34 0.58 -6.86
C ALA A 86 -7.46 -0.42 -7.14
N LEU A 87 -8.40 -0.52 -6.21
CA LEU A 87 -9.54 -1.44 -6.38
C LEU A 87 -10.45 -1.02 -7.53
N GLU A 88 -10.60 0.28 -7.78
CA GLU A 88 -11.52 0.72 -8.83
C GLU A 88 -10.85 0.83 -10.21
N MET A 89 -9.52 0.83 -10.28
CA MET A 89 -8.86 0.90 -11.58
C MET A 89 -8.68 -0.48 -12.21
N THR A 90 -8.91 -1.54 -11.44
CA THR A 90 -8.89 -2.88 -12.00
C THR A 90 -10.29 -3.22 -12.52
N ASP A 91 -10.37 -3.62 -13.78
CA ASP A 91 -11.66 -3.79 -14.42
C ASP A 91 -11.56 -4.91 -15.46
N CYS A 92 -10.89 -5.98 -15.08
CA CYS A 92 -10.71 -7.11 -15.97
C CYS A 92 -11.95 -8.00 -15.97
N ASP A 93 -13.01 -7.55 -16.62
CA ASP A 93 -14.21 -8.36 -16.79
C ASP A 93 -14.55 -8.50 -18.27
N GLU A 94 -13.82 -7.79 -19.12
CA GLU A 94 -14.09 -7.79 -20.56
C GLU A 94 -13.35 -8.94 -21.24
N GLY A 95 -12.81 -9.84 -20.45
CA GLY A 95 -12.09 -10.98 -21.01
C GLY A 95 -12.87 -12.26 -20.89
N GLY A 96 -13.11 -12.68 -19.65
CA GLY A 96 -13.88 -13.89 -19.42
C GLY A 96 -13.44 -14.63 -18.18
N GLU A 97 -12.16 -14.99 -18.13
CA GLU A 97 -11.65 -15.78 -17.01
C GLU A 97 -10.30 -15.22 -16.55
N TYR A 98 -10.04 -15.35 -15.26
CA TYR A 98 -8.78 -14.87 -14.68
C TYR A 98 -7.70 -15.94 -14.79
N ASP A 99 -7.11 -16.04 -15.98
CA ASP A 99 -6.01 -16.97 -16.21
C ASP A 99 -4.71 -16.39 -15.67
N GLY A 100 -4.73 -15.10 -15.37
CA GLY A 100 -3.57 -14.45 -14.77
C GLY A 100 -3.58 -14.59 -13.26
N MET A 101 -2.85 -13.73 -12.57
CA MET A 101 -2.78 -13.81 -11.12
C MET A 101 -2.62 -12.43 -10.50
N GLN A 102 -3.65 -11.95 -9.83
CA GLN A 102 -3.58 -10.71 -9.09
C GLN A 102 -3.29 -11.01 -7.63
N ASP A 103 -2.13 -10.58 -7.14
CA ASP A 103 -1.80 -10.75 -5.74
C ASP A 103 -2.43 -9.61 -4.93
N GLU A 104 -3.08 -8.69 -5.64
CA GLU A 104 -3.89 -7.65 -5.02
C GLU A 104 -4.96 -8.29 -4.16
N PRO A 105 -4.85 -8.18 -2.82
CA PRO A 105 -5.81 -8.78 -1.90
C PRO A 105 -7.11 -7.99 -1.84
N ARG A 106 -7.99 -8.25 -2.82
CA ARG A 106 -9.26 -7.53 -2.96
C ARG A 106 -10.01 -7.47 -1.63
N TYR A 107 -10.28 -8.63 -1.05
CA TYR A 107 -11.07 -8.72 0.17
C TYR A 107 -10.38 -8.06 1.36
N MET A 108 -9.05 -8.15 1.41
CA MET A 108 -8.33 -7.66 2.58
C MET A 108 -8.18 -6.15 2.49
N MET A 109 -8.12 -5.64 1.27
CA MET A 109 -8.05 -4.20 1.03
C MET A 109 -9.41 -3.57 1.36
N LEU A 110 -10.48 -4.26 0.99
CA LEU A 110 -11.84 -3.84 1.36
C LEU A 110 -11.96 -3.79 2.88
N ALA A 111 -11.50 -4.86 3.52
CA ALA A 111 -11.51 -4.96 4.98
C ALA A 111 -10.69 -3.84 5.61
N ARG A 112 -9.53 -3.55 5.02
CA ARG A 112 -8.66 -2.48 5.49
C ARG A 112 -9.38 -1.14 5.40
N GLU A 113 -9.96 -0.83 4.23
CA GLU A 113 -10.73 0.39 4.05
C GLU A 113 -11.81 0.48 5.11
N ALA A 114 -12.56 -0.61 5.27
CA ALA A 114 -13.62 -0.68 6.26
C ALA A 114 -13.14 -0.24 7.64
N GLU A 115 -12.11 -0.90 8.16
CA GLU A 115 -11.52 -0.51 9.45
C GLU A 115 -11.17 0.98 9.51
N MET A 116 -10.42 1.42 8.50
CA MET A 116 -9.97 2.80 8.45
C MET A 116 -11.16 3.77 8.45
N LEU A 117 -12.09 3.53 7.54
CA LEU A 117 -13.25 4.39 7.36
C LEU A 117 -14.26 4.27 8.51
N PHE A 118 -14.19 3.19 9.29
CA PHE A 118 -15.09 3.01 10.42
C PHE A 118 -14.52 3.63 11.69
N THR A 119 -13.20 3.73 11.78
CA THR A 119 -12.59 4.34 12.97
C THR A 119 -12.70 5.85 12.92
N GLY A 120 -12.08 6.47 11.91
CA GLY A 120 -12.20 7.91 11.72
C GLY A 120 -11.60 8.68 12.87
N GLY A 121 -10.28 8.77 12.89
CA GLY A 121 -9.61 9.42 14.00
C GLY A 121 -8.56 10.42 13.57
N TYR A 122 -9.00 11.62 13.21
CA TYR A 122 -8.10 12.72 12.83
C TYR A 122 -7.30 12.39 11.58
N GLY A 123 -7.93 12.55 10.43
CA GLY A 123 -7.28 12.25 9.17
C GLY A 123 -8.22 11.55 8.21
N LEU A 124 -9.40 11.22 8.71
CA LEU A 124 -10.41 10.52 7.93
C LEU A 124 -11.73 10.54 8.68
N GLU A 125 -12.82 10.78 7.96
CA GLU A 125 -14.14 10.84 8.59
C GLU A 125 -14.66 9.43 8.92
N LYS A 126 -15.51 9.35 9.93
CA LYS A 126 -16.06 8.08 10.37
C LYS A 126 -17.45 7.87 9.81
N ASP A 127 -17.58 6.91 8.91
CA ASP A 127 -18.89 6.52 8.40
C ASP A 127 -19.07 5.01 8.59
N PRO A 128 -19.71 4.62 9.70
CA PRO A 128 -19.93 3.21 10.03
C PRO A 128 -20.82 2.48 9.02
N GLN A 129 -21.67 3.21 8.31
CA GLN A 129 -22.61 2.59 7.38
C GLN A 129 -21.88 2.13 6.11
N ARG A 130 -20.98 2.96 5.60
CA ARG A 130 -20.23 2.64 4.39
C ARG A 130 -19.26 1.51 4.72
N SER A 131 -18.80 1.51 5.96
CA SER A 131 -17.89 0.50 6.46
C SER A 131 -18.61 -0.83 6.60
N GLY A 132 -19.82 -0.81 7.16
CA GLY A 132 -20.64 -2.01 7.22
C GLY A 132 -20.78 -2.66 5.87
N ASP A 133 -21.25 -1.88 4.90
CA ASP A 133 -21.33 -2.35 3.52
C ASP A 133 -19.99 -2.90 3.04
N LEU A 134 -18.92 -2.15 3.24
CA LEU A 134 -17.60 -2.59 2.79
C LEU A 134 -17.14 -3.88 3.47
N TYR A 135 -17.50 -4.10 4.75
CA TYR A 135 -17.17 -5.37 5.39
C TYR A 135 -17.94 -6.50 4.72
N THR A 136 -19.17 -6.19 4.32
CA THR A 136 -20.01 -7.19 3.68
C THR A 136 -19.43 -7.54 2.31
N GLN A 137 -19.03 -6.54 1.54
CA GLN A 137 -18.42 -6.76 0.25
C GLN A 137 -17.11 -7.55 0.39
N ALA A 138 -16.32 -7.19 1.40
CA ALA A 138 -15.08 -7.89 1.68
C ALA A 138 -15.35 -9.37 1.97
N ALA A 139 -16.28 -9.59 2.88
CA ALA A 139 -16.67 -10.94 3.26
C ALA A 139 -17.24 -11.72 2.09
N GLU A 140 -18.03 -11.07 1.23
CA GLU A 140 -18.61 -11.78 0.09
C GLU A 140 -17.52 -12.07 -0.94
N ALA A 141 -16.57 -11.16 -1.08
CA ALA A 141 -15.41 -11.40 -1.92
C ALA A 141 -14.60 -12.58 -1.39
N ALA A 142 -14.54 -12.71 -0.07
CA ALA A 142 -13.86 -13.83 0.56
C ALA A 142 -14.63 -15.11 0.32
N MET A 143 -15.96 -15.04 0.43
CA MET A 143 -16.83 -16.16 0.09
C MET A 143 -16.56 -16.63 -1.33
N GLU A 144 -16.47 -15.67 -2.25
CA GLU A 144 -16.24 -15.98 -3.66
C GLU A 144 -14.81 -16.48 -3.87
N ALA A 145 -13.90 -16.05 -2.99
CA ALA A 145 -12.52 -16.53 -3.01
C ALA A 145 -12.39 -17.91 -2.36
N MET A 146 -13.54 -18.48 -1.96
CA MET A 146 -13.60 -19.79 -1.30
C MET A 146 -12.93 -19.73 0.09
N LYS A 147 -12.98 -18.55 0.70
CA LYS A 147 -12.45 -18.35 2.04
C LYS A 147 -13.59 -18.18 3.04
N GLY A 148 -14.20 -19.30 3.43
CA GLY A 148 -15.34 -19.26 4.33
C GLY A 148 -15.05 -18.61 5.67
N ARG A 149 -14.01 -19.08 6.34
CA ARG A 149 -13.68 -18.61 7.69
C ARG A 149 -13.47 -17.09 7.73
N LEU A 150 -12.72 -16.56 6.79
CA LEU A 150 -12.43 -15.12 6.77
C LEU A 150 -13.70 -14.33 6.48
N ALA A 151 -14.54 -14.88 5.59
CA ALA A 151 -15.82 -14.25 5.27
C ALA A 151 -16.70 -14.13 6.51
N ASN A 152 -16.79 -15.21 7.28
CA ASN A 152 -17.64 -15.18 8.46
C ASN A 152 -17.00 -14.35 9.57
N GLN A 153 -15.70 -14.13 9.48
CA GLN A 153 -15.02 -13.28 10.45
C GLN A 153 -15.40 -11.82 10.22
N TYR A 154 -15.19 -11.34 8.99
CA TYR A 154 -15.55 -9.96 8.69
C TYR A 154 -17.07 -9.76 8.70
N TYR A 155 -17.83 -10.84 8.52
CA TYR A 155 -19.28 -10.74 8.67
C TYR A 155 -19.62 -10.48 10.14
N GLN A 156 -18.92 -11.17 11.03
CA GLN A 156 -19.07 -10.92 12.47
C GLN A 156 -18.65 -9.48 12.79
N LYS A 157 -17.60 -9.00 12.12
CA LYS A 157 -17.15 -7.61 12.25
C LYS A 157 -18.24 -6.65 11.76
N ALA A 158 -18.86 -7.01 10.63
CA ALA A 158 -19.92 -6.20 10.04
C ALA A 158 -21.11 -6.08 10.98
N GLU A 159 -21.47 -7.18 11.65
CA GLU A 159 -22.57 -7.16 12.59
C GLU A 159 -22.22 -6.28 13.78
N GLU A 160 -20.95 -6.31 14.18
CA GLU A 160 -20.46 -5.49 15.26
C GLU A 160 -20.58 -4.01 14.89
N ALA A 161 -20.26 -3.68 13.63
CA ALA A 161 -20.36 -2.32 13.14
C ALA A 161 -21.77 -1.77 13.30
N TRP A 162 -22.78 -2.53 12.85
CA TRP A 162 -24.16 -2.05 12.97
C TRP A 162 -24.63 -2.10 14.43
N ALA A 163 -23.97 -2.91 15.26
CA ALA A 163 -24.27 -2.95 16.68
C ALA A 163 -23.78 -1.67 17.37
N GLN A 164 -22.60 -1.19 16.97
CA GLN A 164 -22.03 0.03 17.57
C GLN A 164 -22.46 1.25 16.77
N MET A 165 -23.14 1.01 15.66
CA MET A 165 -23.68 2.07 14.81
C MET A 165 -24.71 2.89 15.58
N GLU A 166 -25.61 2.22 16.26
CA GLU A 166 -26.63 2.89 17.05
C GLU A 166 -26.09 3.17 18.45
N GLU A 167 -25.28 4.21 18.54
CA GLU A 167 -24.65 4.58 19.80
C GLU A 167 -25.09 5.97 20.21
N SER A 1 16.76 -3.49 38.56
CA SER A 1 17.64 -2.37 38.96
C SER A 1 19.06 -2.64 38.49
N HIS A 2 19.96 -1.68 38.74
CA HIS A 2 21.38 -1.79 38.38
C HIS A 2 21.57 -1.70 36.87
N MET A 3 21.08 -2.71 36.16
CA MET A 3 21.15 -2.74 34.71
C MET A 3 19.81 -2.36 34.12
N GLY A 4 19.04 -1.58 34.88
CA GLY A 4 17.71 -1.21 34.47
C GLY A 4 16.71 -2.28 34.81
N GLU A 5 15.71 -2.44 33.97
CA GLU A 5 14.76 -3.54 34.10
C GLU A 5 14.33 -4.01 32.72
N LEU A 6 15.03 -5.04 32.22
CA LEU A 6 14.84 -5.53 30.86
C LEU A 6 15.17 -4.41 29.86
N GLU A 7 16.30 -3.76 30.09
CA GLU A 7 16.72 -2.62 29.28
C GLU A 7 18.18 -2.76 28.88
N ALA A 8 18.67 -1.86 28.04
CA ALA A 8 20.05 -1.91 27.59
C ALA A 8 20.76 -0.59 27.90
N ILE A 9 21.30 -0.50 29.10
CA ILE A 9 21.98 0.71 29.53
C ILE A 9 23.40 0.77 28.99
N VAL A 10 23.60 1.60 27.98
CA VAL A 10 24.92 1.84 27.44
C VAL A 10 25.49 3.13 28.04
N GLY A 11 26.73 3.44 27.70
CA GLY A 11 27.37 4.62 28.24
C GLY A 11 28.79 4.35 28.67
N LEU A 12 29.17 3.07 28.66
CA LEU A 12 30.52 2.67 29.03
C LEU A 12 31.32 2.31 27.78
N GLY A 13 30.90 2.87 26.65
CA GLY A 13 31.61 2.63 25.41
C GLY A 13 32.80 3.55 25.27
N LEU A 14 33.79 3.37 26.13
CA LEU A 14 34.99 4.21 26.13
C LEU A 14 35.97 3.79 25.05
N MET A 15 35.46 3.55 23.84
CA MET A 15 36.29 3.18 22.70
C MET A 15 37.25 4.31 22.36
N TYR A 16 36.70 5.39 21.83
CA TYR A 16 37.47 6.59 21.49
C TYR A 16 38.72 6.22 20.69
N SER A 17 38.52 5.55 19.57
CA SER A 17 39.63 5.11 18.74
C SER A 17 39.97 6.18 17.71
N GLN A 18 39.10 6.37 16.73
CA GLN A 18 39.33 7.35 15.68
C GLN A 18 38.08 8.17 15.42
N LEU A 19 37.66 8.93 16.41
CA LEU A 19 36.50 9.78 16.28
C LEU A 19 36.89 11.10 15.63
N PRO A 20 36.27 11.47 14.50
CA PRO A 20 36.56 12.74 13.83
C PRO A 20 36.08 13.94 14.64
N HIS A 21 37.00 14.88 14.89
CA HIS A 21 36.68 16.02 15.73
C HIS A 21 36.36 17.25 14.89
N HIS A 22 36.75 17.25 13.63
CA HIS A 22 36.52 18.38 12.75
C HIS A 22 35.28 18.14 11.89
N ILE A 23 35.32 17.11 11.06
CA ILE A 23 34.19 16.77 10.23
C ILE A 23 33.33 15.72 10.93
N LEU A 24 32.04 15.99 11.06
CA LEU A 24 31.14 15.08 11.73
C LEU A 24 30.36 14.24 10.73
N ALA A 25 29.46 14.89 10.00
CA ALA A 25 28.64 14.19 9.03
C ALA A 25 28.15 15.15 7.96
N ASP A 26 28.61 14.95 6.73
CA ASP A 26 28.18 15.75 5.60
C ASP A 26 27.82 14.86 4.43
N VAL A 27 26.56 14.90 4.04
CA VAL A 27 26.08 14.09 2.93
C VAL A 27 26.33 14.83 1.61
N SER A 28 27.56 15.27 1.41
CA SER A 28 27.93 15.99 0.21
C SER A 28 28.20 15.01 -0.93
N LEU A 29 27.50 15.19 -2.05
CA LEU A 29 27.60 14.30 -3.21
C LEU A 29 27.06 12.91 -2.87
N LYS A 30 25.79 12.71 -3.15
CA LYS A 30 25.14 11.43 -2.87
C LYS A 30 25.41 10.44 -4.01
N GLU A 31 26.56 9.78 -3.95
CA GLU A 31 26.91 8.78 -4.96
C GLU A 31 26.29 7.44 -4.58
N THR A 32 24.98 7.35 -4.68
CA THR A 32 24.27 6.14 -4.34
C THR A 32 23.12 5.88 -5.32
N GLU A 33 23.41 5.05 -6.31
CA GLU A 33 22.40 4.69 -7.31
C GLU A 33 21.37 3.76 -6.70
N GLU A 34 21.77 3.03 -5.67
CA GLU A 34 20.88 2.12 -4.97
C GLU A 34 19.75 2.89 -4.27
N ASN A 35 19.97 4.18 -4.08
CA ASN A 35 19.00 5.02 -3.36
C ASN A 35 17.76 5.30 -4.20
N LYS A 36 17.91 5.28 -5.52
CA LYS A 36 16.81 5.64 -6.42
C LYS A 36 15.60 4.70 -6.26
N THR A 37 15.83 3.50 -5.72
CA THR A 37 14.76 2.54 -5.51
C THR A 37 13.90 2.95 -4.33
N LYS A 38 14.37 3.95 -3.58
CA LYS A 38 13.66 4.45 -2.41
C LYS A 38 13.14 5.85 -2.68
N GLY A 39 13.04 6.20 -3.96
CA GLY A 39 12.58 7.52 -4.33
C GLY A 39 11.07 7.62 -4.26
N PHE A 40 10.57 8.03 -3.09
CA PHE A 40 9.13 8.23 -2.88
C PHE A 40 8.48 8.95 -4.05
N ASP A 41 9.11 10.01 -4.56
CA ASP A 41 8.52 10.80 -5.65
C ASP A 41 8.45 9.98 -6.94
N TYR A 42 9.35 9.00 -7.09
CA TYR A 42 9.37 8.18 -8.28
C TYR A 42 8.20 7.20 -8.25
N LEU A 43 8.02 6.53 -7.11
CA LEU A 43 6.87 5.65 -6.91
C LEU A 43 5.55 6.39 -7.12
N LEU A 44 5.47 7.61 -6.60
CA LEU A 44 4.26 8.42 -6.73
C LEU A 44 4.10 8.95 -8.15
N LYS A 45 5.22 9.15 -8.86
CA LYS A 45 5.15 9.60 -10.24
C LYS A 45 4.65 8.45 -11.11
N ALA A 46 4.96 7.22 -10.69
CA ALA A 46 4.46 6.04 -11.39
C ALA A 46 3.03 5.77 -10.98
N ALA A 47 2.70 6.16 -9.75
CA ALA A 47 1.33 6.11 -9.27
C ALA A 47 0.46 7.04 -10.10
N GLU A 48 0.98 8.22 -10.41
CA GLU A 48 0.31 9.15 -11.29
C GLU A 48 0.38 8.69 -12.75
N ALA A 49 1.41 7.91 -13.08
CA ALA A 49 1.56 7.37 -14.43
C ALA A 49 0.45 6.37 -14.76
N GLY A 50 0.03 5.59 -13.76
CA GLY A 50 -1.05 4.65 -13.97
C GLY A 50 -0.69 3.22 -13.57
N ASP A 51 0.45 3.05 -12.93
CA ASP A 51 0.89 1.72 -12.50
C ASP A 51 0.28 1.36 -11.14
N ARG A 52 -0.59 0.37 -11.17
CA ARG A 52 -1.31 -0.10 -9.97
C ARG A 52 -0.38 -0.47 -8.82
N GLN A 53 0.66 -1.26 -9.10
CA GLN A 53 1.58 -1.76 -8.06
C GLN A 53 2.23 -0.62 -7.29
N SER A 54 2.63 0.44 -7.98
CA SER A 54 3.32 1.54 -7.34
C SER A 54 2.33 2.35 -6.50
N MET A 55 1.08 2.36 -6.93
CA MET A 55 0.01 3.01 -6.17
C MET A 55 -0.19 2.29 -4.85
N ILE A 56 -0.20 0.95 -4.92
CA ILE A 56 -0.37 0.12 -3.73
C ILE A 56 0.81 0.33 -2.78
N LEU A 57 2.00 0.45 -3.36
CA LEU A 57 3.21 0.71 -2.58
C LEU A 57 3.12 2.07 -1.88
N VAL A 58 2.70 3.10 -2.61
CA VAL A 58 2.52 4.43 -2.02
C VAL A 58 1.48 4.37 -0.90
N ALA A 59 0.37 3.70 -1.18
CA ALA A 59 -0.68 3.48 -0.19
C ALA A 59 -0.10 2.91 1.11
N ARG A 60 0.51 1.74 1.01
CA ARG A 60 1.13 1.08 2.15
C ARG A 60 2.24 1.95 2.76
N ALA A 61 2.86 2.79 1.94
CA ALA A 61 3.88 3.72 2.41
C ALA A 61 3.28 4.72 3.40
N PHE A 62 2.10 5.23 3.05
CA PHE A 62 1.36 6.14 3.93
C PHE A 62 0.77 5.39 5.12
N ASP A 63 0.35 4.15 4.87
CA ASP A 63 -0.27 3.32 5.88
C ASP A 63 0.69 2.95 7.02
N SER A 64 1.78 2.29 6.66
CA SER A 64 2.71 1.79 7.67
C SER A 64 3.73 2.86 8.07
N GLY A 65 3.91 3.86 7.21
CA GLY A 65 4.76 4.98 7.54
C GLY A 65 6.24 4.74 7.27
N GLN A 66 6.63 3.47 7.19
CA GLN A 66 8.04 3.10 7.08
C GLN A 66 8.68 3.62 5.78
N ASN A 67 8.01 3.40 4.66
CA ASN A 67 8.57 3.76 3.36
C ASN A 67 8.14 5.17 2.94
N LEU A 68 7.53 5.89 3.87
CA LEU A 68 7.08 7.24 3.60
C LEU A 68 8.19 8.26 3.84
N SER A 69 9.07 7.95 4.80
CA SER A 69 10.11 8.88 5.27
C SER A 69 9.47 10.02 6.08
N PRO A 70 10.04 10.33 7.27
CA PRO A 70 9.42 11.29 8.24
C PRO A 70 9.30 12.73 7.72
N ASP A 71 9.74 12.98 6.49
CA ASP A 71 9.63 14.31 5.91
C ASP A 71 8.26 14.55 5.28
N ARG A 72 7.41 13.54 5.33
CA ARG A 72 6.06 13.63 4.76
C ARG A 72 5.03 13.32 5.84
N CYS A 73 3.85 13.92 5.73
CA CYS A 73 2.78 13.72 6.70
C CYS A 73 1.95 12.48 6.36
N GLN A 74 1.64 11.69 7.38
CA GLN A 74 0.83 10.49 7.20
C GLN A 74 -0.64 10.84 7.15
N ASP A 75 -1.22 10.72 5.96
CA ASP A 75 -2.64 10.97 5.78
C ASP A 75 -3.32 9.70 5.32
N TRP A 76 -4.45 9.38 5.93
CA TRP A 76 -5.10 8.10 5.68
C TRP A 76 -6.23 8.26 4.65
N LEU A 77 -6.59 9.51 4.35
CA LEU A 77 -7.56 9.76 3.30
C LEU A 77 -6.90 9.53 1.95
N GLU A 78 -5.63 9.97 1.84
CA GLU A 78 -4.84 9.72 0.64
C GLU A 78 -4.61 8.22 0.45
N ALA A 79 -4.14 7.58 1.52
CA ALA A 79 -3.98 6.13 1.55
C ALA A 79 -5.26 5.43 1.09
N LEU A 80 -6.39 5.78 1.71
CA LEU A 80 -7.69 5.29 1.29
C LEU A 80 -7.88 5.49 -0.21
N HIS A 81 -7.75 6.73 -0.64
CA HIS A 81 -7.85 7.09 -2.07
C HIS A 81 -7.04 6.15 -2.97
N TRP A 82 -5.82 5.81 -2.56
CA TRP A 82 -4.95 4.99 -3.40
C TRP A 82 -5.36 3.51 -3.36
N TYR A 83 -5.73 3.02 -2.18
CA TYR A 83 -6.23 1.66 -2.07
C TYR A 83 -7.52 1.52 -2.86
N ASN A 84 -8.36 2.54 -2.72
CA ASN A 84 -9.66 2.59 -3.37
C ASN A 84 -9.47 2.54 -4.87
N THR A 85 -8.62 3.43 -5.40
CA THR A 85 -8.27 3.40 -6.82
C THR A 85 -7.86 1.99 -7.27
N ALA A 86 -6.97 1.33 -6.53
CA ALA A 86 -6.49 0.01 -6.91
C ALA A 86 -7.62 -0.99 -7.02
N LEU A 87 -8.49 -1.04 -6.01
CA LEU A 87 -9.60 -2.00 -6.01
C LEU A 87 -10.78 -1.51 -6.85
N GLU A 88 -10.79 -0.23 -7.24
CA GLU A 88 -11.85 0.30 -8.09
C GLU A 88 -11.59 -0.04 -9.55
N MET A 89 -10.31 -0.05 -9.93
CA MET A 89 -9.93 -0.51 -11.26
C MET A 89 -9.43 -1.94 -11.17
N THR A 90 -10.13 -2.75 -10.40
CA THR A 90 -9.85 -4.17 -10.30
C THR A 90 -10.31 -4.85 -11.58
N ASP A 91 -9.45 -5.72 -12.14
CA ASP A 91 -9.77 -6.44 -13.37
C ASP A 91 -9.88 -5.46 -14.53
N CYS A 92 -9.12 -4.38 -14.44
CA CYS A 92 -9.11 -3.36 -15.48
C CYS A 92 -8.19 -3.76 -16.63
N ASP A 93 -8.78 -4.10 -17.75
CA ASP A 93 -8.02 -4.52 -18.93
C ASP A 93 -7.79 -3.34 -19.87
N GLU A 94 -8.42 -2.22 -19.56
CA GLU A 94 -8.31 -1.03 -20.39
C GLU A 94 -7.60 0.09 -19.62
N GLY A 95 -6.61 -0.28 -18.82
CA GLY A 95 -5.84 0.70 -18.10
C GLY A 95 -4.57 1.06 -18.84
N GLY A 96 -4.65 1.05 -20.16
CA GLY A 96 -3.49 1.33 -20.98
C GLY A 96 -2.80 0.06 -21.40
N GLU A 97 -2.59 -0.81 -20.43
CA GLU A 97 -1.97 -2.10 -20.65
C GLU A 97 -2.66 -3.15 -19.78
N TYR A 98 -2.58 -4.41 -20.22
CA TYR A 98 -3.17 -5.51 -19.48
C TYR A 98 -2.26 -5.94 -18.33
N ASP A 99 -1.85 -4.96 -17.55
CA ASP A 99 -0.94 -5.18 -16.44
C ASP A 99 -1.74 -5.31 -15.15
N GLY A 100 -2.75 -6.17 -15.19
CA GLY A 100 -3.60 -6.39 -14.04
C GLY A 100 -2.94 -7.25 -12.98
N MET A 101 -1.84 -6.77 -12.43
CA MET A 101 -1.16 -7.46 -11.35
C MET A 101 -1.93 -7.28 -10.05
N GLN A 102 -2.74 -8.27 -9.71
CA GLN A 102 -3.56 -8.18 -8.51
C GLN A 102 -3.22 -9.31 -7.56
N ASP A 103 -2.16 -9.12 -6.79
CA ASP A 103 -1.77 -10.10 -5.79
C ASP A 103 -2.35 -9.70 -4.45
N GLU A 104 -2.71 -8.43 -4.31
CA GLU A 104 -3.42 -7.95 -3.13
C GLU A 104 -4.86 -8.45 -3.15
N PRO A 105 -5.23 -9.27 -2.15
CA PRO A 105 -6.59 -9.83 -2.05
C PRO A 105 -7.65 -8.75 -1.90
N ARG A 106 -8.60 -8.77 -2.83
CA ARG A 106 -9.75 -7.86 -2.84
C ARG A 106 -10.38 -7.74 -1.45
N TYR A 107 -10.66 -8.89 -0.84
CA TYR A 107 -11.35 -8.91 0.45
C TYR A 107 -10.55 -8.20 1.55
N MET A 108 -9.22 -8.27 1.49
CA MET A 108 -8.41 -7.70 2.55
C MET A 108 -8.33 -6.19 2.36
N MET A 109 -8.28 -5.78 1.11
CA MET A 109 -8.31 -4.37 0.75
C MET A 109 -9.59 -3.74 1.29
N LEU A 110 -10.71 -4.38 0.97
CA LEU A 110 -12.03 -3.95 1.44
C LEU A 110 -12.07 -3.88 2.97
N ALA A 111 -11.52 -4.91 3.60
CA ALA A 111 -11.47 -4.99 5.06
C ALA A 111 -10.68 -3.82 5.64
N ARG A 112 -9.50 -3.57 5.07
CA ARG A 112 -8.66 -2.45 5.49
C ARG A 112 -9.39 -1.12 5.34
N GLU A 113 -9.98 -0.88 4.17
CA GLU A 113 -10.80 0.30 3.96
C GLU A 113 -11.83 0.44 5.08
N ALA A 114 -12.58 -0.63 5.30
CA ALA A 114 -13.57 -0.67 6.36
C ALA A 114 -12.99 -0.25 7.71
N GLU A 115 -11.92 -0.94 8.16
CA GLU A 115 -11.23 -0.56 9.39
C GLU A 115 -10.95 0.94 9.45
N MET A 116 -10.23 1.42 8.45
CA MET A 116 -9.86 2.83 8.37
C MET A 116 -11.09 3.73 8.45
N LEU A 117 -12.07 3.48 7.58
CA LEU A 117 -13.29 4.27 7.50
C LEU A 117 -14.11 4.22 8.79
N PHE A 118 -14.07 3.11 9.52
CA PHE A 118 -14.88 2.97 10.72
C PHE A 118 -14.18 3.62 11.92
N THR A 119 -12.84 3.70 11.88
CA THR A 119 -12.10 4.31 12.98
C THR A 119 -12.34 5.83 12.99
N GLY A 120 -11.89 6.51 11.94
CA GLY A 120 -12.09 7.94 11.84
C GLY A 120 -11.04 8.74 12.59
N GLY A 121 -10.76 9.93 12.09
CA GLY A 121 -9.79 10.79 12.73
C GLY A 121 -8.81 11.38 11.73
N TYR A 122 -8.56 12.69 11.87
CA TYR A 122 -7.54 13.39 11.09
C TYR A 122 -7.84 13.35 9.59
N GLY A 123 -8.85 14.10 9.17
CA GLY A 123 -9.17 14.22 7.76
C GLY A 123 -10.15 13.16 7.31
N LEU A 124 -9.99 11.96 7.81
CA LEU A 124 -10.87 10.86 7.47
C LEU A 124 -12.05 10.80 8.43
N GLU A 125 -13.24 10.66 7.89
CA GLU A 125 -14.46 10.67 8.70
C GLU A 125 -14.78 9.29 9.25
N LYS A 126 -15.71 9.24 10.20
CA LYS A 126 -16.15 7.99 10.80
C LYS A 126 -17.56 7.67 10.35
N ASP A 127 -17.68 6.85 9.31
CA ASP A 127 -18.99 6.50 8.77
C ASP A 127 -19.26 5.01 9.00
N PRO A 128 -20.09 4.69 10.00
CA PRO A 128 -20.41 3.30 10.38
C PRO A 128 -21.10 2.51 9.26
N GLN A 129 -21.98 3.17 8.50
CA GLN A 129 -22.74 2.47 7.47
C GLN A 129 -21.84 2.07 6.30
N ARG A 130 -20.92 2.96 5.94
CA ARG A 130 -20.03 2.71 4.80
C ARG A 130 -19.10 1.55 5.14
N SER A 131 -18.56 1.59 6.35
CA SER A 131 -17.63 0.57 6.77
C SER A 131 -18.33 -0.77 6.98
N GLY A 132 -19.49 -0.76 7.63
CA GLY A 132 -20.28 -1.96 7.75
C GLY A 132 -20.54 -2.62 6.41
N ASP A 133 -21.10 -1.83 5.49
CA ASP A 133 -21.34 -2.32 4.13
C ASP A 133 -20.05 -2.82 3.49
N LEU A 134 -18.95 -2.10 3.69
CA LEU A 134 -17.65 -2.53 3.18
C LEU A 134 -17.23 -3.87 3.78
N TYR A 135 -17.54 -4.13 5.05
CA TYR A 135 -17.23 -5.43 5.63
C TYR A 135 -18.08 -6.51 4.97
N THR A 136 -19.29 -6.14 4.60
CA THR A 136 -20.16 -7.07 3.92
C THR A 136 -19.61 -7.40 2.54
N GLN A 137 -19.16 -6.36 1.80
CA GLN A 137 -18.53 -6.57 0.51
C GLN A 137 -17.26 -7.42 0.66
N ALA A 138 -16.47 -7.10 1.68
CA ALA A 138 -15.25 -7.85 1.95
C ALA A 138 -15.55 -9.32 2.20
N ALA A 139 -16.51 -9.56 3.09
CA ALA A 139 -16.94 -10.91 3.40
C ALA A 139 -17.52 -11.62 2.19
N GLU A 140 -18.22 -10.90 1.32
CA GLU A 140 -18.74 -11.50 0.10
C GLU A 140 -17.59 -11.85 -0.84
N ALA A 141 -16.62 -10.94 -0.95
CA ALA A 141 -15.44 -11.16 -1.78
C ALA A 141 -14.63 -12.34 -1.25
N ALA A 142 -14.59 -12.50 0.07
CA ALA A 142 -13.90 -13.61 0.70
C ALA A 142 -14.67 -14.90 0.44
N MET A 143 -15.98 -14.83 0.59
CA MET A 143 -16.87 -15.95 0.29
C MET A 143 -16.68 -16.37 -1.16
N GLU A 144 -16.52 -15.38 -2.05
CA GLU A 144 -16.30 -15.62 -3.47
C GLU A 144 -14.93 -16.25 -3.68
N ALA A 145 -13.98 -15.86 -2.84
CA ALA A 145 -12.63 -16.39 -2.89
C ALA A 145 -12.50 -17.72 -2.14
N MET A 146 -13.64 -18.27 -1.72
CA MET A 146 -13.71 -19.52 -0.96
C MET A 146 -12.94 -19.41 0.36
N LYS A 147 -12.92 -18.21 0.91
CA LYS A 147 -12.30 -17.96 2.21
C LYS A 147 -13.35 -17.91 3.29
N GLY A 148 -13.74 -19.08 3.77
CA GLY A 148 -14.82 -19.20 4.75
C GLY A 148 -14.56 -18.45 6.04
N ARG A 149 -13.37 -18.65 6.62
CA ARG A 149 -13.05 -18.06 7.90
C ARG A 149 -13.14 -16.53 7.85
N LEU A 150 -12.47 -15.92 6.88
CA LEU A 150 -12.46 -14.47 6.75
C LEU A 150 -13.86 -13.94 6.48
N ALA A 151 -14.61 -14.65 5.63
CA ALA A 151 -15.98 -14.26 5.32
C ALA A 151 -16.84 -14.25 6.56
N ASN A 152 -16.81 -15.32 7.35
CA ASN A 152 -17.64 -15.37 8.56
C ASN A 152 -17.13 -14.41 9.60
N GLN A 153 -15.83 -14.15 9.58
CA GLN A 153 -15.22 -13.28 10.58
C GLN A 153 -15.72 -11.85 10.39
N TYR A 154 -15.56 -11.33 9.18
CA TYR A 154 -16.02 -9.98 8.88
C TYR A 154 -17.54 -9.91 8.82
N TYR A 155 -18.21 -11.02 8.50
CA TYR A 155 -19.66 -11.04 8.51
C TYR A 155 -20.19 -10.91 9.94
N GLN A 156 -19.57 -11.63 10.86
CA GLN A 156 -19.92 -11.52 12.27
C GLN A 156 -19.57 -10.12 12.78
N LYS A 157 -18.41 -9.60 12.34
CA LYS A 157 -18.02 -8.24 12.70
C LYS A 157 -19.04 -7.23 12.17
N ALA A 158 -19.58 -7.50 10.97
CA ALA A 158 -20.59 -6.65 10.36
C ALA A 158 -21.84 -6.58 11.23
N GLU A 159 -22.25 -7.72 11.77
CA GLU A 159 -23.44 -7.77 12.61
C GLU A 159 -23.17 -6.97 13.89
N GLU A 160 -21.94 -7.07 14.38
CA GLU A 160 -21.52 -6.34 15.57
C GLU A 160 -21.51 -4.83 15.28
N ALA A 161 -21.07 -4.45 14.08
CA ALA A 161 -21.01 -3.06 13.68
C ALA A 161 -22.40 -2.44 13.70
N TRP A 162 -23.38 -3.10 13.09
CA TRP A 162 -24.73 -2.54 13.08
C TRP A 162 -25.36 -2.64 14.47
N ALA A 163 -24.84 -3.53 15.31
CA ALA A 163 -25.27 -3.62 16.70
C ALA A 163 -24.81 -2.40 17.49
N GLN A 164 -23.62 -1.90 17.16
CA GLN A 164 -23.10 -0.69 17.81
C GLN A 164 -23.62 0.54 17.08
N MET A 165 -24.08 0.33 15.86
CA MET A 165 -24.64 1.40 15.03
C MET A 165 -26.02 1.78 15.56
N GLU A 166 -26.88 0.78 15.72
CA GLU A 166 -28.19 0.98 16.28
C GLU A 166 -28.07 1.31 17.77
N GLU A 167 -28.32 2.55 18.11
CA GLU A 167 -28.20 2.99 19.49
C GLU A 167 -29.57 3.34 20.05
N SER A 1 46.93 -4.94 36.25
CA SER A 1 47.71 -4.93 34.98
C SER A 1 47.02 -5.78 33.92
N HIS A 2 45.73 -5.53 33.72
CA HIS A 2 44.95 -6.27 32.74
C HIS A 2 44.85 -5.48 31.44
N MET A 3 45.51 -5.96 30.41
CA MET A 3 45.50 -5.31 29.10
C MET A 3 44.21 -5.63 28.36
N GLY A 4 43.96 -4.91 27.28
CA GLY A 4 42.77 -5.14 26.49
C GLY A 4 41.51 -4.67 27.18
N GLU A 5 40.46 -5.48 27.10
CA GLU A 5 39.18 -5.15 27.71
C GLU A 5 39.27 -5.17 29.23
N LEU A 6 39.38 -3.98 29.82
CA LEU A 6 39.43 -3.85 31.26
C LEU A 6 38.04 -4.01 31.85
N GLU A 7 37.88 -5.01 32.71
CA GLU A 7 36.60 -5.29 33.38
C GLU A 7 35.51 -5.58 32.36
N ALA A 8 34.27 -5.64 32.81
CA ALA A 8 33.15 -5.84 31.92
C ALA A 8 32.30 -4.58 31.85
N ILE A 9 32.80 -3.59 31.14
CA ILE A 9 32.14 -2.29 31.04
C ILE A 9 30.99 -2.35 30.03
N VAL A 10 31.29 -2.86 28.85
CA VAL A 10 30.27 -2.98 27.81
C VAL A 10 29.78 -4.42 27.73
N GLY A 11 28.60 -4.65 28.28
CA GLY A 11 28.06 -6.00 28.34
C GLY A 11 27.05 -6.26 27.25
N LEU A 12 26.87 -7.53 26.91
CA LEU A 12 25.93 -7.93 25.88
C LEU A 12 24.67 -8.50 26.52
N GLY A 13 23.56 -7.76 26.42
CA GLY A 13 22.31 -8.24 26.97
C GLY A 13 21.72 -9.34 26.12
N LEU A 14 22.19 -10.56 26.35
CA LEU A 14 21.82 -11.70 25.52
C LEU A 14 20.61 -12.43 26.08
N MET A 15 20.04 -11.90 27.16
CA MET A 15 18.85 -12.49 27.79
C MET A 15 17.71 -12.58 26.78
N TYR A 16 17.55 -13.77 26.18
CA TYR A 16 16.56 -14.00 25.13
C TYR A 16 16.76 -13.03 23.96
N SER A 17 17.98 -12.55 23.82
CA SER A 17 18.30 -11.57 22.79
C SER A 17 19.57 -11.97 22.05
N GLN A 18 19.47 -13.03 21.26
CA GLN A 18 20.60 -13.52 20.49
C GLN A 18 20.76 -12.71 19.20
N LEU A 19 21.08 -11.44 19.39
CA LEU A 19 21.27 -10.51 18.29
C LEU A 19 22.58 -9.75 18.47
N PRO A 20 23.30 -9.44 17.38
CA PRO A 20 24.54 -8.67 17.45
C PRO A 20 24.29 -7.24 17.94
N HIS A 21 24.53 -7.01 19.22
CA HIS A 21 24.22 -5.72 19.85
C HIS A 21 25.29 -4.68 19.55
N HIS A 22 26.24 -5.02 18.69
CA HIS A 22 27.30 -4.09 18.33
C HIS A 22 26.80 -3.12 17.27
N ILE A 23 25.61 -3.38 16.74
CA ILE A 23 24.99 -2.49 15.78
C ILE A 23 24.47 -1.24 16.49
N LEU A 24 24.26 -0.19 15.73
CA LEU A 24 23.75 1.05 16.30
C LEU A 24 22.99 1.84 15.25
N ALA A 25 22.33 2.89 15.68
CA ALA A 25 21.63 3.80 14.78
C ALA A 25 21.91 5.24 15.21
N ASP A 26 23.05 5.42 15.86
CA ASP A 26 23.43 6.72 16.40
C ASP A 26 24.41 7.41 15.47
N VAL A 27 24.08 8.65 15.09
CA VAL A 27 24.93 9.46 14.23
C VAL A 27 25.22 8.75 12.92
N SER A 28 24.15 8.44 12.18
CA SER A 28 24.29 7.73 10.91
C SER A 28 24.43 8.72 9.75
N LEU A 29 25.67 9.04 9.39
CA LEU A 29 25.92 9.91 8.25
C LEU A 29 25.85 9.10 6.96
N LYS A 30 24.80 9.33 6.19
CA LYS A 30 24.55 8.57 4.98
C LYS A 30 24.28 9.52 3.80
N GLU A 31 25.25 9.66 2.89
CA GLU A 31 25.05 10.48 1.69
C GLU A 31 24.17 9.72 0.69
N THR A 32 22.94 9.45 1.09
CA THR A 32 22.00 8.73 0.26
C THR A 32 21.30 9.65 -0.72
N GLU A 33 22.04 10.05 -1.74
CA GLU A 33 21.53 10.94 -2.77
C GLU A 33 20.75 10.16 -3.81
N GLU A 34 21.39 9.14 -4.37
CA GLU A 34 20.80 8.34 -5.44
C GLU A 34 19.67 7.46 -4.93
N ASN A 35 19.65 7.20 -3.63
CA ASN A 35 18.59 6.41 -3.04
C ASN A 35 17.31 7.23 -2.98
N LYS A 36 17.45 8.49 -2.55
CA LYS A 36 16.32 9.41 -2.47
C LYS A 36 15.73 9.71 -3.85
N THR A 37 16.58 9.77 -4.88
CA THR A 37 16.13 10.15 -6.21
C THR A 37 15.30 9.05 -6.86
N LYS A 38 15.41 7.83 -6.35
CA LYS A 38 14.61 6.73 -6.84
C LYS A 38 13.73 6.17 -5.72
N GLY A 39 13.46 7.02 -4.75
CA GLY A 39 12.65 6.63 -3.62
C GLY A 39 11.18 6.87 -3.84
N PHE A 40 10.50 7.29 -2.77
CA PHE A 40 9.06 7.56 -2.77
C PHE A 40 8.58 8.29 -4.03
N ASP A 41 9.37 9.22 -4.57
CA ASP A 41 8.94 10.00 -5.75
C ASP A 41 8.60 9.10 -6.92
N TYR A 42 9.30 7.98 -7.04
CA TYR A 42 9.10 7.09 -8.18
C TYR A 42 7.79 6.34 -8.02
N LEU A 43 7.61 5.72 -6.84
CA LEU A 43 6.38 4.97 -6.55
C LEU A 43 5.13 5.84 -6.72
N LEU A 44 5.18 7.08 -6.26
CA LEU A 44 4.01 7.95 -6.35
C LEU A 44 3.83 8.49 -7.76
N LYS A 45 4.92 8.63 -8.50
CA LYS A 45 4.81 9.09 -9.89
C LYS A 45 4.19 7.98 -10.72
N ALA A 46 4.47 6.73 -10.35
CA ALA A 46 3.89 5.60 -11.05
C ALA A 46 2.47 5.37 -10.56
N ALA A 47 2.22 5.77 -9.31
CA ALA A 47 0.87 5.77 -8.78
C ALA A 47 -0.02 6.68 -9.61
N GLU A 48 0.45 7.88 -9.89
CA GLU A 48 -0.30 8.80 -10.74
C GLU A 48 -0.25 8.36 -12.21
N ALA A 49 0.70 7.50 -12.55
CA ALA A 49 0.76 6.93 -13.90
C ALA A 49 -0.35 5.91 -14.12
N GLY A 50 -0.78 5.25 -13.05
CA GLY A 50 -1.84 4.27 -13.16
C GLY A 50 -1.37 2.86 -12.87
N ASP A 51 -0.19 2.76 -12.27
CA ASP A 51 0.38 1.47 -11.90
C ASP A 51 -0.23 0.99 -10.60
N ARG A 52 -1.11 -0.01 -10.73
CA ARG A 52 -1.88 -0.54 -9.60
C ARG A 52 -1.01 -0.94 -8.41
N GLN A 53 0.05 -1.71 -8.65
CA GLN A 53 0.90 -2.17 -7.55
C GLN A 53 1.60 -1.00 -6.87
N SER A 54 1.99 0.02 -7.64
CA SER A 54 2.70 1.16 -7.09
C SER A 54 1.72 1.99 -6.28
N MET A 55 0.50 2.04 -6.77
CA MET A 55 -0.57 2.78 -6.14
C MET A 55 -0.95 2.16 -4.81
N ILE A 56 -1.02 0.83 -4.79
CA ILE A 56 -1.34 0.09 -3.58
C ILE A 56 -0.20 0.20 -2.58
N LEU A 57 1.04 0.20 -3.09
CA LEU A 57 2.22 0.31 -2.23
C LEU A 57 2.26 1.65 -1.50
N VAL A 58 2.06 2.76 -2.22
CA VAL A 58 2.07 4.08 -1.56
C VAL A 58 0.89 4.19 -0.59
N ALA A 59 -0.25 3.60 -0.97
CA ALA A 59 -1.40 3.51 -0.08
C ALA A 59 -1.01 2.85 1.25
N ARG A 60 -0.52 1.63 1.17
CA ARG A 60 -0.04 0.88 2.34
C ARG A 60 1.04 1.65 3.09
N ALA A 61 1.82 2.43 2.35
CA ALA A 61 2.87 3.24 2.94
C ALA A 61 2.27 4.27 3.88
N PHE A 62 1.17 4.87 3.45
CA PHE A 62 0.48 5.90 4.23
C PHE A 62 -0.21 5.32 5.47
N ASP A 63 -0.79 4.13 5.39
CA ASP A 63 -1.57 3.61 6.51
C ASP A 63 -0.70 2.81 7.49
N SER A 64 0.26 2.07 6.98
CA SER A 64 1.09 1.24 7.85
C SER A 64 2.29 2.02 8.40
N GLY A 65 2.68 3.07 7.70
CA GLY A 65 3.69 3.98 8.22
C GLY A 65 5.12 3.47 8.12
N GLN A 66 5.35 2.41 7.35
CA GLN A 66 6.69 1.84 7.23
C GLN A 66 7.49 2.55 6.13
N ASN A 67 7.07 2.36 4.89
CA ASN A 67 7.83 2.87 3.75
C ASN A 67 7.39 4.29 3.37
N LEU A 68 6.68 4.94 4.28
CA LEU A 68 6.34 6.36 4.14
C LEU A 68 7.50 7.23 4.58
N SER A 69 8.36 6.65 5.43
CA SER A 69 9.46 7.38 6.09
C SER A 69 8.90 8.27 7.20
N PRO A 70 9.53 8.28 8.40
CA PRO A 70 9.02 9.01 9.58
C PRO A 70 9.05 10.54 9.40
N ASP A 71 9.46 11.01 8.23
CA ASP A 71 9.52 12.44 7.96
C ASP A 71 8.13 13.02 7.73
N ARG A 72 7.14 12.16 7.61
CA ARG A 72 5.79 12.59 7.27
C ARG A 72 4.76 11.91 8.17
N CYS A 73 3.65 12.61 8.40
CA CYS A 73 2.56 12.09 9.22
C CYS A 73 1.66 11.20 8.39
N GLN A 74 0.98 10.27 9.06
CA GLN A 74 0.11 9.31 8.38
C GLN A 74 -1.28 9.89 8.16
N ASP A 75 -1.57 10.29 6.93
CA ASP A 75 -2.91 10.76 6.57
C ASP A 75 -3.67 9.64 5.86
N TRP A 76 -4.62 9.07 6.56
CA TRP A 76 -5.38 7.95 6.03
C TRP A 76 -6.38 8.38 4.95
N LEU A 77 -6.51 9.69 4.70
CA LEU A 77 -7.38 10.16 3.63
C LEU A 77 -6.71 9.93 2.28
N GLU A 78 -5.40 10.22 2.21
CA GLU A 78 -4.62 9.94 1.02
C GLU A 78 -4.66 8.44 0.73
N ALA A 79 -4.44 7.66 1.77
CA ALA A 79 -4.50 6.21 1.69
C ALA A 79 -5.83 5.76 1.11
N LEU A 80 -6.93 6.19 1.71
CA LEU A 80 -8.26 5.86 1.21
C LEU A 80 -8.40 6.22 -0.26
N HIS A 81 -8.03 7.46 -0.60
CA HIS A 81 -8.06 7.94 -1.99
C HIS A 81 -7.41 6.93 -2.95
N TRP A 82 -6.23 6.43 -2.59
CA TRP A 82 -5.50 5.52 -3.46
C TRP A 82 -6.10 4.11 -3.47
N TYR A 83 -6.60 3.66 -2.32
CA TYR A 83 -7.26 2.35 -2.27
C TYR A 83 -8.57 2.40 -3.06
N ASN A 84 -9.27 3.52 -2.93
CA ASN A 84 -10.53 3.73 -3.63
C ASN A 84 -10.30 3.65 -5.12
N THR A 85 -9.33 4.44 -5.61
CA THR A 85 -8.90 4.36 -7.00
C THR A 85 -8.65 2.92 -7.45
N ALA A 86 -7.91 2.15 -6.64
CA ALA A 86 -7.60 0.76 -6.99
C ALA A 86 -8.87 -0.06 -7.22
N LEU A 87 -9.81 0.03 -6.27
CA LEU A 87 -11.08 -0.68 -6.37
C LEU A 87 -11.95 -0.16 -7.52
N GLU A 88 -11.88 1.13 -7.79
CA GLU A 88 -12.78 1.75 -8.76
C GLU A 88 -12.29 1.61 -10.21
N MET A 89 -10.98 1.62 -10.41
CA MET A 89 -10.45 1.57 -11.78
C MET A 89 -10.29 0.14 -12.28
N THR A 90 -10.53 -0.85 -11.42
CA THR A 90 -10.43 -2.23 -11.83
C THR A 90 -11.75 -2.72 -12.41
N ASP A 91 -12.06 -2.22 -13.60
CA ASP A 91 -13.30 -2.58 -14.29
C ASP A 91 -13.09 -3.82 -15.14
N CYS A 92 -11.83 -4.16 -15.37
CA CYS A 92 -11.47 -5.32 -16.16
C CYS A 92 -11.51 -6.58 -15.31
N ASP A 93 -12.05 -6.44 -14.10
CA ASP A 93 -12.20 -7.57 -13.20
C ASP A 93 -13.67 -7.96 -13.09
N GLU A 94 -14.53 -7.23 -13.78
CA GLU A 94 -15.96 -7.48 -13.75
C GLU A 94 -16.32 -8.62 -14.69
N GLY A 95 -16.90 -9.68 -14.14
CA GLY A 95 -17.31 -10.81 -14.94
C GLY A 95 -16.39 -12.00 -14.78
N GLY A 96 -15.49 -12.18 -15.72
CA GLY A 96 -14.57 -13.30 -15.66
C GLY A 96 -13.28 -13.01 -16.39
N GLU A 97 -12.60 -11.96 -15.98
CA GLU A 97 -11.34 -11.58 -16.60
C GLU A 97 -10.26 -11.43 -15.54
N TYR A 98 -9.09 -11.96 -15.83
CA TYR A 98 -7.96 -11.92 -14.91
C TYR A 98 -6.72 -11.41 -15.63
N ASP A 99 -6.58 -10.09 -15.69
CA ASP A 99 -5.41 -9.44 -16.27
C ASP A 99 -4.12 -9.99 -15.67
N GLY A 100 -4.16 -10.25 -14.37
CA GLY A 100 -3.05 -10.88 -13.68
C GLY A 100 -3.54 -11.67 -12.49
N MET A 101 -2.74 -12.64 -12.04
CA MET A 101 -3.12 -13.43 -10.88
C MET A 101 -3.19 -12.54 -9.65
N GLN A 102 -4.22 -12.72 -8.83
CA GLN A 102 -4.43 -11.86 -7.68
C GLN A 102 -3.43 -12.17 -6.57
N ASP A 103 -2.31 -11.47 -6.60
CA ASP A 103 -1.31 -11.57 -5.53
C ASP A 103 -1.74 -10.68 -4.38
N GLU A 104 -2.59 -9.72 -4.70
CA GLU A 104 -3.13 -8.80 -3.73
C GLU A 104 -4.47 -9.34 -3.21
N PRO A 105 -4.54 -9.67 -1.90
CA PRO A 105 -5.77 -10.16 -1.28
C PRO A 105 -6.80 -9.05 -1.13
N ARG A 106 -7.65 -8.92 -2.15
CA ARG A 106 -8.62 -7.84 -2.22
C ARG A 106 -9.55 -7.81 -1.00
N TYR A 107 -9.92 -8.97 -0.48
CA TYR A 107 -10.79 -9.02 0.70
C TYR A 107 -10.08 -8.42 1.93
N MET A 108 -8.75 -8.52 1.97
CA MET A 108 -7.99 -8.01 3.09
C MET A 108 -7.88 -6.49 2.99
N MET A 109 -7.77 -6.00 1.77
CA MET A 109 -7.68 -4.56 1.53
C MET A 109 -9.00 -3.90 1.92
N LEU A 110 -10.09 -4.54 1.51
CA LEU A 110 -11.44 -4.09 1.87
C LEU A 110 -11.61 -4.04 3.38
N ALA A 111 -11.17 -5.11 4.04
CA ALA A 111 -11.25 -5.21 5.49
C ALA A 111 -10.43 -4.11 6.17
N ARG A 112 -9.22 -3.88 5.67
CA ARG A 112 -8.36 -2.79 6.14
C ARG A 112 -9.06 -1.45 6.05
N GLU A 113 -9.58 -1.13 4.86
CA GLU A 113 -10.27 0.13 4.64
C GLU A 113 -11.47 0.27 5.58
N ALA A 114 -12.27 -0.79 5.68
CA ALA A 114 -13.40 -0.80 6.60
C ALA A 114 -12.98 -0.38 8.00
N GLU A 115 -12.00 -1.08 8.56
CA GLU A 115 -11.38 -0.72 9.84
C GLU A 115 -11.03 0.77 9.89
N MET A 116 -10.23 1.19 8.93
CA MET A 116 -9.76 2.56 8.85
C MET A 116 -10.93 3.55 8.85
N LEU A 117 -11.87 3.35 7.94
CA LEU A 117 -13.03 4.23 7.79
C LEU A 117 -13.92 4.27 9.03
N PHE A 118 -14.06 3.15 9.74
CA PHE A 118 -14.95 3.10 10.89
C PHE A 118 -14.29 3.71 12.13
N THR A 119 -12.96 3.73 12.17
CA THR A 119 -12.26 4.26 13.33
C THR A 119 -12.02 5.77 13.21
N GLY A 120 -11.39 6.20 12.13
CA GLY A 120 -11.11 7.60 11.94
C GLY A 120 -9.76 7.81 11.28
N GLY A 121 -9.24 9.02 11.33
CA GLY A 121 -7.95 9.27 10.76
C GLY A 121 -7.52 10.73 10.77
N TYR A 122 -8.20 11.56 11.57
CA TYR A 122 -7.87 12.98 11.69
C TYR A 122 -7.85 13.65 10.31
N GLY A 123 -9.04 13.97 9.82
CA GLY A 123 -9.18 14.50 8.47
C GLY A 123 -10.08 13.60 7.65
N LEU A 124 -10.13 12.34 8.04
CA LEU A 124 -11.01 11.37 7.41
C LEU A 124 -12.34 11.35 8.15
N GLU A 125 -13.43 11.31 7.39
CA GLU A 125 -14.75 11.26 7.99
C GLU A 125 -15.07 9.83 8.42
N LYS A 126 -15.54 9.68 9.66
CA LYS A 126 -15.90 8.37 10.18
C LYS A 126 -17.29 7.99 9.67
N ASP A 127 -17.33 7.25 8.58
CA ASP A 127 -18.58 6.81 7.97
C ASP A 127 -18.86 5.35 8.28
N PRO A 128 -19.73 5.09 9.28
CA PRO A 128 -20.05 3.73 9.71
C PRO A 128 -20.71 2.91 8.60
N GLN A 129 -21.53 3.57 7.80
CA GLN A 129 -22.30 2.91 6.75
C GLN A 129 -21.39 2.41 5.62
N ARG A 130 -20.32 3.16 5.35
CA ARG A 130 -19.39 2.80 4.27
C ARG A 130 -18.50 1.66 4.74
N SER A 131 -18.16 1.67 6.03
CA SER A 131 -17.33 0.63 6.62
C SER A 131 -18.09 -0.70 6.66
N GLY A 132 -19.30 -0.67 7.24
CA GLY A 132 -20.12 -1.87 7.30
C GLY A 132 -20.30 -2.51 5.93
N ASP A 133 -20.72 -1.69 4.98
CA ASP A 133 -20.85 -2.15 3.60
C ASP A 133 -19.54 -2.74 3.09
N LEU A 134 -18.42 -2.07 3.36
CA LEU A 134 -17.10 -2.59 2.96
C LEU A 134 -16.81 -3.96 3.59
N TYR A 135 -17.22 -4.19 4.84
CA TYR A 135 -17.02 -5.50 5.44
C TYR A 135 -17.82 -6.54 4.68
N THR A 136 -19.00 -6.13 4.22
CA THR A 136 -19.87 -7.02 3.48
C THR A 136 -19.24 -7.35 2.12
N GLN A 137 -18.69 -6.34 1.44
CA GLN A 137 -17.97 -6.56 0.19
C GLN A 137 -16.79 -7.49 0.40
N ALA A 138 -16.03 -7.24 1.48
CA ALA A 138 -14.87 -8.04 1.82
C ALA A 138 -15.26 -9.49 2.01
N ALA A 139 -16.28 -9.71 2.81
CA ALA A 139 -16.76 -11.05 3.09
C ALA A 139 -17.32 -11.73 1.83
N GLU A 140 -17.95 -10.97 0.94
CA GLU A 140 -18.45 -11.54 -0.31
C GLU A 140 -17.27 -11.96 -1.18
N ALA A 141 -16.27 -11.09 -1.26
CA ALA A 141 -15.07 -11.37 -2.02
C ALA A 141 -14.35 -12.60 -1.49
N ALA A 142 -14.41 -12.78 -0.17
CA ALA A 142 -13.81 -13.92 0.49
C ALA A 142 -14.60 -15.19 0.20
N MET A 143 -15.92 -15.10 0.24
CA MET A 143 -16.79 -16.22 -0.14
C MET A 143 -16.49 -16.65 -1.57
N GLU A 144 -16.30 -15.66 -2.45
CA GLU A 144 -15.98 -15.94 -3.85
C GLU A 144 -14.59 -16.56 -3.97
N ALA A 145 -13.69 -16.19 -3.05
CA ALA A 145 -12.35 -16.75 -3.01
C ALA A 145 -12.33 -18.08 -2.26
N MET A 146 -13.52 -18.60 -1.93
CA MET A 146 -13.68 -19.85 -1.19
C MET A 146 -13.00 -19.76 0.19
N LYS A 147 -12.98 -18.55 0.74
CA LYS A 147 -12.42 -18.33 2.06
C LYS A 147 -13.55 -18.21 3.08
N GLY A 148 -14.13 -19.36 3.45
CA GLY A 148 -15.28 -19.37 4.34
C GLY A 148 -15.00 -18.73 5.68
N ARG A 149 -13.86 -19.07 6.27
CA ARG A 149 -13.49 -18.57 7.58
C ARG A 149 -13.40 -17.04 7.59
N LEU A 150 -12.63 -16.49 6.66
CA LEU A 150 -12.45 -15.04 6.59
C LEU A 150 -13.78 -14.34 6.30
N ALA A 151 -14.57 -14.94 5.42
CA ALA A 151 -15.87 -14.39 5.07
C ALA A 151 -16.78 -14.31 6.28
N ASN A 152 -16.89 -15.39 7.05
CA ASN A 152 -17.80 -15.40 8.19
C ASN A 152 -17.23 -14.57 9.33
N GLN A 153 -15.91 -14.40 9.34
CA GLN A 153 -15.25 -13.62 10.38
C GLN A 153 -15.54 -12.14 10.15
N TYR A 154 -15.28 -11.67 8.94
CA TYR A 154 -15.54 -10.27 8.59
C TYR A 154 -17.04 -9.98 8.58
N TYR A 155 -17.87 -11.00 8.31
CA TYR A 155 -19.31 -10.82 8.38
C TYR A 155 -19.73 -10.56 9.82
N GLN A 156 -19.15 -11.32 10.75
CA GLN A 156 -19.41 -11.10 12.17
C GLN A 156 -18.87 -9.73 12.60
N LYS A 157 -17.74 -9.31 12.00
CA LYS A 157 -17.22 -7.96 12.23
C LYS A 157 -18.22 -6.91 11.73
N ALA A 158 -18.82 -7.19 10.56
CA ALA A 158 -19.81 -6.30 9.96
C ALA A 158 -20.98 -6.07 10.90
N GLU A 159 -21.43 -7.14 11.55
CA GLU A 159 -22.55 -7.05 12.48
C GLU A 159 -22.15 -6.20 13.69
N GLU A 160 -20.89 -6.33 14.10
CA GLU A 160 -20.38 -5.53 15.21
C GLU A 160 -20.40 -4.05 14.84
N ALA A 161 -20.02 -3.73 13.61
CA ALA A 161 -20.02 -2.36 13.14
C ALA A 161 -21.38 -1.70 13.29
N TRP A 162 -22.43 -2.36 12.79
CA TRP A 162 -23.77 -1.76 12.87
C TRP A 162 -24.27 -1.78 14.31
N ALA A 163 -23.72 -2.66 15.14
CA ALA A 163 -24.06 -2.69 16.56
C ALA A 163 -23.50 -1.47 17.27
N GLN A 164 -22.26 -1.10 16.94
CA GLN A 164 -21.62 0.06 17.57
C GLN A 164 -22.07 1.34 16.87
N MET A 165 -22.66 1.15 15.70
CA MET A 165 -23.22 2.25 14.93
C MET A 165 -24.51 2.75 15.57
N GLU A 166 -25.15 1.88 16.33
CA GLU A 166 -26.40 2.21 16.99
C GLU A 166 -26.16 3.03 18.24
N GLU A 167 -25.98 4.33 18.04
CA GLU A 167 -25.79 5.25 19.15
C GLU A 167 -26.87 6.32 19.13
N SER A 1 55.27 16.77 32.33
CA SER A 1 54.28 15.71 32.63
C SER A 1 54.65 15.00 33.92
N HIS A 2 53.65 14.52 34.65
CA HIS A 2 53.89 13.78 35.88
C HIS A 2 53.69 12.29 35.63
N MET A 3 54.61 11.48 36.17
CA MET A 3 54.58 10.03 35.98
C MET A 3 54.72 9.69 34.50
N GLY A 4 55.86 10.05 33.94
CA GLY A 4 56.11 9.77 32.53
C GLY A 4 56.88 8.49 32.35
N GLU A 5 57.72 8.16 33.32
CA GLU A 5 58.50 6.94 33.28
C GLU A 5 57.63 5.75 33.68
N LEU A 6 57.33 4.90 32.71
CA LEU A 6 56.49 3.76 32.95
C LEU A 6 57.26 2.47 32.72
N GLU A 7 57.26 1.60 33.72
CA GLU A 7 57.93 0.31 33.63
C GLU A 7 56.97 -0.74 33.06
N ALA A 8 56.29 -0.35 31.98
CA ALA A 8 55.33 -1.22 31.33
C ALA A 8 55.24 -0.87 29.85
N ILE A 9 56.15 -1.43 29.07
CA ILE A 9 56.22 -1.11 27.65
C ILE A 9 55.30 -2.03 26.86
N VAL A 10 53.99 -1.79 27.00
CA VAL A 10 52.98 -2.56 26.30
C VAL A 10 52.13 -1.62 25.45
N GLY A 11 52.78 -0.94 24.52
CA GLY A 11 52.07 0.00 23.66
C GLY A 11 52.16 1.42 24.19
N LEU A 12 51.41 1.68 25.27
CA LEU A 12 51.39 3.01 25.89
C LEU A 12 50.91 4.07 24.91
N GLY A 13 50.11 3.65 23.96
CA GLY A 13 49.58 4.58 22.96
C GLY A 13 48.28 5.19 23.41
N LEU A 14 48.27 6.49 23.62
CA LEU A 14 47.08 7.20 24.04
C LEU A 14 46.15 7.40 22.86
N MET A 15 45.44 6.34 22.50
CA MET A 15 44.53 6.35 21.37
C MET A 15 43.26 7.09 21.73
N TYR A 16 42.87 6.98 22.99
CA TYR A 16 41.65 7.62 23.47
C TYR A 16 41.95 8.50 24.68
N SER A 17 42.59 9.64 24.42
CA SER A 17 42.83 10.63 25.46
C SER A 17 41.52 11.30 25.85
N GLN A 18 40.57 11.29 24.92
CA GLN A 18 39.22 11.73 25.18
C GLN A 18 38.28 10.88 24.33
N LEU A 19 36.98 11.09 24.48
CA LEU A 19 36.01 10.32 23.72
C LEU A 19 34.90 11.22 23.22
N PRO A 20 34.78 11.42 21.89
CA PRO A 20 33.66 12.15 21.31
C PRO A 20 32.32 11.56 21.74
N HIS A 21 31.64 12.26 22.63
CA HIS A 21 30.42 11.75 23.25
C HIS A 21 29.23 11.87 22.31
N HIS A 22 29.42 12.52 21.18
CA HIS A 22 28.33 12.71 20.23
C HIS A 22 28.21 11.53 19.27
N ILE A 23 28.95 10.46 19.54
CA ILE A 23 28.90 9.28 18.67
C ILE A 23 27.59 8.52 18.88
N LEU A 24 27.07 7.96 17.80
CA LEU A 24 25.83 7.18 17.86
C LEU A 24 26.08 5.77 17.37
N ALA A 25 25.04 4.94 17.42
CA ALA A 25 25.15 3.54 17.05
C ALA A 25 25.01 3.35 15.55
N ASP A 26 25.57 4.27 14.78
CA ASP A 26 25.55 4.17 13.33
C ASP A 26 26.86 3.57 12.83
N VAL A 27 26.84 2.26 12.64
CA VAL A 27 28.03 1.54 12.21
C VAL A 27 27.91 1.11 10.75
N SER A 28 27.01 1.76 10.04
CA SER A 28 26.78 1.46 8.64
C SER A 28 26.46 2.75 7.89
N LEU A 29 26.94 2.84 6.65
CA LEU A 29 26.74 4.05 5.86
C LEU A 29 25.40 4.02 5.15
N LYS A 30 24.73 5.15 5.13
CA LYS A 30 23.40 5.25 4.54
C LYS A 30 23.52 5.68 3.08
N GLU A 31 24.09 4.81 2.27
CA GLU A 31 24.38 5.11 0.87
C GLU A 31 23.16 4.84 -0.01
N THR A 32 22.05 5.45 0.34
CA THR A 32 20.82 5.31 -0.42
C THR A 32 20.73 6.43 -1.46
N GLU A 33 21.69 6.45 -2.36
CA GLU A 33 21.83 7.55 -3.31
C GLU A 33 20.90 7.37 -4.50
N GLU A 34 21.01 6.24 -5.18
CA GLU A 34 20.22 6.00 -6.38
C GLU A 34 18.76 5.71 -6.01
N ASN A 35 18.56 5.07 -4.85
CA ASN A 35 17.21 4.75 -4.40
C ASN A 35 16.49 5.98 -3.89
N LYS A 36 17.20 7.11 -3.86
CA LYS A 36 16.58 8.38 -3.48
C LYS A 36 15.80 8.94 -4.66
N THR A 37 16.38 8.84 -5.86
CA THR A 37 15.73 9.39 -7.05
C THR A 37 14.75 8.37 -7.64
N LYS A 38 14.81 7.14 -7.14
CA LYS A 38 13.88 6.10 -7.56
C LYS A 38 13.07 5.61 -6.36
N GLY A 39 12.97 6.44 -5.34
CA GLY A 39 12.25 6.06 -4.15
C GLY A 39 10.77 6.36 -4.23
N PHE A 40 10.21 6.81 -3.10
CA PHE A 40 8.79 7.14 -2.99
C PHE A 40 8.24 7.88 -4.21
N ASP A 41 8.98 8.87 -4.73
CA ASP A 41 8.49 9.69 -5.84
C ASP A 41 8.25 8.85 -7.09
N TYR A 42 9.02 7.77 -7.25
CA TYR A 42 8.93 6.93 -8.44
C TYR A 42 7.64 6.11 -8.37
N LEU A 43 7.42 5.47 -7.22
CA LEU A 43 6.19 4.71 -6.98
C LEU A 43 4.95 5.59 -7.13
N LEU A 44 5.00 6.80 -6.59
CA LEU A 44 3.87 7.72 -6.64
C LEU A 44 3.68 8.30 -8.05
N LYS A 45 4.77 8.43 -8.79
CA LYS A 45 4.67 8.94 -10.16
C LYS A 45 4.05 7.86 -11.05
N ALA A 46 4.28 6.61 -10.66
CA ALA A 46 3.67 5.49 -11.35
C ALA A 46 2.25 5.28 -10.84
N ALA A 47 2.01 5.70 -9.60
CA ALA A 47 0.67 5.70 -9.04
C ALA A 47 -0.21 6.65 -9.83
N GLU A 48 0.30 7.84 -10.13
CA GLU A 48 -0.42 8.78 -10.97
C GLU A 48 -0.44 8.32 -12.43
N ALA A 49 0.53 7.46 -12.79
CA ALA A 49 0.56 6.88 -14.14
C ALA A 49 -0.57 5.89 -14.34
N GLY A 50 -0.98 5.22 -13.27
CA GLY A 50 -2.07 4.27 -13.37
C GLY A 50 -1.63 2.83 -13.13
N ASP A 51 -0.47 2.67 -12.49
CA ASP A 51 0.02 1.35 -12.16
C ASP A 51 -0.59 0.86 -10.85
N ARG A 52 -1.42 -0.16 -10.96
CA ARG A 52 -2.15 -0.77 -9.86
C ARG A 52 -1.28 -1.10 -8.64
N GLN A 53 -0.15 -1.77 -8.83
CA GLN A 53 0.60 -2.26 -7.68
C GLN A 53 1.39 -1.12 -7.04
N SER A 54 1.72 -0.11 -7.83
CA SER A 54 2.48 1.02 -7.32
C SER A 54 1.59 1.88 -6.42
N MET A 55 0.32 2.03 -6.81
CA MET A 55 -0.61 2.81 -6.02
C MET A 55 -1.05 2.03 -4.77
N ILE A 56 -1.09 0.71 -4.88
CA ILE A 56 -1.36 -0.12 -3.71
C ILE A 56 -0.18 -0.06 -2.74
N LEU A 57 1.03 -0.03 -3.29
CA LEU A 57 2.24 0.08 -2.47
C LEU A 57 2.29 1.42 -1.73
N VAL A 58 2.04 2.53 -2.43
CA VAL A 58 2.03 3.84 -1.76
C VAL A 58 0.93 3.89 -0.71
N ALA A 59 -0.22 3.25 -1.00
CA ALA A 59 -1.29 3.12 -0.02
C ALA A 59 -0.78 2.51 1.27
N ARG A 60 -0.25 1.30 1.17
CA ARG A 60 0.31 0.58 2.32
C ARG A 60 1.47 1.38 2.94
N ALA A 61 2.15 2.18 2.13
CA ALA A 61 3.25 3.02 2.61
C ALA A 61 2.72 4.05 3.59
N PHE A 62 1.59 4.67 3.24
CA PHE A 62 0.95 5.66 4.11
C PHE A 62 0.30 4.98 5.31
N ASP A 63 -0.20 3.76 5.09
CA ASP A 63 -0.87 2.99 6.12
C ASP A 63 0.09 2.52 7.22
N SER A 64 1.07 1.70 6.85
CA SER A 64 1.94 1.10 7.84
C SER A 64 3.00 2.08 8.34
N GLY A 65 3.35 3.07 7.52
CA GLY A 65 4.32 4.07 7.94
C GLY A 65 5.75 3.70 7.62
N GLN A 66 5.99 2.42 7.33
CA GLN A 66 7.33 1.89 7.11
C GLN A 66 8.01 2.56 5.92
N ASN A 67 7.39 2.48 4.76
CA ASN A 67 8.01 2.95 3.52
C ASN A 67 7.74 4.43 3.29
N LEU A 68 7.06 5.05 4.24
CA LEU A 68 6.75 6.47 4.16
C LEU A 68 7.86 7.28 4.81
N SER A 69 8.69 6.59 5.61
CA SER A 69 9.75 7.22 6.40
C SER A 69 9.15 7.95 7.61
N PRO A 70 9.80 7.90 8.79
CA PRO A 70 9.25 8.46 10.02
C PRO A 70 9.37 9.98 10.09
N ASP A 71 9.88 10.59 9.02
CA ASP A 71 10.09 12.03 8.99
C ASP A 71 8.81 12.76 8.55
N ARG A 72 7.78 12.01 8.18
CA ARG A 72 6.52 12.61 7.72
C ARG A 72 5.32 12.00 8.44
N CYS A 73 4.32 12.83 8.69
CA CYS A 73 3.10 12.38 9.35
C CYS A 73 2.13 11.83 8.31
N GLN A 74 1.51 10.70 8.60
CA GLN A 74 0.63 10.04 7.64
C GLN A 74 -0.83 10.35 7.94
N ASP A 75 -1.64 10.33 6.89
CA ASP A 75 -3.08 10.40 7.02
C ASP A 75 -3.68 9.20 6.31
N TRP A 76 -4.94 8.90 6.59
CA TRP A 76 -5.56 7.71 6.05
C TRP A 76 -6.55 8.05 4.94
N LEU A 77 -6.65 9.33 4.61
CA LEU A 77 -7.54 9.77 3.54
C LEU A 77 -6.88 9.50 2.19
N GLU A 78 -5.58 9.78 2.09
CA GLU A 78 -4.86 9.50 0.86
C GLU A 78 -4.76 7.99 0.65
N ALA A 79 -4.44 7.28 1.73
CA ALA A 79 -4.43 5.83 1.72
C ALA A 79 -5.74 5.29 1.19
N LEU A 80 -6.86 5.67 1.82
CA LEU A 80 -8.19 5.30 1.36
C LEU A 80 -8.35 5.60 -0.13
N HIS A 81 -8.11 6.87 -0.50
CA HIS A 81 -8.17 7.32 -1.89
C HIS A 81 -7.46 6.35 -2.84
N TRP A 82 -6.25 5.92 -2.47
CA TRP A 82 -5.44 5.08 -3.34
C TRP A 82 -6.00 3.65 -3.41
N TYR A 83 -6.49 3.14 -2.27
CA TYR A 83 -7.13 1.83 -2.27
C TYR A 83 -8.40 1.86 -3.10
N ASN A 84 -9.18 2.93 -2.96
CA ASN A 84 -10.44 3.07 -3.68
C ASN A 84 -10.18 3.12 -5.17
N THR A 85 -9.11 3.81 -5.56
CA THR A 85 -8.76 3.93 -6.97
C THR A 85 -8.45 2.56 -7.56
N ALA A 86 -7.67 1.76 -6.82
CA ALA A 86 -7.31 0.43 -7.27
C ALA A 86 -8.56 -0.45 -7.40
N LEU A 87 -9.41 -0.42 -6.38
CA LEU A 87 -10.62 -1.25 -6.37
C LEU A 87 -11.73 -0.69 -7.26
N GLU A 88 -11.60 0.57 -7.70
CA GLU A 88 -12.63 1.14 -8.58
C GLU A 88 -12.30 0.94 -10.06
N MET A 89 -11.03 0.72 -10.39
CA MET A 89 -10.68 0.47 -11.79
C MET A 89 -10.46 -1.02 -12.06
N THR A 90 -11.05 -1.88 -11.23
CA THR A 90 -11.01 -3.31 -11.46
C THR A 90 -12.23 -3.73 -12.27
N ASP A 91 -12.03 -3.90 -13.58
CA ASP A 91 -13.13 -4.23 -14.48
C ASP A 91 -13.04 -5.68 -14.92
N CYS A 92 -12.25 -6.45 -14.21
CA CYS A 92 -12.08 -7.87 -14.51
C CYS A 92 -11.86 -8.64 -13.22
N ASP A 93 -12.59 -9.74 -13.05
CA ASP A 93 -12.47 -10.58 -11.86
C ASP A 93 -11.42 -11.66 -12.08
N GLU A 94 -10.95 -11.77 -13.30
CA GLU A 94 -10.00 -12.81 -13.65
C GLU A 94 -8.57 -12.26 -13.66
N GLY A 95 -8.23 -11.52 -12.61
CA GLY A 95 -6.89 -10.99 -12.49
C GLY A 95 -5.89 -12.04 -12.07
N GLY A 96 -5.30 -12.71 -13.05
CA GLY A 96 -4.39 -13.80 -12.75
C GLY A 96 -2.96 -13.42 -12.98
N GLU A 97 -2.58 -12.25 -12.50
CA GLU A 97 -1.23 -11.75 -12.67
C GLU A 97 -0.55 -11.66 -11.31
N TYR A 98 0.23 -12.67 -10.97
CA TYR A 98 0.91 -12.71 -9.69
C TYR A 98 2.26 -12.01 -9.79
N ASP A 99 2.25 -10.69 -9.62
CA ASP A 99 3.46 -9.86 -9.73
C ASP A 99 4.38 -10.04 -8.52
N GLY A 100 4.10 -11.03 -7.69
CA GLY A 100 4.84 -11.20 -6.44
C GLY A 100 4.29 -10.27 -5.36
N MET A 101 3.96 -9.06 -5.76
CA MET A 101 3.36 -8.09 -4.85
C MET A 101 1.87 -8.37 -4.62
N GLN A 102 1.40 -9.50 -5.15
CA GLN A 102 0.01 -9.88 -4.98
C GLN A 102 -0.18 -10.66 -3.68
N ASP A 103 0.66 -10.36 -2.71
CA ASP A 103 0.57 -10.98 -1.39
C ASP A 103 -0.47 -10.25 -0.56
N GLU A 104 -0.82 -9.04 -0.99
CA GLU A 104 -1.84 -8.25 -0.34
C GLU A 104 -3.07 -8.20 -1.25
N PRO A 105 -4.05 -9.08 -0.99
CA PRO A 105 -5.21 -9.23 -1.86
C PRO A 105 -6.36 -8.28 -1.54
N ARG A 106 -7.34 -8.25 -2.44
CA ARG A 106 -8.49 -7.34 -2.36
C ARG A 106 -9.13 -7.32 -0.97
N TYR A 107 -9.55 -8.47 -0.48
CA TYR A 107 -10.38 -8.54 0.73
C TYR A 107 -9.67 -7.99 1.97
N MET A 108 -8.36 -8.13 2.04
CA MET A 108 -7.64 -7.75 3.26
C MET A 108 -7.45 -6.23 3.31
N MET A 109 -7.33 -5.63 2.13
CA MET A 109 -7.20 -4.19 2.03
C MET A 109 -8.55 -3.56 2.28
N LEU A 110 -9.57 -4.17 1.69
CA LEU A 110 -10.96 -3.75 1.84
C LEU A 110 -11.37 -3.76 3.32
N ALA A 111 -10.94 -4.80 4.02
CA ALA A 111 -11.17 -4.93 5.45
C ALA A 111 -10.50 -3.81 6.23
N ARG A 112 -9.23 -3.56 5.92
CA ARG A 112 -8.47 -2.48 6.57
C ARG A 112 -9.11 -1.12 6.32
N GLU A 113 -9.54 -0.86 5.09
CA GLU A 113 -10.25 0.39 4.78
C GLU A 113 -11.45 0.56 5.69
N ALA A 114 -12.26 -0.50 5.81
CA ALA A 114 -13.38 -0.50 6.72
C ALA A 114 -12.96 -0.09 8.12
N GLU A 115 -11.94 -0.76 8.66
CA GLU A 115 -11.32 -0.37 9.92
C GLU A 115 -11.03 1.14 9.97
N MET A 116 -10.25 1.60 8.99
CA MET A 116 -9.88 3.00 8.87
C MET A 116 -11.10 3.91 8.95
N LEU A 117 -12.04 3.71 8.04
CA LEU A 117 -13.24 4.54 7.94
C LEU A 117 -14.11 4.50 9.20
N PHE A 118 -14.17 3.36 9.90
CA PHE A 118 -15.03 3.24 11.05
C PHE A 118 -14.37 3.76 12.32
N THR A 119 -13.04 3.80 12.37
CA THR A 119 -12.35 4.30 13.56
C THR A 119 -12.05 5.80 13.48
N GLY A 120 -11.36 6.21 12.43
CA GLY A 120 -11.00 7.61 12.27
C GLY A 120 -9.55 7.75 11.86
N GLY A 121 -8.98 8.93 12.05
CA GLY A 121 -7.58 9.11 11.74
C GLY A 121 -7.15 10.56 11.72
N TYR A 122 -7.57 11.31 12.73
CA TYR A 122 -7.18 12.71 12.88
C TYR A 122 -7.41 13.51 11.60
N GLY A 123 -8.66 13.50 11.14
CA GLY A 123 -9.01 14.20 9.92
C GLY A 123 -10.04 13.44 9.12
N LEU A 124 -9.79 12.15 8.92
CA LEU A 124 -10.73 11.30 8.19
C LEU A 124 -12.04 11.17 8.96
N GLU A 125 -13.15 11.28 8.25
CA GLU A 125 -14.47 11.24 8.87
C GLU A 125 -14.85 9.79 9.20
N LYS A 126 -15.38 9.56 10.39
CA LYS A 126 -15.83 8.24 10.79
C LYS A 126 -17.18 7.94 10.15
N ASP A 127 -17.17 7.07 9.14
CA ASP A 127 -18.38 6.77 8.38
C ASP A 127 -18.83 5.34 8.63
N PRO A 128 -19.81 5.14 9.52
CA PRO A 128 -20.28 3.80 9.91
C PRO A 128 -20.90 3.03 8.74
N GLN A 129 -21.74 3.68 7.95
CA GLN A 129 -22.47 3.01 6.88
C GLN A 129 -21.53 2.57 5.75
N ARG A 130 -20.51 3.38 5.48
CA ARG A 130 -19.58 3.04 4.41
C ARG A 130 -18.72 1.86 4.85
N SER A 131 -18.43 1.83 6.15
CA SER A 131 -17.60 0.78 6.72
C SER A 131 -18.35 -0.55 6.74
N GLY A 132 -19.57 -0.55 7.28
CA GLY A 132 -20.38 -1.74 7.28
C GLY A 132 -20.48 -2.37 5.91
N ASP A 133 -20.89 -1.55 4.95
CA ASP A 133 -20.91 -1.97 3.56
C ASP A 133 -19.56 -2.51 3.11
N LEU A 134 -18.47 -1.81 3.45
CA LEU A 134 -17.12 -2.27 3.10
C LEU A 134 -16.79 -3.64 3.69
N TYR A 135 -17.20 -3.92 4.94
CA TYR A 135 -16.92 -5.24 5.53
C TYR A 135 -17.66 -6.30 4.74
N THR A 136 -18.86 -5.94 4.30
CA THR A 136 -19.68 -6.86 3.53
C THR A 136 -19.00 -7.14 2.19
N GLN A 137 -18.49 -6.10 1.52
CA GLN A 137 -17.77 -6.28 0.28
C GLN A 137 -16.54 -7.17 0.49
N ALA A 138 -15.81 -6.91 1.58
CA ALA A 138 -14.63 -7.70 1.91
C ALA A 138 -14.99 -9.17 2.10
N ALA A 139 -16.01 -9.40 2.91
CA ALA A 139 -16.49 -10.76 3.18
C ALA A 139 -17.00 -11.43 1.91
N GLU A 140 -17.69 -10.69 1.04
CA GLU A 140 -18.17 -11.28 -0.21
C GLU A 140 -16.98 -11.61 -1.11
N ALA A 141 -16.00 -10.70 -1.13
CA ALA A 141 -14.77 -10.92 -1.87
C ALA A 141 -14.05 -12.17 -1.35
N ALA A 142 -14.11 -12.39 -0.05
CA ALA A 142 -13.49 -13.54 0.58
C ALA A 142 -14.24 -14.80 0.21
N MET A 143 -15.57 -14.73 0.26
CA MET A 143 -16.42 -15.85 -0.19
C MET A 143 -16.05 -16.25 -1.63
N GLU A 144 -15.89 -15.25 -2.47
CA GLU A 144 -15.55 -15.47 -3.86
C GLU A 144 -14.14 -16.04 -3.97
N ALA A 145 -13.27 -15.61 -3.08
CA ALA A 145 -11.88 -16.06 -3.06
C ALA A 145 -11.74 -17.41 -2.35
N MET A 146 -12.89 -18.06 -2.09
CA MET A 146 -12.92 -19.36 -1.41
C MET A 146 -12.29 -19.29 -0.03
N LYS A 147 -12.41 -18.11 0.59
CA LYS A 147 -11.88 -17.89 1.93
C LYS A 147 -13.03 -17.86 2.94
N GLY A 148 -13.51 -19.04 3.31
CA GLY A 148 -14.67 -19.16 4.17
C GLY A 148 -14.52 -18.49 5.52
N ARG A 149 -13.42 -18.77 6.21
CA ARG A 149 -13.21 -18.25 7.56
C ARG A 149 -13.20 -16.73 7.57
N LEU A 150 -12.44 -16.12 6.67
CA LEU A 150 -12.34 -14.67 6.61
C LEU A 150 -13.71 -14.06 6.32
N ALA A 151 -14.47 -14.70 5.43
CA ALA A 151 -15.80 -14.22 5.09
C ALA A 151 -16.72 -14.21 6.29
N ASN A 152 -16.76 -15.30 7.04
CA ASN A 152 -17.66 -15.36 8.20
C ASN A 152 -17.15 -14.47 9.32
N GLN A 153 -15.85 -14.21 9.34
CA GLN A 153 -15.26 -13.37 10.37
C GLN A 153 -15.67 -11.92 10.15
N TYR A 154 -15.41 -11.41 8.95
CA TYR A 154 -15.75 -10.02 8.66
C TYR A 154 -17.26 -9.83 8.54
N TYR A 155 -18.01 -10.90 8.24
CA TYR A 155 -19.46 -10.79 8.26
C TYR A 155 -19.95 -10.64 9.70
N GLN A 156 -19.35 -11.41 10.60
CA GLN A 156 -19.65 -11.28 12.02
C GLN A 156 -19.26 -9.87 12.50
N LYS A 157 -18.16 -9.36 11.96
CA LYS A 157 -17.75 -7.97 12.20
C LYS A 157 -18.83 -7.01 11.71
N ALA A 158 -19.36 -7.27 10.51
CA ALA A 158 -20.39 -6.43 9.92
C ALA A 158 -21.63 -6.37 10.80
N GLU A 159 -22.05 -7.50 11.35
CA GLU A 159 -23.23 -7.54 12.19
C GLU A 159 -22.98 -6.71 13.45
N GLU A 160 -21.75 -6.80 13.94
CA GLU A 160 -21.35 -6.05 15.14
C GLU A 160 -21.37 -4.55 14.85
N ALA A 161 -20.91 -4.16 13.66
CA ALA A 161 -20.87 -2.77 13.27
C ALA A 161 -22.26 -2.14 13.30
N TRP A 162 -23.23 -2.80 12.68
CA TRP A 162 -24.59 -2.25 12.66
C TRP A 162 -25.25 -2.36 14.04
N ALA A 163 -24.75 -3.27 14.89
CA ALA A 163 -25.23 -3.38 16.26
C ALA A 163 -24.83 -2.16 17.08
N GLN A 164 -23.61 -1.68 16.86
CA GLN A 164 -23.11 -0.50 17.57
C GLN A 164 -23.47 0.77 16.81
N MET A 165 -23.87 0.59 15.56
CA MET A 165 -24.29 1.70 14.70
C MET A 165 -25.57 2.32 15.24
N GLU A 166 -26.49 1.46 15.63
CA GLU A 166 -27.77 1.90 16.17
C GLU A 166 -27.67 2.07 17.68
N GLU A 167 -27.17 3.23 18.09
CA GLU A 167 -27.05 3.54 19.51
C GLU A 167 -28.09 4.57 19.93
N SER A 1 42.78 -0.12 36.47
CA SER A 1 42.44 1.30 36.66
C SER A 1 41.74 1.85 35.42
N HIS A 2 40.70 2.64 35.63
CA HIS A 2 39.95 3.20 34.51
C HIS A 2 40.48 4.59 34.15
N MET A 3 41.28 4.66 33.11
CA MET A 3 41.84 5.93 32.64
C MET A 3 40.88 6.57 31.65
N GLY A 4 40.22 5.73 30.87
CA GLY A 4 39.31 6.21 29.85
C GLY A 4 39.46 5.44 28.55
N GLU A 5 38.35 4.99 27.99
CA GLU A 5 38.38 4.22 26.75
C GLU A 5 38.74 5.12 25.58
N LEU A 6 38.16 6.31 25.57
CA LEU A 6 38.38 7.27 24.52
C LEU A 6 39.36 8.34 24.97
N GLU A 7 39.88 9.11 24.02
CA GLU A 7 40.81 10.18 24.33
C GLU A 7 40.63 11.32 23.33
N ALA A 8 41.53 12.30 23.40
CA ALA A 8 41.50 13.42 22.48
C ALA A 8 42.92 13.83 22.12
N ILE A 9 43.77 12.84 21.89
CA ILE A 9 45.18 13.09 21.63
C ILE A 9 45.39 13.42 20.15
N VAL A 10 44.87 12.58 19.27
CA VAL A 10 44.97 12.81 17.84
C VAL A 10 43.73 13.53 17.35
N GLY A 11 42.76 13.68 18.24
CA GLY A 11 41.51 14.30 17.88
C GLY A 11 40.35 13.59 18.54
N LEU A 12 39.15 13.81 18.04
CA LEU A 12 37.96 13.16 18.59
C LEU A 12 37.50 12.02 17.68
N GLY A 13 37.88 12.11 16.41
CA GLY A 13 37.49 11.10 15.45
C GLY A 13 36.27 11.50 14.66
N LEU A 14 35.71 12.64 15.01
CA LEU A 14 34.51 13.19 14.35
C LEU A 14 33.35 12.21 14.43
N MET A 15 33.13 11.67 15.63
CA MET A 15 32.03 10.73 15.84
C MET A 15 30.84 11.44 16.47
N TYR A 16 31.12 12.35 17.37
CA TYR A 16 30.08 13.12 18.05
C TYR A 16 30.40 14.60 18.02
N SER A 17 31.13 15.00 16.98
CA SER A 17 31.53 16.38 16.83
C SER A 17 30.48 17.16 16.02
N GLN A 18 30.04 16.56 14.93
CA GLN A 18 29.07 17.19 14.04
C GLN A 18 28.09 16.16 13.50
N LEU A 19 26.95 16.61 13.01
CA LEU A 19 25.97 15.73 12.38
C LEU A 19 25.92 16.00 10.88
N PRO A 20 26.36 15.03 10.05
CA PRO A 20 26.30 15.15 8.59
C PRO A 20 24.90 15.55 8.09
N HIS A 21 24.78 16.79 7.64
CA HIS A 21 23.51 17.29 7.11
C HIS A 21 23.66 17.66 5.64
N HIS A 22 24.60 18.54 5.35
CA HIS A 22 24.84 18.98 3.98
C HIS A 22 25.96 18.16 3.34
N ILE A 23 25.73 16.87 3.24
CA ILE A 23 26.70 15.96 2.67
C ILE A 23 26.56 15.86 1.15
N LEU A 24 27.65 15.53 0.49
CA LEU A 24 27.64 15.36 -0.96
C LEU A 24 27.65 13.87 -1.31
N ALA A 25 26.79 13.11 -0.64
CA ALA A 25 26.73 11.67 -0.84
C ALA A 25 25.92 11.33 -2.08
N ASP A 26 25.09 12.27 -2.52
CA ASP A 26 24.35 12.11 -3.77
C ASP A 26 25.30 12.29 -4.94
N VAL A 27 25.89 11.19 -5.38
CA VAL A 27 26.86 11.21 -6.47
C VAL A 27 26.17 11.09 -7.83
N SER A 28 24.85 11.28 -7.82
CA SER A 28 24.08 11.23 -9.05
C SER A 28 24.04 12.61 -9.71
N LEU A 29 25.11 12.96 -10.40
CA LEU A 29 25.22 14.25 -11.06
C LEU A 29 24.60 14.20 -12.44
N LYS A 30 24.51 12.98 -12.97
CA LYS A 30 23.90 12.76 -14.28
C LYS A 30 23.15 11.43 -14.25
N GLU A 31 22.20 11.27 -15.17
CA GLU A 31 21.39 10.04 -15.25
C GLU A 31 20.82 9.68 -13.88
N THR A 32 19.80 10.41 -13.46
CA THR A 32 19.19 10.21 -12.14
C THR A 32 18.14 9.11 -12.16
N GLU A 33 18.27 8.21 -13.13
CA GLU A 33 17.34 7.11 -13.32
C GLU A 33 17.17 6.29 -12.05
N GLU A 34 18.29 6.04 -11.36
CA GLU A 34 18.28 5.19 -10.18
C GLU A 34 17.99 6.02 -8.92
N ASN A 35 18.10 7.33 -9.04
CA ASN A 35 17.86 8.22 -7.91
C ASN A 35 16.37 8.30 -7.59
N LYS A 36 15.55 8.51 -8.62
CA LYS A 36 14.11 8.59 -8.42
C LYS A 36 13.51 7.23 -8.05
N THR A 37 14.13 6.14 -8.50
CA THR A 37 13.60 4.81 -8.23
C THR A 37 13.88 4.42 -6.77
N LYS A 38 14.98 4.92 -6.24
CA LYS A 38 15.32 4.71 -4.84
C LYS A 38 14.78 5.86 -3.99
N GLY A 39 13.58 6.31 -4.34
CA GLY A 39 12.94 7.39 -3.64
C GLY A 39 11.44 7.27 -3.72
N PHE A 40 10.74 8.38 -3.53
CA PHE A 40 9.29 8.36 -3.57
C PHE A 40 8.75 8.89 -4.89
N ASP A 41 9.57 9.68 -5.59
CA ASP A 41 9.12 10.37 -6.80
C ASP A 41 8.72 9.39 -7.90
N TYR A 42 9.43 8.27 -8.02
CA TYR A 42 9.15 7.34 -9.11
C TYR A 42 7.82 6.63 -8.84
N LEU A 43 7.69 6.09 -7.63
CA LEU A 43 6.45 5.41 -7.22
C LEU A 43 5.23 6.30 -7.41
N LEU A 44 5.29 7.55 -6.94
CA LEU A 44 4.14 8.44 -7.01
C LEU A 44 3.94 9.00 -8.42
N LYS A 45 5.02 9.11 -9.18
CA LYS A 45 4.89 9.58 -10.56
C LYS A 45 4.26 8.47 -11.40
N ALA A 46 4.53 7.23 -11.00
CA ALA A 46 3.93 6.08 -11.67
C ALA A 46 2.50 5.90 -11.17
N ALA A 47 2.26 6.32 -9.93
CA ALA A 47 0.92 6.36 -9.38
C ALA A 47 0.05 7.31 -10.18
N GLU A 48 0.61 8.45 -10.55
CA GLU A 48 -0.08 9.40 -11.42
C GLU A 48 -0.08 8.90 -12.87
N ALA A 49 0.90 8.08 -13.23
CA ALA A 49 0.98 7.53 -14.57
C ALA A 49 -0.13 6.50 -14.84
N GLY A 50 -0.53 5.79 -13.80
CA GLY A 50 -1.58 4.81 -13.93
C GLY A 50 -1.14 3.40 -13.57
N ASP A 51 0.04 3.32 -12.96
CA ASP A 51 0.58 2.03 -12.52
C ASP A 51 0.04 1.69 -11.14
N ARG A 52 -0.94 0.80 -11.11
CA ARG A 52 -1.70 0.50 -9.90
C ARG A 52 -0.85 -0.04 -8.75
N GLN A 53 0.06 -0.98 -9.05
CA GLN A 53 0.89 -1.57 -7.99
C GLN A 53 1.78 -0.50 -7.35
N SER A 54 2.13 0.52 -8.12
CA SER A 54 2.90 1.64 -7.60
C SER A 54 2.05 2.44 -6.62
N MET A 55 0.75 2.56 -6.96
CA MET A 55 -0.20 3.25 -6.10
C MET A 55 -0.35 2.51 -4.78
N ILE A 56 -0.45 1.18 -4.88
CA ILE A 56 -0.62 0.34 -3.69
C ILE A 56 0.58 0.48 -2.77
N LEU A 57 1.78 0.55 -3.36
CA LEU A 57 2.99 0.72 -2.56
C LEU A 57 2.97 2.03 -1.77
N VAL A 58 2.70 3.16 -2.44
CA VAL A 58 2.66 4.44 -1.72
C VAL A 58 1.55 4.43 -0.67
N ALA A 59 0.43 3.78 -1.00
CA ALA A 59 -0.66 3.59 -0.05
C ALA A 59 -0.16 2.93 1.23
N ARG A 60 0.35 1.71 1.09
CA ARG A 60 0.88 0.94 2.21
C ARG A 60 2.03 1.68 2.91
N ALA A 61 2.76 2.49 2.15
CA ALA A 61 3.85 3.29 2.72
C ALA A 61 3.30 4.32 3.69
N PHE A 62 2.17 4.95 3.31
CA PHE A 62 1.52 5.92 4.16
C PHE A 62 0.79 5.25 5.32
N ASP A 63 0.30 4.03 5.08
CA ASP A 63 -0.40 3.26 6.11
C ASP A 63 0.57 2.77 7.18
N SER A 64 1.64 2.12 6.76
CA SER A 64 2.63 1.59 7.68
C SER A 64 3.41 2.71 8.36
N GLY A 65 3.84 3.69 7.57
CA GLY A 65 4.54 4.84 8.11
C GLY A 65 6.02 4.58 8.34
N GLN A 66 6.43 3.32 8.26
CA GLN A 66 7.79 2.93 8.62
C GLN A 66 8.81 3.31 7.56
N ASN A 67 8.44 3.18 6.29
CA ASN A 67 9.38 3.49 5.21
C ASN A 67 9.07 4.84 4.60
N LEU A 68 8.26 5.63 5.29
CA LEU A 68 7.87 6.94 4.81
C LEU A 68 8.87 8.00 5.28
N SER A 69 9.75 7.60 6.20
CA SER A 69 10.74 8.50 6.82
C SER A 69 10.04 9.49 7.76
N PRO A 70 10.61 9.74 8.96
CA PRO A 70 9.97 10.59 9.99
C PRO A 70 9.86 12.07 9.58
N ASP A 71 10.39 12.41 8.41
CA ASP A 71 10.39 13.80 7.96
C ASP A 71 9.16 14.10 7.10
N ARG A 72 8.27 13.14 6.99
CA ARG A 72 7.01 13.33 6.28
C ARG A 72 5.89 12.67 7.06
N CYS A 73 4.78 13.35 7.18
CA CYS A 73 3.66 12.88 7.99
C CYS A 73 2.82 11.86 7.23
N GLN A 74 2.32 10.85 7.94
CA GLN A 74 1.51 9.81 7.32
C GLN A 74 0.04 10.17 7.37
N ASP A 75 -0.57 10.26 6.19
CA ASP A 75 -1.98 10.61 6.08
C ASP A 75 -2.77 9.39 5.64
N TRP A 76 -3.92 9.17 6.26
CA TRP A 76 -4.71 7.99 5.98
C TRP A 76 -5.81 8.30 4.95
N LEU A 77 -6.03 9.58 4.67
CA LEU A 77 -7.03 9.96 3.69
C LEU A 77 -6.49 9.70 2.28
N GLU A 78 -5.25 10.09 2.04
CA GLU A 78 -4.59 9.83 0.77
C GLU A 78 -4.37 8.34 0.59
N ALA A 79 -3.94 7.68 1.67
CA ALA A 79 -3.84 6.22 1.70
C ALA A 79 -5.15 5.58 1.25
N LEU A 80 -6.25 5.94 1.90
CA LEU A 80 -7.58 5.49 1.48
C LEU A 80 -7.80 5.77 -0.01
N HIS A 81 -7.60 7.02 -0.40
CA HIS A 81 -7.72 7.45 -1.80
C HIS A 81 -6.98 6.50 -2.75
N TRP A 82 -5.77 6.12 -2.40
CA TRP A 82 -4.94 5.30 -3.29
C TRP A 82 -5.39 3.84 -3.28
N TYR A 83 -5.86 3.35 -2.14
CA TYR A 83 -6.46 2.03 -2.08
C TYR A 83 -7.76 2.01 -2.88
N ASN A 84 -8.52 3.09 -2.76
CA ASN A 84 -9.78 3.23 -3.48
C ASN A 84 -9.53 3.21 -4.98
N THR A 85 -8.63 4.07 -5.47
CA THR A 85 -8.28 4.08 -6.88
C THR A 85 -7.86 2.69 -7.37
N ALA A 86 -7.03 1.99 -6.59
CA ALA A 86 -6.58 0.66 -6.98
C ALA A 86 -7.75 -0.29 -7.21
N LEU A 87 -8.68 -0.32 -6.27
CA LEU A 87 -9.85 -1.19 -6.39
C LEU A 87 -10.83 -0.70 -7.46
N GLU A 88 -10.81 0.59 -7.75
CA GLU A 88 -11.80 1.18 -8.66
C GLU A 88 -11.31 1.27 -10.11
N MET A 89 -10.01 1.16 -10.35
CA MET A 89 -9.49 1.25 -11.72
C MET A 89 -9.45 -0.12 -12.40
N THR A 90 -9.89 -1.15 -11.69
CA THR A 90 -9.95 -2.49 -12.25
C THR A 90 -11.36 -2.80 -12.74
N ASP A 91 -11.59 -2.59 -14.02
CA ASP A 91 -12.92 -2.74 -14.59
C ASP A 91 -13.06 -4.02 -15.40
N CYS A 92 -12.03 -4.84 -15.38
CA CYS A 92 -12.01 -6.06 -16.18
C CYS A 92 -12.65 -7.22 -15.43
N ASP A 93 -12.51 -7.22 -14.11
CA ASP A 93 -13.00 -8.30 -13.28
C ASP A 93 -14.49 -8.15 -13.01
N GLU A 94 -15.03 -6.99 -13.31
CA GLU A 94 -16.45 -6.73 -13.10
C GLU A 94 -17.18 -6.65 -14.44
N GLY A 95 -16.77 -7.49 -15.37
CA GLY A 95 -17.38 -7.51 -16.67
C GLY A 95 -17.19 -8.85 -17.35
N GLY A 96 -15.95 -9.14 -17.71
CA GLY A 96 -15.65 -10.39 -18.38
C GLY A 96 -14.61 -11.19 -17.63
N GLU A 97 -14.83 -11.39 -16.34
CA GLU A 97 -13.89 -12.16 -15.52
C GLU A 97 -14.13 -13.64 -15.75
N TYR A 98 -13.44 -14.18 -16.74
CA TYR A 98 -13.52 -15.61 -17.02
C TYR A 98 -12.14 -16.23 -16.99
N ASP A 99 -11.42 -15.97 -15.91
CA ASP A 99 -10.09 -16.53 -15.71
C ASP A 99 -10.00 -17.18 -14.33
N GLY A 100 -10.69 -16.61 -13.36
CA GLY A 100 -10.68 -17.13 -12.01
C GLY A 100 -9.47 -16.64 -11.24
N MET A 101 -9.01 -15.44 -11.59
CA MET A 101 -7.81 -14.88 -10.99
C MET A 101 -8.13 -14.27 -9.63
N GLN A 102 -7.50 -14.78 -8.58
CA GLN A 102 -7.77 -14.33 -7.22
C GLN A 102 -6.48 -14.15 -6.44
N ASP A 103 -5.48 -13.58 -7.11
CA ASP A 103 -4.19 -13.31 -6.48
C ASP A 103 -4.27 -12.02 -5.69
N GLU A 104 -5.15 -11.14 -6.14
CA GLU A 104 -5.35 -9.85 -5.52
C GLU A 104 -6.14 -10.02 -4.23
N PRO A 105 -5.52 -9.75 -3.07
CA PRO A 105 -6.17 -9.93 -1.77
C PRO A 105 -7.12 -8.79 -1.44
N ARG A 106 -8.12 -8.61 -2.29
CA ARG A 106 -9.09 -7.53 -2.14
C ARG A 106 -9.79 -7.57 -0.78
N TYR A 107 -10.11 -8.76 -0.28
CA TYR A 107 -10.86 -8.88 0.97
C TYR A 107 -10.09 -8.27 2.15
N MET A 108 -8.76 -8.35 2.11
CA MET A 108 -7.93 -7.82 3.19
C MET A 108 -7.94 -6.30 3.15
N MET A 109 -7.91 -5.78 1.94
CA MET A 109 -7.94 -4.33 1.74
C MET A 109 -9.29 -3.78 2.16
N LEU A 110 -10.34 -4.45 1.72
CA LEU A 110 -11.71 -4.07 2.07
C LEU A 110 -11.87 -4.03 3.60
N ALA A 111 -11.33 -5.06 4.26
CA ALA A 111 -11.40 -5.14 5.71
C ALA A 111 -10.64 -4.01 6.39
N ARG A 112 -9.37 -3.81 5.99
CA ARG A 112 -8.54 -2.74 6.54
C ARG A 112 -9.16 -1.37 6.32
N GLU A 113 -9.50 -1.07 5.07
CA GLU A 113 -10.11 0.20 4.72
C GLU A 113 -11.44 0.39 5.46
N ALA A 114 -12.21 -0.69 5.61
CA ALA A 114 -13.42 -0.65 6.42
C ALA A 114 -13.12 -0.16 7.83
N GLU A 115 -12.12 -0.77 8.47
CA GLU A 115 -11.70 -0.35 9.80
C GLU A 115 -11.29 1.13 9.80
N MET A 116 -10.54 1.54 8.79
CA MET A 116 -10.15 2.93 8.62
C MET A 116 -11.38 3.84 8.60
N LEU A 117 -12.30 3.57 7.69
CA LEU A 117 -13.53 4.37 7.54
C LEU A 117 -14.41 4.32 8.79
N PHE A 118 -14.41 3.21 9.52
CA PHE A 118 -15.30 3.08 10.67
C PHE A 118 -14.73 3.77 11.91
N THR A 119 -13.40 3.93 11.96
CA THR A 119 -12.78 4.58 13.11
C THR A 119 -12.74 6.10 12.93
N GLY A 120 -12.03 6.57 11.91
CA GLY A 120 -11.98 8.00 11.64
C GLY A 120 -10.82 8.67 12.36
N GLY A 121 -10.69 9.97 12.14
CA GLY A 121 -9.65 10.73 12.80
C GLY A 121 -8.65 11.34 11.84
N TYR A 122 -8.23 12.57 12.15
CA TYR A 122 -7.19 13.26 11.38
C TYR A 122 -7.57 13.40 9.91
N GLY A 123 -8.62 14.17 9.64
CA GLY A 123 -9.03 14.41 8.28
C GLY A 123 -10.02 13.38 7.77
N LEU A 124 -9.80 12.13 8.14
CA LEU A 124 -10.65 11.05 7.68
C LEU A 124 -11.92 10.99 8.53
N GLU A 125 -13.06 10.89 7.86
CA GLU A 125 -14.34 10.90 8.56
C GLU A 125 -14.71 9.51 9.07
N LYS A 126 -15.70 9.47 9.96
CA LYS A 126 -16.16 8.22 10.56
C LYS A 126 -17.51 7.84 9.97
N ASP A 127 -17.49 6.98 8.96
CA ASP A 127 -18.73 6.58 8.27
C ASP A 127 -19.06 5.13 8.57
N PRO A 128 -19.98 4.88 9.50
CA PRO A 128 -20.36 3.53 9.93
C PRO A 128 -21.02 2.70 8.82
N GLN A 129 -21.91 3.32 8.05
CA GLN A 129 -22.66 2.58 7.04
C GLN A 129 -21.77 2.18 5.85
N ARG A 130 -20.77 2.98 5.53
CA ARG A 130 -19.89 2.66 4.41
C ARG A 130 -18.91 1.57 4.83
N SER A 131 -18.50 1.60 6.09
CA SER A 131 -17.58 0.60 6.61
C SER A 131 -18.27 -0.74 6.79
N GLY A 132 -19.45 -0.73 7.41
CA GLY A 132 -20.25 -1.94 7.49
C GLY A 132 -20.44 -2.58 6.13
N ASP A 133 -20.85 -1.76 5.18
CA ASP A 133 -20.95 -2.16 3.78
C ASP A 133 -19.63 -2.79 3.31
N LEU A 134 -18.51 -2.13 3.58
CA LEU A 134 -17.21 -2.67 3.19
C LEU A 134 -16.89 -4.02 3.82
N TYR A 135 -17.27 -4.26 5.09
CA TYR A 135 -17.01 -5.56 5.69
C TYR A 135 -17.83 -6.62 4.97
N THR A 136 -19.03 -6.24 4.53
CA THR A 136 -19.90 -7.14 3.81
C THR A 136 -19.30 -7.46 2.44
N GLN A 137 -18.78 -6.43 1.76
CA GLN A 137 -18.09 -6.64 0.49
C GLN A 137 -16.86 -7.53 0.69
N ALA A 138 -16.16 -7.31 1.79
CA ALA A 138 -15.01 -8.14 2.13
C ALA A 138 -15.42 -9.60 2.26
N ALA A 139 -16.44 -9.83 3.06
CA ALA A 139 -16.94 -11.17 3.31
C ALA A 139 -17.46 -11.86 2.06
N GLU A 140 -18.16 -11.13 1.18
CA GLU A 140 -18.66 -11.75 -0.04
C GLU A 140 -17.48 -12.07 -0.96
N ALA A 141 -16.48 -11.17 -0.98
CA ALA A 141 -15.26 -11.42 -1.74
C ALA A 141 -14.56 -12.67 -1.23
N ALA A 142 -14.56 -12.86 0.09
CA ALA A 142 -13.94 -14.01 0.71
C ALA A 142 -14.71 -15.28 0.38
N MET A 143 -16.04 -15.18 0.40
CA MET A 143 -16.91 -16.29 -0.05
C MET A 143 -16.55 -16.68 -1.48
N GLU A 144 -16.40 -15.68 -2.34
CA GLU A 144 -16.07 -15.92 -3.75
C GLU A 144 -14.66 -16.52 -3.86
N ALA A 145 -13.79 -16.14 -2.93
CA ALA A 145 -12.43 -16.67 -2.87
C ALA A 145 -12.37 -18.03 -2.17
N MET A 146 -13.55 -18.60 -1.90
CA MET A 146 -13.67 -19.90 -1.24
C MET A 146 -13.02 -19.89 0.15
N LYS A 147 -13.09 -18.75 0.82
CA LYS A 147 -12.55 -18.64 2.16
C LYS A 147 -13.66 -18.38 3.17
N GLY A 148 -14.33 -19.46 3.56
CA GLY A 148 -15.44 -19.39 4.49
C GLY A 148 -15.10 -18.70 5.80
N ARG A 149 -13.96 -19.08 6.38
CA ARG A 149 -13.54 -18.55 7.67
C ARG A 149 -13.50 -17.01 7.68
N LEU A 150 -12.80 -16.43 6.71
CA LEU A 150 -12.69 -14.97 6.64
C LEU A 150 -14.06 -14.34 6.43
N ALA A 151 -14.88 -14.98 5.59
CA ALA A 151 -16.21 -14.48 5.30
C ALA A 151 -17.06 -14.42 6.56
N ASN A 152 -17.06 -15.49 7.36
CA ASN A 152 -17.88 -15.51 8.56
C ASN A 152 -17.28 -14.61 9.63
N GLN A 153 -15.97 -14.39 9.57
CA GLN A 153 -15.30 -13.55 10.54
C GLN A 153 -15.71 -12.10 10.35
N TYR A 154 -15.54 -11.60 9.14
CA TYR A 154 -15.92 -10.22 8.83
C TYR A 154 -17.43 -10.05 8.82
N TYR A 155 -18.18 -11.11 8.55
CA TYR A 155 -19.64 -11.04 8.61
C TYR A 155 -20.08 -10.83 10.06
N GLN A 156 -19.42 -11.52 10.98
CA GLN A 156 -19.67 -11.31 12.41
C GLN A 156 -19.35 -9.86 12.79
N LYS A 157 -18.26 -9.33 12.22
CA LYS A 157 -17.90 -7.93 12.45
C LYS A 157 -18.96 -6.98 11.87
N ALA A 158 -19.51 -7.34 10.70
CA ALA A 158 -20.53 -6.52 10.05
C ALA A 158 -21.78 -6.40 10.90
N GLU A 159 -22.26 -7.53 11.43
CA GLU A 159 -23.47 -7.52 12.23
C GLU A 159 -23.22 -6.74 13.52
N GLU A 160 -21.99 -6.86 14.03
CA GLU A 160 -21.60 -6.17 15.24
C GLU A 160 -21.54 -4.65 15.00
N ALA A 161 -21.09 -4.26 13.80
CA ALA A 161 -21.04 -2.86 13.42
C ALA A 161 -22.41 -2.22 13.46
N TRP A 162 -23.39 -2.86 12.84
CA TRP A 162 -24.75 -2.29 12.81
C TRP A 162 -25.38 -2.38 14.20
N ALA A 163 -24.88 -3.30 15.04
CA ALA A 163 -25.32 -3.38 16.43
C ALA A 163 -24.82 -2.15 17.22
N GLN A 164 -23.63 -1.67 16.88
CA GLN A 164 -23.07 -0.49 17.52
C GLN A 164 -23.62 0.78 16.85
N MET A 165 -24.31 0.57 15.74
CA MET A 165 -24.98 1.66 15.04
C MET A 165 -26.38 1.86 15.61
N GLU A 166 -27.21 0.85 15.48
CA GLU A 166 -28.60 0.94 15.91
C GLU A 166 -28.69 0.61 17.40
N GLU A 167 -28.58 1.64 18.23
CA GLU A 167 -28.67 1.49 19.67
C GLU A 167 -29.83 2.32 20.20
N SER A 1 35.18 -31.75 -2.84
CA SER A 1 36.65 -31.67 -3.02
C SER A 1 37.26 -30.54 -2.20
N HIS A 2 36.42 -29.63 -1.67
CA HIS A 2 36.92 -28.51 -0.89
C HIS A 2 37.22 -28.96 0.53
N MET A 3 38.47 -28.76 0.95
CA MET A 3 38.91 -29.15 2.28
C MET A 3 40.31 -28.61 2.54
N GLY A 4 40.55 -28.16 3.76
CA GLY A 4 41.85 -27.65 4.13
C GLY A 4 42.00 -27.51 5.62
N GLU A 5 43.21 -27.22 6.08
CA GLU A 5 43.48 -27.04 7.50
C GLU A 5 43.48 -25.57 7.87
N LEU A 6 43.16 -24.72 6.89
CA LEU A 6 43.12 -23.28 7.12
C LEU A 6 41.79 -22.87 7.73
N GLU A 7 41.83 -22.40 8.95
CA GLU A 7 40.62 -21.94 9.63
C GLU A 7 40.50 -20.43 9.50
N ALA A 8 40.03 -19.96 8.35
CA ALA A 8 39.93 -18.53 8.10
C ALA A 8 38.48 -18.11 7.92
N ILE A 9 37.62 -18.63 8.77
CA ILE A 9 36.20 -18.28 8.73
C ILE A 9 35.95 -17.06 9.62
N VAL A 10 35.83 -15.91 9.00
CA VAL A 10 35.68 -14.66 9.74
C VAL A 10 34.22 -14.43 10.08
N GLY A 11 33.89 -14.52 11.35
CA GLY A 11 32.52 -14.29 11.77
C GLY A 11 32.36 -12.92 12.40
N LEU A 12 31.25 -12.71 13.09
CA LEU A 12 31.00 -11.44 13.75
C LEU A 12 31.63 -11.45 15.14
N GLY A 13 32.92 -11.72 15.18
CA GLY A 13 33.66 -11.71 16.42
C GLY A 13 34.36 -10.39 16.62
N LEU A 14 35.40 -10.17 15.83
CA LEU A 14 36.16 -8.91 15.85
C LEU A 14 36.69 -8.63 17.25
N MET A 15 37.81 -9.24 17.59
CA MET A 15 38.42 -9.01 18.90
C MET A 15 39.21 -7.71 18.90
N TYR A 16 38.48 -6.59 18.91
CA TYR A 16 39.11 -5.28 18.99
C TYR A 16 39.31 -4.88 20.44
N SER A 17 40.42 -4.23 20.72
CA SER A 17 40.73 -3.79 22.06
C SER A 17 40.13 -2.40 22.33
N GLN A 18 40.11 -1.56 21.29
CA GLN A 18 39.57 -0.22 21.42
C GLN A 18 39.08 0.29 20.06
N LEU A 19 37.89 0.88 20.04
CA LEU A 19 37.36 1.50 18.82
C LEU A 19 37.21 2.99 19.02
N PRO A 20 38.28 3.77 18.77
CA PRO A 20 38.25 5.23 18.95
C PRO A 20 37.25 5.91 18.02
N HIS A 21 36.27 6.59 18.61
CA HIS A 21 35.26 7.29 17.84
C HIS A 21 35.79 8.68 17.43
N HIS A 22 36.95 9.04 17.97
CA HIS A 22 37.56 10.32 17.67
C HIS A 22 38.18 10.34 16.28
N ILE A 23 38.10 9.21 15.59
CA ILE A 23 38.64 9.10 14.24
C ILE A 23 37.76 9.86 13.25
N LEU A 24 38.39 10.50 12.28
CA LEU A 24 37.66 11.26 11.27
C LEU A 24 38.26 10.99 9.90
N ALA A 25 39.34 10.23 9.88
CA ALA A 25 40.02 9.91 8.62
C ALA A 25 39.70 8.49 8.19
N ASP A 26 38.41 8.18 8.15
CA ASP A 26 37.97 6.85 7.77
C ASP A 26 37.34 6.89 6.39
N VAL A 27 37.47 5.80 5.65
CA VAL A 27 36.92 5.73 4.30
C VAL A 27 35.67 4.86 4.26
N SER A 28 34.90 4.89 5.35
CA SER A 28 33.66 4.15 5.41
C SER A 28 32.49 5.06 5.07
N LEU A 29 31.88 4.84 3.92
CA LEU A 29 30.75 5.65 3.48
C LEU A 29 29.46 4.86 3.57
N LYS A 30 28.39 5.53 3.95
CA LYS A 30 27.08 4.90 4.02
C LYS A 30 26.14 5.57 3.02
N GLU A 31 26.43 5.38 1.75
CA GLU A 31 25.63 5.95 0.68
C GLU A 31 24.73 4.88 0.10
N THR A 32 23.60 4.64 0.76
CA THR A 32 22.67 3.62 0.34
C THR A 32 21.91 4.05 -0.91
N GLU A 33 22.33 3.51 -2.05
CA GLU A 33 21.74 3.87 -3.34
C GLU A 33 20.43 3.11 -3.58
N GLU A 34 20.19 2.10 -2.75
CA GLU A 34 19.00 1.27 -2.86
C GLU A 34 17.75 2.01 -2.37
N ASN A 35 17.93 3.29 -2.02
CA ASN A 35 16.81 4.09 -1.53
C ASN A 35 16.15 4.84 -2.68
N LYS A 36 16.97 5.35 -3.60
CA LYS A 36 16.46 6.10 -4.74
C LYS A 36 15.89 5.17 -5.82
N THR A 37 16.26 3.89 -5.76
CA THR A 37 15.73 2.91 -6.68
C THR A 37 14.26 2.64 -6.36
N LYS A 38 13.90 2.91 -5.11
CA LYS A 38 12.52 2.81 -4.65
C LYS A 38 12.02 4.19 -4.26
N GLY A 39 12.53 5.20 -4.96
CA GLY A 39 12.25 6.58 -4.62
C GLY A 39 10.78 6.92 -4.62
N PHE A 40 10.33 7.55 -3.53
CA PHE A 40 8.96 8.03 -3.39
C PHE A 40 8.40 8.63 -4.67
N ASP A 41 9.18 9.49 -5.34
CA ASP A 41 8.71 10.16 -6.55
C ASP A 41 8.36 9.14 -7.63
N TYR A 42 9.10 8.04 -7.69
CA TYR A 42 8.92 7.06 -8.76
C TYR A 42 7.63 6.28 -8.51
N LEU A 43 7.50 5.75 -7.28
CA LEU A 43 6.29 5.02 -6.89
C LEU A 43 5.03 5.84 -7.12
N LEU A 44 5.05 7.10 -6.68
CA LEU A 44 3.85 7.94 -6.77
C LEU A 44 3.65 8.42 -8.21
N LYS A 45 4.74 8.58 -8.97
CA LYS A 45 4.61 8.96 -10.38
C LYS A 45 3.94 7.83 -11.15
N ALA A 46 4.26 6.60 -10.75
CA ALA A 46 3.70 5.43 -11.40
C ALA A 46 2.30 5.17 -10.86
N ALA A 47 2.07 5.58 -9.63
CA ALA A 47 0.74 5.54 -9.04
C ALA A 47 -0.19 6.47 -9.81
N GLU A 48 0.29 7.67 -10.11
CA GLU A 48 -0.49 8.60 -10.92
C GLU A 48 -0.56 8.11 -12.37
N ALA A 49 0.41 7.29 -12.79
CA ALA A 49 0.40 6.73 -14.13
C ALA A 49 -0.69 5.68 -14.29
N GLY A 50 -0.96 4.92 -13.23
CA GLY A 50 -1.99 3.91 -13.28
C GLY A 50 -1.49 2.52 -12.93
N ASP A 51 -0.28 2.46 -12.41
CA ASP A 51 0.30 1.19 -11.96
C ASP A 51 -0.33 0.76 -10.66
N ARG A 52 -1.23 -0.20 -10.75
CA ARG A 52 -1.98 -0.70 -9.60
C ARG A 52 -1.05 -1.14 -8.46
N GLN A 53 -0.03 -1.94 -8.76
CA GLN A 53 0.85 -2.46 -7.72
C GLN A 53 1.63 -1.34 -7.04
N SER A 54 1.99 -0.31 -7.81
CA SER A 54 2.72 0.84 -7.27
C SER A 54 1.77 1.72 -6.46
N MET A 55 0.52 1.73 -6.91
CA MET A 55 -0.54 2.48 -6.24
C MET A 55 -0.83 1.85 -4.88
N ILE A 56 -0.85 0.52 -4.86
CA ILE A 56 -1.04 -0.23 -3.62
C ILE A 56 0.16 -0.01 -2.70
N LEU A 57 1.35 0.11 -3.30
CA LEU A 57 2.57 0.38 -2.53
C LEU A 57 2.47 1.72 -1.78
N VAL A 58 2.16 2.81 -2.48
CA VAL A 58 2.06 4.11 -1.82
C VAL A 58 0.97 4.09 -0.76
N ALA A 59 -0.13 3.40 -1.06
CA ALA A 59 -1.19 3.19 -0.08
C ALA A 59 -0.64 2.58 1.20
N ARG A 60 -0.04 1.39 1.09
CA ARG A 60 0.58 0.70 2.21
C ARG A 60 1.62 1.58 2.89
N ALA A 61 2.32 2.39 2.11
CA ALA A 61 3.37 3.26 2.63
C ALA A 61 2.79 4.28 3.58
N PHE A 62 1.65 4.85 3.21
CA PHE A 62 0.97 5.83 4.05
C PHE A 62 0.23 5.16 5.20
N ASP A 63 -0.25 3.95 4.97
CA ASP A 63 -1.02 3.22 5.98
C ASP A 63 -0.12 2.66 7.09
N SER A 64 0.92 1.94 6.70
CA SER A 64 1.83 1.35 7.67
C SER A 64 2.65 2.42 8.38
N GLY A 65 3.01 3.47 7.63
CA GLY A 65 3.84 4.52 8.18
C GLY A 65 5.31 4.13 8.22
N GLN A 66 5.61 2.91 7.77
CA GLN A 66 6.97 2.38 7.84
C GLN A 66 7.78 2.76 6.61
N ASN A 67 7.28 2.42 5.42
CA ASN A 67 8.02 2.71 4.20
C ASN A 67 7.89 4.16 3.79
N LEU A 68 7.25 4.95 4.64
CA LEU A 68 7.05 6.36 4.40
C LEU A 68 8.17 7.19 5.04
N SER A 69 9.07 6.50 5.75
CA SER A 69 10.16 7.11 6.53
C SER A 69 9.60 7.86 7.75
N PRO A 70 10.36 7.94 8.85
CA PRO A 70 9.91 8.60 10.07
C PRO A 70 10.02 10.12 9.97
N ASP A 71 10.44 10.59 8.81
CA ASP A 71 10.58 12.03 8.57
C ASP A 71 9.38 12.58 7.80
N ARG A 72 8.32 11.78 7.69
CA ARG A 72 7.11 12.20 7.00
C ARG A 72 5.88 11.78 7.80
N CYS A 73 4.82 12.58 7.73
CA CYS A 73 3.58 12.26 8.42
C CYS A 73 2.66 11.47 7.49
N GLN A 74 1.96 10.49 8.03
CA GLN A 74 1.08 9.65 7.23
C GLN A 74 -0.34 10.18 7.24
N ASP A 75 -0.92 10.30 6.05
CA ASP A 75 -2.29 10.75 5.91
C ASP A 75 -3.18 9.58 5.51
N TRP A 76 -4.26 9.37 6.24
CA TRP A 76 -5.10 8.21 6.03
C TRP A 76 -6.16 8.46 4.95
N LEU A 77 -6.42 9.72 4.65
CA LEU A 77 -7.40 10.05 3.61
C LEU A 77 -6.81 9.72 2.25
N GLU A 78 -5.53 10.04 2.07
CA GLU A 78 -4.84 9.71 0.82
C GLU A 78 -4.70 8.20 0.69
N ALA A 79 -4.33 7.54 1.79
CA ALA A 79 -4.28 6.09 1.85
C ALA A 79 -5.60 5.49 1.38
N LEU A 80 -6.70 5.89 2.02
CA LEU A 80 -8.04 5.47 1.59
C LEU A 80 -8.21 5.72 0.09
N HIS A 81 -7.98 6.96 -0.33
CA HIS A 81 -8.05 7.34 -1.74
C HIS A 81 -7.32 6.34 -2.64
N TRP A 82 -6.11 5.96 -2.27
CA TRP A 82 -5.29 5.12 -3.14
C TRP A 82 -5.78 3.67 -3.13
N TYR A 83 -6.20 3.18 -1.97
CA TYR A 83 -6.78 1.83 -1.89
C TYR A 83 -8.09 1.77 -2.67
N ASN A 84 -8.91 2.79 -2.46
CA ASN A 84 -10.24 2.84 -3.04
C ASN A 84 -10.15 3.02 -4.55
N THR A 85 -9.15 3.78 -5.00
CA THR A 85 -8.92 3.99 -6.42
C THR A 85 -8.40 2.71 -7.07
N ALA A 86 -7.49 2.00 -6.38
CA ALA A 86 -6.97 0.74 -6.88
C ALA A 86 -8.11 -0.27 -7.07
N LEU A 87 -8.97 -0.37 -6.06
CA LEU A 87 -10.14 -1.24 -6.14
C LEU A 87 -11.22 -0.65 -7.06
N GLU A 88 -11.16 0.66 -7.32
CA GLU A 88 -12.14 1.32 -8.18
C GLU A 88 -11.88 0.98 -9.65
N MET A 89 -10.61 0.87 -10.03
CA MET A 89 -10.26 0.59 -11.42
C MET A 89 -9.90 -0.88 -11.62
N THR A 90 -10.26 -1.73 -10.67
CA THR A 90 -9.97 -3.14 -10.82
C THR A 90 -11.18 -3.87 -11.39
N ASP A 91 -10.99 -4.46 -12.56
CA ASP A 91 -12.03 -5.28 -13.18
C ASP A 91 -11.38 -6.49 -13.84
N CYS A 92 -10.08 -6.40 -14.04
CA CYS A 92 -9.32 -7.48 -14.65
C CYS A 92 -9.15 -8.62 -13.65
N ASP A 93 -9.56 -8.38 -12.41
CA ASP A 93 -9.50 -9.39 -11.37
C ASP A 93 -10.67 -10.35 -11.49
N GLU A 94 -11.67 -9.95 -12.26
CA GLU A 94 -12.88 -10.74 -12.44
C GLU A 94 -12.82 -11.52 -13.75
N GLY A 95 -11.66 -12.08 -14.03
CA GLY A 95 -11.50 -12.88 -15.23
C GLY A 95 -11.25 -14.33 -14.90
N GLY A 96 -9.98 -14.67 -14.70
CA GLY A 96 -9.61 -16.03 -14.32
C GLY A 96 -8.16 -16.13 -13.93
N GLU A 97 -7.77 -15.40 -12.90
CA GLU A 97 -6.39 -15.39 -12.44
C GLU A 97 -6.32 -15.71 -10.95
N TYR A 98 -6.16 -16.98 -10.65
CA TYR A 98 -6.03 -17.43 -9.27
C TYR A 98 -4.86 -18.41 -9.18
N ASP A 99 -3.67 -17.91 -9.43
CA ASP A 99 -2.46 -18.75 -9.47
C ASP A 99 -1.89 -19.00 -8.09
N GLY A 100 -2.76 -19.06 -7.08
CA GLY A 100 -2.32 -19.25 -5.72
C GLY A 100 -1.41 -18.13 -5.25
N MET A 101 -1.91 -16.92 -5.30
CA MET A 101 -1.12 -15.74 -4.96
C MET A 101 -2.03 -14.63 -4.46
N GLN A 102 -1.46 -13.70 -3.71
CA GLN A 102 -2.24 -12.62 -3.12
C GLN A 102 -1.52 -11.29 -3.20
N ASP A 103 -1.00 -10.97 -4.38
CA ASP A 103 -0.39 -9.66 -4.60
C ASP A 103 -1.48 -8.59 -4.61
N GLU A 104 -2.70 -9.03 -4.85
CA GLU A 104 -3.86 -8.16 -4.75
C GLU A 104 -4.80 -8.69 -3.66
N PRO A 105 -4.52 -8.37 -2.39
CA PRO A 105 -5.35 -8.79 -1.28
C PRO A 105 -6.61 -7.95 -1.19
N ARG A 106 -7.46 -8.10 -2.20
CA ARG A 106 -8.67 -7.29 -2.33
C ARG A 106 -9.53 -7.32 -1.07
N TYR A 107 -9.81 -8.52 -0.54
CA TYR A 107 -10.66 -8.63 0.63
C TYR A 107 -9.99 -8.06 1.89
N MET A 108 -8.67 -8.15 1.98
CA MET A 108 -7.95 -7.67 3.15
C MET A 108 -7.85 -6.16 3.09
N MET A 109 -7.76 -5.65 1.86
CA MET A 109 -7.70 -4.23 1.61
C MET A 109 -9.03 -3.58 1.99
N LEU A 110 -10.11 -4.19 1.56
CA LEU A 110 -11.47 -3.74 1.89
C LEU A 110 -11.67 -3.71 3.41
N ALA A 111 -11.23 -4.79 4.06
CA ALA A 111 -11.33 -4.91 5.50
C ALA A 111 -10.54 -3.82 6.21
N ARG A 112 -9.31 -3.60 5.74
CA ARG A 112 -8.44 -2.55 6.28
C ARG A 112 -9.09 -1.17 6.14
N GLU A 113 -9.58 -0.86 4.94
CA GLU A 113 -10.27 0.40 4.70
C GLU A 113 -11.43 0.55 5.67
N ALA A 114 -12.25 -0.48 5.77
CA ALA A 114 -13.38 -0.49 6.69
C ALA A 114 -12.97 -0.09 8.10
N GLU A 115 -11.97 -0.80 8.64
CA GLU A 115 -11.40 -0.44 9.95
C GLU A 115 -11.02 1.03 10.02
N MET A 116 -10.24 1.48 9.05
CA MET A 116 -9.79 2.86 9.00
C MET A 116 -10.96 3.84 8.97
N LEU A 117 -11.92 3.61 8.07
CA LEU A 117 -13.11 4.46 7.94
C LEU A 117 -13.97 4.46 9.20
N PHE A 118 -14.06 3.33 9.89
CA PHE A 118 -14.93 3.20 11.04
C PHE A 118 -14.30 3.80 12.30
N THR A 119 -12.97 3.87 12.35
CA THR A 119 -12.31 4.40 13.52
C THR A 119 -12.12 5.92 13.45
N GLY A 120 -11.42 6.40 12.42
CA GLY A 120 -11.18 7.81 12.28
C GLY A 120 -9.85 8.08 11.61
N GLY A 121 -9.37 9.31 11.70
CA GLY A 121 -8.08 9.62 11.10
C GLY A 121 -7.80 11.12 10.99
N TYR A 122 -8.35 11.91 11.93
CA TYR A 122 -8.06 13.35 12.02
C TYR A 122 -8.03 14.03 10.65
N GLY A 123 -9.21 14.31 10.11
CA GLY A 123 -9.31 14.79 8.75
C GLY A 123 -10.05 13.79 7.89
N LEU A 124 -10.15 12.58 8.41
CA LEU A 124 -10.94 11.54 7.79
C LEU A 124 -12.27 11.41 8.51
N GLU A 125 -13.34 11.32 7.75
CA GLU A 125 -14.68 11.25 8.32
C GLU A 125 -14.98 9.83 8.81
N LYS A 126 -15.47 9.72 10.03
CA LYS A 126 -15.86 8.42 10.59
C LYS A 126 -17.27 8.08 10.15
N ASP A 127 -17.37 7.26 9.11
CA ASP A 127 -18.68 6.91 8.55
C ASP A 127 -18.94 5.41 8.71
N PRO A 128 -19.77 5.05 9.69
CA PRO A 128 -20.08 3.65 10.01
C PRO A 128 -20.76 2.88 8.87
N GLN A 129 -21.64 3.53 8.12
CA GLN A 129 -22.42 2.83 7.11
C GLN A 129 -21.56 2.41 5.90
N ARG A 130 -20.57 3.23 5.56
CA ARG A 130 -19.70 2.90 4.45
C ARG A 130 -18.74 1.79 4.89
N SER A 131 -18.44 1.78 6.19
CA SER A 131 -17.58 0.77 6.77
C SER A 131 -18.28 -0.59 6.81
N GLY A 132 -19.51 -0.62 7.32
CA GLY A 132 -20.29 -1.84 7.31
C GLY A 132 -20.39 -2.44 5.92
N ASP A 133 -20.75 -1.59 4.97
CA ASP A 133 -20.78 -1.96 3.56
C ASP A 133 -19.44 -2.58 3.13
N LEU A 134 -18.34 -1.90 3.44
CA LEU A 134 -17.02 -2.40 3.07
C LEU A 134 -16.70 -3.75 3.70
N TYR A 135 -17.12 -4.01 4.96
CA TYR A 135 -16.86 -5.32 5.55
C TYR A 135 -17.64 -6.38 4.79
N THR A 136 -18.84 -6.03 4.36
CA THR A 136 -19.68 -6.95 3.63
C THR A 136 -19.06 -7.25 2.27
N GLN A 137 -18.60 -6.21 1.58
CA GLN A 137 -17.92 -6.39 0.30
C GLN A 137 -16.66 -7.23 0.47
N ALA A 138 -15.91 -6.95 1.53
CA ALA A 138 -14.71 -7.72 1.85
C ALA A 138 -15.06 -9.20 2.03
N ALA A 139 -16.05 -9.44 2.88
CA ALA A 139 -16.50 -10.80 3.15
C ALA A 139 -17.02 -11.49 1.89
N GLU A 140 -17.70 -10.76 1.01
CA GLU A 140 -18.21 -11.35 -0.22
C GLU A 140 -17.04 -11.70 -1.14
N ALA A 141 -16.06 -10.80 -1.23
CA ALA A 141 -14.87 -11.04 -2.03
C ALA A 141 -14.12 -12.25 -1.49
N ALA A 142 -14.15 -12.45 -0.17
CA ALA A 142 -13.53 -13.58 0.46
C ALA A 142 -14.30 -14.87 0.14
N MET A 143 -15.63 -14.77 0.21
CA MET A 143 -16.50 -15.89 -0.21
C MET A 143 -16.15 -16.32 -1.64
N GLU A 144 -16.01 -15.32 -2.51
CA GLU A 144 -15.72 -15.57 -3.91
C GLU A 144 -14.32 -16.17 -4.05
N ALA A 145 -13.42 -15.77 -3.16
CA ALA A 145 -12.05 -16.28 -3.15
C ALA A 145 -11.92 -17.61 -2.41
N MET A 146 -13.08 -18.20 -2.05
CA MET A 146 -13.12 -19.46 -1.30
C MET A 146 -12.46 -19.35 0.06
N LYS A 147 -12.50 -18.15 0.63
CA LYS A 147 -11.95 -17.92 1.96
C LYS A 147 -13.09 -17.84 2.98
N GLY A 148 -13.65 -19.01 3.32
CA GLY A 148 -14.82 -19.08 4.18
C GLY A 148 -14.61 -18.44 5.54
N ARG A 149 -13.49 -18.76 6.18
CA ARG A 149 -13.20 -18.27 7.53
C ARG A 149 -13.20 -16.75 7.59
N LEU A 150 -12.43 -16.13 6.70
CA LEU A 150 -12.32 -14.67 6.67
C LEU A 150 -13.68 -14.04 6.37
N ALA A 151 -14.43 -14.66 5.44
CA ALA A 151 -15.73 -14.16 5.07
C ALA A 151 -16.69 -14.16 6.26
N ASN A 152 -16.73 -15.26 7.00
CA ASN A 152 -17.65 -15.36 8.12
C ASN A 152 -17.18 -14.49 9.28
N GLN A 153 -15.88 -14.23 9.33
CA GLN A 153 -15.32 -13.42 10.40
C GLN A 153 -15.73 -11.97 10.20
N TYR A 154 -15.48 -11.43 9.01
CA TYR A 154 -15.86 -10.06 8.74
C TYR A 154 -17.37 -9.90 8.59
N TYR A 155 -18.08 -10.99 8.29
CA TYR A 155 -19.54 -10.93 8.29
C TYR A 155 -20.06 -10.78 9.72
N GLN A 156 -19.44 -11.53 10.64
CA GLN A 156 -19.76 -11.39 12.06
C GLN A 156 -19.38 -9.98 12.54
N LYS A 157 -18.26 -9.47 12.02
CA LYS A 157 -17.84 -8.11 12.31
C LYS A 157 -18.88 -7.10 11.78
N ALA A 158 -19.41 -7.37 10.60
CA ALA A 158 -20.44 -6.53 10.00
C ALA A 158 -21.68 -6.46 10.86
N GLU A 159 -22.09 -7.60 11.43
CA GLU A 159 -23.27 -7.63 12.28
C GLU A 159 -23.01 -6.82 13.53
N GLU A 160 -21.76 -6.88 14.00
CA GLU A 160 -21.34 -6.11 15.17
C GLU A 160 -21.42 -4.61 14.86
N ALA A 161 -20.98 -4.23 13.66
CA ALA A 161 -20.98 -2.83 13.25
C ALA A 161 -22.38 -2.25 13.24
N TRP A 162 -23.34 -2.96 12.63
CA TRP A 162 -24.70 -2.45 12.57
C TRP A 162 -25.39 -2.56 13.94
N ALA A 163 -24.90 -3.44 14.81
CA ALA A 163 -25.44 -3.57 16.15
C ALA A 163 -25.06 -2.37 17.02
N GLN A 164 -23.87 -1.82 16.80
CA GLN A 164 -23.43 -0.63 17.52
C GLN A 164 -23.54 0.62 16.64
N MET A 165 -24.03 0.42 15.43
CA MET A 165 -24.26 1.52 14.49
C MET A 165 -25.30 2.48 15.03
N GLU A 166 -24.84 3.54 15.69
CA GLU A 166 -25.72 4.56 16.21
C GLU A 166 -24.94 5.87 16.35
N GLU A 167 -25.02 6.69 15.32
CA GLU A 167 -24.36 7.99 15.33
C GLU A 167 -25.18 8.99 16.12
N SER A 1 43.01 12.19 -50.70
CA SER A 1 41.77 11.57 -50.21
C SER A 1 41.95 11.03 -48.79
N HIS A 2 42.28 11.92 -47.87
CA HIS A 2 42.45 11.56 -46.47
C HIS A 2 41.92 12.69 -45.59
N MET A 3 41.12 12.34 -44.60
CA MET A 3 40.49 13.35 -43.76
C MET A 3 41.49 13.94 -42.78
N GLY A 4 41.96 15.14 -43.10
CA GLY A 4 42.96 15.80 -42.29
C GLY A 4 44.15 16.19 -43.11
N GLU A 5 44.71 15.19 -43.80
CA GLU A 5 45.88 15.35 -44.67
C GLU A 5 47.15 15.63 -43.85
N LEU A 6 47.17 16.76 -43.16
CA LEU A 6 48.30 17.11 -42.31
C LEU A 6 48.13 16.46 -40.95
N GLU A 7 49.22 15.91 -40.43
CA GLU A 7 49.19 15.25 -39.13
C GLU A 7 49.42 16.28 -38.02
N ALA A 8 48.54 16.29 -37.03
CA ALA A 8 48.61 17.29 -35.96
C ALA A 8 48.58 16.63 -34.59
N ILE A 9 49.54 16.97 -33.75
CA ILE A 9 49.61 16.44 -32.40
C ILE A 9 48.73 17.29 -31.48
N VAL A 10 47.93 16.65 -30.64
CA VAL A 10 47.03 17.37 -29.75
C VAL A 10 47.51 17.29 -28.31
N GLY A 11 47.41 18.41 -27.60
CA GLY A 11 47.84 18.45 -26.20
C GLY A 11 46.80 17.87 -25.27
N LEU A 12 45.68 17.43 -25.84
CA LEU A 12 44.62 16.77 -25.09
C LEU A 12 45.15 15.45 -24.53
N GLY A 13 45.95 14.75 -25.32
CA GLY A 13 46.51 13.49 -24.91
C GLY A 13 46.58 12.51 -26.07
N LEU A 14 46.63 11.22 -25.76
CA LEU A 14 46.69 10.19 -26.80
C LEU A 14 45.28 9.81 -27.25
N MET A 15 44.30 10.57 -26.80
CA MET A 15 42.92 10.35 -27.20
C MET A 15 42.64 11.09 -28.51
N TYR A 16 43.09 10.48 -29.60
CA TYR A 16 42.89 11.07 -30.93
C TYR A 16 41.54 10.68 -31.50
N SER A 17 40.78 9.93 -30.72
CA SER A 17 39.41 9.61 -31.09
C SER A 17 38.51 10.80 -30.77
N GLN A 18 39.08 11.78 -30.07
CA GLN A 18 38.40 13.03 -29.72
C GLN A 18 37.25 12.80 -28.76
N LEU A 19 36.59 13.89 -28.38
CA LEU A 19 35.44 13.84 -27.52
C LEU A 19 34.65 15.14 -27.65
N PRO A 20 33.47 15.10 -28.29
CA PRO A 20 32.58 16.26 -28.37
C PRO A 20 32.26 16.79 -26.98
N HIS A 21 32.34 18.10 -26.81
CA HIS A 21 32.15 18.73 -25.50
C HIS A 21 30.70 18.65 -25.04
N HIS A 22 29.83 18.18 -25.91
CA HIS A 22 28.44 17.96 -25.56
C HIS A 22 28.22 16.53 -25.07
N ILE A 23 29.29 15.73 -25.12
CA ILE A 23 29.22 14.34 -24.67
C ILE A 23 29.97 14.15 -23.35
N LEU A 24 29.22 14.11 -22.25
CA LEU A 24 29.80 13.86 -20.94
C LEU A 24 29.26 12.56 -20.39
N ALA A 25 29.88 11.46 -20.78
CA ALA A 25 29.40 10.13 -20.39
C ALA A 25 29.97 9.71 -19.05
N ASP A 26 29.07 9.40 -18.12
CA ASP A 26 29.48 8.91 -16.82
C ASP A 26 29.57 7.40 -16.84
N VAL A 27 30.77 6.88 -16.62
CA VAL A 27 31.00 5.44 -16.64
C VAL A 27 31.51 4.97 -15.29
N SER A 28 31.06 5.61 -14.23
CA SER A 28 31.49 5.27 -12.89
C SER A 28 30.66 4.11 -12.34
N LEU A 29 31.31 3.10 -11.79
CA LEU A 29 30.61 1.96 -11.21
C LEU A 29 29.95 2.35 -9.89
N LYS A 30 28.71 1.94 -9.71
CA LYS A 30 27.95 2.28 -8.52
C LYS A 30 27.17 1.08 -8.02
N GLU A 31 26.93 1.02 -6.72
CA GLU A 31 26.18 -0.08 -6.12
C GLU A 31 24.68 0.19 -6.15
N THR A 32 24.22 0.73 -7.27
CA THR A 32 22.82 1.07 -7.43
C THR A 32 22.53 1.50 -8.87
N GLU A 33 21.88 0.63 -9.60
CA GLU A 33 21.44 0.95 -10.94
C GLU A 33 19.93 1.17 -10.93
N GLU A 34 19.21 0.18 -10.41
CA GLU A 34 17.76 0.25 -10.36
C GLU A 34 17.27 0.70 -8.98
N ASN A 35 18.10 0.51 -7.96
CA ASN A 35 17.69 0.83 -6.58
C ASN A 35 17.38 2.32 -6.43
N LYS A 36 18.14 3.16 -7.11
CA LYS A 36 17.95 4.61 -7.05
C LYS A 36 16.62 5.05 -7.67
N THR A 37 15.97 4.17 -8.43
CA THR A 37 14.69 4.50 -9.04
C THR A 37 13.54 4.19 -8.08
N LYS A 38 13.89 3.61 -6.93
CA LYS A 38 12.89 3.26 -5.92
C LYS A 38 12.56 4.47 -5.05
N GLY A 39 12.67 5.65 -5.62
CA GLY A 39 12.38 6.86 -4.90
C GLY A 39 10.90 7.14 -4.85
N PHE A 40 10.44 7.67 -3.73
CA PHE A 40 9.03 8.02 -3.52
C PHE A 40 8.41 8.69 -4.75
N ASP A 41 9.11 9.66 -5.35
CA ASP A 41 8.57 10.42 -6.48
C ASP A 41 8.33 9.50 -7.69
N TYR A 42 9.15 8.48 -7.84
CA TYR A 42 9.04 7.59 -8.99
C TYR A 42 7.81 6.69 -8.82
N LEU A 43 7.68 6.10 -7.65
CA LEU A 43 6.51 5.29 -7.31
C LEU A 43 5.22 6.09 -7.50
N LEU A 44 5.21 7.34 -7.05
CA LEU A 44 4.02 8.19 -7.16
C LEU A 44 3.79 8.61 -8.61
N LYS A 45 4.87 8.70 -9.39
CA LYS A 45 4.74 9.03 -10.81
C LYS A 45 4.09 7.87 -11.54
N ALA A 46 4.37 6.65 -11.08
CA ALA A 46 3.77 5.47 -11.68
C ALA A 46 2.38 5.25 -11.10
N ALA A 47 2.18 5.73 -9.87
CA ALA A 47 0.85 5.74 -9.26
C ALA A 47 -0.10 6.55 -10.12
N GLU A 48 0.33 7.73 -10.54
CA GLU A 48 -0.48 8.55 -11.44
C GLU A 48 -0.53 7.94 -12.85
N ALA A 49 0.46 7.11 -13.19
CA ALA A 49 0.49 6.46 -14.50
C ALA A 49 -0.60 5.39 -14.62
N GLY A 50 -0.97 4.77 -13.50
CA GLY A 50 -2.05 3.80 -13.52
C GLY A 50 -1.59 2.42 -13.08
N ASP A 51 -0.44 2.35 -12.45
CA ASP A 51 0.11 1.08 -11.96
C ASP A 51 -0.35 0.79 -10.53
N ARG A 52 -1.06 -0.33 -10.38
CA ARG A 52 -1.55 -0.79 -9.07
C ARG A 52 -0.47 -0.81 -8.01
N GLN A 53 0.57 -1.60 -8.23
CA GLN A 53 1.57 -1.88 -7.21
C GLN A 53 2.21 -0.61 -6.66
N SER A 54 2.40 0.39 -7.52
CA SER A 54 3.03 1.62 -7.09
C SER A 54 2.05 2.46 -6.26
N MET A 55 0.77 2.38 -6.63
CA MET A 55 -0.29 3.03 -5.85
C MET A 55 -0.34 2.40 -4.47
N ILE A 56 -0.38 1.08 -4.46
CA ILE A 56 -0.48 0.33 -3.21
C ILE A 56 0.74 0.59 -2.34
N LEU A 57 1.91 0.70 -2.98
CA LEU A 57 3.15 0.97 -2.25
C LEU A 57 3.13 2.35 -1.58
N VAL A 58 2.76 3.40 -2.31
CA VAL A 58 2.71 4.73 -1.70
C VAL A 58 1.62 4.78 -0.62
N ALA A 59 0.49 4.13 -0.90
CA ALA A 59 -0.58 3.97 0.08
C ALA A 59 -0.04 3.35 1.36
N ARG A 60 0.52 2.15 1.22
CA ARG A 60 1.12 1.41 2.31
C ARG A 60 2.21 2.21 3.01
N ALA A 61 2.92 3.03 2.23
CA ALA A 61 3.98 3.88 2.77
C ALA A 61 3.39 4.93 3.70
N PHE A 62 2.24 5.49 3.30
CA PHE A 62 1.51 6.44 4.14
C PHE A 62 0.90 5.74 5.35
N ASP A 63 0.51 4.49 5.18
CA ASP A 63 -0.09 3.71 6.27
C ASP A 63 0.94 3.36 7.35
N SER A 64 2.02 2.71 6.96
CA SER A 64 3.02 2.26 7.91
C SER A 64 3.90 3.41 8.41
N GLY A 65 4.18 4.37 7.54
CA GLY A 65 4.96 5.53 7.96
C GLY A 65 6.46 5.40 7.70
N GLN A 66 6.91 4.19 7.39
CA GLN A 66 8.36 3.93 7.28
C GLN A 66 8.96 4.52 6.01
N ASN A 67 8.45 4.10 4.86
CA ASN A 67 9.01 4.56 3.58
C ASN A 67 8.62 6.01 3.31
N LEU A 68 7.67 6.51 4.09
CA LEU A 68 7.31 7.92 4.06
C LEU A 68 8.35 8.75 4.82
N SER A 69 9.29 8.04 5.45
CA SER A 69 10.31 8.63 6.33
C SER A 69 9.69 9.01 7.68
N PRO A 70 10.12 8.32 8.77
CA PRO A 70 9.54 8.51 10.11
C PRO A 70 9.76 9.91 10.69
N ASP A 71 10.40 10.79 9.93
CA ASP A 71 10.60 12.17 10.34
C ASP A 71 9.40 13.03 9.98
N ARG A 72 8.40 12.42 9.36
CA ARG A 72 7.21 13.14 8.92
C ARG A 72 5.97 12.39 9.40
N CYS A 73 4.90 13.13 9.66
CA CYS A 73 3.66 12.53 10.10
C CYS A 73 2.91 11.98 8.90
N GLN A 74 2.30 10.81 9.08
CA GLN A 74 1.63 10.14 7.98
C GLN A 74 0.12 10.44 8.01
N ASP A 75 -0.47 10.50 6.83
CA ASP A 75 -1.90 10.76 6.69
C ASP A 75 -2.59 9.52 6.15
N TRP A 76 -3.79 9.23 6.66
CA TRP A 76 -4.49 8.01 6.28
C TRP A 76 -5.59 8.29 5.27
N LEU A 77 -5.86 9.57 5.02
CA LEU A 77 -6.88 9.95 4.04
C LEU A 77 -6.29 9.81 2.64
N GLU A 78 -5.03 10.22 2.48
CA GLU A 78 -4.31 10.04 1.22
C GLU A 78 -4.19 8.54 0.92
N ALA A 79 -3.80 7.79 1.95
CA ALA A 79 -3.71 6.34 1.87
C ALA A 79 -5.01 5.75 1.34
N LEU A 80 -6.12 6.08 2.00
CA LEU A 80 -7.44 5.61 1.58
C LEU A 80 -7.67 5.92 0.10
N HIS A 81 -7.49 7.18 -0.29
CA HIS A 81 -7.63 7.60 -1.68
C HIS A 81 -6.86 6.69 -2.65
N TRP A 82 -5.63 6.36 -2.30
CA TRP A 82 -4.78 5.56 -3.19
C TRP A 82 -5.18 4.09 -3.19
N TYR A 83 -5.63 3.59 -2.05
CA TYR A 83 -6.20 2.23 -2.01
C TYR A 83 -7.47 2.21 -2.84
N ASN A 84 -8.26 3.27 -2.72
CA ASN A 84 -9.53 3.40 -3.42
C ASN A 84 -9.32 3.30 -4.91
N THR A 85 -8.48 4.16 -5.48
CA THR A 85 -8.17 4.12 -6.90
C THR A 85 -7.77 2.72 -7.36
N ALA A 86 -6.87 2.05 -6.62
CA ALA A 86 -6.43 0.71 -6.98
C ALA A 86 -7.64 -0.24 -7.11
N LEU A 87 -8.49 -0.23 -6.11
CA LEU A 87 -9.67 -1.10 -6.08
C LEU A 87 -10.76 -0.63 -7.06
N GLU A 88 -10.73 0.64 -7.45
CA GLU A 88 -11.80 1.19 -8.28
C GLU A 88 -11.45 1.19 -9.77
N MET A 89 -10.24 0.78 -10.13
CA MET A 89 -9.87 0.69 -11.55
C MET A 89 -9.69 -0.78 -11.98
N THR A 90 -10.27 -1.70 -11.22
CA THR A 90 -10.16 -3.11 -11.55
C THR A 90 -11.27 -3.54 -12.50
N ASP A 91 -10.95 -4.45 -13.41
CA ASP A 91 -11.95 -4.95 -14.36
C ASP A 91 -11.87 -6.48 -14.48
N CYS A 92 -11.13 -7.12 -13.58
CA CYS A 92 -10.91 -8.56 -13.67
C CYS A 92 -11.89 -9.32 -12.80
N ASP A 93 -12.68 -8.59 -12.03
CA ASP A 93 -13.63 -9.21 -11.10
C ASP A 93 -14.88 -9.65 -11.84
N GLU A 94 -15.04 -9.18 -13.06
CA GLU A 94 -16.18 -9.57 -13.89
C GLU A 94 -15.73 -10.54 -14.97
N GLY A 95 -14.64 -11.23 -14.71
CA GLY A 95 -14.08 -12.13 -15.70
C GLY A 95 -13.52 -11.38 -16.89
N GLY A 96 -13.72 -11.92 -18.08
CA GLY A 96 -13.25 -11.27 -19.29
C GLY A 96 -11.75 -11.39 -19.46
N GLU A 97 -11.02 -10.64 -18.65
CA GLU A 97 -9.55 -10.67 -18.71
C GLU A 97 -9.05 -11.65 -17.66
N TYR A 98 -8.81 -12.89 -18.08
CA TYR A 98 -8.41 -13.94 -17.16
C TYR A 98 -6.90 -13.99 -17.03
N ASP A 99 -6.33 -12.83 -16.77
CA ASP A 99 -4.91 -12.69 -16.54
C ASP A 99 -4.69 -11.80 -15.33
N GLY A 100 -5.63 -11.88 -14.39
CA GLY A 100 -5.58 -11.05 -13.21
C GLY A 100 -4.60 -11.59 -12.19
N MET A 101 -3.35 -11.22 -12.35
CA MET A 101 -2.32 -11.60 -11.40
C MET A 101 -2.39 -10.67 -10.20
N GLN A 102 -3.46 -10.80 -9.45
CA GLN A 102 -3.74 -9.91 -8.35
C GLN A 102 -2.82 -10.19 -7.17
N ASP A 103 -1.89 -9.29 -6.93
CA ASP A 103 -1.02 -9.40 -5.77
C ASP A 103 -1.68 -8.71 -4.59
N GLU A 104 -2.74 -7.95 -4.88
CA GLU A 104 -3.53 -7.33 -3.83
C GLU A 104 -4.74 -8.20 -3.52
N PRO A 105 -4.87 -8.65 -2.27
CA PRO A 105 -6.03 -9.41 -1.84
C PRO A 105 -7.24 -8.50 -1.66
N ARG A 106 -8.13 -8.54 -2.66
CA ARG A 106 -9.28 -7.64 -2.75
C ARG A 106 -10.10 -7.62 -1.45
N TYR A 107 -10.35 -8.80 -0.87
CA TYR A 107 -11.15 -8.90 0.35
C TYR A 107 -10.46 -8.22 1.53
N MET A 108 -9.13 -8.28 1.58
CA MET A 108 -8.38 -7.75 2.71
C MET A 108 -8.27 -6.25 2.59
N MET A 109 -8.21 -5.78 1.36
CA MET A 109 -8.18 -4.36 1.06
C MET A 109 -9.49 -3.72 1.51
N LEU A 110 -10.60 -4.37 1.13
CA LEU A 110 -11.94 -3.94 1.56
C LEU A 110 -12.04 -3.88 3.08
N ALA A 111 -11.54 -4.94 3.72
CA ALA A 111 -11.55 -5.04 5.17
C ALA A 111 -10.73 -3.92 5.80
N ARG A 112 -9.54 -3.68 5.25
CA ARG A 112 -8.66 -2.61 5.74
C ARG A 112 -9.35 -1.25 5.64
N GLU A 113 -9.91 -0.94 4.45
CA GLU A 113 -10.63 0.32 4.27
C GLU A 113 -11.74 0.46 5.29
N ALA A 114 -12.54 -0.61 5.45
CA ALA A 114 -13.60 -0.63 6.45
C ALA A 114 -13.09 -0.20 7.82
N GLU A 115 -12.05 -0.88 8.30
CA GLU A 115 -11.38 -0.48 9.54
C GLU A 115 -11.07 1.01 9.57
N MET A 116 -10.35 1.47 8.56
CA MET A 116 -9.95 2.87 8.48
C MET A 116 -11.15 3.82 8.54
N LEU A 117 -12.14 3.58 7.68
CA LEU A 117 -13.35 4.39 7.62
C LEU A 117 -14.15 4.38 8.93
N PHE A 118 -14.18 3.23 9.63
CA PHE A 118 -15.02 3.11 10.81
C PHE A 118 -14.33 3.66 12.06
N THR A 119 -13.00 3.71 12.07
CA THR A 119 -12.27 4.21 13.22
C THR A 119 -12.14 5.74 13.20
N GLY A 120 -11.57 6.27 12.13
CA GLY A 120 -11.37 7.71 12.04
C GLY A 120 -9.90 8.05 12.12
N GLY A 121 -9.20 7.85 11.01
CA GLY A 121 -7.77 8.08 10.97
C GLY A 121 -7.39 9.55 10.84
N TYR A 122 -7.66 10.31 11.90
CA TYR A 122 -7.21 11.70 12.05
C TYR A 122 -7.46 12.53 10.78
N GLY A 123 -8.72 12.88 10.55
CA GLY A 123 -9.07 13.66 9.38
C GLY A 123 -9.92 12.86 8.41
N LEU A 124 -9.94 11.56 8.63
CA LEU A 124 -10.75 10.65 7.84
C LEU A 124 -12.14 10.56 8.46
N GLU A 125 -13.18 10.80 7.65
CA GLU A 125 -14.55 10.80 8.15
C GLU A 125 -14.95 9.42 8.68
N LYS A 126 -15.52 9.38 9.88
CA LYS A 126 -15.96 8.11 10.46
C LYS A 126 -17.36 7.76 9.93
N ASP A 127 -17.40 6.90 8.93
CA ASP A 127 -18.66 6.55 8.28
C ASP A 127 -19.05 5.11 8.59
N PRO A 128 -19.97 4.91 9.55
CA PRO A 128 -20.40 3.59 9.98
C PRO A 128 -21.09 2.77 8.87
N GLN A 129 -21.97 3.41 8.11
CA GLN A 129 -22.75 2.71 7.09
C GLN A 129 -21.85 2.22 5.94
N ARG A 130 -20.85 3.01 5.59
CA ARG A 130 -19.97 2.64 4.48
C ARG A 130 -19.10 1.47 4.92
N SER A 131 -18.73 1.48 6.19
CA SER A 131 -17.86 0.45 6.74
C SER A 131 -18.59 -0.87 6.84
N GLY A 132 -19.80 -0.86 7.43
CA GLY A 132 -20.62 -2.06 7.47
C GLY A 132 -20.76 -2.70 6.11
N ASP A 133 -21.21 -1.91 5.15
CA ASP A 133 -21.27 -2.34 3.75
C ASP A 133 -19.95 -2.94 3.29
N LEU A 134 -18.85 -2.23 3.55
CA LEU A 134 -17.53 -2.70 3.12
C LEU A 134 -17.15 -4.05 3.74
N TYR A 135 -17.51 -4.30 5.01
CA TYR A 135 -17.20 -5.60 5.61
C TYR A 135 -17.99 -6.68 4.90
N THR A 136 -19.22 -6.35 4.52
CA THR A 136 -20.09 -7.28 3.86
C THR A 136 -19.57 -7.61 2.46
N GLN A 137 -19.14 -6.59 1.71
CA GLN A 137 -18.55 -6.81 0.40
C GLN A 137 -17.26 -7.62 0.52
N ALA A 138 -16.46 -7.30 1.53
CA ALA A 138 -15.22 -8.04 1.79
C ALA A 138 -15.53 -9.51 2.04
N ALA A 139 -16.49 -9.76 2.91
CA ALA A 139 -16.91 -11.11 3.23
C ALA A 139 -17.47 -11.84 2.00
N GLU A 140 -18.23 -11.14 1.16
CA GLU A 140 -18.76 -11.76 -0.05
C GLU A 140 -17.60 -12.12 -0.98
N ALA A 141 -16.65 -11.19 -1.10
CA ALA A 141 -15.45 -11.42 -1.90
C ALA A 141 -14.65 -12.59 -1.36
N ALA A 142 -14.65 -12.76 -0.04
CA ALA A 142 -13.95 -13.84 0.60
C ALA A 142 -14.62 -15.17 0.31
N MET A 143 -15.95 -15.19 0.37
CA MET A 143 -16.73 -16.37 -0.03
C MET A 143 -16.38 -16.79 -1.45
N GLU A 144 -16.27 -15.81 -2.33
CA GLU A 144 -15.92 -16.07 -3.73
C GLU A 144 -14.46 -16.51 -3.85
N ALA A 145 -13.63 -15.99 -2.96
CA ALA A 145 -12.21 -16.36 -2.91
C ALA A 145 -11.99 -17.68 -2.18
N MET A 146 -13.07 -18.43 -1.93
CA MET A 146 -12.99 -19.72 -1.23
C MET A 146 -12.43 -19.55 0.16
N LYS A 147 -12.64 -18.38 0.75
CA LYS A 147 -12.18 -18.08 2.10
C LYS A 147 -13.36 -18.01 3.06
N GLY A 148 -13.93 -19.16 3.38
CA GLY A 148 -15.11 -19.23 4.22
C GLY A 148 -14.93 -18.60 5.59
N ARG A 149 -13.86 -18.96 6.27
CA ARG A 149 -13.62 -18.50 7.63
C ARG A 149 -13.47 -16.98 7.70
N LEU A 150 -12.76 -16.40 6.75
CA LEU A 150 -12.59 -14.94 6.70
C LEU A 150 -13.95 -14.27 6.45
N ALA A 151 -14.76 -14.88 5.58
CA ALA A 151 -16.08 -14.35 5.28
C ALA A 151 -16.95 -14.29 6.53
N ASN A 152 -16.99 -15.36 7.30
CA ASN A 152 -17.83 -15.38 8.50
C ASN A 152 -17.25 -14.49 9.58
N GLN A 153 -15.95 -14.23 9.51
CA GLN A 153 -15.32 -13.36 10.49
C GLN A 153 -15.79 -11.93 10.29
N TYR A 154 -15.62 -11.42 9.07
CA TYR A 154 -16.05 -10.05 8.77
C TYR A 154 -17.57 -9.94 8.76
N TYR A 155 -18.28 -11.05 8.53
CA TYR A 155 -19.73 -11.03 8.64
C TYR A 155 -20.13 -10.82 10.11
N GLN A 156 -19.44 -11.52 11.01
CA GLN A 156 -19.65 -11.32 12.44
C GLN A 156 -19.26 -9.88 12.83
N LYS A 157 -18.21 -9.35 12.21
CA LYS A 157 -17.81 -7.96 12.40
C LYS A 157 -18.93 -7.03 11.94
N ALA A 158 -19.52 -7.35 10.79
CA ALA A 158 -20.62 -6.56 10.23
C ALA A 158 -21.80 -6.50 11.18
N GLU A 159 -22.13 -7.63 11.81
CA GLU A 159 -23.24 -7.66 12.75
C GLU A 159 -22.92 -6.78 13.94
N GLU A 160 -21.66 -6.81 14.36
CA GLU A 160 -21.21 -6.01 15.49
C GLU A 160 -21.33 -4.53 15.17
N ALA A 161 -20.98 -4.15 13.93
CA ALA A 161 -21.07 -2.77 13.49
C ALA A 161 -22.49 -2.24 13.56
N TRP A 162 -23.45 -2.97 12.97
CA TRP A 162 -24.83 -2.49 12.96
C TRP A 162 -25.45 -2.61 14.36
N ALA A 163 -24.87 -3.45 15.21
CA ALA A 163 -25.30 -3.55 16.60
C ALA A 163 -24.96 -2.28 17.37
N GLN A 164 -23.78 -1.73 17.11
CA GLN A 164 -23.35 -0.50 17.78
C GLN A 164 -23.81 0.72 17.00
N MET A 165 -24.30 0.48 15.79
CA MET A 165 -24.84 1.54 14.94
C MET A 165 -26.16 2.04 15.51
N GLU A 166 -26.94 1.13 16.07
CA GLU A 166 -28.22 1.48 16.66
C GLU A 166 -28.01 2.15 18.02
N GLU A 167 -27.94 3.46 17.99
CA GLU A 167 -27.76 4.25 19.21
C GLU A 167 -29.12 4.58 19.83
#